data_6I7S
#
_entry.id   6I7S
#
_cell.length_a   77.537
_cell.length_b   105.595
_cell.length_c   112.269
_cell.angle_alpha   89.810
_cell.angle_beta   76.950
_cell.angle_gamma   74.240
#
_symmetry.space_group_name_H-M   'P 1'
#
loop_
_entity.id
_entity.type
_entity.pdbx_description
1 polymer 'Protein disulfide-isomerase'
2 polymer 'Microsomal triglyceride transfer protein large subunit'
3 non-polymer 'CALCIUM ION'
4 non-polymer 1,2-ETHANEDIOL
5 non-polymer 'TRIETHYLENE GLYCOL'
6 non-polymer 'SULFATE ION'
7 non-polymer DI(HYDROXYETHYL)ETHER
8 non-polymer 3,6,9,12,15,18,21,24-OCTAOXAHEXACOSAN-1-OL
9 non-polymer 2-AMINO-2-HYDROXYMETHYL-PROPANE-1,3-DIOL
10 non-polymer 2-{2-[2-(2-{2-[2-(2-ETHOXY-ETHOXY)-ETHOXY]-ETHOXY}-ETHOXY)-ETHOXY]-ETHOXY}-ETHANOL
11 water water
#
loop_
_entity_poly.entity_id
_entity_poly.type
_entity_poly.pdbx_seq_one_letter_code
_entity_poly.pdbx_strand_id
1 'polypeptide(L)'
;MDAPEEEDHVLVLRKSNFAEALAAHKYLLVEFYAPWCGHCKALAPEYAKAAGKLKAEGSEIRLAKVDATEESDLAQQYGV
RGYPTIKFFRNGDTASPKEYTAGREADDIVNWLKKRTGPAATTLPDGAAAESLVESSEVAVIGFFKDVESDSAKQFLQAA
EAIDDIPFGITSNSDVFSKYQLDKDGVVLFKKFDEGRNNFEGEVTKENLLDFIKHNQLPLVIEFTEQTAPKIFGGEIKTH
ILLFLPKSVSDYDGKLSNFKTAAESFKGKILFIFIDSDHTDNQRILEFFGLKKEECPAVRLITLEEEMTKYKPESEELTA
ERITEFCHRFLEGKIKPHLMSQELPEDWDKQPVKVLVGKNFEDVAFDEKKNVFVEFYAPWCGHCKQLAPIWDKLGETYKD
HENIVIAKMDSTANEVEAVKVHSFPTLKFFPASADRTVIDYNGERTLDGFKKFLESGGQDGAGDDDDLEDLEEAEEPDME
EDDDQKAVKDEL
;
A,B
2 'polypeptide(L)'
;MHHHHHHMVKGHTTGLSLNNDRLYKLTYSTEVLLDRGKGKLQDSVGYRISSNVDVALLWRNPDGDDDQLIQITMKDVNVE
NVNQQRGEKSIFKGKSPSKIMGKENLEALQRPTLLHLIHGKVKEFYSYQNEAVAIENIKRGLASLFQTQLSSGTTNEVDI
SGNCKVTYQAHQDKVIKIKALDSCKIARSGFTTPNQVLGVSSKATSVTTYKIEDSFVIAVLAEETHNFGLNFLQTIKGKI
VSKQKLELKTTEAGPRLMSGKQAAAIIKAVDSKYTAIPIVGQVFQSHCKGCPSLSELWRSTRKYLQPDNLSKAEAVRNFL
AFIQHLRTAKKEEILQILKMENKEVLPQLVDAVTSAQTSDSLEAILDFLDFKSDSSIILQERFLYACGFASHPNEELLRA
LISKFKGSIGSSDIRETVMIITGTLVRKLCQNEGCKLKAVVEAKKLILGGLEKAEKKEDTRMYLLALKNALLPEGIPSLL
KYAEAGEGPISHLATTALQRYDLPFITDEVKKTLNRIYHQNRKVHEKTVRTAAAAIILNNNPSYMDVKNILLSIGELPQE
MNKYMLAIVQDILRFEMPASKIVRRVLKEMVAHNYDRFSRSGSSSAYTGYIERSPRSASTYSLDILYSGSGILRRSNLNI
FQYIGKAGLHGSQVVIEAQGLEALIAATPDEGEENLDSYAGMSAILFDVQLRPVTFFNGYSDLMSKMLSASGDPISVVKG
LILLIDHSQELQLQSGLKANIEVQGGLAIDISGAMEFSLWYRESKTRVKNRVTVVITTDITVDSSFVKAGLETSTETEAG
LEFISTVQFSQYPFLVCMQMDKDEAPFRQFEKKYERLSTGRGYVSQKRKESVLAGCEFPLHQENSEMCKVVFAPQPDSTS
SGWF
;
G,H
#
# COMPACT_ATOMS: atom_id res chain seq x y z
N ALA A 3 -11.72 -37.06 -16.58
CA ALA A 3 -12.08 -38.41 -16.05
C ALA A 3 -13.12 -38.29 -14.93
N PRO A 4 -13.93 -37.20 -14.85
CA PRO A 4 -15.10 -37.18 -13.96
C PRO A 4 -16.26 -38.02 -14.53
N GLU A 5 -17.16 -38.48 -13.66
CA GLU A 5 -18.27 -39.33 -14.08
C GLU A 5 -19.48 -38.47 -14.46
N GLU A 6 -20.41 -39.09 -15.18
CA GLU A 6 -21.55 -38.37 -15.72
C GLU A 6 -22.83 -38.86 -15.05
N GLU A 7 -22.91 -38.63 -13.74
CA GLU A 7 -24.10 -38.90 -12.95
C GLU A 7 -25.30 -38.20 -13.60
N ASP A 8 -25.95 -38.92 -14.52
CA ASP A 8 -27.11 -38.49 -15.31
C ASP A 8 -26.71 -37.42 -16.33
N HIS A 9 -25.48 -37.54 -16.86
CA HIS A 9 -24.90 -36.63 -17.83
C HIS A 9 -24.44 -35.33 -17.17
N VAL A 10 -24.13 -35.39 -15.86
CA VAL A 10 -23.62 -34.25 -15.11
C VAL A 10 -22.24 -34.62 -14.55
N LEU A 11 -21.25 -33.74 -14.84
CA LEU A 11 -19.87 -33.94 -14.43
C LEU A 11 -19.76 -33.86 -12.90
N VAL A 12 -18.88 -34.71 -12.33
CA VAL A 12 -18.56 -34.71 -10.91
C VAL A 12 -17.14 -34.17 -10.71
N LEU A 13 -17.06 -32.94 -10.19
CA LEU A 13 -15.80 -32.24 -10.05
C LEU A 13 -15.31 -32.23 -8.60
N ARG A 14 -14.04 -32.59 -8.45
CA ARG A 14 -13.39 -32.78 -7.17
C ARG A 14 -12.24 -31.76 -7.09
N LYS A 15 -11.54 -31.73 -5.94
CA LYS A 15 -10.47 -30.77 -5.68
C LYS A 15 -9.32 -31.00 -6.67
N SER A 16 -9.00 -32.27 -6.90
CA SER A 16 -7.83 -32.71 -7.66
C SER A 16 -8.05 -32.47 -9.16
N ASN A 17 -9.30 -32.61 -9.62
CA ASN A 17 -9.60 -32.67 -11.04
C ASN A 17 -10.42 -31.46 -11.50
N PHE A 18 -10.35 -30.33 -10.76
CA PHE A 18 -11.19 -29.20 -11.11
C PHE A 18 -10.54 -28.33 -12.18
N ALA A 19 -9.21 -28.14 -12.11
CA ALA A 19 -8.53 -27.25 -13.05
C ALA A 19 -8.45 -27.90 -14.44
N GLU A 20 -8.28 -29.24 -14.45
CA GLU A 20 -8.19 -30.00 -15.69
C GLU A 20 -9.50 -29.91 -16.47
N ALA A 21 -10.63 -30.15 -15.81
CA ALA A 21 -11.94 -30.07 -16.44
C ALA A 21 -12.31 -28.63 -16.79
N LEU A 22 -11.79 -27.65 -16.05
CA LEU A 22 -12.04 -26.24 -16.32
C LEU A 22 -11.31 -25.84 -17.60
N ALA A 23 -10.17 -26.50 -17.85
CA ALA A 23 -9.36 -26.31 -19.04
C ALA A 23 -10.00 -26.97 -20.26
N ALA A 24 -10.65 -28.12 -20.06
CA ALA A 24 -11.14 -28.96 -21.15
C ALA A 24 -12.51 -28.52 -21.69
N HIS A 25 -13.16 -27.53 -21.07
CA HIS A 25 -14.37 -26.93 -21.61
C HIS A 25 -14.28 -25.41 -21.61
N LYS A 26 -14.63 -24.80 -22.75
CA LYS A 26 -14.67 -23.34 -22.84
C LYS A 26 -15.77 -22.81 -21.94
N TYR A 27 -16.89 -23.54 -21.85
CA TYR A 27 -18.03 -23.08 -21.06
C TYR A 27 -18.44 -24.14 -20.03
N LEU A 28 -18.54 -23.73 -18.75
CA LEU A 28 -18.80 -24.67 -17.68
C LEU A 28 -19.77 -24.08 -16.66
N LEU A 29 -20.86 -24.81 -16.38
CA LEU A 29 -21.82 -24.44 -15.37
C LEU A 29 -21.70 -25.40 -14.18
N VAL A 30 -21.29 -24.86 -13.03
CA VAL A 30 -21.06 -25.68 -11.85
C VAL A 30 -22.14 -25.44 -10.81
N GLU A 31 -22.65 -26.54 -10.27
CA GLU A 31 -23.58 -26.48 -9.16
C GLU A 31 -22.80 -26.82 -7.90
N PHE A 32 -22.71 -25.85 -6.98
CA PHE A 32 -22.17 -26.13 -5.65
C PHE A 32 -23.33 -26.49 -4.73
N TYR A 33 -23.28 -27.72 -4.19
CA TYR A 33 -24.39 -28.28 -3.44
C TYR A 33 -23.90 -28.99 -2.16
N ALA A 34 -24.88 -29.35 -1.33
CA ALA A 34 -24.69 -30.10 -0.10
C ALA A 34 -25.56 -31.36 -0.10
N PRO A 35 -25.01 -32.50 0.37
CA PRO A 35 -25.73 -33.76 0.42
C PRO A 35 -27.05 -33.72 1.20
N TRP A 36 -27.21 -32.78 2.11
CA TRP A 36 -28.39 -32.77 2.95
C TRP A 36 -29.38 -31.72 2.47
N CYS A 37 -29.03 -31.00 1.39
CA CYS A 37 -29.77 -29.80 1.03
C CYS A 37 -31.03 -30.13 0.21
N GLY A 38 -32.18 -29.63 0.71
CA GLY A 38 -33.50 -29.88 0.12
C GLY A 38 -33.67 -29.29 -1.29
N HIS A 39 -33.31 -28.00 -1.43
CA HIS A 39 -33.31 -27.30 -2.70
C HIS A 39 -32.32 -27.94 -3.68
N CYS A 40 -31.21 -28.48 -3.17
CA CYS A 40 -30.24 -29.15 -4.04
C CYS A 40 -30.81 -30.47 -4.50
N LYS A 41 -31.74 -31.02 -3.71
CA LYS A 41 -32.37 -32.29 -4.04
C LYS A 41 -33.43 -32.05 -5.11
N ALA A 42 -34.22 -31.00 -4.92
CA ALA A 42 -35.31 -30.61 -5.82
C ALA A 42 -34.77 -30.22 -7.19
N LEU A 43 -33.54 -29.66 -7.23
CA LEU A 43 -32.94 -29.13 -8.43
C LEU A 43 -32.13 -30.20 -9.16
N ALA A 44 -31.65 -31.23 -8.44
CA ALA A 44 -30.78 -32.26 -8.98
C ALA A 44 -31.31 -32.91 -10.27
N PRO A 45 -32.61 -33.28 -10.38
CA PRO A 45 -33.11 -33.95 -11.58
C PRO A 45 -33.37 -33.03 -12.78
N GLU A 46 -33.81 -31.79 -12.49
CA GLU A 46 -33.97 -30.75 -13.51
C GLU A 46 -32.60 -30.40 -14.10
N TYR A 47 -31.56 -30.43 -13.25
CA TYR A 47 -30.19 -30.19 -13.66
C TYR A 47 -29.73 -31.31 -14.60
N ALA A 48 -30.16 -32.54 -14.30
CA ALA A 48 -29.81 -33.74 -15.07
C ALA A 48 -30.54 -33.71 -16.42
N LYS A 49 -31.73 -33.08 -16.43
CA LYS A 49 -32.54 -32.95 -17.63
C LYS A 49 -31.86 -31.99 -18.60
N ALA A 50 -31.67 -30.73 -18.18
CA ALA A 50 -31.00 -29.72 -19.00
C ALA A 50 -29.63 -30.22 -19.45
N ALA A 51 -28.99 -31.08 -18.65
CA ALA A 51 -27.68 -31.61 -19.00
C ALA A 51 -27.85 -32.67 -20.08
N GLY A 52 -28.92 -33.47 -19.95
CA GLY A 52 -29.20 -34.59 -20.84
C GLY A 52 -29.71 -34.10 -22.20
N LYS A 53 -30.47 -33.01 -22.16
CA LYS A 53 -31.09 -32.38 -23.32
C LYS A 53 -30.01 -31.72 -24.18
N LEU A 54 -28.93 -31.25 -23.54
CA LEU A 54 -27.82 -30.62 -24.23
C LEU A 54 -26.77 -31.66 -24.60
N LYS A 55 -26.90 -32.87 -24.06
CA LYS A 55 -25.97 -33.95 -24.40
C LYS A 55 -26.28 -34.48 -25.80
N ALA A 56 -27.58 -34.53 -26.14
CA ALA A 56 -28.06 -35.07 -27.39
C ALA A 56 -28.54 -33.94 -28.32
N GLU A 57 -28.17 -32.68 -27.99
CA GLU A 57 -28.61 -31.55 -28.79
C GLU A 57 -27.70 -30.32 -28.59
N GLY A 58 -26.94 -30.33 -27.49
CA GLY A 58 -26.11 -29.18 -27.14
C GLY A 58 -24.73 -29.24 -27.80
N SER A 59 -23.81 -28.39 -27.32
CA SER A 59 -22.51 -28.21 -27.95
C SER A 59 -21.37 -28.37 -26.95
N GLU A 60 -20.98 -27.25 -26.32
CA GLU A 60 -19.73 -27.18 -25.57
C GLU A 60 -19.98 -26.89 -24.10
N ILE A 61 -21.17 -26.34 -23.80
CA ILE A 61 -21.59 -26.04 -22.44
C ILE A 61 -21.78 -27.36 -21.71
N ARG A 62 -21.06 -27.53 -20.61
CA ARG A 62 -21.10 -28.76 -19.84
C ARG A 62 -21.52 -28.46 -18.41
N LEU A 63 -22.36 -29.34 -17.86
CA LEU A 63 -22.88 -29.18 -16.52
C LEU A 63 -22.12 -30.08 -15.54
N ALA A 64 -21.65 -29.43 -14.47
CA ALA A 64 -20.82 -30.04 -13.44
C ALA A 64 -21.44 -29.76 -12.07
N LYS A 65 -21.02 -30.54 -11.08
CA LYS A 65 -21.44 -30.35 -9.71
C LYS A 65 -20.26 -30.67 -8.78
N VAL A 66 -20.19 -29.91 -7.68
CA VAL A 66 -19.21 -30.05 -6.63
C VAL A 66 -19.96 -30.21 -5.31
N ASP A 67 -19.57 -31.23 -4.56
CA ASP A 67 -19.95 -31.37 -3.15
C ASP A 67 -19.10 -30.40 -2.32
N ALA A 68 -19.72 -29.28 -1.91
CA ALA A 68 -19.02 -28.25 -1.17
C ALA A 68 -18.70 -28.68 0.27
N THR A 69 -19.41 -29.69 0.78
CA THR A 69 -19.13 -30.17 2.12
C THR A 69 -17.90 -31.09 2.11
N GLU A 70 -17.54 -31.60 0.93
CA GLU A 70 -16.35 -32.40 0.78
C GLU A 70 -15.22 -31.57 0.17
N GLU A 71 -15.54 -30.83 -0.90
CA GLU A 71 -14.55 -30.03 -1.59
C GLU A 71 -14.73 -28.59 -1.17
N SER A 72 -14.40 -28.31 0.10
CA SER A 72 -14.78 -27.06 0.71
C SER A 72 -13.83 -25.94 0.27
N ASP A 73 -12.59 -26.30 -0.09
CA ASP A 73 -11.61 -25.32 -0.56
C ASP A 73 -12.18 -24.56 -1.75
N LEU A 74 -12.74 -25.32 -2.70
CA LEU A 74 -13.32 -24.80 -3.92
C LEU A 74 -14.44 -23.82 -3.63
N ALA A 75 -15.38 -24.24 -2.78
CA ALA A 75 -16.52 -23.41 -2.43
C ALA A 75 -16.06 -22.05 -1.88
N GLN A 76 -15.03 -22.10 -1.03
CA GLN A 76 -14.50 -20.89 -0.42
C GLN A 76 -13.84 -20.03 -1.49
N GLN A 77 -12.97 -20.65 -2.28
CA GLN A 77 -12.22 -19.99 -3.33
C GLN A 77 -13.14 -19.22 -4.27
N TYR A 78 -14.36 -19.72 -4.54
CA TYR A 78 -15.22 -19.04 -5.50
C TYR A 78 -16.36 -18.29 -4.83
N GLY A 79 -16.30 -18.17 -3.49
CA GLY A 79 -17.20 -17.34 -2.71
C GLY A 79 -18.66 -17.81 -2.74
N VAL A 80 -18.88 -19.09 -2.44
CA VAL A 80 -20.22 -19.64 -2.42
C VAL A 80 -20.98 -19.04 -1.22
N ARG A 81 -22.26 -18.73 -1.41
CA ARG A 81 -23.07 -18.09 -0.38
C ARG A 81 -23.83 -19.15 0.42
N GLY A 82 -24.91 -19.70 -0.15
CA GLY A 82 -25.62 -20.85 0.40
C GLY A 82 -25.68 -22.01 -0.59
N TYR A 83 -26.64 -22.94 -0.41
CA TYR A 83 -26.78 -24.04 -1.35
C TYR A 83 -28.17 -24.08 -1.94
N PRO A 84 -28.29 -24.28 -3.27
CA PRO A 84 -27.13 -24.46 -4.14
C PRO A 84 -26.66 -23.11 -4.65
N THR A 85 -25.43 -23.10 -5.18
CA THR A 85 -24.98 -21.93 -5.91
C THR A 85 -24.50 -22.43 -7.27
N ILE A 86 -25.02 -21.80 -8.33
CA ILE A 86 -24.65 -22.15 -9.69
C ILE A 86 -23.82 -21.03 -10.32
N LYS A 87 -22.62 -21.41 -10.76
CA LYS A 87 -21.66 -20.42 -11.23
C LYS A 87 -21.19 -20.82 -12.63
N PHE A 88 -21.20 -19.82 -13.52
CA PHE A 88 -20.85 -20.00 -14.93
C PHE A 88 -19.41 -19.55 -15.18
N PHE A 89 -18.56 -20.49 -15.63
CA PHE A 89 -17.15 -20.26 -15.87
C PHE A 89 -16.82 -20.32 -17.37
N ARG A 90 -16.01 -19.35 -17.82
CA ARG A 90 -15.67 -19.21 -19.22
C ARG A 90 -14.29 -19.77 -19.56
N ASN A 91 -13.40 -19.81 -18.55
CA ASN A 91 -11.99 -20.06 -18.78
C ASN A 91 -11.48 -19.11 -19.86
N GLY A 92 -12.04 -17.90 -19.86
CA GLY A 92 -11.45 -16.72 -20.46
C GLY A 92 -11.39 -15.66 -19.37
N ASP A 93 -12.14 -15.93 -18.30
CA ASP A 93 -12.12 -15.13 -17.09
C ASP A 93 -12.17 -16.04 -15.88
N THR A 94 -11.03 -16.65 -15.56
CA THR A 94 -10.85 -17.46 -14.37
C THR A 94 -10.82 -16.59 -13.11
N ALA A 95 -10.97 -15.27 -13.31
CA ALA A 95 -10.89 -14.31 -12.22
C ALA A 95 -12.26 -14.03 -11.59
N SER A 96 -13.36 -14.27 -12.33
CA SER A 96 -14.67 -14.32 -11.68
C SER A 96 -15.73 -14.98 -12.55
N PRO A 97 -16.27 -16.16 -12.17
CA PRO A 97 -17.47 -16.70 -12.81
C PRO A 97 -18.71 -15.82 -12.60
N LYS A 98 -19.74 -16.07 -13.41
CA LYS A 98 -21.01 -15.38 -13.29
C LYS A 98 -22.01 -16.28 -12.58
N GLU A 99 -22.63 -15.71 -11.54
CA GLU A 99 -23.64 -16.38 -10.72
C GLU A 99 -24.95 -16.48 -11.48
N TYR A 100 -25.57 -17.67 -11.43
CA TYR A 100 -26.89 -17.87 -11.99
C TYR A 100 -27.94 -17.41 -10.97
N THR A 101 -28.92 -16.61 -11.42
CA THR A 101 -29.91 -16.04 -10.50
C THR A 101 -31.34 -16.38 -10.94
N ALA A 102 -31.51 -17.02 -12.10
CA ALA A 102 -32.81 -17.21 -12.72
C ALA A 102 -33.59 -18.35 -12.06
N GLY A 103 -34.53 -18.95 -12.80
CA GLY A 103 -35.40 -20.00 -12.28
C GLY A 103 -34.72 -21.37 -12.27
N ARG A 104 -35.34 -22.32 -11.55
CA ARG A 104 -34.72 -23.60 -11.23
C ARG A 104 -35.27 -24.73 -12.11
N GLU A 105 -36.02 -24.38 -13.15
CA GLU A 105 -36.51 -25.38 -14.10
C GLU A 105 -35.42 -25.65 -15.14
N ALA A 106 -35.42 -26.89 -15.67
CA ALA A 106 -34.41 -27.33 -16.63
C ALA A 106 -34.48 -26.49 -17.90
N ASP A 107 -35.63 -25.85 -18.14
CA ASP A 107 -35.81 -24.98 -19.28
C ASP A 107 -35.07 -23.67 -19.05
N ASP A 108 -35.40 -23.01 -17.93
CA ASP A 108 -34.86 -21.73 -17.53
C ASP A 108 -33.33 -21.72 -17.65
N ILE A 109 -32.72 -22.90 -17.54
CA ILE A 109 -31.27 -23.02 -17.55
C ILE A 109 -30.76 -22.74 -18.96
N VAL A 110 -31.26 -23.51 -19.95
CA VAL A 110 -30.75 -23.43 -21.30
C VAL A 110 -31.09 -22.06 -21.91
N ASN A 111 -32.25 -21.52 -21.51
CA ASN A 111 -32.71 -20.20 -21.93
C ASN A 111 -31.80 -19.10 -21.38
N TRP A 112 -31.13 -19.39 -20.26
CA TRP A 112 -30.22 -18.44 -19.62
C TRP A 112 -28.84 -18.56 -20.26
N LEU A 113 -28.51 -19.78 -20.71
CA LEU A 113 -27.22 -20.07 -21.34
C LEU A 113 -27.17 -19.42 -22.73
N LYS A 114 -28.31 -19.49 -23.44
CA LYS A 114 -28.37 -18.91 -24.76
C LYS A 114 -28.38 -17.39 -24.66
N LYS A 115 -28.94 -16.86 -23.55
CA LYS A 115 -28.89 -15.43 -23.25
C LYS A 115 -27.47 -14.97 -22.97
N ARG A 116 -26.50 -15.90 -22.87
CA ARG A 116 -25.11 -15.51 -22.72
C ARG A 116 -24.50 -15.25 -24.11
N THR A 117 -25.00 -15.99 -25.10
CA THR A 117 -24.48 -15.95 -26.46
C THR A 117 -25.24 -14.91 -27.29
N GLY A 118 -26.56 -14.79 -27.08
CA GLY A 118 -27.40 -13.83 -27.79
C GLY A 118 -27.23 -12.39 -27.30
N PRO A 119 -28.11 -11.46 -27.72
CA PRO A 119 -28.00 -10.05 -27.31
C PRO A 119 -28.67 -9.76 -25.96
N ALA A 120 -28.17 -8.75 -25.25
CA ALA A 120 -28.63 -8.48 -23.89
C ALA A 120 -30.12 -8.13 -23.87
N ALA A 121 -30.58 -7.42 -24.92
CA ALA A 121 -31.96 -6.99 -25.01
C ALA A 121 -32.54 -7.42 -26.36
N THR A 122 -33.87 -7.62 -26.41
CA THR A 122 -34.53 -7.87 -27.67
C THR A 122 -34.98 -6.54 -28.27
N THR A 123 -34.79 -6.42 -29.60
CA THR A 123 -35.24 -5.26 -30.33
C THR A 123 -36.75 -5.37 -30.46
N LEU A 124 -37.44 -4.32 -30.03
CA LEU A 124 -38.90 -4.28 -30.09
C LEU A 124 -39.30 -3.41 -31.26
N PRO A 125 -39.65 -4.00 -32.43
CA PRO A 125 -40.04 -3.23 -33.61
C PRO A 125 -41.37 -2.49 -33.51
N ASP A 126 -42.33 -3.02 -32.73
CA ASP A 126 -43.64 -2.40 -32.68
C ASP A 126 -44.23 -2.46 -31.27
N GLY A 127 -45.41 -1.86 -31.11
CA GLY A 127 -46.12 -1.78 -29.84
C GLY A 127 -46.57 -3.15 -29.31
N ALA A 128 -46.83 -4.10 -30.21
CA ALA A 128 -47.28 -5.43 -29.82
C ALA A 128 -46.13 -6.21 -29.18
N ALA A 129 -44.90 -6.05 -29.71
CA ALA A 129 -43.69 -6.67 -29.20
C ALA A 129 -43.35 -6.14 -27.81
N ALA A 130 -43.61 -4.84 -27.62
CA ALA A 130 -43.44 -4.17 -26.34
C ALA A 130 -44.43 -4.77 -25.36
N GLU A 131 -45.72 -4.77 -25.71
CA GLU A 131 -46.78 -5.36 -24.88
C GLU A 131 -46.44 -6.79 -24.43
N SER A 132 -45.88 -7.59 -25.34
CA SER A 132 -45.49 -8.97 -25.12
C SER A 132 -44.47 -9.06 -24.01
N LEU A 133 -43.38 -8.28 -24.12
CA LEU A 133 -42.26 -8.37 -23.20
C LEU A 133 -42.68 -7.92 -21.81
N VAL A 134 -43.36 -6.76 -21.74
CA VAL A 134 -43.94 -6.26 -20.51
C VAL A 134 -44.77 -7.36 -19.86
N GLU A 135 -45.45 -8.19 -20.67
CA GLU A 135 -46.32 -9.21 -20.10
C GLU A 135 -45.54 -10.48 -19.77
N SER A 136 -44.35 -10.64 -20.33
CA SER A 136 -43.58 -11.87 -20.14
C SER A 136 -43.10 -12.04 -18.69
N SER A 137 -42.75 -10.95 -17.98
CA SER A 137 -42.19 -11.09 -16.64
C SER A 137 -42.88 -10.17 -15.63
N GLU A 138 -42.53 -10.38 -14.35
CA GLU A 138 -43.03 -9.62 -13.22
C GLU A 138 -42.44 -8.21 -13.24
N VAL A 139 -41.20 -8.12 -13.71
CA VAL A 139 -40.46 -6.87 -13.88
C VAL A 139 -39.80 -6.96 -15.26
N ALA A 140 -40.02 -5.90 -16.05
CA ALA A 140 -39.40 -5.75 -17.36
C ALA A 140 -38.94 -4.31 -17.52
N VAL A 141 -37.87 -4.15 -18.31
CA VAL A 141 -37.29 -2.83 -18.57
C VAL A 141 -37.17 -2.58 -20.08
N ILE A 142 -37.69 -1.41 -20.52
CA ILE A 142 -37.50 -1.03 -21.92
C ILE A 142 -36.63 0.22 -22.00
N GLY A 143 -35.62 0.17 -22.88
CA GLY A 143 -34.86 1.34 -23.27
C GLY A 143 -35.29 1.92 -24.62
N PHE A 144 -35.82 3.15 -24.57
CA PHE A 144 -36.24 3.90 -25.74
C PHE A 144 -35.08 4.81 -26.19
N PHE A 145 -34.40 4.43 -27.29
CA PHE A 145 -33.26 5.17 -27.80
C PHE A 145 -33.31 5.31 -29.31
N LYS A 146 -33.56 6.56 -29.78
CA LYS A 146 -33.55 6.90 -31.20
C LYS A 146 -32.36 6.24 -31.87
N ASP A 147 -31.16 6.49 -31.35
CA ASP A 147 -29.95 5.92 -31.91
C ASP A 147 -29.58 4.67 -31.12
N VAL A 148 -29.53 3.52 -31.81
CA VAL A 148 -29.15 2.26 -31.20
C VAL A 148 -27.64 2.23 -30.95
N GLU A 149 -26.88 2.99 -31.76
CA GLU A 149 -25.43 3.02 -31.67
C GLU A 149 -24.97 4.07 -30.66
N SER A 150 -25.90 4.93 -30.25
CA SER A 150 -25.73 6.04 -29.33
C SER A 150 -24.83 5.67 -28.14
N ASP A 151 -24.34 6.71 -27.45
CA ASP A 151 -23.56 6.50 -26.25
C ASP A 151 -24.50 6.02 -25.14
N SER A 152 -25.57 6.79 -24.93
CA SER A 152 -26.64 6.43 -24.01
C SER A 152 -27.02 4.97 -24.17
N ALA A 153 -27.25 4.55 -25.42
CA ALA A 153 -27.83 3.26 -25.72
C ALA A 153 -26.84 2.12 -25.46
N LYS A 154 -25.54 2.41 -25.60
CA LYS A 154 -24.51 1.43 -25.32
C LYS A 154 -24.35 1.24 -23.81
N GLN A 155 -24.67 2.30 -23.04
CA GLN A 155 -24.69 2.26 -21.58
C GLN A 155 -25.78 1.30 -21.10
N PHE A 156 -26.95 1.41 -21.74
CA PHE A 156 -28.14 0.67 -21.38
C PHE A 156 -27.98 -0.80 -21.73
N LEU A 157 -27.31 -1.08 -22.86
CA LEU A 157 -27.05 -2.45 -23.30
C LEU A 157 -26.02 -3.15 -22.39
N GLN A 158 -25.32 -2.37 -21.55
CA GLN A 158 -24.34 -2.93 -20.63
C GLN A 158 -25.04 -3.33 -19.33
N ALA A 159 -25.97 -2.47 -18.90
CA ALA A 159 -26.80 -2.70 -17.72
C ALA A 159 -27.75 -3.89 -17.93
N ALA A 160 -27.95 -4.28 -19.19
CA ALA A 160 -28.89 -5.34 -19.52
C ALA A 160 -28.15 -6.66 -19.66
N GLU A 161 -26.81 -6.60 -19.70
CA GLU A 161 -26.03 -7.82 -19.62
C GLU A 161 -25.79 -8.15 -18.15
N ALA A 162 -25.76 -7.12 -17.30
CA ALA A 162 -25.40 -7.28 -15.90
C ALA A 162 -26.55 -7.92 -15.13
N ILE A 163 -27.74 -7.33 -15.27
CA ILE A 163 -28.92 -7.82 -14.59
C ILE A 163 -29.54 -8.90 -15.46
N ASP A 164 -29.64 -10.13 -14.92
CA ASP A 164 -30.00 -11.33 -15.66
C ASP A 164 -31.35 -11.90 -15.26
N ASP A 165 -31.94 -11.35 -14.19
CA ASP A 165 -33.18 -11.86 -13.63
C ASP A 165 -34.38 -11.11 -14.20
N ILE A 166 -34.12 -10.08 -15.03
CA ILE A 166 -35.14 -9.24 -15.64
C ILE A 166 -34.91 -9.21 -17.15
N PRO A 167 -35.95 -9.31 -18.00
CA PRO A 167 -35.77 -9.12 -19.44
C PRO A 167 -35.74 -7.65 -19.86
N PHE A 168 -34.83 -7.33 -20.78
CA PHE A 168 -34.62 -5.97 -21.28
C PHE A 168 -35.01 -5.87 -22.76
N GLY A 169 -35.63 -4.75 -23.14
CA GLY A 169 -35.93 -4.46 -24.53
C GLY A 169 -35.42 -3.09 -24.95
N ILE A 170 -35.02 -2.99 -26.24
CA ILE A 170 -34.63 -1.73 -26.87
C ILE A 170 -35.49 -1.46 -28.10
N THR A 171 -36.05 -0.24 -28.15
CA THR A 171 -36.87 0.25 -29.24
C THR A 171 -36.37 1.62 -29.69
N SER A 172 -36.25 1.77 -31.01
CA SER A 172 -35.93 3.04 -31.64
C SER A 172 -37.08 3.48 -32.53
N ASN A 173 -38.23 2.82 -32.36
CA ASN A 173 -39.41 3.15 -33.15
C ASN A 173 -40.25 4.19 -32.41
N SER A 174 -40.62 5.25 -33.12
CA SER A 174 -41.27 6.41 -32.55
C SER A 174 -42.71 6.09 -32.14
N ASP A 175 -43.28 5.05 -32.72
CA ASP A 175 -44.66 4.72 -32.43
C ASP A 175 -44.73 4.04 -31.06
N VAL A 176 -43.65 3.30 -30.75
CA VAL A 176 -43.48 2.67 -29.45
C VAL A 176 -43.26 3.75 -28.38
N PHE A 177 -42.37 4.71 -28.68
CA PHE A 177 -42.06 5.79 -27.75
C PHE A 177 -43.36 6.47 -27.30
N SER A 178 -44.17 6.83 -28.31
CA SER A 178 -45.37 7.62 -28.10
C SER A 178 -46.42 6.76 -27.43
N LYS A 179 -46.29 5.43 -27.59
CA LYS A 179 -47.19 4.46 -26.99
C LYS A 179 -47.01 4.46 -25.48
N TYR A 180 -45.78 4.68 -25.01
CA TYR A 180 -45.51 4.75 -23.59
C TYR A 180 -45.27 6.18 -23.11
N GLN A 181 -45.59 7.16 -23.98
CA GLN A 181 -45.61 8.59 -23.65
C GLN A 181 -44.21 9.16 -23.43
N LEU A 182 -43.24 8.77 -24.26
CA LEU A 182 -41.92 9.35 -24.12
C LEU A 182 -41.63 10.22 -25.34
N ASP A 183 -41.37 11.53 -25.10
CA ASP A 183 -40.91 12.46 -26.12
C ASP A 183 -39.44 12.20 -26.44
N LYS A 184 -38.59 12.42 -25.44
CA LYS A 184 -37.14 12.25 -25.57
C LYS A 184 -36.80 10.76 -25.39
N ASP A 185 -35.50 10.43 -25.51
CA ASP A 185 -34.99 9.13 -25.10
C ASP A 185 -35.16 8.95 -23.59
N GLY A 186 -34.96 7.70 -23.13
CA GLY A 186 -35.34 7.32 -21.78
C GLY A 186 -35.29 5.82 -21.54
N VAL A 187 -35.61 5.42 -20.30
CA VAL A 187 -35.64 4.04 -19.86
C VAL A 187 -36.79 3.88 -18.88
N VAL A 188 -37.65 2.88 -19.13
CA VAL A 188 -38.82 2.64 -18.28
C VAL A 188 -38.77 1.22 -17.72
N LEU A 189 -39.03 1.13 -16.42
CA LEU A 189 -39.18 -0.16 -15.74
C LEU A 189 -40.68 -0.41 -15.50
N PHE A 190 -41.11 -1.59 -15.94
CA PHE A 190 -42.48 -2.02 -15.73
C PHE A 190 -42.50 -3.20 -14.77
N LYS A 191 -43.53 -3.24 -13.91
CA LYS A 191 -43.68 -4.31 -12.93
C LYS A 191 -45.15 -4.58 -12.65
N LYS A 192 -45.46 -5.81 -12.19
CA LYS A 192 -46.84 -6.22 -12.03
C LYS A 192 -47.35 -6.02 -10.61
N PHE A 193 -46.76 -5.08 -9.87
CA PHE A 193 -47.16 -4.77 -8.50
C PHE A 193 -46.96 -3.27 -8.28
N ASP A 194 -47.58 -2.74 -7.22
CA ASP A 194 -47.33 -1.40 -6.70
C ASP A 194 -47.72 -0.33 -7.72
N GLU A 195 -46.77 0.52 -8.14
CA GLU A 195 -47.07 1.60 -9.07
C GLU A 195 -47.11 1.09 -10.51
N GLY A 196 -46.44 -0.03 -10.81
CA GLY A 196 -46.58 -0.65 -12.13
C GLY A 196 -45.54 -0.15 -13.11
N ARG A 197 -45.14 1.12 -12.93
CA ARG A 197 -44.28 1.82 -13.87
C ARG A 197 -43.31 2.75 -13.11
N ASN A 198 -42.03 2.73 -13.49
CA ASN A 198 -41.07 3.69 -12.96
C ASN A 198 -40.23 4.23 -14.10
N ASN A 199 -40.16 5.58 -14.20
CA ASN A 199 -39.43 6.28 -15.24
C ASN A 199 -38.08 6.72 -14.70
N PHE A 200 -37.00 6.36 -15.40
CA PHE A 200 -35.64 6.74 -15.05
C PHE A 200 -35.41 8.24 -15.20
N GLU A 201 -34.57 8.79 -14.31
CA GLU A 201 -34.26 10.22 -14.28
C GLU A 201 -32.75 10.43 -14.14
N GLY A 202 -32.25 11.46 -14.84
CA GLY A 202 -30.83 11.81 -14.77
C GLY A 202 -30.03 11.14 -15.89
N GLU A 203 -28.71 11.09 -15.69
CA GLU A 203 -27.78 10.73 -16.74
C GLU A 203 -27.81 9.22 -16.96
N VAL A 204 -27.75 8.82 -18.24
CA VAL A 204 -27.90 7.44 -18.63
C VAL A 204 -26.51 6.78 -18.59
N THR A 205 -26.08 6.44 -17.38
CA THR A 205 -24.87 5.65 -17.14
C THR A 205 -25.27 4.25 -16.69
N LYS A 206 -24.42 3.26 -17.01
CA LYS A 206 -24.62 1.89 -16.56
C LYS A 206 -24.88 1.90 -15.06
N GLU A 207 -24.06 2.69 -14.36
CA GLU A 207 -24.10 2.76 -12.92
C GLU A 207 -25.46 3.30 -12.47
N ASN A 208 -25.88 4.42 -13.04
CA ASN A 208 -27.12 5.06 -12.63
C ASN A 208 -28.33 4.18 -12.97
N LEU A 209 -28.16 3.27 -13.95
CA LEU A 209 -29.21 2.37 -14.35
C LEU A 209 -29.43 1.30 -13.28
N LEU A 210 -28.36 0.56 -12.95
CA LEU A 210 -28.37 -0.46 -11.91
C LEU A 210 -28.97 0.07 -10.60
N ASP A 211 -28.64 1.31 -10.23
CA ASP A 211 -29.14 1.97 -9.03
C ASP A 211 -30.66 2.14 -9.10
N PHE A 212 -31.16 2.35 -10.32
CA PHE A 212 -32.57 2.61 -10.56
C PHE A 212 -33.34 1.30 -10.59
N ILE A 213 -32.80 0.32 -11.35
CA ILE A 213 -33.43 -0.98 -11.49
C ILE A 213 -33.50 -1.66 -10.14
N LYS A 214 -32.34 -1.87 -9.51
CA LYS A 214 -32.25 -2.57 -8.23
C LYS A 214 -33.18 -1.91 -7.20
N HIS A 215 -33.28 -0.58 -7.24
CA HIS A 215 -34.14 0.09 -6.28
C HIS A 215 -35.63 -0.16 -6.58
N ASN A 216 -36.00 -0.27 -7.86
CA ASN A 216 -37.41 -0.23 -8.19
C ASN A 216 -37.98 -1.62 -8.48
N GLN A 217 -37.10 -2.62 -8.55
CA GLN A 217 -37.43 -4.00 -8.84
C GLN A 217 -38.10 -4.69 -7.65
N LEU A 218 -37.81 -4.25 -6.42
CA LEU A 218 -38.28 -4.90 -5.20
C LEU A 218 -39.72 -4.48 -4.93
N PRO A 219 -40.62 -5.40 -4.51
CA PRO A 219 -41.98 -5.02 -4.11
C PRO A 219 -41.96 -4.28 -2.77
N LEU A 220 -43.04 -3.58 -2.45
CA LEU A 220 -43.11 -2.82 -1.21
C LEU A 220 -43.08 -3.79 -0.03
N VAL A 221 -43.88 -4.87 -0.11
CA VAL A 221 -44.04 -5.82 0.98
C VAL A 221 -43.86 -7.24 0.43
N ILE A 222 -43.25 -8.12 1.24
CA ILE A 222 -42.96 -9.50 0.86
C ILE A 222 -43.55 -10.41 1.92
N GLU A 223 -44.27 -11.46 1.47
CA GLU A 223 -44.83 -12.43 2.37
C GLU A 223 -43.76 -13.49 2.68
N PHE A 224 -43.62 -13.83 3.96
CA PHE A 224 -42.61 -14.79 4.38
C PHE A 224 -43.08 -16.21 4.12
N THR A 225 -42.35 -16.93 3.26
CA THR A 225 -42.70 -18.29 2.87
C THR A 225 -41.41 -19.03 2.59
N GLU A 226 -41.49 -20.37 2.43
CA GLU A 226 -40.29 -21.15 2.15
C GLU A 226 -39.72 -20.77 0.78
N GLN A 227 -40.51 -20.04 -0.02
CA GLN A 227 -40.12 -19.65 -1.37
C GLN A 227 -39.41 -18.30 -1.32
N THR A 228 -39.93 -17.40 -0.48
CA THR A 228 -39.41 -16.03 -0.40
C THR A 228 -38.24 -15.94 0.57
N ALA A 229 -38.15 -16.90 1.50
CA ALA A 229 -37.13 -16.89 2.53
C ALA A 229 -35.72 -16.76 1.94
N PRO A 230 -35.26 -17.65 1.02
CA PRO A 230 -33.91 -17.49 0.46
C PRO A 230 -33.71 -16.21 -0.35
N LYS A 231 -34.79 -15.64 -0.89
CA LYS A 231 -34.69 -14.37 -1.59
C LYS A 231 -34.42 -13.26 -0.57
N ILE A 232 -35.13 -13.29 0.56
CA ILE A 232 -34.97 -12.32 1.63
C ILE A 232 -33.54 -12.34 2.17
N PHE A 233 -33.04 -13.52 2.53
CA PHE A 233 -31.73 -13.67 3.15
C PHE A 233 -30.61 -13.68 2.11
N GLY A 234 -30.97 -13.59 0.83
CA GLY A 234 -30.00 -13.49 -0.25
C GLY A 234 -29.75 -12.03 -0.63
N GLY A 235 -30.70 -11.15 -0.26
CA GLY A 235 -30.67 -9.73 -0.61
C GLY A 235 -29.61 -8.95 0.18
N GLU A 236 -29.69 -7.62 0.13
CA GLU A 236 -28.62 -6.81 0.69
C GLU A 236 -29.18 -5.98 1.83
N ILE A 237 -30.50 -5.95 1.99
CA ILE A 237 -31.10 -5.17 3.06
C ILE A 237 -31.04 -5.97 4.36
N LYS A 238 -30.35 -5.42 5.36
CA LYS A 238 -30.06 -6.16 6.58
C LYS A 238 -30.90 -5.65 7.74
N THR A 239 -31.89 -4.80 7.44
CA THR A 239 -32.86 -4.37 8.44
C THR A 239 -34.24 -4.80 7.99
N HIS A 240 -34.92 -5.63 8.80
CA HIS A 240 -36.26 -6.09 8.44
C HIS A 240 -37.26 -5.65 9.48
N ILE A 241 -38.46 -5.26 9.03
CA ILE A 241 -39.58 -5.13 9.95
C ILE A 241 -40.61 -6.21 9.59
N LEU A 242 -41.08 -6.95 10.60
CA LEU A 242 -41.99 -8.06 10.39
C LEU A 242 -43.36 -7.68 10.92
N LEU A 243 -44.36 -7.85 10.08
CA LEU A 243 -45.75 -7.70 10.53
C LEU A 243 -46.29 -9.10 10.72
N PHE A 244 -46.57 -9.45 11.98
CA PHE A 244 -47.15 -10.74 12.28
C PHE A 244 -48.64 -10.58 12.12
N LEU A 245 -49.13 -11.06 10.98
CA LEU A 245 -50.51 -10.85 10.59
C LEU A 245 -51.17 -12.20 10.39
N PRO A 246 -52.06 -12.60 11.33
CA PRO A 246 -52.83 -13.83 11.16
C PRO A 246 -53.86 -13.70 10.05
N LYS A 247 -53.93 -14.72 9.18
CA LYS A 247 -54.84 -14.73 8.03
C LYS A 247 -56.31 -14.69 8.47
N SER A 248 -56.55 -15.09 9.72
CA SER A 248 -57.89 -15.15 10.29
C SER A 248 -58.29 -13.80 10.88
N VAL A 249 -57.35 -12.88 11.08
CA VAL A 249 -57.69 -11.63 11.76
C VAL A 249 -58.73 -10.84 10.96
N SER A 250 -59.46 -9.98 11.68
CA SER A 250 -60.50 -9.13 11.13
C SER A 250 -59.87 -7.90 10.46
N ASP A 251 -60.21 -7.69 9.18
CA ASP A 251 -59.74 -6.55 8.39
C ASP A 251 -58.26 -6.76 8.06
N TYR A 252 -57.96 -7.96 7.54
CA TYR A 252 -56.65 -8.34 7.06
C TYR A 252 -56.15 -7.29 6.05
N ASP A 253 -56.98 -7.04 5.01
CA ASP A 253 -56.63 -6.15 3.92
C ASP A 253 -56.31 -4.74 4.42
N GLY A 254 -57.13 -4.22 5.32
CA GLY A 254 -56.94 -2.91 5.93
C GLY A 254 -55.61 -2.82 6.68
N LYS A 255 -55.32 -3.87 7.48
CA LYS A 255 -54.11 -3.96 8.30
C LYS A 255 -52.85 -4.02 7.41
N LEU A 256 -52.87 -4.86 6.36
CA LEU A 256 -51.74 -4.98 5.44
C LEU A 256 -51.57 -3.69 4.65
N SER A 257 -52.69 -2.96 4.48
CA SER A 257 -52.74 -1.74 3.71
C SER A 257 -51.84 -0.69 4.35
N ASN A 258 -52.05 -0.50 5.67
CA ASN A 258 -51.24 0.41 6.46
C ASN A 258 -49.76 0.03 6.38
N PHE A 259 -49.49 -1.29 6.41
CA PHE A 259 -48.12 -1.77 6.30
C PHE A 259 -47.54 -1.36 4.95
N LYS A 260 -48.29 -1.59 3.86
CA LYS A 260 -47.84 -1.27 2.52
C LYS A 260 -47.52 0.23 2.43
N THR A 261 -48.36 1.06 3.07
CA THR A 261 -48.16 2.51 3.07
C THR A 261 -46.80 2.88 3.67
N ALA A 262 -46.56 2.42 4.91
CA ALA A 262 -45.35 2.75 5.65
C ALA A 262 -44.11 2.30 4.88
N ALA A 263 -44.25 1.21 4.12
CA ALA A 263 -43.15 0.61 3.37
C ALA A 263 -42.52 1.60 2.38
N GLU A 264 -43.34 2.55 1.88
CA GLU A 264 -42.96 3.53 0.86
C GLU A 264 -41.87 4.48 1.35
N SER A 265 -42.02 4.94 2.60
CA SER A 265 -41.12 5.94 3.15
C SER A 265 -39.72 5.37 3.36
N PHE A 266 -39.57 4.04 3.31
CA PHE A 266 -38.27 3.47 3.63
C PHE A 266 -37.78 2.49 2.58
N LYS A 267 -37.99 2.78 1.29
CA LYS A 267 -37.84 1.78 0.24
C LYS A 267 -36.49 1.08 0.31
N GLY A 268 -35.40 1.85 0.21
CA GLY A 268 -34.10 1.22 0.09
C GLY A 268 -33.49 0.80 1.43
N LYS A 269 -34.19 1.09 2.55
CA LYS A 269 -33.55 1.14 3.85
C LYS A 269 -33.98 -0.02 4.78
N ILE A 270 -35.27 -0.39 4.70
CA ILE A 270 -35.87 -1.40 5.57
C ILE A 270 -36.78 -2.30 4.75
N LEU A 271 -36.52 -3.61 4.82
CA LEU A 271 -37.35 -4.63 4.18
C LEU A 271 -38.63 -4.86 4.98
N PHE A 272 -39.78 -4.54 4.39
CA PHE A 272 -41.07 -4.77 5.03
C PHE A 272 -41.59 -6.18 4.71
N ILE A 273 -41.70 -7.01 5.76
CA ILE A 273 -42.12 -8.40 5.63
C ILE A 273 -43.37 -8.64 6.48
N PHE A 274 -44.32 -9.39 5.93
CA PHE A 274 -45.46 -9.88 6.70
C PHE A 274 -45.41 -11.41 6.76
N ILE A 275 -45.88 -11.95 7.87
CA ILE A 275 -45.84 -13.38 8.16
C ILE A 275 -47.14 -13.80 8.84
N ASP A 276 -47.65 -14.97 8.41
CA ASP A 276 -48.91 -15.49 8.86
C ASP A 276 -48.71 -16.15 10.22
N SER A 277 -49.13 -15.43 11.26
CA SER A 277 -48.85 -15.83 12.63
C SER A 277 -49.63 -17.09 13.03
N ASP A 278 -50.67 -17.42 12.25
CA ASP A 278 -51.52 -18.57 12.50
C ASP A 278 -50.90 -19.84 11.94
N HIS A 279 -49.98 -19.71 10.99
CA HIS A 279 -49.47 -20.89 10.32
C HIS A 279 -48.52 -21.68 11.23
N THR A 280 -48.68 -22.99 11.16
CA THR A 280 -47.90 -23.94 11.95
C THR A 280 -46.41 -23.77 11.70
N ASP A 281 -46.01 -23.63 10.43
CA ASP A 281 -44.62 -23.47 10.01
C ASP A 281 -43.95 -22.27 10.69
N ASN A 282 -44.74 -21.25 11.06
CA ASN A 282 -44.23 -19.97 11.55
C ASN A 282 -44.11 -19.94 13.07
N GLN A 283 -44.57 -21.00 13.77
CA GLN A 283 -44.62 -20.99 15.22
C GLN A 283 -43.22 -20.79 15.82
N ARG A 284 -42.24 -21.49 15.26
CA ARG A 284 -40.85 -21.35 15.65
C ARG A 284 -40.39 -19.90 15.53
N ILE A 285 -40.82 -19.18 14.47
CA ILE A 285 -40.39 -17.81 14.24
C ILE A 285 -41.03 -16.90 15.32
N LEU A 286 -42.27 -17.21 15.72
CA LEU A 286 -42.93 -16.43 16.74
C LEU A 286 -42.16 -16.54 18.05
N GLU A 287 -41.65 -17.75 18.34
CA GLU A 287 -40.94 -17.97 19.58
C GLU A 287 -39.63 -17.18 19.57
N PHE A 288 -39.01 -17.09 18.40
CA PHE A 288 -37.76 -16.33 18.28
C PHE A 288 -37.98 -14.86 18.66
N PHE A 289 -39.13 -14.28 18.31
CA PHE A 289 -39.40 -12.89 18.65
C PHE A 289 -40.16 -12.78 19.98
N GLY A 290 -40.14 -13.86 20.75
CA GLY A 290 -40.87 -13.95 22.01
C GLY A 290 -42.33 -13.50 21.91
N LEU A 291 -43.07 -13.97 20.89
CA LEU A 291 -44.47 -13.60 20.71
C LEU A 291 -45.38 -14.82 20.80
N LYS A 292 -46.62 -14.61 21.24
CA LYS A 292 -47.65 -15.65 21.22
C LYS A 292 -48.70 -15.32 20.17
N LYS A 293 -49.32 -16.35 19.60
CA LYS A 293 -50.38 -16.23 18.61
C LYS A 293 -51.40 -15.17 19.03
N GLU A 294 -51.59 -15.00 20.34
CA GLU A 294 -52.66 -14.17 20.87
C GLU A 294 -52.18 -12.72 21.01
N GLU A 295 -50.87 -12.49 20.85
CA GLU A 295 -50.33 -11.14 20.95
C GLU A 295 -50.25 -10.48 19.58
N CYS A 296 -50.71 -11.18 18.54
CA CYS A 296 -50.69 -10.67 17.17
C CYS A 296 -52.06 -10.07 16.85
N PRO A 297 -52.16 -9.07 15.95
CA PRO A 297 -51.02 -8.62 15.13
C PRO A 297 -50.04 -7.69 15.85
N ALA A 298 -48.78 -7.72 15.41
CA ALA A 298 -47.74 -6.92 16.04
C ALA A 298 -46.62 -6.71 15.03
N VAL A 299 -45.75 -5.73 15.27
CA VAL A 299 -44.57 -5.52 14.45
C VAL A 299 -43.31 -5.60 15.28
N ARG A 300 -42.23 -6.03 14.63
CA ARG A 300 -40.95 -6.17 15.27
C ARG A 300 -39.93 -5.82 14.19
N LEU A 301 -38.91 -5.09 14.61
CA LEU A 301 -37.85 -4.74 13.71
C LEU A 301 -36.59 -5.47 14.13
N ILE A 302 -35.81 -5.95 13.15
CA ILE A 302 -34.61 -6.69 13.49
C ILE A 302 -33.48 -6.26 12.55
N THR A 303 -32.26 -6.22 13.09
CA THR A 303 -31.06 -5.95 12.30
C THR A 303 -30.23 -7.22 12.30
N LEU A 304 -29.57 -7.49 11.16
CA LEU A 304 -28.91 -8.76 10.94
C LEU A 304 -27.44 -8.52 10.64
N GLU A 305 -26.62 -8.56 11.69
CA GLU A 305 -25.17 -8.38 11.61
C GLU A 305 -24.48 -9.53 12.33
N GLU A 306 -23.24 -9.33 12.80
CA GLU A 306 -22.58 -10.29 13.67
C GLU A 306 -23.54 -10.79 14.76
N GLU A 307 -24.38 -9.88 15.25
CA GLU A 307 -25.44 -10.19 16.20
C GLU A 307 -26.78 -9.81 15.58
N MET A 308 -27.83 -10.58 15.90
CA MET A 308 -29.16 -10.16 15.53
C MET A 308 -29.77 -9.39 16.71
N THR A 309 -30.35 -8.21 16.45
CA THR A 309 -30.90 -7.37 17.51
C THR A 309 -32.35 -7.03 17.19
N LYS A 310 -33.27 -7.34 18.10
CA LYS A 310 -34.69 -7.15 17.87
C LYS A 310 -35.15 -5.83 18.51
N TYR A 311 -36.17 -5.18 17.92
CA TYR A 311 -36.70 -3.93 18.42
C TYR A 311 -38.23 -3.96 18.41
N LYS A 312 -38.82 -3.41 19.49
CA LYS A 312 -40.27 -3.41 19.69
C LYS A 312 -40.78 -1.98 19.53
N PRO A 313 -41.97 -1.74 18.92
CA PRO A 313 -42.56 -0.40 18.88
C PRO A 313 -43.05 0.00 20.26
N GLU A 314 -42.98 1.31 20.55
CA GLU A 314 -43.41 1.94 21.79
C GLU A 314 -44.94 1.85 21.89
N SER A 315 -45.62 1.93 20.74
CA SER A 315 -47.07 1.84 20.69
C SER A 315 -47.48 0.48 20.17
N GLU A 316 -48.73 0.09 20.45
CA GLU A 316 -49.27 -1.15 19.94
C GLU A 316 -50.16 -0.93 18.72
N GLU A 317 -50.42 0.33 18.35
CA GLU A 317 -51.29 0.64 17.21
C GLU A 317 -50.56 0.35 15.90
N LEU A 318 -51.31 -0.15 14.90
CA LEU A 318 -50.75 -0.60 13.63
C LEU A 318 -51.29 0.21 12.44
N THR A 319 -51.58 1.50 12.68
CA THR A 319 -51.93 2.42 11.61
C THR A 319 -50.63 2.80 10.89
N ALA A 320 -50.73 3.12 9.60
CA ALA A 320 -49.58 3.48 8.79
C ALA A 320 -48.70 4.53 9.49
N GLU A 321 -49.30 5.39 10.34
CA GLU A 321 -48.56 6.48 10.96
C GLU A 321 -47.62 5.96 12.03
N ARG A 322 -48.18 5.20 12.99
CA ARG A 322 -47.45 4.62 14.11
C ARG A 322 -46.25 3.80 13.60
N ILE A 323 -46.47 3.04 12.52
CA ILE A 323 -45.45 2.18 11.95
C ILE A 323 -44.30 3.01 11.37
N THR A 324 -44.65 4.10 10.68
CA THR A 324 -43.63 4.97 10.09
C THR A 324 -42.86 5.65 11.21
N GLU A 325 -43.61 6.10 12.23
CA GLU A 325 -43.07 6.75 13.40
C GLU A 325 -42.06 5.82 14.08
N PHE A 326 -42.42 4.54 14.20
CA PHE A 326 -41.54 3.50 14.72
C PHE A 326 -40.24 3.45 13.91
N CYS A 327 -40.34 3.21 12.60
CA CYS A 327 -39.16 3.02 11.76
C CYS A 327 -38.27 4.25 11.76
N HIS A 328 -38.88 5.42 11.94
CA HIS A 328 -38.17 6.68 11.86
C HIS A 328 -37.31 6.84 13.12
N ARG A 329 -37.97 6.69 14.27
CA ARG A 329 -37.30 6.74 15.57
C ARG A 329 -36.23 5.66 15.65
N PHE A 330 -36.46 4.49 15.06
CA PHE A 330 -35.42 3.46 15.03
C PHE A 330 -34.21 3.98 14.27
N LEU A 331 -34.47 4.59 13.09
CA LEU A 331 -33.38 4.93 12.19
C LEU A 331 -32.52 6.05 12.77
N GLU A 332 -33.08 6.81 13.72
CA GLU A 332 -32.41 7.94 14.35
C GLU A 332 -31.52 7.47 15.49
N GLY A 333 -31.97 6.46 16.23
CA GLY A 333 -31.23 5.91 17.33
C GLY A 333 -32.03 5.96 18.62
N LYS A 334 -33.32 6.27 18.51
CA LYS A 334 -34.12 6.59 19.67
C LYS A 334 -34.91 5.37 20.16
N ILE A 335 -34.71 4.20 19.55
CA ILE A 335 -35.35 2.99 20.08
C ILE A 335 -34.29 2.05 20.65
N LYS A 336 -34.56 1.48 21.83
CA LYS A 336 -33.59 0.64 22.51
C LYS A 336 -33.82 -0.83 22.15
N PRO A 337 -32.75 -1.67 22.05
CA PRO A 337 -32.93 -3.10 21.78
C PRO A 337 -33.94 -3.72 22.74
N HIS A 338 -34.74 -4.67 22.24
CA HIS A 338 -35.75 -5.34 23.04
C HIS A 338 -35.07 -6.49 23.76
N LEU A 339 -34.92 -6.29 25.07
CA LEU A 339 -34.48 -7.33 25.97
C LEU A 339 -35.70 -7.79 26.77
N MET A 340 -35.69 -9.06 27.14
CA MET A 340 -36.74 -9.63 27.96
C MET A 340 -36.80 -8.85 29.27
N SER A 341 -38.00 -8.38 29.65
CA SER A 341 -38.13 -7.63 30.88
C SER A 341 -39.54 -7.81 31.46
N GLN A 342 -39.68 -7.82 32.77
CA GLN A 342 -41.02 -7.79 33.33
C GLN A 342 -41.48 -6.34 33.35
N GLU A 343 -42.75 -6.16 33.74
CA GLU A 343 -43.35 -4.85 33.97
C GLU A 343 -42.80 -4.27 35.26
N LEU A 344 -42.30 -3.02 35.22
CA LEU A 344 -41.89 -2.33 36.43
C LEU A 344 -43.11 -2.09 37.32
N PRO A 345 -43.16 -2.64 38.55
CA PRO A 345 -44.29 -2.42 39.45
C PRO A 345 -44.43 -0.94 39.76
N GLU A 346 -45.67 -0.52 40.03
CA GLU A 346 -45.99 0.86 40.32
C GLU A 346 -45.10 1.34 41.47
N ASP A 347 -44.99 0.47 42.48
CA ASP A 347 -44.35 0.81 43.74
C ASP A 347 -43.06 0.01 43.91
N TRP A 348 -42.25 -0.02 42.86
CA TRP A 348 -40.98 -0.76 42.85
C TRP A 348 -39.99 -0.19 43.86
N ASP A 349 -40.17 1.08 44.22
CA ASP A 349 -39.25 1.73 45.14
C ASP A 349 -39.96 2.15 46.42
N LYS A 350 -41.13 1.56 46.70
CA LYS A 350 -41.85 1.89 47.91
C LYS A 350 -41.19 1.23 49.14
N GLN A 351 -40.62 0.03 48.98
CA GLN A 351 -40.03 -0.75 50.07
C GLN A 351 -38.53 -0.51 50.20
N PRO A 352 -37.95 -0.74 51.40
CA PRO A 352 -36.50 -0.65 51.58
C PRO A 352 -35.69 -1.38 50.50
N VAL A 353 -36.10 -2.61 50.14
CA VAL A 353 -35.44 -3.26 49.01
C VAL A 353 -36.14 -2.88 47.72
N LYS A 354 -35.41 -2.23 46.81
CA LYS A 354 -35.92 -1.80 45.53
C LYS A 354 -36.08 -3.00 44.59
N VAL A 355 -37.19 -3.00 43.84
CA VAL A 355 -37.42 -4.01 42.83
C VAL A 355 -36.93 -3.52 41.47
N LEU A 356 -35.98 -4.24 40.88
CA LEU A 356 -35.47 -3.88 39.57
C LEU A 356 -35.94 -4.89 38.53
N VAL A 357 -36.31 -4.39 37.35
CA VAL A 357 -36.57 -5.19 36.17
C VAL A 357 -35.56 -4.84 35.07
N GLY A 358 -35.61 -5.54 33.95
CA GLY A 358 -34.69 -5.32 32.84
C GLY A 358 -34.76 -3.90 32.29
N LYS A 359 -35.97 -3.32 32.21
CA LYS A 359 -36.23 -1.97 31.71
C LYS A 359 -35.45 -0.90 32.49
N ASN A 360 -35.37 -1.01 33.81
CA ASN A 360 -34.85 0.10 34.60
C ASN A 360 -33.54 -0.24 35.30
N PHE A 361 -32.98 -1.42 34.97
CA PHE A 361 -31.78 -1.91 35.63
C PHE A 361 -30.59 -0.97 35.44
N GLU A 362 -30.26 -0.61 34.20
CA GLU A 362 -29.05 0.18 33.98
C GLU A 362 -29.20 1.57 34.60
N ASP A 363 -30.42 2.10 34.55
CA ASP A 363 -30.75 3.39 35.12
C ASP A 363 -30.44 3.45 36.62
N VAL A 364 -30.77 2.40 37.37
CA VAL A 364 -30.57 2.38 38.82
C VAL A 364 -29.16 1.92 39.17
N ALA A 365 -28.74 0.76 38.66
CA ALA A 365 -27.49 0.13 39.05
C ALA A 365 -26.28 0.96 38.60
N PHE A 366 -26.32 1.49 37.37
CA PHE A 366 -25.13 2.21 36.91
C PHE A 366 -25.22 3.70 37.18
N ASP A 367 -26.13 4.12 38.07
CA ASP A 367 -26.15 5.47 38.60
C ASP A 367 -24.82 5.73 39.32
N GLU A 368 -24.15 6.78 38.83
CA GLU A 368 -22.81 7.24 39.18
C GLU A 368 -22.73 7.69 40.64
N LYS A 369 -23.85 8.21 41.18
CA LYS A 369 -23.92 8.81 42.50
C LYS A 369 -24.39 7.81 43.56
N LYS A 370 -24.81 6.61 43.13
CA LYS A 370 -25.36 5.62 44.05
C LYS A 370 -24.53 4.33 44.10
N ASN A 371 -24.42 3.78 45.32
CA ASN A 371 -23.80 2.51 45.64
C ASN A 371 -24.91 1.47 45.74
N VAL A 372 -25.09 0.69 44.66
CA VAL A 372 -26.21 -0.22 44.53
C VAL A 372 -25.74 -1.66 44.71
N PHE A 373 -26.43 -2.36 45.60
CA PHE A 373 -26.17 -3.76 45.91
C PHE A 373 -27.39 -4.59 45.51
N VAL A 374 -27.21 -5.49 44.53
CA VAL A 374 -28.33 -6.19 43.92
C VAL A 374 -28.24 -7.70 44.17
N GLU A 375 -29.35 -8.28 44.66
CA GLU A 375 -29.55 -9.72 44.67
C GLU A 375 -30.18 -10.18 43.35
N PHE A 376 -29.46 -11.05 42.62
CA PHE A 376 -30.01 -11.66 41.41
C PHE A 376 -30.47 -13.07 41.76
N TYR A 377 -31.76 -13.37 41.56
CA TYR A 377 -32.35 -14.58 42.11
C TYR A 377 -33.28 -15.25 41.10
N ALA A 378 -33.67 -16.49 41.43
CA ALA A 378 -34.68 -17.27 40.74
C ALA A 378 -35.85 -17.47 41.70
N PRO A 379 -37.12 -17.28 41.28
CA PRO A 379 -38.24 -17.32 42.22
C PRO A 379 -38.51 -18.67 42.91
N TRP A 380 -38.08 -19.79 42.31
CA TRP A 380 -38.36 -21.10 42.87
C TRP A 380 -37.22 -21.66 43.73
N CYS A 381 -36.05 -20.98 43.76
CA CYS A 381 -34.85 -21.44 44.44
C CYS A 381 -34.94 -21.28 45.97
N GLY A 382 -34.61 -22.36 46.68
CA GLY A 382 -34.72 -22.37 48.14
C GLY A 382 -33.62 -21.55 48.79
N HIS A 383 -32.44 -21.49 48.15
CA HIS A 383 -31.34 -20.64 48.60
C HIS A 383 -31.76 -19.17 48.56
N CYS A 384 -32.41 -18.77 47.46
CA CYS A 384 -32.90 -17.41 47.33
C CYS A 384 -33.99 -17.14 48.36
N LYS A 385 -34.87 -18.12 48.60
CA LYS A 385 -35.94 -18.00 49.59
C LYS A 385 -35.37 -17.81 51.00
N GLN A 386 -34.27 -18.51 51.28
CA GLN A 386 -33.63 -18.43 52.58
C GLN A 386 -32.93 -17.08 52.81
N LEU A 387 -32.41 -16.47 51.74
CA LEU A 387 -31.73 -15.19 51.82
C LEU A 387 -32.73 -14.04 52.02
N ALA A 388 -33.96 -14.19 51.48
CA ALA A 388 -34.96 -13.12 51.46
C ALA A 388 -35.12 -12.40 52.81
N PRO A 389 -35.31 -13.07 53.98
CA PRO A 389 -35.46 -12.34 55.24
C PRO A 389 -34.24 -11.51 55.64
N ILE A 390 -33.03 -12.00 55.31
CA ILE A 390 -31.79 -11.33 55.66
C ILE A 390 -31.63 -10.11 54.76
N TRP A 391 -31.92 -10.28 53.47
CA TRP A 391 -31.82 -9.21 52.49
C TRP A 391 -32.81 -8.11 52.82
N ASP A 392 -33.98 -8.49 53.35
CA ASP A 392 -35.00 -7.56 53.79
C ASP A 392 -34.48 -6.72 54.94
N LYS A 393 -33.81 -7.36 55.90
CA LYS A 393 -33.29 -6.67 57.06
C LYS A 393 -32.18 -5.72 56.64
N LEU A 394 -31.45 -6.07 55.56
CA LEU A 394 -30.37 -5.24 55.04
C LEU A 394 -30.92 -3.96 54.40
N GLY A 395 -32.04 -4.10 53.65
CA GLY A 395 -32.76 -2.97 53.11
C GLY A 395 -33.22 -2.03 54.23
N GLU A 396 -33.77 -2.64 55.29
CA GLU A 396 -34.30 -1.97 56.45
C GLU A 396 -33.21 -1.14 57.13
N THR A 397 -31.98 -1.68 57.17
CA THR A 397 -30.83 -0.99 57.71
C THR A 397 -30.49 0.26 56.87
N TYR A 398 -30.68 0.22 55.55
CA TYR A 398 -30.13 1.27 54.71
C TYR A 398 -31.22 2.12 54.06
N LYS A 399 -32.47 2.04 54.54
CA LYS A 399 -33.62 2.63 53.87
C LYS A 399 -33.52 4.16 53.82
N ASP A 400 -32.73 4.77 54.71
CA ASP A 400 -32.64 6.22 54.74
C ASP A 400 -31.23 6.68 54.39
N HIS A 401 -30.42 5.78 53.84
CA HIS A 401 -29.01 6.09 53.61
C HIS A 401 -28.91 7.13 52.49
N GLU A 402 -27.81 7.88 52.46
CA GLU A 402 -27.60 8.92 51.48
C GLU A 402 -27.23 8.36 50.12
N ASN A 403 -26.59 7.17 50.05
CA ASN A 403 -26.06 6.75 48.77
C ASN A 403 -26.19 5.23 48.53
N ILE A 404 -26.37 4.43 49.58
CA ILE A 404 -26.50 2.99 49.41
C ILE A 404 -27.95 2.61 49.05
N VAL A 405 -28.09 1.80 47.99
CA VAL A 405 -29.39 1.29 47.57
C VAL A 405 -29.32 -0.23 47.59
N ILE A 406 -30.28 -0.85 48.29
CA ILE A 406 -30.40 -2.30 48.33
C ILE A 406 -31.52 -2.69 47.36
N ALA A 407 -31.19 -3.55 46.37
CA ALA A 407 -32.15 -3.96 45.36
C ALA A 407 -32.11 -5.47 45.06
N LYS A 408 -33.08 -5.89 44.25
CA LYS A 408 -33.20 -7.26 43.83
C LYS A 408 -33.84 -7.36 42.44
N MET A 409 -33.45 -8.42 41.73
CA MET A 409 -33.96 -8.67 40.40
C MET A 409 -34.08 -10.17 40.15
N ASP A 410 -35.20 -10.55 39.54
CA ASP A 410 -35.46 -11.90 39.07
C ASP A 410 -34.73 -12.13 37.74
N SER A 411 -33.60 -12.82 37.83
CA SER A 411 -32.65 -13.00 36.74
C SER A 411 -33.23 -13.90 35.66
N THR A 412 -34.20 -14.75 36.00
CA THR A 412 -34.81 -15.65 35.05
C THR A 412 -35.88 -14.93 34.22
N ALA A 413 -36.37 -13.78 34.69
CA ALA A 413 -37.45 -13.09 34.00
C ALA A 413 -36.98 -11.80 33.32
N ASN A 414 -35.68 -11.46 33.42
CA ASN A 414 -35.15 -10.20 32.94
C ASN A 414 -33.75 -10.43 32.43
N GLU A 415 -33.43 -9.85 31.27
CA GLU A 415 -32.13 -9.99 30.64
C GLU A 415 -31.35 -8.71 30.85
N VAL A 416 -30.10 -8.84 31.26
CA VAL A 416 -29.26 -7.66 31.35
C VAL A 416 -27.96 -7.96 30.62
N GLU A 417 -27.54 -7.04 29.75
CA GLU A 417 -26.39 -7.28 28.90
C GLU A 417 -25.10 -7.13 29.71
N ALA A 418 -25.11 -6.31 30.76
CA ALA A 418 -23.88 -5.89 31.40
C ALA A 418 -23.33 -6.92 32.39
N VAL A 419 -24.20 -7.76 32.98
CA VAL A 419 -23.79 -8.69 34.03
C VAL A 419 -24.27 -10.10 33.69
N LYS A 420 -23.39 -11.10 33.88
CA LYS A 420 -23.74 -12.50 33.71
C LYS A 420 -23.89 -13.13 35.09
N VAL A 421 -25.01 -13.84 35.29
CA VAL A 421 -25.37 -14.50 36.54
C VAL A 421 -25.04 -16.00 36.45
N HIS A 422 -24.08 -16.49 37.24
CA HIS A 422 -23.64 -17.88 37.18
C HIS A 422 -24.18 -18.75 38.31
N SER A 423 -25.01 -18.19 39.21
CA SER A 423 -25.70 -18.97 40.21
C SER A 423 -26.79 -18.15 40.91
N PHE A 424 -27.68 -18.83 41.65
CA PHE A 424 -28.78 -18.17 42.34
C PHE A 424 -28.72 -18.50 43.83
N PRO A 425 -28.61 -17.51 44.75
CA PRO A 425 -28.54 -16.09 44.38
C PRO A 425 -27.12 -15.56 44.11
N THR A 426 -27.03 -14.49 43.31
CA THR A 426 -25.80 -13.75 43.08
C THR A 426 -25.99 -12.34 43.62
N LEU A 427 -25.01 -11.90 44.41
CA LEU A 427 -24.94 -10.56 44.97
C LEU A 427 -23.83 -9.78 44.26
N LYS A 428 -24.21 -8.71 43.57
CA LYS A 428 -23.22 -7.89 42.89
C LYS A 428 -23.34 -6.45 43.36
N PHE A 429 -22.18 -5.82 43.57
CA PHE A 429 -22.09 -4.45 44.04
C PHE A 429 -21.69 -3.55 42.88
N PHE A 430 -22.42 -2.43 42.73
CA PHE A 430 -22.21 -1.44 41.69
C PHE A 430 -21.93 -0.06 42.33
N PRO A 431 -20.64 0.26 42.58
CA PRO A 431 -20.28 1.45 43.36
C PRO A 431 -20.71 2.75 42.68
N ALA A 432 -20.64 3.83 43.46
CA ALA A 432 -20.83 5.18 42.97
C ALA A 432 -19.57 5.58 42.22
N SER A 433 -19.58 5.42 40.90
CA SER A 433 -18.37 5.53 40.13
C SER A 433 -18.70 6.00 38.72
N ALA A 434 -17.70 6.60 38.06
CA ALA A 434 -17.85 7.09 36.70
C ALA A 434 -17.83 5.92 35.70
N ASP A 435 -16.88 4.99 35.91
CA ASP A 435 -16.85 3.76 35.11
C ASP A 435 -17.85 2.75 35.69
N ARG A 436 -18.29 1.79 34.86
CA ARG A 436 -19.26 0.81 35.31
C ARG A 436 -18.54 -0.33 36.02
N THR A 437 -18.01 -0.07 37.22
CA THR A 437 -17.35 -1.09 38.02
C THR A 437 -18.41 -2.01 38.61
N VAL A 438 -18.06 -3.31 38.66
CA VAL A 438 -18.89 -4.32 39.28
C VAL A 438 -18.02 -5.16 40.21
N ILE A 439 -18.43 -5.26 41.47
CA ILE A 439 -17.69 -6.02 42.46
C ILE A 439 -18.56 -7.21 42.89
N ASP A 440 -18.01 -8.41 42.74
CA ASP A 440 -18.67 -9.64 43.11
C ASP A 440 -18.55 -9.77 44.63
N TYR A 441 -19.64 -10.15 45.29
CA TYR A 441 -19.55 -10.35 46.73
C TYR A 441 -19.54 -11.84 47.03
N ASN A 442 -18.47 -12.34 47.68
CA ASN A 442 -18.35 -13.76 47.97
C ASN A 442 -18.14 -14.00 49.45
N GLY A 443 -18.51 -13.03 50.31
CA GLY A 443 -18.44 -13.21 51.76
C GLY A 443 -19.63 -14.00 52.33
N GLU A 444 -19.74 -14.02 53.66
CA GLU A 444 -20.86 -14.66 54.35
C GLU A 444 -22.18 -14.02 53.94
N ARG A 445 -23.21 -14.85 53.73
CA ARG A 445 -24.56 -14.32 53.52
CA ARG A 445 -24.57 -14.35 53.51
C ARG A 445 -25.22 -14.05 54.86
N THR A 446 -24.74 -13.00 55.52
CA THR A 446 -25.23 -12.57 56.82
C THR A 446 -25.27 -11.03 56.84
N LEU A 447 -26.25 -10.50 57.58
CA LEU A 447 -26.44 -9.06 57.72
C LEU A 447 -25.11 -8.41 58.09
N ASP A 448 -24.34 -9.10 58.94
CA ASP A 448 -23.06 -8.63 59.44
C ASP A 448 -22.02 -8.56 58.33
N GLY A 449 -21.89 -9.66 57.57
CA GLY A 449 -21.01 -9.70 56.42
C GLY A 449 -21.33 -8.58 55.42
N PHE A 450 -22.64 -8.39 55.16
CA PHE A 450 -23.10 -7.39 54.20
C PHE A 450 -22.69 -5.99 54.61
N LYS A 451 -22.89 -5.64 55.89
CA LYS A 451 -22.62 -4.31 56.44
C LYS A 451 -21.13 -3.99 56.36
N LYS A 452 -20.29 -4.98 56.70
CA LYS A 452 -18.86 -4.81 56.67
C LYS A 452 -18.42 -4.46 55.25
N PHE A 453 -19.03 -5.12 54.25
CA PHE A 453 -18.68 -4.95 52.85
C PHE A 453 -19.16 -3.57 52.35
N LEU A 454 -20.42 -3.25 52.66
CA LEU A 454 -20.96 -1.97 52.24
C LEU A 454 -20.16 -0.81 52.83
N GLU A 455 -19.78 -0.90 54.12
CA GLU A 455 -19.14 0.21 54.81
C GLU A 455 -17.70 0.42 54.35
N SER A 456 -17.05 -0.66 53.89
CA SER A 456 -15.70 -0.56 53.38
C SER A 456 -15.69 -0.13 51.91
N GLY A 457 -16.85 0.18 51.36
CA GLY A 457 -16.99 0.62 49.99
C GLY A 457 -16.72 -0.50 48.99
N GLY A 458 -16.84 -1.75 49.45
CA GLY A 458 -16.72 -2.92 48.59
C GLY A 458 -15.37 -3.61 48.68
N GLN A 459 -14.63 -3.38 49.77
CA GLN A 459 -13.24 -3.81 49.89
C GLN A 459 -13.07 -4.90 50.95
N ASP A 460 -14.10 -5.20 51.74
CA ASP A 460 -13.94 -6.14 52.85
C ASP A 460 -15.01 -7.21 52.78
N GLY A 461 -14.76 -8.20 51.92
CA GLY A 461 -15.74 -9.17 51.49
C GLY A 461 -15.52 -9.53 50.02
N ALA A 462 -14.71 -8.68 49.37
CA ALA A 462 -14.30 -8.81 47.97
C ALA A 462 -13.23 -7.75 47.66
N GLY A 463 -11.96 -8.12 47.85
CA GLY A 463 -10.82 -7.28 47.53
C GLY A 463 -10.92 -5.89 48.16
N PRO B 4 48.47 1.43 -11.14
CA PRO B 4 47.33 1.83 -10.30
C PRO B 4 47.76 2.17 -8.87
N GLU B 5 47.03 3.08 -8.22
CA GLU B 5 47.30 3.50 -6.85
C GLU B 5 46.43 2.71 -5.89
N GLU B 6 46.81 2.72 -4.61
CA GLU B 6 46.11 1.96 -3.59
C GLU B 6 45.46 2.93 -2.60
N GLU B 7 44.52 3.75 -3.11
CA GLU B 7 43.70 4.62 -2.30
C GLU B 7 43.01 3.82 -1.19
N ASP B 8 43.71 3.70 -0.05
CA ASP B 8 43.28 2.96 1.13
C ASP B 8 43.33 1.45 0.88
N HIS B 9 44.31 1.03 0.06
CA HIS B 9 44.54 -0.37 -0.30
C HIS B 9 43.52 -0.85 -1.34
N VAL B 10 42.97 0.11 -2.12
CA VAL B 10 41.99 -0.16 -3.17
C VAL B 10 42.56 0.37 -4.49
N LEU B 11 42.58 -0.49 -5.52
CA LEU B 11 43.09 -0.15 -6.85
C LEU B 11 42.23 0.93 -7.51
N VAL B 12 42.88 1.87 -8.22
CA VAL B 12 42.22 2.97 -8.92
C VAL B 12 42.36 2.76 -10.42
N LEU B 13 41.26 2.31 -11.07
CA LEU B 13 41.30 1.84 -12.45
C LEU B 13 40.65 2.86 -13.40
N ARG B 14 41.35 3.10 -14.51
CA ARG B 14 40.93 4.03 -15.54
C ARG B 14 40.65 3.23 -16.82
N LYS B 15 40.30 3.94 -17.92
CA LYS B 15 39.99 3.28 -19.18
C LYS B 15 41.24 2.63 -19.75
N SER B 16 42.39 3.30 -19.61
CA SER B 16 43.68 2.84 -20.16
C SER B 16 44.25 1.64 -19.40
N ASN B 17 44.02 1.57 -18.08
CA ASN B 17 44.70 0.59 -17.24
C ASN B 17 43.78 -0.54 -16.77
N PHE B 18 42.57 -0.65 -17.35
CA PHE B 18 41.57 -1.58 -16.82
C PHE B 18 41.83 -3.01 -17.30
N ALA B 19 42.23 -3.16 -18.57
CA ALA B 19 42.53 -4.48 -19.10
C ALA B 19 43.83 -5.02 -18.48
N GLU B 20 44.77 -4.12 -18.19
CA GLU B 20 46.05 -4.50 -17.57
C GLU B 20 45.82 -5.13 -16.20
N ALA B 21 45.08 -4.43 -15.35
CA ALA B 21 44.76 -4.91 -14.01
C ALA B 21 43.85 -6.15 -14.03
N LEU B 22 43.01 -6.28 -15.06
CA LEU B 22 42.10 -7.41 -15.22
C LEU B 22 42.92 -8.65 -15.57
N ALA B 23 44.04 -8.45 -16.28
CA ALA B 23 44.97 -9.50 -16.64
C ALA B 23 45.80 -9.95 -15.44
N ALA B 24 46.18 -9.00 -14.56
CA ALA B 24 47.20 -9.24 -13.55
C ALA B 24 46.66 -9.90 -12.28
N HIS B 25 45.33 -10.11 -12.13
CA HIS B 25 44.84 -10.64 -10.86
C HIS B 25 43.88 -11.81 -11.07
N LYS B 26 44.03 -12.86 -10.25
CA LYS B 26 43.25 -14.08 -10.36
C LYS B 26 41.77 -13.78 -10.12
N TYR B 27 41.51 -12.93 -9.12
CA TYR B 27 40.16 -12.49 -8.81
C TYR B 27 40.17 -10.97 -8.67
N LEU B 28 39.13 -10.31 -9.19
CA LEU B 28 39.03 -8.86 -9.13
C LEU B 28 37.61 -8.42 -8.78
N LEU B 29 37.48 -7.61 -7.73
CA LEU B 29 36.21 -7.00 -7.37
C LEU B 29 36.27 -5.51 -7.71
N VAL B 30 35.41 -5.07 -8.64
CA VAL B 30 35.43 -3.67 -9.07
C VAL B 30 34.18 -2.96 -8.56
N GLU B 31 34.41 -1.77 -7.99
CA GLU B 31 33.30 -0.92 -7.58
C GLU B 31 33.17 0.19 -8.62
N PHE B 32 32.02 0.23 -9.29
CA PHE B 32 31.70 1.38 -10.14
C PHE B 32 30.90 2.37 -9.31
N TYR B 33 31.44 3.58 -9.18
CA TYR B 33 30.89 4.59 -8.29
C TYR B 33 30.83 5.97 -8.98
N ALA B 34 30.19 6.93 -8.29
CA ALA B 34 30.10 8.32 -8.70
C ALA B 34 30.60 9.22 -7.57
N PRO B 35 31.35 10.29 -7.90
CA PRO B 35 31.93 11.18 -6.88
C PRO B 35 30.86 11.85 -6.00
N TRP B 36 29.62 11.97 -6.47
CA TRP B 36 28.61 12.68 -5.71
C TRP B 36 27.70 11.70 -4.98
N CYS B 37 27.96 10.40 -5.10
CA CYS B 37 27.00 9.40 -4.66
C CYS B 37 27.09 9.11 -3.15
N GLY B 38 25.96 9.24 -2.45
CA GLY B 38 25.85 9.04 -1.01
C GLY B 38 26.14 7.60 -0.56
N HIS B 39 25.51 6.63 -1.22
CA HIS B 39 25.76 5.21 -0.97
C HIS B 39 27.20 4.83 -1.33
N CYS B 40 27.78 5.51 -2.30
CA CYS B 40 29.16 5.23 -2.66
C CYS B 40 30.08 5.82 -1.61
N LYS B 41 29.59 6.83 -0.90
CA LYS B 41 30.34 7.48 0.17
C LYS B 41 30.31 6.56 1.40
N ALA B 42 29.13 6.03 1.71
CA ALA B 42 28.88 5.17 2.85
C ALA B 42 29.65 3.85 2.74
N LEU B 43 29.85 3.40 1.49
CA LEU B 43 30.47 2.11 1.20
C LEU B 43 31.98 2.25 1.09
N ALA B 44 32.48 3.44 0.71
CA ALA B 44 33.89 3.66 0.43
C ALA B 44 34.83 3.16 1.54
N PRO B 45 34.56 3.45 2.85
CA PRO B 45 35.48 3.04 3.91
C PRO B 45 35.42 1.55 4.31
N GLU B 46 34.22 0.98 4.23
CA GLU B 46 34.00 -0.45 4.42
C GLU B 46 34.72 -1.24 3.33
N TYR B 47 34.73 -0.68 2.11
CA TYR B 47 35.42 -1.27 0.98
C TYR B 47 36.92 -1.24 1.22
N ALA B 48 37.40 -0.17 1.87
CA ALA B 48 38.81 0.02 2.17
C ALA B 48 39.24 -0.95 3.28
N LYS B 49 38.27 -1.28 4.14
CA LYS B 49 38.51 -2.18 5.26
C LYS B 49 38.70 -3.59 4.73
N ALA B 50 37.67 -4.12 4.07
CA ALA B 50 37.76 -5.46 3.48
C ALA B 50 38.95 -5.59 2.52
N ALA B 51 39.39 -4.48 1.93
CA ALA B 51 40.57 -4.50 1.06
C ALA B 51 41.82 -4.59 1.91
N GLY B 52 41.79 -3.91 3.07
CA GLY B 52 42.88 -3.87 4.02
C GLY B 52 43.12 -5.21 4.72
N LYS B 53 42.05 -5.99 4.96
CA LYS B 53 42.14 -7.29 5.64
C LYS B 53 42.81 -8.33 4.75
N LEU B 54 42.70 -8.17 3.43
CA LEU B 54 43.34 -9.05 2.47
C LEU B 54 44.72 -8.52 2.09
N LYS B 55 45.06 -7.31 2.54
CA LYS B 55 46.27 -6.64 2.09
C LYS B 55 47.50 -7.27 2.73
N ALA B 56 47.40 -7.66 4.00
CA ALA B 56 48.49 -8.32 4.70
C ALA B 56 48.35 -9.84 4.55
N GLU B 57 47.08 -10.27 4.49
CA GLU B 57 46.69 -11.66 4.26
C GLU B 57 47.23 -12.16 2.91
N GLY B 58 47.76 -11.24 2.09
CA GLY B 58 48.44 -11.59 0.85
C GLY B 58 47.64 -12.52 -0.06
N SER B 59 46.33 -12.21 -0.20
CA SER B 59 45.44 -12.90 -1.11
C SER B 59 45.62 -12.32 -2.51
N GLU B 60 45.30 -13.11 -3.55
CA GLU B 60 45.39 -12.59 -4.91
C GLU B 60 44.09 -11.90 -5.34
N ILE B 61 43.07 -11.92 -4.46
CA ILE B 61 41.88 -11.11 -4.60
C ILE B 61 42.28 -9.64 -4.42
N ARG B 62 41.98 -8.81 -5.42
CA ARG B 62 42.22 -7.38 -5.32
C ARG B 62 40.92 -6.58 -5.48
N LEU B 63 40.78 -5.54 -4.68
CA LEU B 63 39.65 -4.61 -4.76
C LEU B 63 40.05 -3.36 -5.53
N ALA B 64 39.21 -3.03 -6.53
CA ALA B 64 39.42 -1.93 -7.46
C ALA B 64 38.16 -1.05 -7.49
N LYS B 65 38.34 0.17 -8.01
CA LYS B 65 37.23 1.08 -8.18
C LYS B 65 37.45 1.90 -9.44
N VAL B 66 36.33 2.21 -10.12
CA VAL B 66 36.27 3.03 -11.31
C VAL B 66 35.25 4.15 -11.07
N ASP B 67 35.65 5.38 -11.42
CA ASP B 67 34.74 6.51 -11.52
C ASP B 67 33.98 6.41 -12.85
N ALA B 68 32.73 5.95 -12.75
CA ALA B 68 31.86 5.78 -13.90
C ALA B 68 31.43 7.11 -14.55
N THR B 69 31.53 8.24 -13.83
CA THR B 69 31.18 9.51 -14.46
C THR B 69 32.34 9.99 -15.34
N GLU B 70 33.54 9.45 -15.11
CA GLU B 70 34.68 9.78 -15.95
C GLU B 70 34.94 8.64 -16.93
N GLU B 71 34.94 7.40 -16.44
CA GLU B 71 35.21 6.24 -17.27
C GLU B 71 33.87 5.59 -17.61
N SER B 72 33.08 6.27 -18.44
CA SER B 72 31.70 5.87 -18.65
C SER B 72 31.64 4.73 -19.66
N ASP B 73 32.65 4.62 -20.54
CA ASP B 73 32.66 3.53 -21.52
C ASP B 73 32.63 2.20 -20.80
N LEU B 74 33.48 2.11 -19.76
CA LEU B 74 33.64 0.92 -18.93
C LEU B 74 32.30 0.55 -18.29
N ALA B 75 31.68 1.51 -17.63
CA ALA B 75 30.41 1.32 -16.93
C ALA B 75 29.36 0.74 -17.88
N GLN B 76 29.32 1.27 -19.12
CA GLN B 76 28.38 0.80 -20.11
C GLN B 76 28.72 -0.63 -20.52
N GLN B 77 29.99 -0.83 -20.88
CA GLN B 77 30.51 -2.13 -21.31
C GLN B 77 30.16 -3.23 -20.31
N TYR B 78 30.15 -2.95 -19.00
CA TYR B 78 29.92 -4.01 -18.04
C TYR B 78 28.51 -3.97 -17.45
N GLY B 79 27.66 -3.08 -17.98
CA GLY B 79 26.24 -3.04 -17.62
C GLY B 79 25.99 -2.61 -16.18
N VAL B 80 26.50 -1.43 -15.82
CA VAL B 80 26.24 -0.85 -14.52
C VAL B 80 24.76 -0.46 -14.44
N ARG B 81 24.14 -0.66 -13.28
CA ARG B 81 22.75 -0.27 -13.07
C ARG B 81 22.62 1.15 -12.50
N GLY B 82 22.75 1.31 -11.17
CA GLY B 82 22.92 2.57 -10.46
C GLY B 82 24.29 2.64 -9.77
N TYR B 83 24.42 3.49 -8.72
CA TYR B 83 25.66 3.53 -7.99
C TYR B 83 25.44 3.19 -6.52
N PRO B 84 26.30 2.32 -5.94
CA PRO B 84 27.44 1.75 -6.66
C PRO B 84 27.05 0.41 -7.30
N THR B 85 27.89 -0.08 -8.20
CA THR B 85 27.69 -1.42 -8.73
C THR B 85 29.02 -2.12 -8.58
N ILE B 86 28.97 -3.28 -7.90
CA ILE B 86 30.16 -4.08 -7.63
C ILE B 86 30.11 -5.37 -8.46
N LYS B 87 31.15 -5.56 -9.26
CA LYS B 87 31.20 -6.71 -10.16
C LYS B 87 32.45 -7.52 -9.89
N PHE B 88 32.24 -8.84 -9.75
CA PHE B 88 33.31 -9.78 -9.47
C PHE B 88 33.79 -10.48 -10.75
N PHE B 89 35.07 -10.29 -11.10
CA PHE B 89 35.66 -10.85 -12.30
C PHE B 89 36.67 -11.93 -11.92
N ARG B 90 36.41 -13.19 -12.29
CA ARG B 90 37.37 -14.27 -12.07
C ARG B 90 38.17 -14.54 -13.35
N ASN B 91 39.46 -14.79 -13.17
CA ASN B 91 40.29 -15.40 -14.19
C ASN B 91 39.58 -16.61 -14.80
N GLY B 92 39.45 -16.61 -16.14
CA GLY B 92 38.80 -17.71 -16.84
C GLY B 92 37.54 -17.29 -17.60
N ASP B 93 36.73 -16.42 -16.97
CA ASP B 93 35.59 -15.79 -17.64
CA ASP B 93 35.60 -15.79 -17.64
C ASP B 93 35.49 -14.32 -17.24
N THR B 94 36.47 -13.53 -17.69
CA THR B 94 36.53 -12.10 -17.47
C THR B 94 35.47 -11.38 -18.31
N ALA B 95 34.71 -12.15 -19.11
CA ALA B 95 33.71 -11.60 -19.99
C ALA B 95 32.31 -11.61 -19.35
N SER B 96 32.11 -12.41 -18.31
CA SER B 96 30.83 -12.45 -17.63
C SER B 96 31.05 -12.34 -16.12
N PRO B 97 31.33 -11.14 -15.57
CA PRO B 97 31.43 -10.96 -14.12
C PRO B 97 30.13 -11.25 -13.39
N LYS B 98 30.24 -11.50 -12.08
CA LYS B 98 29.09 -11.69 -11.22
C LYS B 98 28.90 -10.39 -10.42
N GLU B 99 27.67 -9.86 -10.45
CA GLU B 99 27.25 -8.70 -9.69
C GLU B 99 27.09 -9.07 -8.21
N TYR B 100 27.64 -8.22 -7.34
CA TYR B 100 27.48 -8.34 -5.90
C TYR B 100 26.12 -7.77 -5.48
N THR B 101 25.34 -8.52 -4.71
CA THR B 101 23.99 -8.08 -4.34
C THR B 101 23.80 -8.07 -2.81
N ALA B 102 24.78 -8.58 -2.07
CA ALA B 102 24.65 -8.83 -0.64
C ALA B 102 24.76 -7.55 0.19
N GLY B 103 25.16 -7.68 1.46
CA GLY B 103 25.23 -6.55 2.40
C GLY B 103 26.49 -5.70 2.20
N ARG B 104 26.47 -4.48 2.75
CA ARG B 104 27.41 -3.44 2.38
C ARG B 104 28.47 -3.24 3.48
N GLU B 105 28.48 -4.11 4.49
CA GLU B 105 29.49 -4.05 5.54
C GLU B 105 30.73 -4.80 5.08
N ALA B 106 31.91 -4.38 5.56
CA ALA B 106 33.20 -4.90 5.11
C ALA B 106 33.34 -6.38 5.44
N ASP B 107 32.52 -6.86 6.38
CA ASP B 107 32.51 -8.27 6.74
C ASP B 107 31.78 -9.05 5.65
N ASP B 108 30.53 -8.64 5.37
CA ASP B 108 29.65 -9.28 4.41
C ASP B 108 30.38 -9.49 3.07
N ILE B 109 31.37 -8.65 2.80
CA ILE B 109 32.10 -8.67 1.55
C ILE B 109 32.97 -9.93 1.53
N VAL B 110 33.84 -10.08 2.54
CA VAL B 110 34.82 -11.16 2.56
C VAL B 110 34.13 -12.50 2.69
N ASN B 111 33.01 -12.52 3.43
CA ASN B 111 32.17 -13.69 3.60
C ASN B 111 31.52 -14.12 2.28
N TRP B 112 31.34 -13.15 1.37
CA TRP B 112 30.73 -13.41 0.07
C TRP B 112 31.82 -13.87 -0.90
N LEU B 113 33.04 -13.35 -0.70
CA LEU B 113 34.18 -13.66 -1.55
C LEU B 113 34.62 -15.09 -1.28
N LYS B 114 34.54 -15.52 -0.02
CA LYS B 114 34.85 -16.89 0.37
C LYS B 114 33.92 -17.83 -0.37
N LYS B 115 32.62 -17.48 -0.37
CA LYS B 115 31.59 -18.24 -1.07
C LYS B 115 31.84 -18.24 -2.59
N ARG B 116 32.64 -17.29 -3.07
CA ARG B 116 32.89 -17.17 -4.49
C ARG B 116 34.13 -17.98 -4.84
N THR B 117 35.04 -18.18 -3.87
CA THR B 117 36.27 -18.93 -4.09
C THR B 117 36.07 -20.42 -3.79
N GLY B 118 35.33 -20.73 -2.72
CA GLY B 118 35.15 -22.11 -2.27
C GLY B 118 33.79 -22.64 -2.70
N PRO B 119 33.00 -23.24 -1.76
CA PRO B 119 31.69 -23.82 -2.10
C PRO B 119 30.55 -22.80 -2.04
N ALA B 120 29.51 -23.02 -2.84
CA ALA B 120 28.38 -22.09 -2.93
C ALA B 120 27.66 -21.98 -1.58
N ALA B 121 27.61 -23.08 -0.83
CA ALA B 121 26.86 -23.15 0.41
C ALA B 121 27.79 -23.62 1.54
N THR B 122 27.47 -23.25 2.78
CA THR B 122 28.26 -23.71 3.91
C THR B 122 27.67 -25.02 4.46
N THR B 123 28.57 -25.95 4.78
CA THR B 123 28.20 -27.23 5.35
C THR B 123 27.76 -26.99 6.78
N LEU B 124 26.55 -27.45 7.11
CA LEU B 124 26.01 -27.31 8.45
C LEU B 124 26.15 -28.65 9.18
N PRO B 125 27.19 -28.83 10.05
CA PRO B 125 27.40 -30.09 10.78
C PRO B 125 26.34 -30.42 11.82
N ASP B 126 25.74 -29.41 12.46
CA ASP B 126 24.82 -29.66 13.56
C ASP B 126 23.66 -28.67 13.57
N GLY B 127 22.73 -28.86 14.52
CA GLY B 127 21.52 -28.07 14.63
C GLY B 127 21.78 -26.61 15.01
N ALA B 128 22.89 -26.37 15.72
CA ALA B 128 23.27 -25.03 16.15
C ALA B 128 23.74 -24.19 14.95
N ALA B 129 24.49 -24.82 14.03
CA ALA B 129 24.99 -24.19 12.80
C ALA B 129 23.83 -23.82 11.87
N ALA B 130 22.80 -24.68 11.84
CA ALA B 130 21.58 -24.44 11.12
C ALA B 130 20.89 -23.21 11.69
N GLU B 131 20.64 -23.22 13.00
CA GLU B 131 19.98 -22.11 13.70
C GLU B 131 20.69 -20.79 13.43
N SER B 132 22.03 -20.81 13.41
CA SER B 132 22.87 -19.66 13.15
C SER B 132 22.57 -19.06 11.78
N LEU B 133 22.61 -19.89 10.72
CA LEU B 133 22.46 -19.41 9.35
C LEU B 133 21.06 -18.84 9.13
N VAL B 134 20.04 -19.60 9.55
CA VAL B 134 18.66 -19.14 9.54
C VAL B 134 18.57 -17.75 10.19
N GLU B 135 19.37 -17.51 11.23
CA GLU B 135 19.25 -16.25 11.96
C GLU B 135 20.14 -15.18 11.30
N SER B 136 21.08 -15.58 10.45
CA SER B 136 22.01 -14.62 9.87
C SER B 136 21.31 -13.67 8.89
N SER B 137 20.29 -14.12 8.15
CA SER B 137 19.66 -13.27 7.14
C SER B 137 18.14 -13.24 7.25
N GLU B 138 17.53 -12.35 6.46
CA GLU B 138 16.09 -12.18 6.36
C GLU B 138 15.47 -13.38 5.64
N VAL B 139 16.21 -13.87 4.64
CA VAL B 139 15.85 -15.07 3.89
C VAL B 139 17.09 -15.96 3.86
N ALA B 140 16.89 -17.23 4.25
CA ALA B 140 17.92 -18.27 4.15
C ALA B 140 17.31 -19.54 3.57
N VAL B 141 18.18 -20.30 2.88
CA VAL B 141 17.78 -21.56 2.28
C VAL B 141 18.71 -22.70 2.74
N ILE B 142 18.12 -23.80 3.23
CA ILE B 142 18.90 -24.98 3.54
C ILE B 142 18.52 -26.13 2.62
N GLY B 143 19.54 -26.79 2.05
CA GLY B 143 19.39 -28.05 1.35
C GLY B 143 19.79 -29.27 2.19
N PHE B 144 18.80 -30.12 2.49
CA PHE B 144 18.97 -31.36 3.24
C PHE B 144 19.18 -32.50 2.26
N PHE B 145 20.43 -32.98 2.13
CA PHE B 145 20.76 -34.05 1.19
C PHE B 145 21.68 -35.09 1.82
N LYS B 146 21.13 -36.31 2.05
CA LYS B 146 21.88 -37.45 2.56
C LYS B 146 23.22 -37.54 1.84
N ASP B 147 23.18 -37.59 0.51
CA ASP B 147 24.39 -37.66 -0.30
C ASP B 147 24.76 -36.25 -0.74
N VAL B 148 25.97 -35.80 -0.34
CA VAL B 148 26.48 -34.48 -0.70
C VAL B 148 26.90 -34.50 -2.16
N GLU B 149 27.28 -35.67 -2.68
CA GLU B 149 27.81 -35.82 -4.03
C GLU B 149 26.67 -36.08 -5.01
N SER B 150 25.48 -36.37 -4.46
CA SER B 150 24.24 -36.72 -5.15
C SER B 150 24.01 -35.87 -6.39
N ASP B 151 23.11 -36.34 -7.25
CA ASP B 151 22.71 -35.56 -8.41
C ASP B 151 21.85 -34.39 -7.96
N SER B 152 20.81 -34.69 -7.18
CA SER B 152 19.98 -33.71 -6.53
C SER B 152 20.82 -32.60 -5.91
N ALA B 153 21.84 -32.99 -5.15
CA ALA B 153 22.60 -32.08 -4.31
C ALA B 153 23.49 -31.18 -5.17
N LYS B 154 23.94 -31.68 -6.33
CA LYS B 154 24.75 -30.90 -7.24
C LYS B 154 23.89 -29.87 -7.97
N GLN B 155 22.60 -30.17 -8.12
CA GLN B 155 21.60 -29.25 -8.67
C GLN B 155 21.43 -28.04 -7.75
N PHE B 156 21.34 -28.34 -6.45
CA PHE B 156 21.08 -27.36 -5.41
C PHE B 156 22.30 -26.47 -5.21
N LEU B 157 23.51 -27.04 -5.35
CA LEU B 157 24.75 -26.27 -5.23
C LEU B 157 24.94 -25.33 -6.42
N GLN B 158 24.17 -25.53 -7.50
CA GLN B 158 24.26 -24.68 -8.68
C GLN B 158 23.35 -23.47 -8.50
N ALA B 159 22.16 -23.73 -7.93
CA ALA B 159 21.18 -22.71 -7.62
C ALA B 159 21.68 -21.78 -6.50
N ALA B 160 22.70 -22.21 -5.77
CA ALA B 160 23.23 -21.46 -4.64
C ALA B 160 24.45 -20.65 -5.07
N GLU B 161 24.94 -20.91 -6.28
CA GLU B 161 25.95 -20.04 -6.86
C GLU B 161 25.23 -18.91 -7.60
N ALA B 162 24.02 -19.19 -8.10
CA ALA B 162 23.30 -18.26 -8.96
C ALA B 162 22.71 -17.13 -8.11
N ILE B 163 21.94 -17.53 -7.09
CA ILE B 163 21.31 -16.58 -6.20
C ILE B 163 22.30 -16.25 -5.09
N ASP B 164 22.74 -15.00 -5.00
CA ASP B 164 23.86 -14.66 -4.13
C ASP B 164 23.46 -13.58 -3.13
N ASP B 165 22.18 -13.17 -3.15
CA ASP B 165 21.65 -12.21 -2.19
C ASP B 165 21.07 -12.93 -0.96
N ILE B 166 21.08 -14.28 -1.00
CA ILE B 166 20.60 -15.14 0.08
C ILE B 166 21.70 -16.11 0.44
N PRO B 167 21.94 -16.40 1.74
CA PRO B 167 22.87 -17.47 2.12
C PRO B 167 22.24 -18.87 2.03
N PHE B 168 23.03 -19.81 1.50
CA PHE B 168 22.62 -21.19 1.32
C PHE B 168 23.44 -22.11 2.22
N GLY B 169 22.77 -23.12 2.79
CA GLY B 169 23.42 -24.15 3.58
C GLY B 169 23.07 -25.56 3.11
N ILE B 170 24.03 -26.49 3.24
CA ILE B 170 23.84 -27.91 2.95
C ILE B 170 24.19 -28.76 4.18
N THR B 171 23.27 -29.67 4.53
CA THR B 171 23.38 -30.56 5.68
C THR B 171 23.05 -31.99 5.24
N SER B 172 23.92 -32.92 5.64
CA SER B 172 23.67 -34.35 5.45
C SER B 172 23.56 -35.04 6.81
N ASN B 173 23.39 -34.24 7.86
CA ASN B 173 23.26 -34.78 9.20
C ASN B 173 21.78 -35.02 9.52
N SER B 174 21.47 -36.23 10.00
CA SER B 174 20.10 -36.69 10.19
C SER B 174 19.44 -35.98 11.37
N ASP B 175 20.26 -35.43 12.27
CA ASP B 175 19.72 -34.78 13.45
C ASP B 175 19.18 -33.42 13.05
N VAL B 176 19.84 -32.81 12.05
CA VAL B 176 19.41 -31.56 11.45
C VAL B 176 18.11 -31.79 10.69
N PHE B 177 18.07 -32.84 9.85
CA PHE B 177 16.89 -33.18 9.08
C PHE B 177 15.65 -33.24 9.98
N SER B 178 15.79 -34.02 11.06
CA SER B 178 14.67 -34.31 11.94
C SER B 178 14.34 -33.07 12.76
N LYS B 179 15.32 -32.18 12.89
CA LYS B 179 15.18 -30.91 13.59
C LYS B 179 14.21 -30.02 12.84
N TYR B 180 14.23 -30.08 11.50
CA TYR B 180 13.33 -29.30 10.68
C TYR B 180 12.21 -30.15 10.09
N GLN B 181 12.08 -31.41 10.57
CA GLN B 181 11.00 -32.34 10.24
C GLN B 181 11.06 -32.80 8.78
N LEU B 182 12.25 -33.14 8.29
CA LEU B 182 12.32 -33.73 6.96
C LEU B 182 12.71 -35.19 7.07
N ASP B 183 11.82 -36.06 6.54
CA ASP B 183 12.04 -37.49 6.42
C ASP B 183 13.05 -37.74 5.28
N LYS B 184 12.60 -37.44 4.06
CA LYS B 184 13.38 -37.61 2.85
C LYS B 184 14.31 -36.41 2.69
N ASP B 185 15.09 -36.40 1.60
CA ASP B 185 15.79 -35.20 1.16
C ASP B 185 14.81 -34.09 0.80
N GLY B 186 15.35 -32.88 0.60
CA GLY B 186 14.53 -31.71 0.35
C GLY B 186 15.32 -30.40 0.42
N VAL B 187 14.58 -29.28 0.25
CA VAL B 187 15.12 -27.94 0.31
C VAL B 187 14.09 -27.05 1.00
N VAL B 188 14.53 -26.30 2.02
CA VAL B 188 13.63 -25.44 2.76
C VAL B 188 14.13 -23.99 2.71
N LEU B 189 13.18 -23.07 2.46
CA LEU B 189 13.43 -21.65 2.51
C LEU B 189 12.84 -21.09 3.81
N PHE B 190 13.70 -20.37 4.54
CA PHE B 190 13.29 -19.71 5.77
C PHE B 190 13.36 -18.20 5.56
N LYS B 191 12.42 -17.50 6.20
CA LYS B 191 12.34 -16.05 6.10
C LYS B 191 11.75 -15.46 7.39
N LYS B 192 12.08 -14.20 7.66
CA LYS B 192 11.67 -13.59 8.92
C LYS B 192 10.37 -12.80 8.81
N PHE B 193 9.51 -13.15 7.83
CA PHE B 193 8.23 -12.49 7.62
C PHE B 193 7.23 -13.52 7.10
N ASP B 194 5.93 -13.18 7.16
CA ASP B 194 4.84 -13.93 6.53
C ASP B 194 4.72 -15.33 7.14
N GLU B 195 4.87 -16.39 6.33
CA GLU B 195 4.71 -17.76 6.83
C GLU B 195 5.98 -18.26 7.50
N GLY B 196 7.14 -17.66 7.20
CA GLY B 196 8.37 -17.97 7.92
C GLY B 196 9.15 -19.11 7.24
N ARG B 197 8.39 -20.01 6.59
CA ARG B 197 8.95 -21.27 6.10
C ARG B 197 8.23 -21.68 4.82
N ASN B 198 9.00 -22.10 3.80
CA ASN B 198 8.42 -22.66 2.58
C ASN B 198 9.21 -23.89 2.19
N ASN B 199 8.46 -24.98 1.97
CA ASN B 199 9.04 -26.28 1.63
C ASN B 199 8.93 -26.50 0.13
N PHE B 200 10.07 -26.83 -0.51
CA PHE B 200 10.14 -27.10 -1.94
C PHE B 200 9.38 -28.39 -2.30
N GLU B 201 8.78 -28.40 -3.50
CA GLU B 201 8.00 -29.52 -3.99
C GLU B 201 8.38 -29.86 -5.42
N GLY B 202 8.41 -31.17 -5.72
CA GLY B 202 8.68 -31.65 -7.06
C GLY B 202 10.16 -31.95 -7.30
N GLU B 203 10.54 -31.96 -8.58
CA GLU B 203 11.84 -32.44 -9.01
C GLU B 203 12.92 -31.42 -8.65
N VAL B 204 14.06 -31.90 -8.14
CA VAL B 204 15.13 -31.05 -7.66
C VAL B 204 16.06 -30.68 -8.83
N THR B 205 15.61 -29.75 -9.66
CA THR B 205 16.39 -29.15 -10.73
C THR B 205 16.77 -27.73 -10.34
N LYS B 206 17.94 -27.27 -10.81
CA LYS B 206 18.38 -25.90 -10.63
C LYS B 206 17.24 -24.96 -11.02
N GLU B 207 16.60 -25.27 -12.15
CA GLU B 207 15.55 -24.43 -12.70
C GLU B 207 14.36 -24.38 -11.73
N ASN B 208 13.90 -25.53 -11.27
CA ASN B 208 12.74 -25.59 -10.39
C ASN B 208 13.04 -24.93 -9.05
N LEU B 209 14.34 -24.86 -8.69
CA LEU B 209 14.76 -24.24 -7.45
C LEU B 209 14.59 -22.73 -7.52
N LEU B 210 15.23 -22.10 -8.53
CA LEU B 210 15.16 -20.67 -8.77
C LEU B 210 13.72 -20.18 -8.84
N ASP B 211 12.83 -20.96 -9.46
CA ASP B 211 11.42 -20.63 -9.58
C ASP B 211 10.74 -20.58 -8.21
N PHE B 212 11.23 -21.44 -7.30
CA PHE B 212 10.68 -21.60 -5.96
C PHE B 212 11.22 -20.48 -5.05
N ILE B 213 12.55 -20.28 -5.10
CA ILE B 213 13.21 -19.28 -4.28
C ILE B 213 12.67 -17.90 -4.66
N LYS B 214 12.81 -17.54 -5.95
CA LYS B 214 12.42 -16.21 -6.41
C LYS B 214 10.96 -15.93 -6.06
N HIS B 215 10.12 -16.95 -6.12
CA HIS B 215 8.71 -16.74 -5.79
C HIS B 215 8.52 -16.51 -4.29
N ASN B 216 9.32 -17.19 -3.45
CA ASN B 216 9.00 -17.24 -2.03
C ASN B 216 9.85 -16.28 -1.21
N GLN B 217 10.88 -15.68 -1.85
CA GLN B 217 11.84 -14.79 -1.22
C GLN B 217 11.23 -13.40 -0.94
N LEU B 218 10.24 -12.98 -1.74
CA LEU B 218 9.74 -11.62 -1.68
C LEU B 218 8.72 -11.51 -0.56
N PRO B 219 8.69 -10.42 0.26
CA PRO B 219 7.66 -10.26 1.28
C PRO B 219 6.31 -9.96 0.63
N LEU B 220 5.23 -10.09 1.38
CA LEU B 220 3.93 -9.77 0.83
C LEU B 220 3.84 -8.25 0.61
N VAL B 221 4.22 -7.50 1.64
CA VAL B 221 4.11 -6.05 1.64
C VAL B 221 5.43 -5.45 2.14
N ILE B 222 5.82 -4.30 1.56
CA ILE B 222 7.07 -3.63 1.86
C ILE B 222 6.76 -2.19 2.26
N GLU B 223 7.36 -1.73 3.36
CA GLU B 223 7.19 -0.37 3.81
C GLU B 223 8.22 0.50 3.06
N PHE B 224 7.77 1.65 2.55
CA PHE B 224 8.65 2.50 1.76
C PHE B 224 9.49 3.37 2.69
N THR B 225 10.82 3.20 2.60
CA THR B 225 11.78 3.95 3.41
C THR B 225 13.03 4.15 2.56
N GLU B 226 13.95 5.00 3.04
CA GLU B 226 15.18 5.25 2.31
C GLU B 226 16.03 3.99 2.24
N GLN B 227 15.68 3.00 3.08
CA GLN B 227 16.41 1.74 3.18
C GLN B 227 15.83 0.72 2.21
N THR B 228 14.50 0.71 2.05
CA THR B 228 13.82 -0.24 1.19
C THR B 228 13.77 0.25 -0.26
N ALA B 229 13.89 1.56 -0.45
CA ALA B 229 13.82 2.19 -1.75
C ALA B 229 14.76 1.52 -2.76
N PRO B 230 16.09 1.40 -2.54
CA PRO B 230 16.97 0.71 -3.49
C PRO B 230 16.60 -0.75 -3.76
N LYS B 231 15.99 -1.43 -2.79
CA LYS B 231 15.59 -2.82 -3.01
C LYS B 231 14.39 -2.86 -3.95
N ILE B 232 13.44 -1.93 -3.74
CA ILE B 232 12.23 -1.82 -4.56
C ILE B 232 12.61 -1.54 -6.02
N PHE B 233 13.45 -0.53 -6.24
CA PHE B 233 13.80 -0.07 -7.58
C PHE B 233 14.94 -0.91 -8.17
N GLY B 234 15.45 -1.86 -7.40
CA GLY B 234 16.44 -2.82 -7.88
C GLY B 234 15.78 -4.10 -8.37
N GLY B 235 14.53 -4.33 -7.99
CA GLY B 235 13.78 -5.54 -8.31
C GLY B 235 13.41 -5.64 -9.79
N GLU B 236 12.58 -6.62 -10.13
CA GLU B 236 12.21 -6.81 -11.53
C GLU B 236 10.72 -6.51 -11.70
N ILE B 237 10.03 -6.28 -10.60
CA ILE B 237 8.62 -5.97 -10.70
C ILE B 237 8.45 -4.47 -11.00
N LYS B 238 7.82 -4.20 -12.16
CA LYS B 238 7.70 -2.82 -12.63
C LYS B 238 6.27 -2.33 -12.48
N THR B 239 5.45 -3.07 -11.72
CA THR B 239 4.11 -2.63 -11.41
C THR B 239 4.01 -2.55 -9.89
N HIS B 240 3.73 -1.37 -9.36
CA HIS B 240 3.61 -1.20 -7.92
C HIS B 240 2.22 -0.70 -7.59
N ILE B 241 1.65 -1.20 -6.49
CA ILE B 241 0.48 -0.58 -5.88
C ILE B 241 0.92 0.00 -4.53
N LEU B 242 0.55 1.27 -4.30
CA LEU B 242 0.98 2.00 -3.12
C LEU B 242 -0.25 2.22 -2.24
N LEU B 243 -0.12 1.81 -0.97
CA LEU B 243 -1.14 2.15 0.00
C LEU B 243 -0.59 3.32 0.81
N PHE B 244 -1.23 4.47 0.65
CA PHE B 244 -0.84 5.66 1.43
C PHE B 244 -1.57 5.55 2.75
N LEU B 245 -0.84 5.10 3.77
CA LEU B 245 -1.45 4.78 5.05
C LEU B 245 -0.80 5.60 6.14
N PRO B 246 -1.50 6.62 6.66
CA PRO B 246 -0.98 7.43 7.77
C PRO B 246 -0.92 6.61 9.06
N LYS B 247 0.21 6.72 9.78
CA LYS B 247 0.42 5.95 11.00
C LYS B 247 -0.58 6.37 12.09
N SER B 248 -1.17 7.55 11.95
CA SER B 248 -2.15 8.09 12.88
C SER B 248 -3.56 7.58 12.58
N VAL B 249 -3.81 7.03 11.40
CA VAL B 249 -5.17 6.70 11.01
C VAL B 249 -5.76 5.64 11.96
N SER B 250 -7.11 5.62 12.02
CA SER B 250 -7.89 4.72 12.85
C SER B 250 -7.96 3.34 12.23
N ASP B 251 -7.56 2.31 12.99
CA ASP B 251 -7.57 0.92 12.56
C ASP B 251 -6.46 0.67 11.53
N TYR B 252 -5.25 1.12 11.87
CA TYR B 252 -4.06 0.97 11.05
C TYR B 252 -3.87 -0.52 10.71
N ASP B 253 -3.82 -1.35 11.75
CA ASP B 253 -3.53 -2.78 11.64
C ASP B 253 -4.55 -3.46 10.72
N GLY B 254 -5.84 -3.11 10.90
CA GLY B 254 -6.93 -3.66 10.10
C GLY B 254 -6.77 -3.32 8.63
N LYS B 255 -6.46 -2.03 8.36
CA LYS B 255 -6.29 -1.50 7.02
C LYS B 255 -5.12 -2.16 6.30
N LEU B 256 -3.97 -2.30 6.99
CA LEU B 256 -2.79 -2.94 6.41
C LEU B 256 -3.05 -4.43 6.20
N SER B 257 -3.95 -4.97 7.02
CA SER B 257 -4.27 -6.39 7.02
C SER B 257 -4.90 -6.77 5.68
N ASN B 258 -5.92 -5.98 5.29
CA ASN B 258 -6.58 -6.15 4.00
C ASN B 258 -5.57 -6.02 2.85
N PHE B 259 -4.62 -5.08 2.99
CA PHE B 259 -3.59 -4.91 1.98
C PHE B 259 -2.74 -6.18 1.88
N LYS B 260 -2.32 -6.71 3.03
CA LYS B 260 -1.51 -7.91 3.07
C LYS B 260 -2.25 -9.07 2.39
N THR B 261 -3.58 -9.16 2.62
CA THR B 261 -4.40 -10.20 2.04
C THR B 261 -4.35 -10.14 0.50
N ALA B 262 -4.69 -8.97 -0.05
CA ALA B 262 -4.77 -8.79 -1.50
C ALA B 262 -3.44 -9.09 -2.17
N ALA B 263 -2.35 -8.83 -1.43
CA ALA B 263 -0.98 -9.03 -1.91
C ALA B 263 -0.72 -10.47 -2.36
N GLU B 264 -1.45 -11.43 -1.73
CA GLU B 264 -1.27 -12.87 -1.93
C GLU B 264 -1.62 -13.29 -3.35
N SER B 265 -2.72 -12.74 -3.88
CA SER B 265 -3.22 -13.14 -5.18
C SER B 265 -2.27 -12.71 -6.30
N PHE B 266 -1.33 -11.81 -6.00
CA PHE B 266 -0.52 -11.26 -7.09
C PHE B 266 0.97 -11.33 -6.76
N LYS B 267 1.44 -12.42 -6.15
CA LYS B 267 2.77 -12.48 -5.55
C LYS B 267 3.85 -12.05 -6.56
N GLY B 268 3.95 -12.73 -7.70
CA GLY B 268 5.06 -12.42 -8.58
C GLY B 268 4.79 -11.25 -9.53
N LYS B 269 3.61 -10.62 -9.44
CA LYS B 269 3.07 -9.83 -10.54
C LYS B 269 3.00 -8.32 -10.23
N ILE B 270 2.66 -7.97 -8.99
CA ILE B 270 2.51 -6.59 -8.55
C ILE B 270 3.13 -6.44 -7.16
N LEU B 271 4.04 -5.46 -7.02
CA LEU B 271 4.68 -5.14 -5.76
C LEU B 271 3.72 -4.33 -4.88
N PHE B 272 3.34 -4.89 -3.73
CA PHE B 272 2.48 -4.17 -2.79
C PHE B 272 3.33 -3.36 -1.80
N ILE B 273 3.18 -2.03 -1.85
CA ILE B 273 3.95 -1.11 -1.03
C ILE B 273 3.00 -0.25 -0.20
N PHE B 274 3.37 -0.04 1.07
CA PHE B 274 2.69 0.95 1.90
C PHE B 274 3.67 2.04 2.32
N ILE B 275 3.11 3.26 2.47
CA ILE B 275 3.89 4.45 2.74
C ILE B 275 3.12 5.35 3.72
N ASP B 276 3.86 5.86 4.69
CA ASP B 276 3.30 6.64 5.79
C ASP B 276 3.08 8.06 5.30
N SER B 277 1.81 8.36 5.05
CA SER B 277 1.43 9.61 4.41
C SER B 277 1.66 10.81 5.34
N ASP B 278 1.83 10.54 6.64
CA ASP B 278 2.02 11.59 7.63
C ASP B 278 3.49 12.01 7.71
N HIS B 279 4.39 11.14 7.23
CA HIS B 279 5.80 11.43 7.39
C HIS B 279 6.24 12.56 6.45
N THR B 280 7.10 13.42 7.01
CA THR B 280 7.62 14.60 6.33
C THR B 280 8.37 14.19 5.07
N ASP B 281 9.21 13.14 5.15
CA ASP B 281 10.00 12.65 4.03
C ASP B 281 9.14 12.25 2.84
N ASN B 282 7.87 11.86 3.07
CA ASN B 282 6.99 11.29 2.06
C ASN B 282 6.14 12.36 1.37
N GLN B 283 6.21 13.62 1.84
CA GLN B 283 5.34 14.67 1.34
C GLN B 283 5.55 14.87 -0.17
N ARG B 284 6.82 14.89 -0.59
CA ARG B 284 7.18 14.97 -2.00
C ARG B 284 6.51 13.84 -2.80
N ILE B 285 6.43 12.63 -2.23
CA ILE B 285 5.85 11.50 -2.95
C ILE B 285 4.34 11.70 -3.08
N LEU B 286 3.72 12.31 -2.06
CA LEU B 286 2.29 12.55 -2.13
C LEU B 286 2.00 13.53 -3.26
N GLU B 287 2.87 14.54 -3.43
CA GLU B 287 2.68 15.51 -4.48
C GLU B 287 2.77 14.83 -5.84
N PHE B 288 3.68 13.87 -5.97
CA PHE B 288 3.84 13.17 -7.24
C PHE B 288 2.56 12.47 -7.64
N PHE B 289 1.83 11.88 -6.69
CA PHE B 289 0.60 11.19 -7.03
C PHE B 289 -0.60 12.13 -6.90
N GLY B 290 -0.34 13.44 -6.84
CA GLY B 290 -1.35 14.46 -6.66
C GLY B 290 -2.32 14.15 -5.52
N LEU B 291 -1.78 13.76 -4.35
CA LEU B 291 -2.56 13.46 -3.17
C LEU B 291 -2.25 14.46 -2.05
N LYS B 292 -3.25 14.71 -1.20
CA LYS B 292 -3.06 15.51 0.00
C LYS B 292 -3.17 14.61 1.23
N LYS B 293 -2.52 14.99 2.32
CA LYS B 293 -2.53 14.25 3.58
C LYS B 293 -3.95 13.85 3.96
N GLU B 294 -4.92 14.68 3.56
CA GLU B 294 -6.30 14.57 4.01
C GLU B 294 -7.07 13.64 3.07
N GLU B 295 -6.47 13.26 1.94
CA GLU B 295 -7.14 12.37 1.00
C GLU B 295 -6.74 10.91 1.25
N CYS B 296 -5.91 10.70 2.28
CA CYS B 296 -5.45 9.36 2.63
C CYS B 296 -6.31 8.81 3.76
N PRO B 297 -6.47 7.48 3.92
CA PRO B 297 -5.75 6.49 3.11
C PRO B 297 -6.33 6.28 1.70
N ALA B 298 -5.46 5.90 0.76
CA ALA B 298 -5.83 5.69 -0.62
C ALA B 298 -4.83 4.75 -1.26
N VAL B 299 -5.21 4.14 -2.39
CA VAL B 299 -4.28 3.34 -3.18
C VAL B 299 -4.11 3.92 -4.57
N ARG B 300 -2.93 3.69 -5.12
CA ARG B 300 -2.60 4.09 -6.46
C ARG B 300 -1.73 2.98 -7.02
N LEU B 301 -1.98 2.66 -8.28
CA LEU B 301 -1.16 1.69 -8.96
C LEU B 301 -0.34 2.44 -10.00
N ILE B 302 0.93 2.07 -10.13
CA ILE B 302 1.76 2.72 -11.10
C ILE B 302 2.59 1.69 -11.86
N THR B 303 2.81 1.97 -13.15
CA THR B 303 3.67 1.14 -13.97
C THR B 303 4.90 1.97 -14.33
N LEU B 304 6.05 1.29 -14.39
CA LEU B 304 7.32 1.98 -14.52
C LEU B 304 8.03 1.50 -15.78
N GLU B 305 7.82 2.23 -16.88
CA GLU B 305 8.53 1.99 -18.15
C GLU B 305 9.12 3.31 -18.62
N GLU B 306 9.33 3.46 -19.93
CA GLU B 306 9.75 4.73 -20.53
C GLU B 306 8.95 5.89 -19.91
N GLU B 307 7.66 5.65 -19.62
CA GLU B 307 6.80 6.60 -18.96
C GLU B 307 6.26 5.93 -17.72
N MET B 308 6.04 6.74 -16.69
CA MET B 308 5.32 6.28 -15.51
C MET B 308 3.86 6.62 -15.70
N THR B 309 2.96 5.66 -15.46
CA THR B 309 1.55 5.83 -15.71
C THR B 309 0.80 5.43 -14.45
N LYS B 310 0.01 6.36 -13.91
CA LYS B 310 -0.66 6.15 -12.64
C LYS B 310 -2.09 5.66 -12.87
N TYR B 311 -2.62 4.85 -11.94
CA TYR B 311 -3.97 4.32 -12.01
C TYR B 311 -4.66 4.43 -10.64
N LYS B 312 -5.92 4.82 -10.64
CA LYS B 312 -6.72 5.04 -9.45
C LYS B 312 -7.81 3.95 -9.38
N PRO B 313 -8.18 3.42 -8.19
CA PRO B 313 -9.30 2.50 -8.08
C PRO B 313 -10.62 3.26 -8.27
N GLU B 314 -11.60 2.55 -8.85
CA GLU B 314 -12.94 3.06 -9.12
C GLU B 314 -13.68 3.26 -7.79
N SER B 315 -13.38 2.41 -6.81
CA SER B 315 -13.95 2.50 -5.48
C SER B 315 -12.96 3.16 -4.52
N GLU B 316 -13.50 3.71 -3.43
CA GLU B 316 -12.64 4.28 -2.39
C GLU B 316 -12.46 3.30 -1.22
N GLU B 317 -13.20 2.18 -1.22
CA GLU B 317 -13.12 1.22 -0.13
C GLU B 317 -11.80 0.44 -0.19
N LEU B 318 -11.23 0.15 0.99
CA LEU B 318 -9.92 -0.48 1.10
C LEU B 318 -10.00 -1.84 1.77
N THR B 319 -11.11 -2.56 1.58
CA THR B 319 -11.24 -3.94 1.96
C THR B 319 -10.44 -4.81 1.00
N ALA B 320 -9.93 -5.94 1.49
CA ALA B 320 -9.11 -6.84 0.70
C ALA B 320 -9.79 -7.16 -0.64
N GLU B 321 -11.12 -7.14 -0.70
CA GLU B 321 -11.83 -7.56 -1.91
C GLU B 321 -11.71 -6.50 -3.00
N ARG B 322 -12.09 -5.25 -2.66
CA ARG B 322 -12.04 -4.11 -3.57
C ARG B 322 -10.64 -3.98 -4.18
N ILE B 323 -9.60 -4.17 -3.36
CA ILE B 323 -8.22 -4.02 -3.78
C ILE B 323 -7.84 -5.10 -4.79
N THR B 324 -8.28 -6.35 -4.54
CA THR B 324 -7.98 -7.44 -5.45
C THR B 324 -8.73 -7.21 -6.76
N GLU B 325 -9.98 -6.75 -6.62
CA GLU B 325 -10.84 -6.45 -7.75
C GLU B 325 -10.18 -5.38 -8.61
N PHE B 326 -9.62 -4.35 -7.97
CA PHE B 326 -8.84 -3.29 -8.62
C PHE B 326 -7.70 -3.91 -9.43
N CYS B 327 -6.82 -4.68 -8.77
CA CYS B 327 -5.62 -5.19 -9.42
C CYS B 327 -5.96 -6.13 -10.56
N HIS B 328 -7.11 -6.79 -10.44
CA HIS B 328 -7.53 -7.79 -11.41
C HIS B 328 -7.97 -7.07 -12.68
N ARG B 329 -8.89 -6.12 -12.51
CA ARG B 329 -9.38 -5.28 -13.60
C ARG B 329 -8.23 -4.50 -14.24
N PHE B 330 -7.23 -4.07 -13.46
CA PHE B 330 -6.07 -3.42 -14.04
C PHE B 330 -5.35 -4.41 -14.97
N LEU B 331 -5.13 -5.63 -14.47
CA LEU B 331 -4.29 -6.57 -15.17
C LEU B 331 -4.94 -7.05 -16.46
N GLU B 332 -6.27 -6.90 -16.57
CA GLU B 332 -7.04 -7.34 -17.72
C GLU B 332 -7.03 -6.25 -18.81
N GLY B 333 -7.09 -4.99 -18.38
CA GLY B 333 -7.08 -3.89 -19.33
C GLY B 333 -8.29 -2.98 -19.14
N LYS B 334 -9.02 -3.18 -18.04
CA LYS B 334 -10.29 -2.48 -17.84
C LYS B 334 -10.12 -1.21 -17.03
N ILE B 335 -8.91 -0.84 -16.62
CA ILE B 335 -8.74 0.43 -15.90
C ILE B 335 -7.92 1.38 -16.77
N LYS B 336 -8.41 2.62 -16.88
CA LYS B 336 -7.77 3.60 -17.76
C LYS B 336 -6.79 4.45 -16.98
N PRO B 337 -5.69 4.96 -17.58
CA PRO B 337 -4.75 5.82 -16.86
C PRO B 337 -5.48 6.99 -16.18
N HIS B 338 -5.01 7.38 -15.00
CA HIS B 338 -5.63 8.42 -14.21
C HIS B 338 -5.18 9.80 -14.71
N LEU B 339 -6.14 10.66 -15.07
CA LEU B 339 -5.82 12.06 -15.37
C LEU B 339 -6.16 12.97 -14.19
N MET B 340 -5.31 13.97 -13.97
CA MET B 340 -5.57 15.02 -13.00
C MET B 340 -6.90 15.68 -13.36
N SER B 341 -7.80 15.76 -12.39
CA SER B 341 -9.10 16.36 -12.58
C SER B 341 -9.63 16.88 -11.26
N GLN B 342 -10.40 17.96 -11.26
CA GLN B 342 -11.08 18.33 -10.04
C GLN B 342 -12.33 17.49 -9.92
N GLU B 343 -12.98 17.57 -8.74
CA GLU B 343 -14.25 16.92 -8.48
C GLU B 343 -15.35 17.66 -9.22
N LEU B 344 -16.18 16.92 -9.96
CA LEU B 344 -17.29 17.53 -10.67
C LEU B 344 -18.29 18.09 -9.64
N PRO B 345 -18.54 19.42 -9.61
CA PRO B 345 -19.47 20.02 -8.66
C PRO B 345 -20.86 19.42 -8.86
N GLU B 346 -21.62 19.36 -7.76
CA GLU B 346 -22.93 18.73 -7.83
C GLU B 346 -23.80 19.51 -8.83
N ASP B 347 -23.62 20.83 -8.87
CA ASP B 347 -24.46 21.70 -9.68
C ASP B 347 -23.67 22.29 -10.85
N TRP B 348 -22.86 21.46 -11.51
CA TRP B 348 -21.98 21.92 -12.58
C TRP B 348 -22.77 22.44 -13.77
N ASP B 349 -24.03 21.99 -13.90
CA ASP B 349 -24.84 22.38 -15.04
C ASP B 349 -26.06 23.17 -14.58
N LYS B 350 -26.03 23.70 -13.36
CA LYS B 350 -27.16 24.48 -12.85
C LYS B 350 -27.21 25.87 -13.49
N GLN B 351 -26.05 26.46 -13.80
CA GLN B 351 -25.94 27.82 -14.30
C GLN B 351 -25.84 27.84 -15.84
N PRO B 352 -26.22 28.97 -16.49
CA PRO B 352 -26.08 29.09 -17.93
C PRO B 352 -24.70 28.66 -18.45
N VAL B 353 -23.61 29.10 -17.81
CA VAL B 353 -22.29 28.58 -18.16
C VAL B 353 -22.01 27.29 -17.39
N LYS B 354 -21.83 26.20 -18.13
CA LYS B 354 -21.55 24.88 -17.58
C LYS B 354 -20.11 24.82 -17.08
N VAL B 355 -19.93 24.18 -15.92
CA VAL B 355 -18.60 23.94 -15.39
C VAL B 355 -18.11 22.56 -15.84
N LEU B 356 -16.99 22.54 -16.56
CA LEU B 356 -16.38 21.28 -16.97
C LEU B 356 -15.09 21.05 -16.18
N VAL B 357 -14.88 19.79 -15.77
CA VAL B 357 -13.62 19.31 -15.20
C VAL B 357 -13.03 18.24 -16.12
N GLY B 358 -11.85 17.72 -15.75
CA GLY B 358 -11.15 16.74 -16.56
C GLY B 358 -11.97 15.47 -16.80
N LYS B 359 -12.67 14.99 -15.76
CA LYS B 359 -13.39 13.73 -15.87
C LYS B 359 -14.60 13.81 -16.81
N ASN B 360 -15.26 14.96 -17.00
CA ASN B 360 -16.45 14.99 -17.84
C ASN B 360 -16.26 15.83 -19.11
N PHE B 361 -15.02 16.28 -19.36
CA PHE B 361 -14.71 17.16 -20.48
C PHE B 361 -15.07 16.52 -21.82
N GLU B 362 -14.53 15.34 -22.11
CA GLU B 362 -14.74 14.75 -23.43
C GLU B 362 -16.21 14.38 -23.63
N ASP B 363 -16.86 13.96 -22.54
CA ASP B 363 -18.28 13.61 -22.58
C ASP B 363 -19.15 14.79 -23.03
N VAL B 364 -18.83 16.02 -22.58
CA VAL B 364 -19.63 17.18 -22.91
C VAL B 364 -19.18 17.80 -24.23
N ALA B 365 -17.89 18.13 -24.34
CA ALA B 365 -17.35 18.82 -25.49
C ALA B 365 -17.47 18.00 -26.78
N PHE B 366 -17.19 16.69 -26.74
CA PHE B 366 -17.26 15.93 -27.97
C PHE B 366 -18.63 15.26 -28.18
N ASP B 367 -19.66 15.72 -27.47
CA ASP B 367 -21.04 15.33 -27.74
C ASP B 367 -21.41 15.76 -29.15
N GLU B 368 -21.84 14.76 -29.92
CA GLU B 368 -22.13 14.78 -31.35
C GLU B 368 -23.28 15.73 -31.67
N LYS B 369 -24.25 15.86 -30.74
CA LYS B 369 -25.49 16.58 -30.94
C LYS B 369 -25.40 18.02 -30.43
N LYS B 370 -24.29 18.37 -29.76
CA LYS B 370 -24.16 19.70 -29.16
C LYS B 370 -22.99 20.51 -29.73
N ASN B 371 -23.25 21.81 -29.90
CA ASN B 371 -22.26 22.82 -30.28
C ASN B 371 -21.77 23.48 -29.00
N VAL B 372 -20.57 23.07 -28.56
CA VAL B 372 -20.04 23.47 -27.27
C VAL B 372 -18.92 24.48 -27.47
N PHE B 373 -19.05 25.61 -26.75
CA PHE B 373 -18.06 26.67 -26.76
C PHE B 373 -17.47 26.79 -25.35
N VAL B 374 -16.15 26.51 -25.24
CA VAL B 374 -15.49 26.41 -23.94
C VAL B 374 -14.44 27.50 -23.76
N GLU B 375 -14.50 28.16 -22.61
CA GLU B 375 -13.42 29.02 -22.13
C GLU B 375 -12.43 28.19 -21.28
N PHE B 376 -11.17 28.12 -21.70
CA PHE B 376 -10.13 27.50 -20.89
C PHE B 376 -9.32 28.59 -20.19
N TYR B 377 -9.30 28.61 -18.85
CA TYR B 377 -8.82 29.78 -18.10
C TYR B 377 -7.96 29.36 -16.93
N ALA B 378 -7.29 30.35 -16.35
CA ALA B 378 -6.54 30.26 -15.10
C ALA B 378 -7.24 31.18 -14.10
N PRO B 379 -7.47 30.75 -12.85
CA PRO B 379 -8.26 31.56 -11.92
C PRO B 379 -7.67 32.90 -11.48
N TRP B 380 -6.34 33.07 -11.56
CA TRP B 380 -5.71 34.31 -11.08
C TRP B 380 -5.47 35.35 -12.19
N CYS B 381 -5.67 34.95 -13.46
CA CYS B 381 -5.34 35.76 -14.63
C CYS B 381 -6.33 36.92 -14.83
N GLY B 382 -5.80 38.12 -15.05
CA GLY B 382 -6.62 39.31 -15.21
C GLY B 382 -7.40 39.31 -16.51
N HIS B 383 -6.82 38.73 -17.57
CA HIS B 383 -7.50 38.58 -18.85
C HIS B 383 -8.73 37.68 -18.71
N CYS B 384 -8.54 36.57 -17.98
CA CYS B 384 -9.64 35.66 -17.73
C CYS B 384 -10.68 36.34 -16.86
N LYS B 385 -10.26 37.13 -15.88
CA LYS B 385 -11.17 37.84 -14.98
C LYS B 385 -12.00 38.86 -15.77
N GLN B 386 -11.37 39.49 -16.77
CA GLN B 386 -12.03 40.49 -17.59
C GLN B 386 -13.07 39.86 -18.51
N LEU B 387 -12.82 38.62 -18.97
CA LEU B 387 -13.73 37.91 -19.84
C LEU B 387 -14.95 37.37 -19.07
N ALA B 388 -14.77 37.01 -17.80
CA ALA B 388 -15.79 36.35 -16.99
C ALA B 388 -17.19 36.99 -17.09
N PRO B 389 -17.38 38.31 -16.91
CA PRO B 389 -18.72 38.89 -17.01
C PRO B 389 -19.35 38.78 -18.39
N ILE B 390 -18.52 38.87 -19.44
CA ILE B 390 -18.98 38.77 -20.82
C ILE B 390 -19.39 37.33 -21.11
N TRP B 391 -18.59 36.38 -20.63
CA TRP B 391 -18.84 34.96 -20.85
C TRP B 391 -20.11 34.54 -20.13
N ASP B 392 -20.36 35.16 -18.97
CA ASP B 392 -21.57 34.95 -18.19
C ASP B 392 -22.79 35.41 -18.99
N LYS B 393 -22.67 36.58 -19.63
CA LYS B 393 -23.77 37.13 -20.40
C LYS B 393 -24.02 36.26 -21.62
N LEU B 394 -22.96 35.61 -22.16
CA LEU B 394 -23.08 34.77 -23.33
C LEU B 394 -23.85 33.49 -22.99
N GLY B 395 -23.59 32.93 -21.81
CA GLY B 395 -24.34 31.81 -21.28
C GLY B 395 -25.80 32.17 -21.12
N GLU B 396 -26.05 33.37 -20.56
CA GLU B 396 -27.37 33.92 -20.32
C GLU B 396 -28.16 34.02 -21.62
N THR B 397 -27.48 34.43 -22.69
CA THR B 397 -28.07 34.51 -24.02
C THR B 397 -28.50 33.14 -24.53
N TYR B 398 -27.75 32.06 -24.21
CA TYR B 398 -27.99 30.79 -24.88
C TYR B 398 -28.52 29.71 -23.94
N LYS B 399 -29.02 30.12 -22.76
CA LYS B 399 -29.33 29.19 -21.68
C LYS B 399 -30.45 28.22 -22.07
N ASP B 400 -31.29 28.60 -23.04
CA ASP B 400 -32.41 27.76 -23.42
C ASP B 400 -32.28 27.32 -24.87
N HIS B 401 -31.05 27.39 -25.40
CA HIS B 401 -30.83 27.06 -26.79
C HIS B 401 -31.04 25.56 -27.00
N GLU B 402 -31.35 25.17 -28.23
CA GLU B 402 -31.58 23.77 -28.55
C GLU B 402 -30.28 22.99 -28.67
N ASN B 403 -29.15 23.64 -29.03
CA ASN B 403 -27.94 22.87 -29.30
C ASN B 403 -26.64 23.54 -28.83
N ILE B 404 -26.65 24.86 -28.61
CA ILE B 404 -25.46 25.54 -28.16
C ILE B 404 -25.26 25.41 -26.64
N VAL B 405 -24.04 25.02 -26.22
CA VAL B 405 -23.68 24.93 -24.82
C VAL B 405 -22.49 25.86 -24.57
N ILE B 406 -22.63 26.73 -23.57
CA ILE B 406 -21.55 27.62 -23.17
C ILE B 406 -20.92 27.03 -21.90
N ALA B 407 -19.62 26.72 -21.96
CA ALA B 407 -18.93 26.13 -20.82
C ALA B 407 -17.57 26.79 -20.52
N LYS B 408 -16.99 26.35 -19.40
CA LYS B 408 -15.68 26.79 -18.97
C LYS B 408 -14.95 25.69 -18.19
N MET B 409 -13.62 25.76 -18.27
CA MET B 409 -12.79 24.83 -17.54
C MET B 409 -11.51 25.53 -17.07
N ASP B 410 -11.14 25.23 -15.81
CA ASP B 410 -9.91 25.64 -15.18
C ASP B 410 -8.78 24.73 -15.67
N SER B 411 -7.98 25.27 -16.58
CA SER B 411 -6.95 24.56 -17.30
C SER B 411 -5.76 24.24 -16.40
N THR B 412 -5.60 25.01 -15.32
CA THR B 412 -4.53 24.78 -14.36
C THR B 412 -4.88 23.67 -13.37
N ALA B 413 -6.16 23.29 -13.27
CA ALA B 413 -6.54 22.26 -12.31
C ALA B 413 -6.96 20.94 -12.97
N ASN B 414 -6.93 20.88 -14.32
CA ASN B 414 -7.47 19.75 -15.07
C ASN B 414 -6.56 19.48 -16.27
N GLU B 415 -6.33 18.19 -16.57
CA GLU B 415 -5.56 17.80 -17.74
C GLU B 415 -6.50 17.36 -18.84
N VAL B 416 -6.28 17.84 -20.06
CA VAL B 416 -7.03 17.28 -21.16
C VAL B 416 -6.06 16.88 -22.26
N GLU B 417 -6.11 15.63 -22.70
CA GLU B 417 -5.21 15.19 -23.75
C GLU B 417 -5.70 15.67 -25.12
N ALA B 418 -7.01 15.94 -25.25
CA ALA B 418 -7.63 16.15 -26.56
C ALA B 418 -7.38 17.55 -27.14
N VAL B 419 -7.14 18.57 -26.29
CA VAL B 419 -6.85 19.93 -26.73
C VAL B 419 -5.61 20.44 -26.02
N LYS B 420 -4.78 21.24 -26.72
CA LYS B 420 -3.62 21.86 -26.13
C LYS B 420 -3.93 23.34 -25.83
N VAL B 421 -3.72 23.78 -24.57
CA VAL B 421 -4.00 25.15 -24.14
C VAL B 421 -2.68 25.90 -23.94
N HIS B 422 -2.39 26.88 -24.81
CA HIS B 422 -1.12 27.59 -24.79
C HIS B 422 -1.19 28.96 -24.11
N SER B 423 -2.40 29.43 -23.80
CA SER B 423 -2.54 30.73 -23.17
C SER B 423 -3.91 30.87 -22.52
N PHE B 424 -4.04 31.88 -21.67
CA PHE B 424 -5.23 32.06 -20.85
C PHE B 424 -5.80 33.46 -21.09
N PRO B 425 -7.08 33.60 -21.49
CA PRO B 425 -7.95 32.48 -21.78
C PRO B 425 -7.87 31.99 -23.24
N THR B 426 -8.27 30.73 -23.43
CA THR B 426 -8.40 30.13 -24.74
C THR B 426 -9.87 29.75 -24.93
N LEU B 427 -10.42 30.18 -26.08
CA LEU B 427 -11.78 29.87 -26.45
C LEU B 427 -11.78 28.89 -27.62
N LYS B 428 -12.35 27.70 -27.40
CA LYS B 428 -12.39 26.72 -28.47
C LYS B 428 -13.83 26.27 -28.68
N PHE B 429 -14.19 26.13 -29.96
CA PHE B 429 -15.51 25.69 -30.35
C PHE B 429 -15.47 24.23 -30.81
N PHE B 430 -16.43 23.45 -30.32
CA PHE B 430 -16.55 22.03 -30.59
C PHE B 430 -17.93 21.73 -31.20
N PRO B 431 -18.05 21.79 -32.55
CA PRO B 431 -19.35 21.68 -33.22
C PRO B 431 -20.05 20.35 -33.00
N ALA B 432 -21.35 20.34 -33.34
CA ALA B 432 -22.16 19.14 -33.33
C ALA B 432 -21.77 18.28 -34.52
N SER B 433 -20.90 17.30 -34.29
CA SER B 433 -20.28 16.56 -35.38
C SER B 433 -19.92 15.17 -34.89
N ALA B 434 -19.75 14.23 -35.83
CA ALA B 434 -19.37 12.87 -35.50
C ALA B 434 -17.87 12.80 -35.21
N ASP B 435 -17.06 13.51 -36.00
CA ASP B 435 -15.63 13.65 -35.77
C ASP B 435 -15.39 14.71 -34.70
N ARG B 436 -14.24 14.62 -34.03
CA ARG B 436 -13.89 15.58 -32.99
C ARG B 436 -13.29 16.84 -33.61
N THR B 437 -14.13 17.66 -34.27
CA THR B 437 -13.68 18.90 -34.86
C THR B 437 -13.53 19.93 -33.76
N VAL B 438 -12.48 20.77 -33.90
CA VAL B 438 -12.20 21.85 -32.98
C VAL B 438 -11.90 23.11 -33.80
N ILE B 439 -12.61 24.20 -33.51
CA ILE B 439 -12.39 25.48 -34.16
C ILE B 439 -11.87 26.46 -33.11
N ASP B 440 -10.70 27.04 -33.40
CA ASP B 440 -10.10 28.06 -32.54
C ASP B 440 -10.81 29.39 -32.78
N TYR B 441 -11.20 30.09 -31.72
CA TYR B 441 -11.80 31.40 -31.90
C TYR B 441 -10.80 32.49 -31.58
N ASN B 442 -10.48 33.35 -32.57
CA ASN B 442 -9.50 34.42 -32.35
C ASN B 442 -10.10 35.79 -32.63
N GLY B 443 -11.44 35.91 -32.64
CA GLY B 443 -12.12 37.18 -32.86
C GLY B 443 -12.20 38.08 -31.62
N GLU B 444 -13.00 39.14 -31.70
CA GLU B 444 -13.23 40.06 -30.59
C GLU B 444 -13.83 39.30 -29.41
N ARG B 445 -13.31 39.58 -28.21
CA ARG B 445 -13.92 39.04 -27.00
C ARG B 445 -15.06 39.95 -26.54
N THR B 446 -16.16 39.91 -27.31
CA THR B 446 -17.36 40.70 -27.06
C THR B 446 -18.57 39.82 -27.34
N LEU B 447 -19.64 40.04 -26.58
CA LEU B 447 -20.90 39.32 -26.75
C LEU B 447 -21.32 39.31 -28.23
N ASP B 448 -21.07 40.43 -28.93
CA ASP B 448 -21.41 40.60 -30.33
C ASP B 448 -20.56 39.72 -31.23
N GLY B 449 -19.23 39.76 -31.02
CA GLY B 449 -18.31 38.88 -31.74
C GLY B 449 -18.67 37.41 -31.54
N PHE B 450 -19.01 37.05 -30.29
CA PHE B 450 -19.34 35.68 -29.95
C PHE B 450 -20.57 35.19 -30.71
N LYS B 451 -21.63 36.03 -30.74
CA LYS B 451 -22.91 35.69 -31.36
C LYS B 451 -22.74 35.48 -32.86
N LYS B 452 -21.95 36.34 -33.48
CA LYS B 452 -21.70 36.26 -34.91
C LYS B 452 -21.09 34.90 -35.23
N PHE B 453 -20.14 34.47 -34.38
CA PHE B 453 -19.38 33.24 -34.58
C PHE B 453 -20.27 32.03 -34.32
N LEU B 454 -21.00 32.06 -33.22
CA LEU B 454 -21.88 30.96 -32.87
C LEU B 454 -22.94 30.76 -33.96
N GLU B 455 -23.54 31.86 -34.46
CA GLU B 455 -24.67 31.78 -35.37
C GLU B 455 -24.21 31.32 -36.75
N SER B 456 -22.96 31.59 -37.12
CA SER B 456 -22.43 31.16 -38.41
C SER B 456 -21.91 29.73 -38.34
N GLY B 457 -22.10 29.07 -37.18
CA GLY B 457 -21.64 27.70 -36.95
C GLY B 457 -20.12 27.57 -36.95
N GLY B 458 -19.44 28.68 -36.63
CA GLY B 458 -18.01 28.67 -36.41
C GLY B 458 -17.22 29.21 -37.61
N GLN B 459 -17.89 29.96 -38.50
CA GLN B 459 -17.31 30.37 -39.76
C GLN B 459 -16.91 31.85 -39.75
N ASP B 460 -17.49 32.65 -38.84
CA ASP B 460 -17.30 34.10 -38.91
C ASP B 460 -16.73 34.65 -37.61
N GLY B 461 -15.43 34.43 -37.38
CA GLY B 461 -14.81 34.89 -36.15
C GLY B 461 -13.56 34.08 -35.81
N ALA B 462 -12.41 34.70 -36.07
CA ALA B 462 -11.06 34.25 -35.74
C ALA B 462 -10.09 35.29 -36.29
N GLY B 463 -8.78 35.08 -36.11
CA GLY B 463 -7.76 35.96 -36.65
C GLY B 463 -7.38 35.62 -38.09
N ASP B 464 -8.26 34.86 -38.78
CA ASP B 464 -8.03 34.36 -40.13
C ASP B 464 -8.59 35.31 -41.20
N ASP B 465 -9.31 36.37 -40.77
CA ASP B 465 -9.87 37.34 -41.69
C ASP B 465 -9.64 38.78 -41.20
N LYS C 10 39.91 -33.09 40.74
CA LYS C 10 39.57 -31.73 41.24
C LYS C 10 40.46 -31.41 42.44
N GLY C 11 41.75 -31.14 42.15
CA GLY C 11 42.76 -30.87 43.17
C GLY C 11 43.50 -29.55 42.92
N HIS C 12 42.78 -28.43 42.99
CA HIS C 12 43.32 -27.08 42.81
C HIS C 12 42.69 -26.11 43.80
N THR C 13 41.44 -26.37 44.21
CA THR C 13 40.73 -25.55 45.18
C THR C 13 41.28 -25.85 46.57
N THR C 14 41.05 -24.92 47.51
CA THR C 14 41.38 -25.10 48.93
C THR C 14 40.25 -24.55 49.79
N GLY C 15 40.11 -25.10 51.00
CA GLY C 15 39.04 -24.70 51.90
C GLY C 15 39.62 -24.17 53.21
N LEU C 16 39.31 -24.87 54.30
CA LEU C 16 39.81 -24.48 55.60
C LEU C 16 41.30 -24.76 55.66
N SER C 17 42.05 -23.88 56.31
CA SER C 17 43.41 -24.15 56.73
C SER C 17 43.53 -23.84 58.22
N LEU C 18 44.20 -24.72 58.96
CA LEU C 18 44.44 -24.49 60.38
C LEU C 18 45.95 -24.35 60.60
N ASN C 19 46.35 -23.77 61.74
CA ASN C 19 47.73 -23.72 62.18
C ASN C 19 48.09 -24.92 63.05
N ASN C 20 49.35 -25.37 62.95
CA ASN C 20 49.87 -26.47 63.77
C ASN C 20 49.76 -26.08 65.23
N ASP C 21 49.54 -27.07 66.10
CA ASP C 21 49.61 -26.89 67.55
C ASP C 21 48.64 -25.82 68.04
N ARG C 22 47.59 -25.53 67.26
CA ARG C 22 46.58 -24.60 67.73
C ARG C 22 45.21 -25.28 67.85
N LEU C 23 44.51 -24.97 68.93
CA LEU C 23 43.16 -25.43 69.20
C LEU C 23 42.17 -24.29 68.92
N TYR C 24 41.20 -24.51 68.02
CA TYR C 24 40.19 -23.51 67.69
C TYR C 24 38.98 -23.63 68.59
N LYS C 25 38.53 -22.50 69.15
CA LYS C 25 37.43 -22.49 70.09
C LYS C 25 36.28 -21.81 69.39
N LEU C 26 35.21 -22.59 69.09
CA LEU C 26 34.06 -22.11 68.33
C LEU C 26 32.80 -22.30 69.16
N THR C 27 31.77 -21.55 68.81
CA THR C 27 30.43 -21.83 69.32
C THR C 27 29.58 -22.38 68.18
N TYR C 28 28.63 -23.24 68.54
CA TYR C 28 27.78 -23.91 67.57
C TYR C 28 26.34 -23.90 68.02
N SER C 29 25.50 -23.46 67.11
CA SER C 29 24.08 -23.42 67.32
C SER C 29 23.34 -23.95 66.10
N THR C 30 22.27 -24.70 66.36
CA THR C 30 21.32 -25.12 65.32
C THR C 30 19.89 -25.04 65.83
N GLU C 31 18.99 -24.45 65.04
CA GLU C 31 17.57 -24.44 65.41
C GLU C 31 16.66 -24.72 64.22
N VAL C 32 15.48 -25.25 64.54
CA VAL C 32 14.46 -25.54 63.55
C VAL C 32 13.09 -24.95 63.96
N LEU C 33 12.40 -24.35 62.98
CA LEU C 33 11.08 -23.76 63.13
C LEU C 33 10.08 -24.38 62.14
N LEU C 34 8.91 -24.80 62.66
CA LEU C 34 7.78 -25.26 61.86
C LEU C 34 6.68 -24.18 61.88
N ASP C 35 6.21 -23.77 60.69
CA ASP C 35 5.25 -22.68 60.62
C ASP C 35 4.14 -22.98 59.61
N ARG C 36 2.96 -22.40 59.87
CA ARG C 36 1.81 -22.47 58.97
C ARG C 36 2.09 -21.73 57.66
N GLY C 37 3.18 -20.95 57.65
CA GLY C 37 3.82 -20.44 56.45
C GLY C 37 3.06 -19.33 55.73
N LYS C 38 2.55 -18.34 56.49
CA LYS C 38 1.89 -17.19 55.89
C LYS C 38 2.89 -16.37 55.08
N GLY C 39 4.18 -16.53 55.41
CA GLY C 39 5.27 -15.73 54.87
C GLY C 39 6.06 -15.06 55.99
N LYS C 40 5.33 -14.67 57.05
CA LYS C 40 5.89 -14.08 58.26
C LYS C 40 5.64 -15.03 59.44
N LEU C 41 6.74 -15.55 60.02
CA LEU C 41 6.71 -16.61 61.01
C LEU C 41 6.25 -16.06 62.37
N GLN C 42 5.19 -16.67 62.93
CA GLN C 42 4.47 -16.11 64.07
C GLN C 42 4.75 -16.91 65.34
N ASP C 43 3.79 -17.78 65.69
CA ASP C 43 3.87 -18.58 66.90
C ASP C 43 4.09 -20.04 66.50
N SER C 44 5.36 -20.37 66.38
CA SER C 44 5.78 -21.63 65.82
C SER C 44 6.31 -22.54 66.92
N VAL C 45 6.74 -23.72 66.49
CA VAL C 45 7.24 -24.76 67.35
C VAL C 45 8.60 -25.19 66.81
N GLY C 46 9.38 -25.81 67.69
CA GLY C 46 10.72 -26.27 67.35
C GLY C 46 11.63 -26.27 68.58
N TYR C 47 12.93 -26.26 68.33
CA TYR C 47 13.93 -26.36 69.37
C TYR C 47 15.29 -25.96 68.82
N ARG C 48 16.18 -25.58 69.74
CA ARG C 48 17.54 -25.14 69.50
C ARG C 48 18.50 -26.08 70.21
N ILE C 49 19.55 -26.51 69.48
CA ILE C 49 20.64 -27.30 70.05
C ILE C 49 21.91 -26.46 69.98
N SER C 50 22.51 -26.18 71.16
CA SER C 50 23.73 -25.37 71.19
C SER C 50 24.89 -26.07 71.92
N SER C 51 26.11 -25.69 71.57
CA SER C 51 27.28 -26.31 72.15
C SER C 51 28.52 -25.45 71.92
N ASN C 52 29.61 -25.80 72.60
CA ASN C 52 30.93 -25.30 72.31
C ASN C 52 31.56 -26.30 71.35
N VAL C 53 32.55 -25.84 70.57
CA VAL C 53 33.24 -26.72 69.64
C VAL C 53 34.74 -26.45 69.63
N ASP C 54 35.52 -27.50 69.93
CA ASP C 54 36.96 -27.51 69.79
C ASP C 54 37.35 -28.18 68.48
N VAL C 55 38.30 -27.56 67.77
CA VAL C 55 38.84 -28.12 66.55
C VAL C 55 40.36 -28.06 66.63
N ALA C 56 40.99 -29.22 66.37
CA ALA C 56 42.44 -29.35 66.40
C ALA C 56 42.91 -30.11 65.17
N LEU C 57 44.01 -29.64 64.58
CA LEU C 57 44.68 -30.36 63.52
C LEU C 57 45.57 -31.45 64.13
N LEU C 58 45.36 -32.70 63.72
CA LEU C 58 46.08 -33.84 64.28
C LEU C 58 47.26 -34.24 63.39
N TRP C 59 47.11 -34.02 62.07
CA TRP C 59 48.02 -34.59 61.11
C TRP C 59 47.89 -33.82 59.80
N ARG C 60 48.98 -33.85 59.05
CA ARG C 60 49.12 -33.16 57.78
C ARG C 60 50.01 -34.07 56.94
N ASN C 61 49.71 -34.16 55.64
CA ASN C 61 50.44 -35.10 54.82
C ASN C 61 51.86 -34.59 54.65
N PRO C 62 52.88 -35.43 54.94
CA PRO C 62 54.28 -35.05 54.77
C PRO C 62 54.69 -34.75 53.33
N ASP C 63 53.84 -35.11 52.35
CA ASP C 63 54.12 -34.83 50.95
C ASP C 63 53.88 -33.36 50.59
N GLY C 64 53.33 -32.58 51.53
CA GLY C 64 53.17 -31.14 51.39
C GLY C 64 51.86 -30.74 50.69
N ASP C 65 51.09 -31.75 50.23
CA ASP C 65 49.81 -31.53 49.57
C ASP C 65 48.78 -31.06 50.61
N ASP C 66 47.79 -30.29 50.18
CA ASP C 66 46.67 -29.85 51.00
C ASP C 66 45.85 -31.06 51.47
N ASP C 67 46.35 -31.73 52.50
CA ASP C 67 45.82 -32.99 52.99
C ASP C 67 45.95 -32.98 54.51
N GLN C 68 44.82 -32.88 55.21
CA GLN C 68 44.84 -32.68 56.65
C GLN C 68 43.80 -33.56 57.31
N LEU C 69 44.03 -33.83 58.60
CA LEU C 69 43.11 -34.60 59.43
C LEU C 69 42.78 -33.77 60.66
N ILE C 70 41.51 -33.40 60.80
CA ILE C 70 41.13 -32.55 61.92
C ILE C 70 40.27 -33.32 62.92
N GLN C 71 40.26 -32.84 64.16
CA GLN C 71 39.47 -33.42 65.22
C GLN C 71 38.43 -32.39 65.70
N ILE C 72 37.17 -32.82 65.80
CA ILE C 72 36.06 -31.93 66.09
C ILE C 72 35.32 -32.49 67.30
N THR C 73 35.08 -31.63 68.30
CA THR C 73 34.45 -32.08 69.52
C THR C 73 33.38 -31.09 69.91
N MET C 74 32.20 -31.61 70.20
CA MET C 74 31.17 -30.79 70.80
C MET C 74 31.24 -30.99 72.32
N LYS C 75 31.10 -29.89 73.07
CA LYS C 75 31.04 -29.89 74.52
C LYS C 75 29.91 -28.98 74.97
N ASP C 76 29.40 -29.22 76.17
CA ASP C 76 28.44 -28.32 76.81
C ASP C 76 27.16 -28.25 75.97
N VAL C 77 26.70 -29.41 75.49
CA VAL C 77 25.53 -29.46 74.63
C VAL C 77 24.29 -29.19 75.47
N ASN C 78 23.42 -28.31 74.97
CA ASN C 78 22.17 -28.03 75.63
C ASN C 78 21.04 -27.96 74.59
N VAL C 79 19.81 -28.23 75.02
CA VAL C 79 18.65 -28.17 74.14
C VAL C 79 17.62 -27.21 74.73
N GLU C 80 17.17 -26.21 73.95
CA GLU C 80 16.28 -25.16 74.43
C GLU C 80 15.11 -24.91 73.48
N ASN C 81 14.10 -24.20 74.00
CA ASN C 81 12.94 -23.70 73.28
C ASN C 81 13.38 -22.70 72.23
N VAL C 82 12.63 -22.64 71.10
CA VAL C 82 12.79 -21.55 70.15
C VAL C 82 11.78 -20.45 70.47
N ASN C 83 10.62 -20.87 70.97
CA ASN C 83 9.53 -19.99 71.38
C ASN C 83 9.83 -19.41 72.75
N GLN C 84 9.71 -18.08 72.87
CA GLN C 84 10.10 -17.36 74.07
C GLN C 84 8.99 -17.34 75.13
N GLN C 85 7.77 -17.71 74.78
CA GLN C 85 6.61 -17.59 75.65
C GLN C 85 6.13 -18.95 76.21
N ARG C 86 6.95 -20.00 76.09
CA ARG C 86 6.56 -21.33 76.58
C ARG C 86 6.35 -21.35 78.10
N GLY C 87 7.14 -20.54 78.82
CA GLY C 87 7.02 -20.43 80.27
C GLY C 87 6.94 -21.78 80.97
N GLU C 88 5.88 -21.96 81.76
CA GLU C 88 5.66 -23.14 82.58
C GLU C 88 5.22 -24.31 81.71
N LYS C 89 4.99 -24.09 80.42
CA LYS C 89 4.61 -25.18 79.55
C LYS C 89 5.85 -25.76 78.84
N SER C 90 7.02 -25.21 79.12
CA SER C 90 8.25 -25.67 78.50
C SER C 90 8.51 -27.15 78.83
N ILE C 91 8.84 -27.94 77.80
CA ILE C 91 9.12 -29.36 77.95
C ILE C 91 10.47 -29.57 78.65
N PHE C 92 11.35 -28.56 78.66
CA PHE C 92 12.70 -28.67 79.21
C PHE C 92 12.81 -28.28 80.69
N LYS C 93 11.71 -27.89 81.34
CA LYS C 93 11.72 -27.29 82.67
C LYS C 93 12.33 -28.23 83.71
N GLY C 94 13.44 -27.80 84.31
CA GLY C 94 14.10 -28.55 85.37
C GLY C 94 14.81 -29.84 84.92
N LYS C 95 15.09 -30.00 83.63
CA LYS C 95 15.71 -31.22 83.11
C LYS C 95 17.13 -30.91 82.60
N SER C 96 18.08 -31.77 82.98
CA SER C 96 19.47 -31.61 82.61
C SER C 96 19.64 -32.06 81.15
N PRO C 97 20.70 -31.62 80.43
CA PRO C 97 20.98 -32.14 79.10
C PRO C 97 20.94 -33.68 79.06
N SER C 98 21.48 -34.31 80.10
CA SER C 98 21.46 -35.75 80.23
C SER C 98 20.03 -36.27 80.30
N LYS C 99 19.16 -35.63 81.10
CA LYS C 99 17.79 -36.10 81.23
C LYS C 99 17.00 -35.87 79.94
N ILE C 100 17.37 -34.85 79.14
CA ILE C 100 16.68 -34.53 77.91
C ILE C 100 17.07 -35.56 76.85
N MET C 101 18.37 -35.82 76.69
CA MET C 101 18.73 -36.67 75.57
C MET C 101 19.01 -38.12 75.96
N GLY C 102 19.29 -38.38 77.24
CA GLY C 102 19.77 -39.68 77.68
C GLY C 102 21.28 -39.67 77.91
N LYS C 103 21.74 -40.32 79.01
CA LYS C 103 23.14 -40.39 79.38
C LYS C 103 23.99 -40.86 78.19
N GLU C 104 23.62 -41.99 77.59
CA GLU C 104 24.43 -42.60 76.53
C GLU C 104 24.46 -41.72 75.27
N ASN C 105 23.34 -41.08 74.92
CA ASN C 105 23.26 -40.15 73.81
C ASN C 105 24.18 -38.92 74.00
N LEU C 106 24.11 -38.29 75.19
CA LEU C 106 24.89 -37.10 75.48
C LEU C 106 26.38 -37.42 75.39
N GLU C 107 26.78 -38.57 75.93
CA GLU C 107 28.16 -39.02 75.85
C GLU C 107 28.57 -39.17 74.38
N ALA C 108 27.68 -39.76 73.58
CA ALA C 108 27.95 -40.02 72.18
C ALA C 108 28.15 -38.70 71.42
N LEU C 109 27.27 -37.72 71.72
CA LEU C 109 27.27 -36.44 71.07
C LEU C 109 28.58 -35.71 71.40
N GLN C 110 29.10 -35.91 72.62
CA GLN C 110 30.27 -35.18 73.10
C GLN C 110 31.58 -35.94 72.84
N ARG C 111 31.50 -37.13 72.24
CA ARG C 111 32.70 -37.87 71.86
C ARG C 111 33.29 -37.22 70.61
N PRO C 112 34.63 -37.15 70.42
CA PRO C 112 35.18 -36.47 69.24
C PRO C 112 34.97 -37.25 67.92
N THR C 113 35.38 -36.59 66.83
CA THR C 113 35.08 -36.94 65.47
C THR C 113 36.28 -36.52 64.63
N LEU C 114 36.61 -37.33 63.63
CA LEU C 114 37.77 -36.99 62.82
C LEU C 114 37.30 -36.72 61.41
N LEU C 115 37.93 -35.73 60.76
CA LEU C 115 37.56 -35.45 59.40
C LEU C 115 38.82 -35.32 58.59
N HIS C 116 38.96 -36.21 57.59
CA HIS C 116 40.11 -36.18 56.68
C HIS C 116 39.74 -35.38 55.42
N LEU C 117 40.39 -34.23 55.24
CA LEU C 117 40.08 -33.27 54.19
C LEU C 117 41.21 -33.22 53.18
N ILE C 118 40.85 -33.32 51.90
CA ILE C 118 41.84 -33.16 50.84
C ILE C 118 41.35 -32.08 49.88
N HIS C 119 42.19 -31.05 49.69
CA HIS C 119 41.84 -29.86 48.94
C HIS C 119 40.56 -29.20 49.49
N GLY C 120 40.39 -29.31 50.81
CA GLY C 120 39.28 -28.70 51.50
C GLY C 120 37.97 -29.48 51.37
N LYS C 121 38.01 -30.67 50.73
CA LYS C 121 36.82 -31.50 50.58
C LYS C 121 36.97 -32.79 51.38
N VAL C 122 35.83 -33.34 51.77
CA VAL C 122 35.78 -34.48 52.67
C VAL C 122 36.27 -35.70 51.91
N LYS C 123 37.30 -36.34 52.43
CA LYS C 123 37.76 -37.59 51.86
C LYS C 123 37.24 -38.75 52.71
N GLU C 124 37.19 -38.59 54.03
CA GLU C 124 36.64 -39.62 54.91
C GLU C 124 36.25 -38.98 56.24
N PHE C 125 35.21 -39.55 56.87
CA PHE C 125 34.73 -39.15 58.18
C PHE C 125 34.90 -40.32 59.14
N TYR C 126 35.37 -40.04 60.38
CA TYR C 126 35.62 -41.11 61.36
C TYR C 126 34.86 -40.88 62.66
N SER C 127 34.25 -41.97 63.16
CA SER C 127 33.51 -41.93 64.40
C SER C 127 33.42 -43.33 65.02
N TYR C 128 32.77 -43.42 66.18
CA TYR C 128 32.59 -44.66 66.91
C TYR C 128 31.35 -45.35 66.37
N GLN C 129 31.50 -46.64 66.07
CA GLN C 129 30.50 -47.40 65.35
C GLN C 129 29.20 -47.53 66.14
N ASN C 130 29.28 -47.80 67.45
CA ASN C 130 28.06 -48.13 68.16
C ASN C 130 27.40 -46.89 68.79
N GLU C 131 26.81 -46.00 67.97
CA GLU C 131 26.16 -44.80 68.46
C GLU C 131 24.80 -44.64 67.77
N ALA C 132 23.85 -43.99 68.44
CA ALA C 132 22.54 -43.81 67.83
C ALA C 132 22.64 -42.99 66.53
N VAL C 133 21.83 -43.36 65.53
CA VAL C 133 21.82 -42.78 64.21
C VAL C 133 21.51 -41.28 64.28
N ALA C 134 20.49 -40.92 65.07
CA ALA C 134 20.09 -39.53 65.19
C ALA C 134 21.27 -38.67 65.63
N ILE C 135 22.10 -39.21 66.54
CA ILE C 135 23.23 -38.52 67.14
C ILE C 135 24.40 -38.45 66.16
N GLU C 136 24.62 -39.53 65.41
CA GLU C 136 25.67 -39.51 64.42
C GLU C 136 25.33 -38.48 63.34
N ASN C 137 24.03 -38.31 63.07
CA ASN C 137 23.54 -37.33 62.11
C ASN C 137 23.86 -35.89 62.56
N ILE C 138 23.61 -35.57 63.84
CA ILE C 138 23.96 -34.25 64.35
C ILE C 138 25.47 -34.02 64.17
N LYS C 139 26.28 -35.04 64.46
CA LYS C 139 27.73 -34.90 64.32
C LYS C 139 28.12 -34.71 62.87
N ARG C 140 27.47 -35.46 61.97
CA ARG C 140 27.72 -35.36 60.55
C ARG C 140 27.35 -33.96 60.04
N GLY C 141 26.27 -33.41 60.65
CA GLY C 141 25.77 -32.09 60.28
C GLY C 141 26.84 -31.04 60.53
N LEU C 142 27.38 -31.06 61.76
CA LEU C 142 28.40 -30.12 62.16
C LEU C 142 29.67 -30.30 61.29
N ALA C 143 30.11 -31.55 61.09
CA ALA C 143 31.31 -31.81 60.32
C ALA C 143 31.20 -31.31 58.88
N SER C 144 29.98 -31.37 58.32
CA SER C 144 29.76 -31.00 56.93
C SER C 144 30.08 -29.51 56.65
N LEU C 145 30.00 -28.64 57.67
CA LEU C 145 30.23 -27.21 57.53
C LEU C 145 31.70 -26.92 57.21
N PHE C 146 32.62 -27.80 57.63
CA PHE C 146 34.04 -27.60 57.43
C PHE C 146 34.47 -27.86 56.00
N GLN C 147 33.55 -28.39 55.18
CA GLN C 147 33.83 -28.62 53.77
C GLN C 147 33.44 -27.36 52.99
N THR C 148 34.41 -26.81 52.24
CA THR C 148 34.20 -25.56 51.53
C THR C 148 35.32 -25.29 50.52
N GLN C 149 35.23 -24.12 49.91
CA GLN C 149 36.03 -23.67 48.79
C GLN C 149 36.11 -22.14 48.88
N LEU C 150 37.31 -21.56 48.72
CA LEU C 150 37.46 -20.11 48.84
C LEU C 150 37.24 -19.36 47.53
N SER C 151 37.12 -20.08 46.40
CA SER C 151 36.97 -19.49 45.08
C SER C 151 35.63 -19.91 44.44
N SER C 152 35.24 -19.22 43.36
CA SER C 152 33.94 -19.41 42.71
C SER C 152 33.98 -20.60 41.75
N GLY C 153 32.84 -21.27 41.60
CA GLY C 153 32.69 -22.39 40.69
C GLY C 153 31.59 -23.33 41.13
N THR C 154 31.35 -24.33 40.29
CA THR C 154 30.30 -25.31 40.52
C THR C 154 30.95 -26.68 40.60
N THR C 155 30.43 -27.57 41.45
CA THR C 155 31.02 -28.88 41.63
C THR C 155 30.05 -29.84 42.32
N ASN C 156 30.46 -31.10 42.45
CA ASN C 156 29.68 -32.11 43.12
C ASN C 156 30.36 -32.49 44.43
N GLU C 157 29.61 -32.47 45.53
CA GLU C 157 30.18 -32.72 46.85
C GLU C 157 29.32 -33.74 47.60
N VAL C 158 29.97 -34.53 48.46
CA VAL C 158 29.23 -35.40 49.35
C VAL C 158 29.24 -34.78 50.74
N ASP C 159 28.08 -34.71 51.40
CA ASP C 159 28.00 -34.33 52.80
C ASP C 159 26.73 -34.93 53.40
N ILE C 160 26.31 -34.42 54.56
CA ILE C 160 25.14 -34.94 55.26
C ILE C 160 23.97 -35.12 54.28
N SER C 161 23.88 -34.22 53.29
CA SER C 161 22.73 -34.11 52.40
C SER C 161 22.82 -35.09 51.23
N GLY C 162 23.85 -35.93 51.22
CA GLY C 162 24.16 -36.83 50.12
C GLY C 162 25.13 -36.20 49.10
N ASN C 163 25.02 -36.66 47.85
CA ASN C 163 25.82 -36.19 46.73
C ASN C 163 25.00 -35.14 45.99
N CYS C 164 25.44 -33.86 46.04
CA CYS C 164 24.68 -32.74 45.52
C CYS C 164 25.57 -31.88 44.66
N LYS C 165 24.94 -31.19 43.73
CA LYS C 165 25.59 -30.19 42.92
C LYS C 165 25.56 -28.90 43.74
N VAL C 166 26.73 -28.24 43.81
CA VAL C 166 26.95 -27.11 44.69
C VAL C 166 27.62 -25.98 43.90
N THR C 167 27.20 -24.73 44.19
CA THR C 167 27.72 -23.54 43.52
C THR C 167 28.31 -22.61 44.57
N TYR C 168 29.55 -22.13 44.30
CA TYR C 168 30.25 -21.22 45.19
C TYR C 168 30.38 -19.83 44.56
N GLN C 169 29.96 -18.80 45.30
CA GLN C 169 30.18 -17.42 44.89
C GLN C 169 31.17 -16.76 45.84
N ALA C 170 32.42 -16.63 45.39
CA ALA C 170 33.47 -15.98 46.16
C ALA C 170 33.32 -14.47 46.03
N HIS C 171 33.08 -13.79 47.15
CA HIS C 171 33.03 -12.33 47.22
C HIS C 171 34.21 -11.83 48.07
N GLN C 172 34.13 -10.58 48.54
CA GLN C 172 35.25 -9.96 49.24
C GLN C 172 35.37 -10.51 50.66
N ASP C 173 34.28 -10.36 51.42
CA ASP C 173 34.28 -10.75 52.82
C ASP C 173 33.43 -11.99 53.06
N LYS C 174 33.13 -12.75 52.00
CA LYS C 174 32.32 -13.94 52.15
C LYS C 174 32.40 -14.85 50.93
N VAL C 175 32.18 -16.14 51.16
CA VAL C 175 31.88 -17.10 50.11
C VAL C 175 30.48 -17.64 50.36
N ILE C 176 29.71 -17.78 49.28
CA ILE C 176 28.35 -18.31 49.36
C ILE C 176 28.29 -19.70 48.71
N LYS C 177 27.87 -20.69 49.53
CA LYS C 177 27.69 -22.07 49.14
C LYS C 177 26.19 -22.32 48.96
N ILE C 178 25.76 -22.45 47.70
CA ILE C 178 24.38 -22.74 47.37
C ILE C 178 24.30 -24.20 46.95
N LYS C 179 23.45 -24.94 47.65
CA LYS C 179 23.26 -26.36 47.40
C LYS C 179 21.97 -26.56 46.62
N ALA C 180 22.05 -27.35 45.53
CA ALA C 180 20.92 -27.68 44.67
C ALA C 180 20.18 -28.89 45.22
N LEU C 181 19.20 -28.65 46.10
CA LEU C 181 18.62 -29.72 46.88
C LEU C 181 17.92 -30.78 46.03
N ASP C 182 17.52 -30.41 44.81
CA ASP C 182 16.79 -31.30 43.92
C ASP C 182 17.72 -32.34 43.33
N SER C 183 19.04 -32.07 43.36
CA SER C 183 20.04 -32.88 42.68
C SER C 183 20.65 -33.92 43.63
N CYS C 184 20.32 -33.82 44.91
CA CYS C 184 20.99 -34.65 45.92
C CYS C 184 20.63 -36.11 45.68
N LYS C 185 21.68 -36.94 45.63
CA LYS C 185 21.53 -38.38 45.58
C LYS C 185 21.57 -38.90 47.01
N ILE C 186 20.41 -39.32 47.48
CA ILE C 186 20.27 -40.00 48.76
C ILE C 186 18.96 -40.80 48.72
N ALA C 187 18.94 -41.93 49.42
CA ALA C 187 17.79 -42.81 49.42
C ALA C 187 16.77 -42.28 50.43
N ARG C 188 15.72 -41.63 49.94
CA ARG C 188 14.66 -41.12 50.81
C ARG C 188 13.29 -41.43 50.20
N SER C 189 12.37 -42.00 50.97
CA SER C 189 11.04 -42.29 50.43
C SER C 189 10.30 -40.99 50.12
N GLY C 190 9.43 -41.04 49.12
CA GLY C 190 8.52 -39.94 48.90
C GLY C 190 7.96 -39.94 47.48
N PHE C 191 6.92 -39.13 47.29
CA PHE C 191 6.22 -39.12 46.03
C PHE C 191 5.34 -37.89 45.96
N THR C 192 4.94 -37.54 44.73
CA THR C 192 4.09 -36.40 44.47
C THR C 192 3.58 -36.51 43.03
N THR C 193 2.26 -36.36 42.86
CA THR C 193 1.62 -36.48 41.55
C THR C 193 2.11 -35.37 40.62
N PRO C 194 2.38 -35.64 39.31
CA PRO C 194 2.82 -34.59 38.40
C PRO C 194 1.63 -33.76 37.85
N ASN C 195 0.41 -34.16 38.21
CA ASN C 195 -0.81 -33.44 37.87
C ASN C 195 -0.93 -32.12 38.65
N GLN C 196 -0.83 -31.01 37.92
CA GLN C 196 -0.87 -29.68 38.50
C GLN C 196 -2.12 -29.45 39.36
N VAL C 197 -3.27 -29.99 38.97
CA VAL C 197 -4.50 -29.62 39.66
C VAL C 197 -4.57 -30.32 41.03
N LEU C 198 -4.03 -31.52 41.13
CA LEU C 198 -4.17 -32.31 42.33
C LEU C 198 -2.85 -32.30 43.12
N GLY C 199 -1.88 -31.48 42.69
CA GLY C 199 -0.54 -31.60 43.23
C GLY C 199 -0.24 -30.59 44.34
N VAL C 200 0.98 -30.69 44.86
CA VAL C 200 1.46 -29.85 45.95
C VAL C 200 2.76 -29.22 45.47
N SER C 201 2.87 -27.89 45.49
CA SER C 201 4.10 -27.22 45.09
C SER C 201 5.10 -27.16 46.24
N SER C 202 6.39 -27.26 45.89
CA SER C 202 7.47 -27.38 46.87
C SER C 202 8.65 -26.51 46.48
N LYS C 203 9.25 -25.83 47.46
CA LYS C 203 10.51 -25.14 47.25
C LYS C 203 11.48 -25.48 48.37
N ALA C 204 12.70 -25.82 47.97
CA ALA C 204 13.76 -26.16 48.91
C ALA C 204 14.99 -25.31 48.60
N THR C 205 15.44 -24.56 49.60
CA THR C 205 16.64 -23.75 49.43
C THR C 205 17.67 -24.16 50.48
N SER C 206 18.94 -24.15 50.06
CA SER C 206 20.02 -24.38 51.00
C SER C 206 21.20 -23.47 50.67
N VAL C 207 21.49 -22.58 51.62
CA VAL C 207 22.49 -21.54 51.47
C VAL C 207 23.37 -21.52 52.73
N THR C 208 24.68 -21.64 52.51
CA THR C 208 25.64 -21.54 53.59
C THR C 208 26.58 -20.40 53.25
N THR C 209 26.77 -19.49 54.21
CA THR C 209 27.62 -18.33 54.00
C THR C 209 28.87 -18.46 54.87
N TYR C 210 30.04 -18.30 54.24
CA TYR C 210 31.31 -18.32 54.95
C TYR C 210 31.85 -16.89 55.10
N LYS C 211 31.89 -16.36 56.33
CA LYS C 211 32.39 -15.01 56.55
C LYS C 211 33.93 -15.02 56.60
N ILE C 212 34.55 -14.17 55.78
CA ILE C 212 35.99 -14.09 55.58
C ILE C 212 36.55 -12.84 56.27
N GLU C 213 37.64 -13.02 57.02
CA GLU C 213 38.44 -11.94 57.57
C GLU C 213 39.92 -12.26 57.32
N ASP C 214 40.59 -11.38 56.57
CA ASP C 214 42.00 -11.53 56.25
C ASP C 214 42.27 -12.86 55.57
N SER C 215 41.33 -13.25 54.70
CA SER C 215 41.49 -14.45 53.87
C SER C 215 41.10 -15.74 54.61
N PHE C 216 40.86 -15.68 55.92
CA PHE C 216 40.44 -16.86 56.67
C PHE C 216 38.95 -16.78 57.06
N VAL C 217 38.30 -17.94 57.07
CA VAL C 217 36.93 -18.11 57.54
C VAL C 217 36.89 -17.91 59.05
N ILE C 218 35.97 -17.08 59.54
CA ILE C 218 35.82 -16.83 60.95
C ILE C 218 34.40 -17.18 61.43
N ALA C 219 33.49 -17.44 60.48
CA ALA C 219 32.11 -17.80 60.81
C ALA C 219 31.41 -18.45 59.61
N VAL C 220 30.40 -19.26 59.93
CA VAL C 220 29.65 -20.00 58.95
C VAL C 220 28.18 -19.92 59.32
N LEU C 221 27.36 -19.38 58.39
CA LEU C 221 25.93 -19.23 58.60
C LEU C 221 25.19 -19.95 57.48
N ALA C 222 24.37 -20.93 57.88
CA ALA C 222 23.61 -21.74 56.95
C ALA C 222 22.13 -21.69 57.30
N GLU C 223 21.31 -21.44 56.27
CA GLU C 223 19.85 -21.47 56.36
C GLU C 223 19.25 -22.36 55.27
N GLU C 224 18.35 -23.26 55.69
CA GLU C 224 17.62 -24.20 54.86
C GLU C 224 16.13 -23.96 55.05
N THR C 225 15.40 -23.84 53.95
CA THR C 225 13.96 -23.61 53.98
C THR C 225 13.29 -24.68 53.14
N HIS C 226 12.11 -25.13 53.62
CA HIS C 226 11.21 -25.97 52.83
C HIS C 226 9.80 -25.40 52.88
N ASN C 227 9.25 -25.07 51.72
CA ASN C 227 7.91 -24.50 51.59
C ASN C 227 7.05 -25.45 50.76
N PHE C 228 5.86 -25.75 51.30
CA PHE C 228 4.87 -26.47 50.52
C PHE C 228 3.54 -25.73 50.51
N GLY C 229 2.80 -25.92 49.40
CA GLY C 229 1.44 -25.42 49.25
C GLY C 229 0.61 -26.32 48.32
N LEU C 230 -0.61 -26.66 48.78
CA LEU C 230 -1.60 -27.34 47.97
C LEU C 230 -1.98 -26.43 46.81
N ASN C 231 -1.86 -26.93 45.56
CA ASN C 231 -2.15 -26.15 44.37
C ASN C 231 -3.62 -25.75 44.35
N PHE C 232 -4.49 -26.71 44.61
CA PHE C 232 -5.93 -26.53 44.50
C PHE C 232 -6.41 -25.43 45.45
N LEU C 233 -5.82 -25.33 46.64
CA LEU C 233 -6.34 -24.46 47.68
C LEU C 233 -5.16 -23.92 48.50
N GLN C 234 -4.90 -22.63 48.38
CA GLN C 234 -3.59 -22.10 48.74
C GLN C 234 -3.51 -21.72 50.20
N THR C 235 -4.60 -21.84 50.96
CA THR C 235 -4.56 -21.65 52.41
C THR C 235 -3.98 -22.88 53.11
N ILE C 236 -3.67 -23.92 52.34
CA ILE C 236 -3.15 -25.14 52.91
C ILE C 236 -1.68 -25.21 52.51
N LYS C 237 -0.82 -24.79 53.45
CA LYS C 237 0.62 -24.63 53.22
C LYS C 237 1.37 -24.84 54.52
N GLY C 238 2.70 -24.97 54.40
CA GLY C 238 3.59 -25.06 55.55
C GLY C 238 5.03 -24.67 55.20
N LYS C 239 5.82 -24.38 56.25
CA LYS C 239 7.21 -23.96 56.14
C LYS C 239 8.08 -24.66 57.19
N ILE C 240 9.27 -25.10 56.78
CA ILE C 240 10.29 -25.55 57.70
C ILE C 240 11.49 -24.62 57.51
N VAL C 241 11.96 -24.06 58.64
CA VAL C 241 13.16 -23.25 58.65
C VAL C 241 14.18 -23.89 59.59
N SER C 242 15.36 -24.18 59.05
CA SER C 242 16.44 -24.75 59.83
C SER C 242 17.71 -23.93 59.62
N LYS C 243 18.34 -23.50 60.73
CA LYS C 243 19.49 -22.60 60.70
C LYS C 243 20.69 -23.22 61.41
N GLN C 244 21.89 -22.79 61.02
CA GLN C 244 23.12 -23.21 61.68
C GLN C 244 24.07 -22.02 61.82
N LYS C 245 24.74 -21.92 62.97
CA LYS C 245 25.69 -20.84 63.24
C LYS C 245 26.96 -21.39 63.89
N LEU C 246 28.09 -21.13 63.25
CA LEU C 246 29.37 -21.60 63.74
C LEU C 246 30.31 -20.41 63.77
N GLU C 247 30.76 -19.99 64.98
CA GLU C 247 31.57 -18.79 65.10
C GLU C 247 32.89 -19.13 65.76
N LEU C 248 34.00 -18.64 65.17
CA LEU C 248 35.32 -18.76 65.82
C LEU C 248 35.43 -17.70 66.91
N LYS C 249 35.70 -18.11 68.15
CA LYS C 249 35.87 -17.17 69.25
C LYS C 249 37.35 -16.82 69.39
N THR C 250 38.22 -17.83 69.48
CA THR C 250 39.63 -17.63 69.80
C THR C 250 40.44 -18.90 69.57
N THR C 251 41.75 -18.79 69.67
CA THR C 251 42.64 -19.95 69.58
C THR C 251 43.42 -20.07 70.89
N GLU C 252 43.87 -21.28 71.18
CA GLU C 252 44.60 -21.67 72.37
C GLU C 252 45.76 -22.54 71.88
N ALA C 253 46.75 -22.80 72.73
CA ALA C 253 47.80 -23.78 72.47
C ALA C 253 47.19 -25.18 72.38
N GLY C 254 47.45 -25.89 71.27
CA GLY C 254 46.82 -27.17 71.01
C GLY C 254 47.79 -28.36 71.07
N PRO C 255 47.28 -29.62 70.95
CA PRO C 255 48.13 -30.80 70.87
C PRO C 255 49.19 -30.68 69.77
N ARG C 256 50.34 -31.33 69.97
CA ARG C 256 51.35 -31.46 68.93
C ARG C 256 50.87 -32.36 67.79
N LEU C 257 51.27 -32.00 66.56
CA LEU C 257 51.04 -32.80 65.37
C LEU C 257 51.58 -34.22 65.54
N MET C 258 50.84 -35.19 64.97
CA MET C 258 51.24 -36.59 64.95
C MET C 258 51.87 -36.96 63.60
N SER C 259 52.81 -37.90 63.63
CA SER C 259 53.70 -38.19 62.51
C SER C 259 53.34 -39.53 61.88
N GLY C 260 53.41 -39.61 60.54
CA GLY C 260 53.07 -40.81 59.79
C GLY C 260 52.91 -40.50 58.31
N LYS C 261 53.04 -41.53 57.47
CA LYS C 261 53.00 -41.39 56.02
C LYS C 261 51.56 -41.46 55.51
N GLN C 262 50.68 -42.14 56.26
CA GLN C 262 49.28 -42.26 55.89
C GLN C 262 48.37 -41.90 57.07
N ALA C 263 47.23 -41.29 56.72
CA ALA C 263 46.25 -40.77 57.66
C ALA C 263 45.63 -41.90 58.47
N ALA C 264 45.40 -43.04 57.79
CA ALA C 264 44.75 -44.21 58.37
C ALA C 264 45.47 -44.76 59.61
N ALA C 265 46.82 -44.74 59.59
CA ALA C 265 47.67 -45.27 60.64
C ALA C 265 47.57 -44.40 61.90
N ILE C 266 47.50 -43.09 61.67
CA ILE C 266 47.44 -42.11 62.73
C ILE C 266 46.12 -42.29 63.48
N ILE C 267 45.06 -42.60 62.73
CA ILE C 267 43.73 -42.75 63.29
C ILE C 267 43.71 -43.97 64.22
N LYS C 268 44.28 -45.08 63.76
CA LYS C 268 44.35 -46.30 64.53
C LYS C 268 45.15 -46.04 65.82
N ALA C 269 46.17 -45.17 65.72
CA ALA C 269 46.99 -44.81 66.87
C ALA C 269 46.25 -43.87 67.83
N VAL C 270 45.38 -42.98 67.30
CA VAL C 270 44.61 -42.06 68.11
C VAL C 270 43.65 -42.86 68.98
N ASP C 271 42.91 -43.78 68.36
CA ASP C 271 42.00 -44.72 69.00
C ASP C 271 41.56 -45.73 67.94
N SER C 272 41.64 -47.02 68.27
CA SER C 272 41.38 -48.06 67.28
C SER C 272 39.88 -48.36 67.19
N LYS C 273 39.07 -47.79 68.09
CA LYS C 273 37.61 -47.86 68.02
C LYS C 273 37.07 -46.91 66.94
N TYR C 274 37.89 -45.95 66.50
CA TYR C 274 37.53 -45.04 65.42
C TYR C 274 37.38 -45.85 64.13
N THR C 275 36.21 -45.72 63.51
CA THR C 275 35.92 -46.42 62.27
C THR C 275 35.45 -45.42 61.22
N ALA C 276 35.81 -45.65 59.96
CA ALA C 276 35.31 -44.84 58.85
C ALA C 276 33.80 -45.07 58.72
N ILE C 277 33.02 -44.01 58.89
CA ILE C 277 31.59 -44.10 58.66
C ILE C 277 31.19 -43.04 57.62
N PRO C 278 30.07 -43.23 56.89
CA PRO C 278 29.69 -42.28 55.85
C PRO C 278 29.20 -40.95 56.45
N ILE C 279 29.61 -39.85 55.77
CA ILE C 279 29.27 -38.48 56.12
C ILE C 279 27.79 -38.21 55.85
N VAL C 280 27.17 -39.04 54.97
CA VAL C 280 25.79 -38.88 54.53
C VAL C 280 24.83 -39.30 55.63
N GLY C 281 23.77 -38.49 55.82
CA GLY C 281 22.81 -38.70 56.88
C GLY C 281 21.99 -39.96 56.67
N GLN C 282 21.58 -40.63 57.73
CA GLN C 282 20.96 -41.93 57.65
C GLN C 282 19.59 -41.91 58.33
N VAL C 283 18.71 -42.71 57.75
CA VAL C 283 17.34 -42.86 58.19
C VAL C 283 17.33 -43.55 59.55
N PHE C 284 16.40 -43.15 60.42
CA PHE C 284 16.18 -43.86 61.68
C PHE C 284 14.68 -43.91 61.95
N GLN C 285 14.22 -45.00 62.55
CA GLN C 285 12.81 -45.23 62.84
C GLN C 285 12.49 -44.73 64.25
N SER C 286 11.28 -44.16 64.41
CA SER C 286 10.84 -43.51 65.64
C SER C 286 11.00 -44.46 66.84
N HIS C 287 10.84 -45.77 66.59
CA HIS C 287 10.84 -46.84 67.59
C HIS C 287 9.71 -46.66 68.61
N CYS C 288 8.49 -47.04 68.22
CA CYS C 288 7.28 -46.81 69.01
C CYS C 288 7.34 -47.64 70.29
N LYS C 289 7.05 -46.98 71.42
CA LYS C 289 7.10 -47.60 72.73
C LYS C 289 5.71 -47.65 73.35
N GLY C 290 5.11 -48.85 73.38
CA GLY C 290 3.75 -49.05 73.88
C GLY C 290 2.67 -48.63 72.88
N CYS C 291 2.97 -48.77 71.58
CA CYS C 291 2.04 -48.38 70.52
C CYS C 291 1.25 -49.61 70.07
N PRO C 292 -0.07 -49.47 69.79
CA PRO C 292 -0.89 -50.62 69.39
C PRO C 292 -0.58 -51.11 67.98
N SER C 293 -0.94 -52.36 67.70
CA SER C 293 -0.63 -52.96 66.41
C SER C 293 -1.70 -52.60 65.39
N LEU C 294 -1.51 -53.07 64.16
CA LEU C 294 -2.46 -52.79 63.10
C LEU C 294 -3.86 -53.22 63.51
N SER C 295 -3.98 -54.39 64.12
CA SER C 295 -5.28 -54.96 64.44
C SER C 295 -5.98 -54.14 65.51
N GLU C 296 -5.20 -53.55 66.41
CA GLU C 296 -5.76 -52.77 67.50
C GLU C 296 -6.34 -51.49 66.93
N LEU C 297 -5.56 -50.88 66.02
CA LEU C 297 -5.95 -49.65 65.33
C LEU C 297 -7.23 -49.88 64.53
N TRP C 298 -7.20 -50.92 63.67
CA TRP C 298 -8.33 -51.31 62.84
C TRP C 298 -9.57 -51.59 63.70
N ARG C 299 -9.37 -51.94 64.97
CA ARG C 299 -10.49 -52.27 65.81
C ARG C 299 -11.28 -51.01 66.12
N SER C 300 -10.57 -49.87 66.19
CA SER C 300 -11.19 -48.58 66.45
C SER C 300 -11.69 -47.97 65.16
N THR C 301 -10.83 -48.01 64.12
CA THR C 301 -11.08 -47.42 62.82
C THR C 301 -12.38 -47.97 62.23
N ARG C 302 -12.57 -49.29 62.32
CA ARG C 302 -13.69 -49.97 61.68
C ARG C 302 -15.04 -49.46 62.20
N LYS C 303 -15.05 -48.86 63.39
CA LYS C 303 -16.27 -48.32 63.96
C LYS C 303 -16.79 -47.16 63.12
N TYR C 304 -15.87 -46.47 62.41
CA TYR C 304 -16.22 -45.30 61.62
C TYR C 304 -16.45 -45.61 60.14
N LEU C 305 -16.02 -46.78 59.67
CA LEU C 305 -16.07 -47.05 58.25
C LEU C 305 -17.27 -47.93 57.92
N GLN C 306 -18.38 -47.76 58.65
CA GLN C 306 -19.63 -48.44 58.36
C GLN C 306 -20.18 -47.93 57.02
N PRO C 307 -20.81 -48.77 56.18
CA PRO C 307 -21.42 -48.29 54.93
C PRO C 307 -22.49 -47.22 55.14
N ASP C 308 -23.06 -47.16 56.34
CA ASP C 308 -24.16 -46.26 56.64
C ASP C 308 -23.68 -44.82 56.79
N ASN C 309 -22.43 -44.61 57.22
CA ASN C 309 -22.03 -43.26 57.57
C ASN C 309 -20.70 -42.84 56.92
N LEU C 310 -20.46 -43.29 55.68
CA LEU C 310 -19.29 -42.88 54.91
C LEU C 310 -19.30 -41.37 54.63
N SER C 311 -20.47 -40.73 54.77
CA SER C 311 -20.64 -39.33 54.44
C SER C 311 -20.10 -38.40 55.52
N LYS C 312 -20.00 -38.90 56.77
CA LYS C 312 -19.49 -38.09 57.87
C LYS C 312 -17.98 -37.87 57.76
N ALA C 313 -17.54 -36.65 58.09
CA ALA C 313 -16.13 -36.31 57.99
C ALA C 313 -15.22 -37.25 58.79
N GLU C 314 -15.70 -37.72 59.96
CA GLU C 314 -14.96 -38.68 60.78
C GLU C 314 -14.59 -39.94 59.96
N ALA C 315 -15.49 -40.44 59.12
CA ALA C 315 -15.20 -41.62 58.32
C ALA C 315 -13.96 -41.39 57.47
N VAL C 316 -13.93 -40.25 56.76
CA VAL C 316 -12.82 -39.92 55.88
C VAL C 316 -11.55 -39.72 56.70
N ARG C 317 -11.69 -39.14 57.90
CA ARG C 317 -10.55 -38.87 58.75
C ARG C 317 -9.90 -40.20 59.13
N ASN C 318 -10.73 -41.16 59.50
CA ASN C 318 -10.25 -42.46 59.93
C ASN C 318 -9.58 -43.18 58.77
N PHE C 319 -10.18 -43.06 57.58
CA PHE C 319 -9.68 -43.66 56.35
C PHE C 319 -8.26 -43.17 56.11
N LEU C 320 -8.06 -41.86 56.23
CA LEU C 320 -6.78 -41.29 55.87
C LEU C 320 -5.74 -41.70 56.91
N ALA C 321 -6.15 -41.71 58.21
CA ALA C 321 -5.25 -42.00 59.32
C ALA C 321 -4.75 -43.44 59.22
N PHE C 322 -5.72 -44.33 58.95
CA PHE C 322 -5.43 -45.74 58.78
C PHE C 322 -4.48 -45.98 57.61
N ILE C 323 -4.56 -45.17 56.54
CA ILE C 323 -3.69 -45.40 55.40
C ILE C 323 -2.23 -45.17 55.79
N GLN C 324 -2.01 -44.27 56.75
CA GLN C 324 -0.65 -43.98 57.20
C GLN C 324 -0.09 -45.20 57.92
N HIS C 325 -0.93 -45.85 58.76
CA HIS C 325 -0.51 -47.05 59.47
C HIS C 325 -0.19 -48.19 58.51
N LEU C 326 -1.03 -48.38 57.50
CA LEU C 326 -0.85 -49.45 56.53
C LEU C 326 0.48 -49.29 55.82
N ARG C 327 0.91 -48.03 55.67
CA ARG C 327 2.12 -47.72 54.91
C ARG C 327 3.37 -48.17 55.66
N THR C 328 3.23 -48.60 56.91
CA THR C 328 4.36 -49.13 57.67
C THR C 328 4.15 -50.60 58.03
N ALA C 329 2.96 -51.16 57.77
CA ALA C 329 2.68 -52.55 58.11
C ALA C 329 3.25 -53.53 57.08
N LYS C 330 3.25 -54.82 57.45
CA LYS C 330 3.78 -55.88 56.60
C LYS C 330 2.63 -56.76 56.09
N LYS C 331 2.89 -57.44 54.96
CA LYS C 331 1.93 -58.27 54.26
C LYS C 331 1.02 -59.07 55.19
N GLU C 332 1.60 -59.78 56.17
CA GLU C 332 0.89 -60.70 57.03
C GLU C 332 -0.16 -59.99 57.90
N GLU C 333 0.20 -58.86 58.55
CA GLU C 333 -0.75 -58.23 59.46
C GLU C 333 -1.90 -57.63 58.65
N ILE C 334 -1.59 -57.21 57.42
CA ILE C 334 -2.59 -56.64 56.52
C ILE C 334 -3.55 -57.76 56.08
N LEU C 335 -2.97 -58.88 55.62
CA LEU C 335 -3.71 -60.04 55.16
C LEU C 335 -4.62 -60.57 56.28
N GLN C 336 -4.17 -60.46 57.53
CA GLN C 336 -4.91 -60.95 58.67
C GLN C 336 -6.18 -60.15 58.84
N ILE C 337 -6.04 -58.82 58.79
CA ILE C 337 -7.15 -57.92 59.05
C ILE C 337 -8.22 -58.13 57.99
N LEU C 338 -7.77 -58.30 56.74
CA LEU C 338 -8.62 -58.54 55.59
C LEU C 338 -9.43 -59.82 55.81
N LYS C 339 -8.72 -60.87 56.25
CA LYS C 339 -9.27 -62.21 56.38
C LYS C 339 -10.37 -62.30 57.45
N MET C 340 -10.35 -61.43 58.47
CA MET C 340 -11.25 -61.58 59.60
C MET C 340 -12.43 -60.60 59.52
N GLU C 341 -12.52 -59.81 58.44
CA GLU C 341 -13.50 -58.74 58.35
C GLU C 341 -14.79 -59.21 57.66
N ASN C 342 -15.92 -58.60 58.04
CA ASN C 342 -17.24 -58.93 57.50
C ASN C 342 -17.49 -58.24 56.15
N LYS C 343 -18.59 -58.65 55.48
CA LYS C 343 -18.93 -58.30 54.11
C LYS C 343 -19.25 -56.81 53.96
N GLU C 344 -19.89 -56.20 54.97
CA GLU C 344 -20.32 -54.81 54.91
C GLU C 344 -19.15 -53.82 54.99
N VAL C 345 -18.21 -54.02 55.92
CA VAL C 345 -17.14 -53.05 56.12
C VAL C 345 -16.00 -53.30 55.14
N LEU C 346 -15.87 -54.55 54.71
CA LEU C 346 -14.76 -55.05 53.90
C LEU C 346 -14.45 -54.16 52.69
N PRO C 347 -15.46 -53.67 51.92
CA PRO C 347 -15.18 -52.76 50.80
C PRO C 347 -14.37 -51.52 51.16
N GLN C 348 -14.69 -50.91 52.32
CA GLN C 348 -13.94 -49.75 52.82
C GLN C 348 -12.48 -50.11 53.09
N LEU C 349 -12.25 -51.31 53.64
CA LEU C 349 -10.91 -51.72 54.01
C LEU C 349 -10.10 -52.04 52.75
N VAL C 350 -10.80 -52.52 51.72
CA VAL C 350 -10.16 -52.76 50.45
C VAL C 350 -9.72 -51.43 49.84
N ASP C 351 -10.57 -50.39 50.01
CA ASP C 351 -10.23 -49.04 49.57
C ASP C 351 -8.91 -48.59 50.24
N ALA C 352 -8.88 -48.67 51.58
CA ALA C 352 -7.74 -48.27 52.37
C ALA C 352 -6.49 -49.07 51.98
N VAL C 353 -6.62 -50.40 51.90
CA VAL C 353 -5.47 -51.23 51.62
C VAL C 353 -4.92 -50.92 50.23
N THR C 354 -5.79 -50.67 49.25
CA THR C 354 -5.28 -50.44 47.91
C THR C 354 -4.63 -49.06 47.81
N SER C 355 -5.12 -48.10 48.62
CA SER C 355 -4.64 -46.73 48.58
C SER C 355 -3.21 -46.63 49.11
N ALA C 356 -2.86 -47.53 50.05
CA ALA C 356 -1.57 -47.60 50.71
C ALA C 356 -0.42 -47.64 49.71
N GLN C 357 -0.58 -48.42 48.64
CA GLN C 357 0.27 -48.38 47.45
C GLN C 357 1.70 -48.77 47.81
N THR C 358 1.89 -49.69 48.76
CA THR C 358 3.23 -50.23 49.04
C THR C 358 3.32 -51.65 48.48
N SER C 359 4.55 -52.17 48.32
CA SER C 359 4.77 -53.56 47.93
C SER C 359 3.97 -54.52 48.83
N ASP C 360 4.02 -54.29 50.14
CA ASP C 360 3.39 -55.17 51.11
C ASP C 360 1.87 -55.10 51.01
N SER C 361 1.30 -53.90 50.80
CA SER C 361 -0.16 -53.76 50.79
C SER C 361 -0.73 -54.36 49.51
N LEU C 362 0.00 -54.21 48.39
CA LEU C 362 -0.40 -54.73 47.10
C LEU C 362 -0.47 -56.25 47.16
N GLU C 363 0.60 -56.87 47.68
CA GLU C 363 0.70 -58.32 47.78
C GLU C 363 -0.35 -58.89 48.72
N ALA C 364 -0.68 -58.16 49.79
CA ALA C 364 -1.70 -58.60 50.72
C ALA C 364 -3.06 -58.66 50.06
N ILE C 365 -3.35 -57.69 49.17
CA ILE C 365 -4.68 -57.59 48.60
C ILE C 365 -4.78 -58.54 47.41
N LEU C 366 -3.70 -58.64 46.61
CA LEU C 366 -3.66 -59.58 45.50
C LEU C 366 -3.85 -61.01 46.01
N ASP C 367 -3.21 -61.33 47.15
CA ASP C 367 -3.36 -62.61 47.82
C ASP C 367 -4.80 -62.80 48.31
N PHE C 368 -5.36 -61.77 48.93
CA PHE C 368 -6.68 -61.89 49.54
C PHE C 368 -7.78 -62.08 48.48
N LEU C 369 -7.57 -61.56 47.27
CA LEU C 369 -8.66 -61.54 46.30
C LEU C 369 -8.47 -62.62 45.26
N ASP C 370 -9.49 -63.49 45.14
CA ASP C 370 -9.53 -64.55 44.16
C ASP C 370 -10.39 -64.10 42.97
N PHE C 371 -9.74 -63.94 41.81
CA PHE C 371 -10.42 -63.39 40.65
C PHE C 371 -11.36 -64.41 40.00
N LYS C 372 -11.30 -65.68 40.43
CA LYS C 372 -12.21 -66.70 39.93
C LYS C 372 -13.45 -66.77 40.81
N SER C 373 -13.39 -66.16 41.98
CA SER C 373 -14.54 -66.16 42.87
C SER C 373 -15.63 -65.26 42.31
N ASP C 374 -16.88 -65.63 42.60
CA ASP C 374 -18.03 -64.83 42.23
C ASP C 374 -18.60 -64.20 43.50
N SER C 375 -18.00 -64.57 44.64
CA SER C 375 -18.46 -64.14 45.95
C SER C 375 -17.80 -62.82 46.36
N SER C 376 -16.73 -62.45 45.65
CA SER C 376 -15.94 -61.27 45.97
C SER C 376 -15.86 -60.33 44.75
N ILE C 377 -16.98 -60.21 44.03
CA ILE C 377 -17.06 -59.41 42.82
C ILE C 377 -16.94 -57.93 43.20
N ILE C 378 -17.69 -57.54 44.24
CA ILE C 378 -17.76 -56.16 44.70
C ILE C 378 -16.37 -55.69 45.13
N LEU C 379 -15.64 -56.54 45.87
CA LEU C 379 -14.30 -56.19 46.33
C LEU C 379 -13.31 -56.15 45.15
N GLN C 380 -13.48 -57.03 44.15
CA GLN C 380 -12.63 -57.00 42.97
C GLN C 380 -12.69 -55.62 42.31
N GLU C 381 -13.91 -55.11 42.18
CA GLU C 381 -14.21 -53.81 41.61
C GLU C 381 -13.51 -52.70 42.40
N ARG C 382 -13.81 -52.61 43.70
CA ARG C 382 -13.22 -51.61 44.58
C ARG C 382 -11.68 -51.60 44.45
N PHE C 383 -11.09 -52.81 44.40
CA PHE C 383 -9.65 -52.89 44.29
C PHE C 383 -9.22 -52.19 43.01
N LEU C 384 -9.89 -52.52 41.91
CA LEU C 384 -9.45 -52.10 40.60
C LEU C 384 -9.68 -50.60 40.41
N TYR C 385 -10.80 -50.07 40.92
CA TYR C 385 -11.05 -48.64 40.84
C TYR C 385 -10.03 -47.85 41.65
N ALA C 386 -9.71 -48.35 42.85
CA ALA C 386 -8.70 -47.74 43.70
C ALA C 386 -7.35 -47.61 42.96
N CYS C 387 -7.01 -48.61 42.15
CA CYS C 387 -5.80 -48.56 41.35
C CYS C 387 -5.89 -47.45 40.29
N GLY C 388 -7.10 -47.25 39.75
CA GLY C 388 -7.35 -46.19 38.81
C GLY C 388 -6.99 -44.84 39.40
N PHE C 389 -7.42 -44.62 40.65
CA PHE C 389 -7.22 -43.35 41.31
C PHE C 389 -5.88 -43.29 42.04
N ALA C 390 -5.07 -44.35 41.97
CA ALA C 390 -3.79 -44.39 42.64
C ALA C 390 -3.00 -43.14 42.32
N SER C 391 -2.55 -42.48 43.39
CA SER C 391 -1.89 -41.20 43.35
C SER C 391 -0.48 -41.31 42.76
N HIS C 392 0.21 -42.44 42.94
CA HIS C 392 1.59 -42.51 42.45
C HIS C 392 1.90 -43.88 41.86
N PRO C 393 1.21 -44.34 40.80
CA PRO C 393 1.35 -45.72 40.33
C PRO C 393 2.72 -45.98 39.74
N ASN C 394 3.11 -47.25 39.67
CA ASN C 394 4.42 -47.61 39.14
C ASN C 394 4.33 -48.93 38.37
N GLU C 395 5.47 -49.36 37.84
CA GLU C 395 5.58 -50.52 36.97
C GLU C 395 5.09 -51.78 37.71
N GLU C 396 5.26 -51.80 39.02
CA GLU C 396 4.89 -52.99 39.77
C GLU C 396 3.37 -53.14 39.78
N LEU C 397 2.66 -52.01 39.88
CA LEU C 397 1.19 -52.03 39.94
C LEU C 397 0.63 -52.43 38.56
N LEU C 398 1.27 -51.92 37.49
CA LEU C 398 0.90 -52.26 36.13
C LEU C 398 1.07 -53.77 35.90
N ARG C 399 2.26 -54.30 36.27
CA ARG C 399 2.61 -55.71 36.14
C ARG C 399 1.58 -56.60 36.83
N ALA C 400 1.13 -56.19 38.03
CA ALA C 400 0.15 -56.98 38.77
C ALA C 400 -1.14 -57.06 37.96
N LEU C 401 -1.49 -55.95 37.30
CA LEU C 401 -2.77 -55.86 36.61
C LEU C 401 -2.70 -56.64 35.31
N ILE C 402 -1.63 -56.47 34.54
CA ILE C 402 -1.37 -57.23 33.33
C ILE C 402 -1.53 -58.72 33.64
N SER C 403 -0.91 -59.19 34.71
CA SER C 403 -0.98 -60.61 34.99
C SER C 403 -2.38 -61.03 35.43
N LYS C 404 -3.12 -60.17 36.14
CA LYS C 404 -4.46 -60.55 36.55
C LYS C 404 -5.31 -60.82 35.31
N PHE C 405 -5.04 -60.05 34.24
CA PHE C 405 -5.77 -60.09 32.99
C PHE C 405 -5.40 -61.36 32.23
N LYS C 406 -4.11 -61.67 32.18
CA LYS C 406 -3.58 -62.87 31.55
C LYS C 406 -3.99 -64.12 32.33
N GLY C 407 -4.38 -63.96 33.59
CA GLY C 407 -4.80 -65.10 34.41
C GLY C 407 -6.26 -65.43 34.14
N SER C 408 -6.92 -66.08 35.10
CA SER C 408 -8.32 -66.43 34.91
C SER C 408 -9.23 -65.53 35.76
N ILE C 409 -10.29 -65.02 35.12
CA ILE C 409 -11.20 -64.12 35.80
C ILE C 409 -12.62 -64.68 35.65
N GLY C 410 -13.34 -64.75 36.77
CA GLY C 410 -14.64 -65.39 36.86
C GLY C 410 -15.74 -64.58 36.18
N SER C 411 -15.69 -63.25 36.30
CA SER C 411 -16.70 -62.36 35.73
C SER C 411 -16.09 -61.54 34.58
N SER C 412 -16.82 -61.49 33.46
CA SER C 412 -16.28 -60.84 32.26
C SER C 412 -16.37 -59.32 32.39
N ASP C 413 -17.32 -58.83 33.21
CA ASP C 413 -17.43 -57.43 33.61
C ASP C 413 -16.16 -57.00 34.33
N ILE C 414 -15.66 -57.86 35.22
CA ILE C 414 -14.43 -57.58 35.91
C ILE C 414 -13.23 -57.67 34.95
N ARG C 415 -13.28 -58.58 33.98
CA ARG C 415 -12.21 -58.70 33.01
C ARG C 415 -12.08 -57.41 32.20
N GLU C 416 -13.24 -56.84 31.85
CA GLU C 416 -13.34 -55.57 31.16
C GLU C 416 -12.73 -54.46 32.04
N THR C 417 -13.15 -54.43 33.31
CA THR C 417 -12.69 -53.43 34.27
C THR C 417 -11.16 -53.39 34.35
N VAL C 418 -10.53 -54.57 34.40
CA VAL C 418 -9.07 -54.70 34.48
C VAL C 418 -8.41 -54.03 33.28
N MET C 419 -8.98 -54.24 32.09
CA MET C 419 -8.38 -53.72 30.87
C MET C 419 -8.55 -52.19 30.85
N ILE C 420 -9.72 -51.73 31.30
CA ILE C 420 -10.05 -50.32 31.40
C ILE C 420 -9.06 -49.61 32.34
N ILE C 421 -8.75 -50.22 33.50
CA ILE C 421 -7.89 -49.57 34.46
C ILE C 421 -6.44 -49.61 33.96
N THR C 422 -6.10 -50.67 33.21
CA THR C 422 -4.78 -50.77 32.60
C THR C 422 -4.55 -49.55 31.70
N GLY C 423 -5.61 -49.12 31.04
CA GLY C 423 -5.62 -47.93 30.22
C GLY C 423 -5.14 -46.69 30.99
N THR C 424 -5.71 -46.46 32.18
CA THR C 424 -5.36 -45.28 32.98
C THR C 424 -3.90 -45.39 33.40
N LEU C 425 -3.48 -46.59 33.83
CA LEU C 425 -2.14 -46.76 34.35
C LEU C 425 -1.13 -46.48 33.23
N VAL C 426 -1.48 -46.84 31.99
CA VAL C 426 -0.61 -46.55 30.86
C VAL C 426 -0.52 -45.03 30.67
N ARG C 427 -1.66 -44.37 30.78
CA ARG C 427 -1.73 -42.92 30.64
C ARG C 427 -0.81 -42.29 31.69
N LYS C 428 -1.01 -42.66 32.96
CA LYS C 428 -0.30 -42.03 34.06
C LYS C 428 1.21 -42.26 33.95
N LEU C 429 1.62 -43.49 33.61
CA LEU C 429 3.04 -43.77 33.57
C LEU C 429 3.65 -43.14 32.33
N CYS C 430 2.83 -42.78 31.34
CA CYS C 430 3.35 -42.17 30.13
C CYS C 430 3.65 -40.69 30.36
N GLN C 431 2.87 -40.06 31.24
CA GLN C 431 2.97 -38.66 31.62
C GLN C 431 4.07 -38.46 32.67
N ASN C 432 4.59 -39.58 33.21
CA ASN C 432 5.60 -39.56 34.25
C ASN C 432 6.88 -40.21 33.72
N GLU C 433 7.28 -39.79 32.51
CA GLU C 433 8.54 -40.14 31.84
C GLU C 433 8.72 -41.66 31.71
N GLY C 434 7.67 -42.45 31.91
CA GLY C 434 7.81 -43.90 31.82
C GLY C 434 7.10 -44.52 30.63
N CYS C 435 7.00 -43.77 29.52
CA CYS C 435 6.28 -44.25 28.36
C CYS C 435 7.01 -45.44 27.72
N LYS C 436 8.32 -45.55 27.97
CA LYS C 436 9.11 -46.61 27.37
C LYS C 436 9.47 -47.71 28.37
N LEU C 437 8.76 -47.77 29.51
CA LEU C 437 8.97 -48.83 30.47
C LEU C 437 8.43 -50.14 29.91
N LYS C 438 9.05 -51.25 30.30
CA LYS C 438 8.76 -52.56 29.75
C LYS C 438 7.27 -52.92 29.87
N ALA C 439 6.67 -52.76 31.06
CA ALA C 439 5.31 -53.21 31.26
C ALA C 439 4.32 -52.29 30.53
N VAL C 440 4.73 -51.04 30.31
CA VAL C 440 3.92 -50.08 29.58
C VAL C 440 3.86 -50.51 28.11
N VAL C 441 5.01 -50.93 27.55
CA VAL C 441 5.07 -51.32 26.14
C VAL C 441 4.29 -52.62 25.96
N GLU C 442 4.29 -53.49 26.98
CA GLU C 442 3.52 -54.72 26.96
C GLU C 442 2.03 -54.41 26.98
N ALA C 443 1.61 -53.43 27.80
CA ALA C 443 0.19 -53.10 27.89
C ALA C 443 -0.25 -52.30 26.66
N LYS C 444 0.65 -51.55 26.03
CA LYS C 444 0.31 -50.82 24.81
C LYS C 444 0.03 -51.80 23.68
N LYS C 445 0.94 -52.77 23.49
CA LYS C 445 0.79 -53.81 22.49
C LYS C 445 -0.52 -54.54 22.74
N LEU C 446 -0.86 -54.72 24.01
CA LEU C 446 -2.01 -55.51 24.40
C LEU C 446 -3.30 -54.78 24.02
N ILE C 447 -3.30 -53.44 24.07
CA ILE C 447 -4.48 -52.64 23.77
C ILE C 447 -4.58 -52.43 22.26
N LEU C 448 -3.53 -51.84 21.69
CA LEU C 448 -3.48 -51.57 20.27
C LEU C 448 -3.66 -52.86 19.46
N GLY C 449 -2.98 -53.94 19.88
CA GLY C 449 -3.09 -55.25 19.28
C GLY C 449 -4.47 -55.88 19.49
N GLY C 450 -4.95 -55.86 20.73
CA GLY C 450 -6.27 -56.38 21.04
C GLY C 450 -7.40 -55.66 20.31
N LEU C 451 -7.05 -54.55 19.63
CA LEU C 451 -8.07 -53.77 18.95
C LEU C 451 -7.98 -53.97 17.44
N GLU C 452 -6.83 -54.45 16.97
CA GLU C 452 -6.68 -54.86 15.57
C GLU C 452 -7.30 -56.24 15.35
N LYS C 453 -6.92 -57.23 16.17
CA LYS C 453 -7.52 -58.55 16.06
C LYS C 453 -8.98 -58.45 16.50
N ALA C 454 -9.88 -58.19 15.54
CA ALA C 454 -11.30 -57.99 15.83
C ALA C 454 -11.94 -59.33 16.18
N GLU C 455 -12.22 -59.53 17.46
CA GLU C 455 -12.82 -60.74 17.99
C GLU C 455 -14.32 -60.50 18.11
N LYS C 456 -14.93 -60.99 19.20
CA LYS C 456 -16.34 -60.73 19.43
C LYS C 456 -16.59 -59.25 19.76
N LYS C 457 -17.84 -58.82 19.56
CA LYS C 457 -18.24 -57.42 19.63
C LYS C 457 -18.05 -56.87 21.05
N GLU C 458 -18.20 -57.73 22.05
CA GLU C 458 -18.06 -57.32 23.44
C GLU C 458 -16.58 -57.17 23.79
N ASP C 459 -15.70 -57.70 22.93
CA ASP C 459 -14.26 -57.59 23.12
C ASP C 459 -13.72 -56.29 22.53
N THR C 460 -14.31 -55.82 21.43
CA THR C 460 -13.89 -54.57 20.82
C THR C 460 -14.20 -53.41 21.75
N ARG C 461 -15.39 -53.46 22.39
CA ARG C 461 -15.85 -52.45 23.32
C ARG C 461 -14.84 -52.31 24.46
N MET C 462 -14.43 -53.44 25.03
CA MET C 462 -13.45 -53.47 26.10
C MET C 462 -12.21 -52.70 25.67
N TYR C 463 -11.61 -53.05 24.53
CA TYR C 463 -10.39 -52.38 24.07
C TYR C 463 -10.60 -50.88 23.82
N LEU C 464 -11.78 -50.50 23.31
CA LEU C 464 -12.03 -49.10 23.00
C LEU C 464 -12.04 -48.27 24.30
N LEU C 465 -12.69 -48.82 25.33
CA LEU C 465 -12.74 -48.19 26.64
C LEU C 465 -11.34 -48.08 27.24
N ALA C 466 -10.50 -49.09 27.01
CA ALA C 466 -9.14 -49.03 27.51
C ALA C 466 -8.38 -47.93 26.80
N LEU C 467 -8.61 -47.80 25.49
CA LEU C 467 -7.90 -46.80 24.70
C LEU C 467 -8.46 -45.41 25.03
N LYS C 468 -9.75 -45.34 25.38
CA LYS C 468 -10.37 -44.11 25.84
C LYS C 468 -9.61 -43.57 27.06
N ASN C 469 -9.09 -44.47 27.91
CA ASN C 469 -8.25 -44.10 29.03
C ASN C 469 -6.79 -43.86 28.61
N ALA C 470 -6.20 -44.76 27.81
CA ALA C 470 -4.76 -44.72 27.54
C ALA C 470 -4.39 -43.57 26.60
N LEU C 471 -5.28 -43.21 25.69
CA LEU C 471 -5.10 -42.11 24.75
C LEU C 471 -3.76 -42.17 24.02
N LEU C 472 -3.44 -43.33 23.44
CA LEU C 472 -2.23 -43.47 22.66
C LEU C 472 -2.50 -42.92 21.27
N PRO C 473 -1.70 -41.93 20.80
CA PRO C 473 -1.90 -41.35 19.47
C PRO C 473 -1.82 -42.34 18.32
N GLU C 474 -1.04 -43.41 18.47
CA GLU C 474 -0.95 -44.40 17.41
C GLU C 474 -2.21 -45.27 17.33
N GLY C 475 -3.19 -44.99 18.21
CA GLY C 475 -4.47 -45.69 18.22
C GLY C 475 -5.54 -44.96 17.40
N ILE C 476 -5.21 -43.73 17.00
CA ILE C 476 -6.17 -42.88 16.31
C ILE C 476 -6.67 -43.49 15.00
N PRO C 477 -5.82 -44.06 14.10
CA PRO C 477 -6.32 -44.66 12.86
C PRO C 477 -7.39 -45.73 13.10
N SER C 478 -7.25 -46.51 14.17
CA SER C 478 -8.28 -47.51 14.48
C SER C 478 -9.56 -46.81 14.89
N LEU C 479 -9.44 -45.74 15.69
CA LEU C 479 -10.60 -45.03 16.21
C LEU C 479 -11.44 -44.48 15.06
N LEU C 480 -10.76 -43.87 14.07
CA LEU C 480 -11.38 -43.39 12.84
C LEU C 480 -12.07 -44.52 12.08
N LYS C 481 -11.45 -45.71 12.03
CA LYS C 481 -12.06 -46.83 11.35
C LYS C 481 -13.37 -47.19 12.05
N TYR C 482 -13.37 -47.23 13.39
CA TYR C 482 -14.53 -47.65 14.12
C TYR C 482 -15.59 -46.56 14.17
N ALA C 483 -15.16 -45.29 14.15
CA ALA C 483 -16.13 -44.21 14.23
C ALA C 483 -16.95 -44.17 12.95
N GLU C 484 -16.30 -44.56 11.83
CA GLU C 484 -16.88 -44.50 10.50
C GLU C 484 -17.65 -45.80 10.19
N ALA C 485 -17.40 -46.87 10.95
CA ALA C 485 -17.91 -48.22 10.67
C ALA C 485 -19.44 -48.26 10.55
N GLY C 486 -20.13 -47.29 11.17
CA GLY C 486 -21.58 -47.28 11.18
C GLY C 486 -22.14 -48.43 12.00
N GLU C 487 -21.43 -48.77 13.08
CA GLU C 487 -21.71 -49.93 13.89
C GLU C 487 -22.40 -49.52 15.19
N GLY C 488 -23.05 -48.35 15.18
CA GLY C 488 -23.90 -47.93 16.27
C GLY C 488 -23.17 -47.69 17.58
N PRO C 489 -23.40 -48.52 18.62
CA PRO C 489 -22.81 -48.31 19.94
C PRO C 489 -21.28 -48.18 19.86
N ILE C 490 -20.65 -49.05 19.06
CA ILE C 490 -19.20 -49.09 18.92
C ILE C 490 -18.70 -47.81 18.24
N SER C 491 -19.48 -47.28 17.28
CA SER C 491 -19.10 -46.08 16.53
C SER C 491 -19.09 -44.83 17.41
N HIS C 492 -20.12 -44.68 18.26
CA HIS C 492 -20.20 -43.61 19.24
C HIS C 492 -18.99 -43.66 20.18
N LEU C 493 -18.73 -44.84 20.76
CA LEU C 493 -17.62 -45.08 21.66
C LEU C 493 -16.31 -44.55 21.06
N ALA C 494 -15.99 -44.97 19.84
CA ALA C 494 -14.77 -44.53 19.16
C ALA C 494 -14.75 -43.01 19.04
N THR C 495 -15.93 -42.45 18.74
CA THR C 495 -16.04 -41.00 18.58
C THR C 495 -15.73 -40.30 19.90
N THR C 496 -16.34 -40.76 20.98
CA THR C 496 -16.15 -40.13 22.27
C THR C 496 -14.71 -40.29 22.75
N ALA C 497 -14.02 -41.35 22.31
CA ALA C 497 -12.62 -41.54 22.69
C ALA C 497 -11.74 -40.51 21.99
N LEU C 498 -11.98 -40.31 20.68
CA LEU C 498 -11.28 -39.28 19.93
C LEU C 498 -11.39 -37.93 20.64
N GLN C 499 -12.56 -37.74 21.29
CA GLN C 499 -12.93 -36.48 21.90
C GLN C 499 -12.02 -36.16 23.09
N ARG C 500 -11.32 -37.15 23.64
CA ARG C 500 -10.46 -36.95 24.80
C ARG C 500 -9.04 -36.54 24.43
N TYR C 501 -8.63 -36.68 23.16
CA TYR C 501 -7.27 -36.35 22.75
C TYR C 501 -7.03 -34.84 22.72
N ASP C 502 -5.76 -34.43 22.76
CA ASP C 502 -5.32 -33.04 22.75
C ASP C 502 -5.38 -32.50 21.32
N LEU C 503 -5.42 -31.16 21.19
CA LEU C 503 -5.63 -30.47 19.93
C LEU C 503 -4.60 -30.87 18.87
N PRO C 504 -3.28 -30.97 19.19
CA PRO C 504 -2.28 -31.35 18.18
C PRO C 504 -2.47 -32.73 17.55
N PHE C 505 -3.33 -33.57 18.13
CA PHE C 505 -3.58 -34.89 17.57
C PHE C 505 -4.80 -34.89 16.65
N ILE C 506 -5.71 -33.94 16.83
CA ILE C 506 -6.88 -33.84 15.97
C ILE C 506 -6.46 -33.05 14.72
N THR C 507 -5.89 -33.75 13.73
CA THR C 507 -5.31 -33.08 12.57
C THR C 507 -6.39 -32.89 11.49
N ASP C 508 -5.94 -32.53 10.29
CA ASP C 508 -6.84 -32.31 9.16
C ASP C 508 -7.44 -33.63 8.72
N GLU C 509 -6.60 -34.67 8.66
CA GLU C 509 -7.07 -35.99 8.23
C GLU C 509 -8.17 -36.48 9.16
N VAL C 510 -8.05 -36.14 10.44
CA VAL C 510 -9.02 -36.56 11.43
C VAL C 510 -10.32 -35.83 11.13
N LYS C 511 -10.21 -34.53 10.85
CA LYS C 511 -11.35 -33.66 10.62
C LYS C 511 -12.03 -33.97 9.28
N LYS C 512 -11.24 -34.45 8.31
CA LYS C 512 -11.76 -34.91 7.02
C LYS C 512 -12.70 -36.09 7.23
N THR C 513 -12.29 -37.05 8.06
CA THR C 513 -13.13 -38.20 8.39
C THR C 513 -14.40 -37.75 9.09
N LEU C 514 -14.22 -36.94 10.14
CA LEU C 514 -15.34 -36.45 10.93
C LEU C 514 -16.34 -35.64 10.08
N ASN C 515 -15.85 -34.92 9.06
CA ASN C 515 -16.74 -34.20 8.16
C ASN C 515 -17.65 -35.16 7.37
N ARG C 516 -17.07 -36.26 6.83
CA ARG C 516 -17.82 -37.27 6.10
C ARG C 516 -18.87 -37.92 7.01
N ILE C 517 -18.53 -38.04 8.30
CA ILE C 517 -19.48 -38.62 9.22
C ILE C 517 -20.63 -37.64 9.44
N TYR C 518 -20.31 -36.35 9.64
CA TYR C 518 -21.34 -35.36 9.90
C TYR C 518 -22.24 -35.16 8.65
N HIS C 519 -21.60 -34.96 7.50
CA HIS C 519 -22.26 -34.59 6.26
C HIS C 519 -22.87 -35.80 5.52
N GLN C 520 -22.47 -37.03 5.88
CA GLN C 520 -23.00 -38.23 5.24
C GLN C 520 -22.70 -38.23 3.74
N ASN C 521 -21.45 -37.97 3.36
CA ASN C 521 -21.04 -37.91 1.97
C ASN C 521 -21.00 -39.31 1.37
N ARG C 522 -20.64 -40.32 2.17
CA ARG C 522 -20.59 -41.69 1.68
C ARG C 522 -21.77 -42.50 2.19
N LYS C 523 -22.10 -42.44 3.49
CA LYS C 523 -23.19 -43.26 4.00
C LYS C 523 -23.85 -42.63 5.23
N VAL C 524 -25.01 -43.19 5.61
CA VAL C 524 -25.81 -42.74 6.73
C VAL C 524 -25.10 -43.15 8.02
N HIS C 525 -25.08 -42.24 9.02
CA HIS C 525 -24.54 -42.50 10.35
C HIS C 525 -25.60 -42.11 11.36
N GLU C 526 -25.50 -42.66 12.57
CA GLU C 526 -26.43 -42.33 13.64
C GLU C 526 -26.24 -40.87 14.07
N LYS C 527 -27.32 -40.27 14.56
CA LYS C 527 -27.37 -38.88 15.02
C LYS C 527 -26.36 -38.62 16.13
N THR C 528 -26.25 -39.55 17.08
CA THR C 528 -25.38 -39.42 18.24
C THR C 528 -23.94 -39.35 17.76
N VAL C 529 -23.58 -40.20 16.78
CA VAL C 529 -22.23 -40.22 16.25
C VAL C 529 -21.93 -38.90 15.52
N ARG C 530 -22.89 -38.42 14.71
CA ARG C 530 -22.71 -37.23 13.90
C ARG C 530 -22.50 -35.98 14.76
N THR C 531 -23.33 -35.82 15.80
CA THR C 531 -23.25 -34.71 16.72
C THR C 531 -21.90 -34.70 17.44
N ALA C 532 -21.49 -35.86 17.96
CA ALA C 532 -20.21 -35.98 18.64
C ALA C 532 -19.05 -35.61 17.70
N ALA C 533 -19.13 -36.07 16.44
CA ALA C 533 -18.11 -35.78 15.43
C ALA C 533 -18.01 -34.27 15.21
N ALA C 534 -19.17 -33.61 15.16
CA ALA C 534 -19.17 -32.18 14.89
C ALA C 534 -18.61 -31.44 16.11
N ALA C 535 -18.95 -31.93 17.31
CA ALA C 535 -18.41 -31.35 18.52
C ALA C 535 -16.88 -31.40 18.49
N ILE C 536 -16.30 -32.53 18.07
CA ILE C 536 -14.85 -32.60 18.00
C ILE C 536 -14.30 -31.60 16.99
N ILE C 537 -14.97 -31.47 15.84
CA ILE C 537 -14.53 -30.53 14.82
C ILE C 537 -14.53 -29.10 15.37
N LEU C 538 -15.69 -28.63 15.86
CA LEU C 538 -15.84 -27.26 16.35
C LEU C 538 -14.87 -26.96 17.48
N ASN C 539 -14.46 -28.00 18.22
CA ASN C 539 -13.60 -27.82 19.38
C ASN C 539 -12.12 -27.90 19.02
N ASN C 540 -11.76 -28.14 17.76
CA ASN C 540 -10.36 -28.41 17.45
C ASN C 540 -9.93 -27.62 16.22
N ASN C 541 -9.81 -26.29 16.38
CA ASN C 541 -9.26 -25.42 15.35
C ASN C 541 -10.00 -25.66 14.04
N PRO C 542 -11.33 -25.42 14.00
CA PRO C 542 -12.09 -25.60 12.77
C PRO C 542 -11.74 -24.50 11.79
N SER C 543 -11.65 -24.88 10.52
CA SER C 543 -11.48 -23.93 9.43
C SER C 543 -12.78 -23.14 9.21
N TYR C 544 -12.68 -22.07 8.42
CA TYR C 544 -13.83 -21.23 8.05
C TYR C 544 -14.94 -22.10 7.44
N MET C 545 -14.57 -22.99 6.50
CA MET C 545 -15.54 -23.80 5.81
C MET C 545 -16.10 -24.91 6.71
N ASP C 546 -15.26 -25.44 7.60
CA ASP C 546 -15.67 -26.39 8.63
C ASP C 546 -16.88 -25.83 9.38
N VAL C 547 -16.79 -24.56 9.81
CA VAL C 547 -17.82 -23.92 10.60
C VAL C 547 -18.99 -23.57 9.68
N LYS C 548 -18.64 -23.00 8.51
CA LYS C 548 -19.64 -22.55 7.57
C LYS C 548 -20.59 -23.70 7.18
N ASN C 549 -20.03 -24.87 6.86
CA ASN C 549 -20.84 -26.00 6.41
C ASN C 549 -21.73 -26.51 7.54
N ILE C 550 -21.24 -26.44 8.78
CA ILE C 550 -22.04 -26.93 9.88
C ILE C 550 -23.20 -25.96 10.10
N LEU C 551 -22.91 -24.65 10.01
CA LEU C 551 -23.94 -23.65 10.15
C LEU C 551 -24.99 -23.81 9.07
N LEU C 552 -24.55 -24.05 7.83
CA LEU C 552 -25.47 -24.13 6.70
C LEU C 552 -26.38 -25.36 6.82
N SER C 553 -25.90 -26.40 7.50
CA SER C 553 -26.69 -27.61 7.68
C SER C 553 -27.85 -27.36 8.64
N ILE C 554 -27.78 -26.30 9.44
CA ILE C 554 -28.81 -26.20 10.44
C ILE C 554 -30.10 -25.83 9.73
N GLY C 555 -31.14 -26.62 9.96
CA GLY C 555 -32.45 -26.46 9.36
C GLY C 555 -32.73 -27.54 8.31
N GLU C 556 -31.72 -28.35 7.97
CA GLU C 556 -31.77 -29.34 6.91
C GLU C 556 -31.45 -30.75 7.42
N LEU C 557 -31.44 -30.96 8.75
CA LEU C 557 -31.19 -32.27 9.34
C LEU C 557 -32.49 -32.75 9.99
N PRO C 558 -32.54 -33.97 10.58
CA PRO C 558 -33.74 -34.42 11.30
C PRO C 558 -34.05 -33.59 12.55
N GLN C 559 -35.33 -33.63 12.98
CA GLN C 559 -35.98 -32.72 13.93
C GLN C 559 -35.07 -32.13 15.03
N GLU C 560 -34.60 -33.00 15.93
CA GLU C 560 -33.94 -32.57 17.15
C GLU C 560 -32.47 -32.26 16.87
N MET C 561 -31.92 -32.79 15.78
CA MET C 561 -30.53 -32.54 15.47
C MET C 561 -30.26 -31.08 15.06
N ASN C 562 -31.24 -30.39 14.46
CA ASN C 562 -31.11 -28.97 14.16
C ASN C 562 -31.00 -28.16 15.44
N LYS C 563 -31.89 -28.45 16.39
CA LYS C 563 -31.94 -27.78 17.67
C LYS C 563 -30.62 -28.00 18.42
N TYR C 564 -30.10 -29.22 18.34
CA TYR C 564 -28.91 -29.56 19.09
C TYR C 564 -27.70 -28.81 18.52
N MET C 565 -27.54 -28.84 17.21
CA MET C 565 -26.39 -28.23 16.59
C MET C 565 -26.46 -26.72 16.77
N LEU C 566 -27.68 -26.17 16.74
CA LEU C 566 -27.82 -24.75 16.98
C LEU C 566 -27.35 -24.45 18.39
N ALA C 567 -27.74 -25.32 19.34
CA ALA C 567 -27.41 -25.10 20.74
C ALA C 567 -25.90 -25.15 20.93
N ILE C 568 -25.22 -26.09 20.25
CA ILE C 568 -23.77 -26.20 20.32
C ILE C 568 -23.12 -24.88 19.91
N VAL C 569 -23.64 -24.25 18.87
CA VAL C 569 -22.99 -23.10 18.28
C VAL C 569 -23.25 -21.91 19.19
N GLN C 570 -24.50 -21.80 19.67
CA GLN C 570 -24.86 -20.71 20.56
C GLN C 570 -23.99 -20.73 21.81
N ASP C 571 -23.66 -21.95 22.24
CA ASP C 571 -22.88 -22.12 23.46
C ASP C 571 -21.43 -21.71 23.22
N ILE C 572 -20.94 -21.89 22.00
CA ILE C 572 -19.59 -21.45 21.66
C ILE C 572 -19.54 -19.92 21.73
N LEU C 573 -20.60 -19.26 21.25
CA LEU C 573 -20.63 -17.81 21.31
C LEU C 573 -20.79 -17.36 22.76
N ARG C 574 -21.81 -17.88 23.45
CA ARG C 574 -22.11 -17.50 24.82
C ARG C 574 -20.91 -17.70 25.76
N PHE C 575 -20.10 -18.75 25.56
CA PHE C 575 -19.05 -19.02 26.53
C PHE C 575 -17.66 -18.70 26.00
N GLU C 576 -17.54 -18.06 24.84
CA GLU C 576 -16.23 -17.66 24.35
C GLU C 576 -15.24 -18.84 24.34
N MET C 577 -15.62 -19.97 23.73
CA MET C 577 -14.75 -21.12 23.56
C MET C 577 -13.74 -20.83 22.46
N PRO C 578 -12.76 -21.73 22.19
CA PRO C 578 -11.66 -21.40 21.28
C PRO C 578 -12.14 -20.92 19.90
N ALA C 579 -13.18 -21.59 19.34
CA ALA C 579 -13.61 -21.38 17.97
C ALA C 579 -14.57 -20.19 17.87
N SER C 580 -14.81 -19.53 19.00
CA SER C 580 -15.65 -18.34 19.07
C SER C 580 -15.40 -17.34 17.94
N LYS C 581 -14.13 -16.96 17.74
CA LYS C 581 -13.73 -15.92 16.82
C LYS C 581 -14.09 -16.31 15.39
N ILE C 582 -13.80 -17.56 15.00
CA ILE C 582 -14.03 -18.02 13.64
C ILE C 582 -15.53 -18.17 13.37
N VAL C 583 -16.31 -18.54 14.39
CA VAL C 583 -17.76 -18.64 14.26
C VAL C 583 -18.34 -17.25 14.01
N ARG C 584 -17.84 -16.25 14.74
CA ARG C 584 -18.31 -14.87 14.62
C ARG C 584 -18.01 -14.34 13.22
N ARG C 585 -16.90 -14.80 12.63
CA ARG C 585 -16.57 -14.43 11.26
C ARG C 585 -17.66 -14.95 10.32
N VAL C 586 -18.10 -16.21 10.54
CA VAL C 586 -19.08 -16.81 9.64
C VAL C 586 -20.43 -16.11 9.84
N LEU C 587 -20.71 -15.65 11.06
CA LEU C 587 -22.00 -15.06 11.40
C LEU C 587 -22.21 -13.68 10.76
N LYS C 588 -21.15 -13.10 10.19
CA LYS C 588 -21.22 -11.85 9.46
C LYS C 588 -22.22 -11.97 8.30
N GLU C 589 -22.28 -13.14 7.66
CA GLU C 589 -23.11 -13.41 6.49
C GLU C 589 -24.56 -13.71 6.87
N MET C 590 -25.49 -12.96 6.28
CA MET C 590 -26.92 -13.07 6.52
C MET C 590 -27.46 -14.43 6.08
N VAL C 591 -26.86 -14.99 5.04
CA VAL C 591 -27.32 -16.27 4.53
C VAL C 591 -27.13 -17.34 5.62
N ALA C 592 -26.02 -17.28 6.36
CA ALA C 592 -25.81 -18.24 7.42
C ALA C 592 -26.55 -17.86 8.71
N HIS C 593 -26.60 -16.56 9.02
CA HIS C 593 -27.06 -16.11 10.32
C HIS C 593 -28.32 -15.30 10.14
N ASN C 594 -29.48 -15.90 10.47
CA ASN C 594 -30.73 -15.19 10.33
C ASN C 594 -31.83 -15.86 11.14
N TYR C 595 -32.93 -15.14 11.37
CA TYR C 595 -34.01 -15.54 12.25
C TYR C 595 -34.78 -16.72 11.66
N ASP C 596 -34.41 -17.16 10.47
CA ASP C 596 -35.05 -18.36 9.92
C ASP C 596 -34.26 -19.60 10.36
N ARG C 597 -32.95 -19.61 10.09
CA ARG C 597 -32.06 -20.70 10.49
C ARG C 597 -31.96 -20.82 12.00
N PHE C 598 -32.01 -19.69 12.71
CA PHE C 598 -31.80 -19.66 14.15
C PHE C 598 -33.14 -19.73 14.89
N SER C 599 -34.23 -20.01 14.17
CA SER C 599 -35.52 -20.25 14.78
C SER C 599 -35.81 -21.74 14.70
N ARG C 600 -35.59 -22.42 15.83
CA ARG C 600 -35.72 -23.88 15.85
C ARG C 600 -36.74 -24.29 16.89
N SER C 601 -37.55 -25.27 16.55
CA SER C 601 -38.35 -25.93 17.59
C SER C 601 -37.63 -27.23 18.00
N GLY C 602 -38.03 -27.75 19.16
CA GLY C 602 -37.38 -28.95 19.69
C GLY C 602 -36.77 -28.68 21.05
N SER C 603 -36.44 -29.76 21.77
CA SER C 603 -36.11 -29.62 23.17
C SER C 603 -34.61 -29.62 23.43
N SER C 604 -33.83 -30.22 22.52
CA SER C 604 -32.39 -30.37 22.66
C SER C 604 -31.72 -29.08 23.14
N SER C 605 -30.62 -29.18 23.91
CA SER C 605 -29.95 -28.01 24.45
C SER C 605 -28.46 -28.22 24.66
N ALA C 606 -27.78 -27.16 25.09
CA ALA C 606 -26.35 -27.11 25.36
C ALA C 606 -26.05 -25.83 26.17
N TYR C 607 -25.43 -25.96 27.35
CA TYR C 607 -25.17 -24.82 28.20
C TYR C 607 -23.90 -24.99 29.03
N THR C 608 -23.00 -24.00 28.96
CA THR C 608 -21.82 -24.00 29.82
C THR C 608 -21.85 -22.82 30.79
N GLY C 609 -21.58 -23.11 32.07
CA GLY C 609 -21.51 -22.10 33.13
C GLY C 609 -20.25 -22.22 33.99
N TYR C 610 -20.09 -21.28 34.93
CA TYR C 610 -18.99 -21.35 35.89
C TYR C 610 -19.48 -21.88 37.22
N ILE C 611 -18.69 -22.78 37.82
CA ILE C 611 -18.92 -23.12 39.21
C ILE C 611 -18.19 -22.09 40.08
N GLU C 612 -16.92 -21.84 39.73
CA GLU C 612 -16.09 -20.86 40.41
C GLU C 612 -15.08 -20.31 39.42
N ARG C 613 -14.71 -19.04 39.58
CA ARG C 613 -13.70 -18.42 38.76
C ARG C 613 -12.92 -17.44 39.62
N SER C 614 -11.59 -17.46 39.47
CA SER C 614 -10.64 -16.59 40.14
C SER C 614 -9.61 -16.19 39.10
N PRO C 615 -8.72 -15.21 39.36
CA PRO C 615 -7.63 -14.92 38.43
C PRO C 615 -6.73 -16.11 38.15
N ARG C 616 -6.66 -17.08 39.09
CA ARG C 616 -5.72 -18.19 39.01
C ARG C 616 -6.37 -19.51 38.58
N SER C 617 -7.60 -19.77 39.06
CA SER C 617 -8.25 -21.06 38.89
C SER C 617 -9.71 -20.88 38.47
N ALA C 618 -10.27 -21.90 37.80
CA ALA C 618 -11.65 -21.86 37.35
C ALA C 618 -12.26 -23.25 37.27
N SER C 619 -13.57 -23.30 37.45
CA SER C 619 -14.33 -24.54 37.46
C SER C 619 -15.62 -24.39 36.61
N THR C 620 -15.85 -25.28 35.62
CA THR C 620 -16.96 -25.14 34.69
C THR C 620 -17.92 -26.33 34.75
N TYR C 621 -19.22 -26.07 34.51
CA TYR C 621 -20.19 -27.14 34.31
C TYR C 621 -20.82 -27.03 32.92
N SER C 622 -21.05 -28.18 32.28
CA SER C 622 -21.59 -28.24 30.94
C SER C 622 -22.67 -29.31 30.81
N LEU C 623 -23.86 -28.90 30.38
CA LEU C 623 -24.96 -29.81 30.11
C LEU C 623 -25.42 -29.67 28.66
N ASP C 624 -25.32 -30.76 27.91
CA ASP C 624 -25.88 -30.82 26.56
C ASP C 624 -26.76 -32.06 26.40
N ILE C 625 -27.99 -31.89 25.90
CA ILE C 625 -28.96 -32.98 25.80
C ILE C 625 -29.48 -33.11 24.36
N LEU C 626 -29.34 -34.31 23.79
CA LEU C 626 -29.95 -34.67 22.52
C LEU C 626 -31.23 -35.49 22.79
N TYR C 627 -32.38 -35.00 22.30
CA TYR C 627 -33.62 -35.78 22.35
C TYR C 627 -33.91 -36.53 21.05
N SER C 628 -34.73 -37.58 21.16
CA SER C 628 -35.41 -38.24 20.06
C SER C 628 -36.59 -37.38 19.60
N GLY C 629 -37.04 -37.63 18.37
CA GLY C 629 -38.25 -37.01 17.84
C GLY C 629 -39.46 -37.21 18.77
N SER C 630 -39.50 -38.36 19.44
CA SER C 630 -40.55 -38.72 20.38
C SER C 630 -40.60 -37.76 21.56
N GLY C 631 -39.44 -37.17 21.89
CA GLY C 631 -39.34 -36.34 23.08
C GLY C 631 -38.69 -37.09 24.25
N ILE C 632 -38.27 -38.33 24.01
CA ILE C 632 -37.55 -39.09 25.02
C ILE C 632 -36.05 -38.86 24.83
N LEU C 633 -35.32 -38.84 25.96
CA LEU C 633 -33.89 -38.59 25.93
C LEU C 633 -33.18 -39.64 25.08
N ARG C 634 -32.21 -39.20 24.28
CA ARG C 634 -31.32 -40.10 23.55
C ARG C 634 -29.93 -40.11 24.18
N ARG C 635 -29.36 -38.91 24.42
CA ARG C 635 -28.05 -38.77 25.05
C ARG C 635 -27.92 -37.44 25.77
N SER C 636 -27.63 -37.49 27.06
CA SER C 636 -27.25 -36.31 27.83
C SER C 636 -25.80 -36.43 28.30
N ASN C 637 -25.04 -35.34 28.20
CA ASN C 637 -23.68 -35.26 28.72
C ASN C 637 -23.61 -34.18 29.80
N LEU C 638 -23.21 -34.54 31.01
CA LEU C 638 -22.83 -33.54 32.00
C LEU C 638 -21.32 -33.57 32.22
N ASN C 639 -20.65 -32.43 32.04
CA ASN C 639 -19.21 -32.37 32.23
C ASN C 639 -18.82 -31.26 33.20
N ILE C 640 -17.99 -31.61 34.20
CA ILE C 640 -17.40 -30.67 35.15
C ILE C 640 -15.88 -30.70 35.00
N PHE C 641 -15.30 -29.56 34.62
CA PHE C 641 -13.84 -29.44 34.52
C PHE C 641 -13.30 -28.49 35.59
N GLN C 642 -12.07 -28.77 36.02
CA GLN C 642 -11.35 -27.97 36.99
C GLN C 642 -10.01 -27.51 36.41
N TYR C 643 -9.70 -26.23 36.60
CA TYR C 643 -8.53 -25.61 36.03
C TYR C 643 -7.73 -24.85 37.08
N ILE C 644 -6.40 -24.93 36.95
CA ILE C 644 -5.44 -24.11 37.68
C ILE C 644 -4.40 -23.66 36.67
N GLY C 645 -4.51 -22.38 36.26
CA GLY C 645 -3.68 -21.86 35.18
C GLY C 645 -4.00 -22.59 33.88
N LYS C 646 -2.95 -23.12 33.25
CA LYS C 646 -3.11 -23.85 31.99
C LYS C 646 -3.60 -25.27 32.27
N ALA C 647 -3.36 -25.76 33.49
CA ALA C 647 -3.60 -27.15 33.85
C ALA C 647 -5.10 -27.43 34.10
N GLY C 648 -5.53 -28.61 33.66
CA GLY C 648 -6.94 -28.98 33.71
C GLY C 648 -7.16 -30.38 34.30
N LEU C 649 -8.40 -30.64 34.68
CA LEU C 649 -8.75 -31.94 35.22
C LEU C 649 -10.22 -32.20 34.92
N HIS C 650 -10.46 -33.35 34.29
CA HIS C 650 -11.82 -33.76 34.01
C HIS C 650 -12.39 -34.37 35.27
N GLY C 651 -12.94 -33.51 36.13
CA GLY C 651 -13.43 -33.96 37.41
C GLY C 651 -14.56 -34.99 37.24
N SER C 652 -15.46 -34.74 36.30
CA SER C 652 -16.64 -35.57 36.20
C SER C 652 -17.25 -35.53 34.80
N GLN C 653 -17.70 -36.70 34.35
CA GLN C 653 -18.59 -36.82 33.23
C GLN C 653 -19.66 -37.87 33.53
N VAL C 654 -20.90 -37.56 33.20
CA VAL C 654 -22.01 -38.49 33.42
C VAL C 654 -22.93 -38.44 32.20
N VAL C 655 -22.87 -39.51 31.39
CA VAL C 655 -23.57 -39.69 30.14
C VAL C 655 -24.73 -40.68 30.34
N ILE C 656 -25.93 -40.30 29.92
CA ILE C 656 -27.10 -41.18 30.04
C ILE C 656 -27.62 -41.45 28.64
N GLU C 657 -27.74 -42.73 28.27
CA GLU C 657 -28.27 -43.07 26.95
C GLU C 657 -29.60 -43.80 27.12
N ALA C 658 -30.46 -43.68 26.11
CA ALA C 658 -31.70 -44.43 26.10
C ALA C 658 -32.08 -44.73 24.64
N GLN C 659 -32.80 -45.84 24.44
CA GLN C 659 -33.44 -46.20 23.19
C GLN C 659 -34.70 -47.02 23.44
N GLY C 660 -35.59 -47.08 22.43
CA GLY C 660 -36.76 -47.94 22.40
C GLY C 660 -37.63 -47.82 23.65
N LEU C 661 -37.62 -46.66 24.32
CA LEU C 661 -38.45 -46.51 25.50
C LEU C 661 -39.82 -45.97 25.10
N GLU C 662 -40.07 -45.85 23.79
CA GLU C 662 -41.27 -45.18 23.31
C GLU C 662 -42.54 -45.90 23.77
N ALA C 663 -42.47 -47.22 24.01
CA ALA C 663 -43.63 -47.98 24.43
C ALA C 663 -44.11 -47.64 25.85
N LEU C 664 -43.24 -47.10 26.70
CA LEU C 664 -43.60 -46.80 28.09
C LEU C 664 -44.65 -45.69 28.18
N ILE C 665 -44.75 -44.87 27.13
CA ILE C 665 -45.94 -44.10 26.82
C ILE C 665 -46.52 -44.75 25.59
N ALA C 666 -47.68 -44.29 25.14
CA ALA C 666 -48.20 -44.83 23.90
C ALA C 666 -47.68 -44.00 22.72
N ALA C 667 -46.36 -43.82 22.68
CA ALA C 667 -45.68 -43.03 21.66
C ALA C 667 -45.07 -43.98 20.62
N THR C 668 -44.63 -43.44 19.47
CA THR C 668 -43.99 -44.30 18.49
C THR C 668 -42.54 -43.91 18.26
N PRO C 669 -41.66 -44.89 17.93
CA PRO C 669 -40.25 -44.61 17.69
C PRO C 669 -40.07 -43.78 16.43
N ASP C 670 -38.94 -43.05 16.35
CA ASP C 670 -38.58 -42.26 15.18
C ASP C 670 -38.44 -43.20 13.98
N GLU C 671 -38.42 -42.62 12.78
CA GLU C 671 -38.27 -43.38 11.56
C GLU C 671 -36.96 -44.17 11.59
N GLY C 672 -37.09 -45.50 11.60
CA GLY C 672 -35.94 -46.39 11.66
C GLY C 672 -35.83 -47.10 13.01
N GLU C 673 -36.29 -46.44 14.07
CA GLU C 673 -36.01 -46.88 15.42
C GLU C 673 -37.00 -47.95 15.89
N GLU C 674 -37.85 -48.46 14.98
CA GLU C 674 -38.88 -49.39 15.43
C GLU C 674 -38.31 -50.79 15.70
N ASN C 675 -37.08 -51.05 15.21
CA ASN C 675 -36.42 -52.32 15.44
C ASN C 675 -35.40 -52.24 16.58
N LEU C 676 -35.27 -51.06 17.20
CA LEU C 676 -34.32 -50.83 18.29
C LEU C 676 -34.87 -51.37 19.61
N ASP C 677 -34.06 -52.18 20.30
CA ASP C 677 -34.48 -52.79 21.55
C ASP C 677 -34.32 -51.78 22.70
N SER C 678 -35.27 -51.79 23.63
CA SER C 678 -35.39 -50.75 24.65
C SER C 678 -34.31 -50.90 25.72
N TYR C 679 -33.60 -49.80 26.02
CA TYR C 679 -32.32 -49.84 26.69
C TYR C 679 -32.04 -48.51 27.39
N ALA C 680 -31.38 -48.58 28.54
CA ALA C 680 -30.89 -47.36 29.19
C ALA C 680 -29.59 -47.68 29.88
N GLY C 681 -28.62 -46.79 29.70
CA GLY C 681 -27.31 -46.99 30.30
C GLY C 681 -26.71 -45.70 30.82
N MET C 682 -25.48 -45.80 31.31
CA MET C 682 -24.74 -44.68 31.86
C MET C 682 -23.25 -44.92 31.69
N SER C 683 -22.54 -43.90 31.24
CA SER C 683 -21.10 -43.97 31.11
C SER C 683 -20.54 -42.77 31.87
N ALA C 684 -19.47 -42.98 32.64
CA ALA C 684 -18.99 -41.94 33.54
C ALA C 684 -17.46 -41.81 33.49
N ILE C 685 -16.99 -40.55 33.66
CA ILE C 685 -15.59 -40.30 33.97
C ILE C 685 -15.51 -39.66 35.36
N LEU C 686 -14.58 -40.14 36.19
CA LEU C 686 -14.29 -39.55 37.49
C LEU C 686 -12.80 -39.28 37.56
N PHE C 687 -12.45 -38.02 37.86
CA PHE C 687 -11.06 -37.57 37.97
C PHE C 687 -10.22 -38.22 36.88
N ASP C 688 -10.55 -37.90 35.61
CA ASP C 688 -9.84 -38.31 34.41
C ASP C 688 -10.00 -39.80 34.10
N VAL C 689 -10.73 -40.57 34.92
CA VAL C 689 -10.81 -42.00 34.68
C VAL C 689 -12.17 -42.41 34.09
N GLN C 690 -12.12 -42.91 32.84
CA GLN C 690 -13.30 -43.47 32.21
C GLN C 690 -13.62 -44.79 32.91
N LEU C 691 -14.81 -44.88 33.51
CA LEU C 691 -15.23 -46.07 34.24
C LEU C 691 -15.91 -47.02 33.27
N ARG C 692 -16.19 -48.25 33.74
CA ARG C 692 -16.91 -49.24 32.95
C ARG C 692 -18.38 -48.82 32.89
N PRO C 693 -18.97 -48.70 31.67
CA PRO C 693 -20.36 -48.26 31.53
C PRO C 693 -21.34 -49.27 32.12
N VAL C 694 -22.44 -48.78 32.66
CA VAL C 694 -23.34 -49.59 33.45
C VAL C 694 -24.70 -49.58 32.76
N THR C 695 -25.25 -50.78 32.51
CA THR C 695 -26.56 -50.90 31.90
C THR C 695 -27.61 -50.87 33.00
N PHE C 696 -28.67 -50.08 32.79
CA PHE C 696 -29.74 -50.00 33.76
C PHE C 696 -30.72 -51.13 33.47
N PHE C 697 -30.89 -51.45 32.18
CA PHE C 697 -31.74 -52.53 31.72
C PHE C 697 -31.62 -52.66 30.21
N ASN C 698 -31.75 -53.91 29.75
CA ASN C 698 -31.59 -54.26 28.36
C ASN C 698 -32.76 -55.16 27.99
N GLY C 699 -33.49 -54.79 26.93
CA GLY C 699 -34.67 -55.52 26.48
C GLY C 699 -35.90 -55.20 27.33
N TYR C 700 -37.09 -55.50 26.78
CA TYR C 700 -38.34 -55.11 27.40
C TYR C 700 -38.64 -55.98 28.62
N SER C 701 -38.37 -57.29 28.50
CA SER C 701 -38.65 -58.25 29.55
C SER C 701 -37.80 -57.99 30.79
N ASP C 702 -36.55 -57.57 30.59
CA ASP C 702 -35.64 -57.24 31.68
C ASP C 702 -36.08 -55.94 32.35
N LEU C 703 -36.61 -55.01 31.54
CA LEU C 703 -37.10 -53.74 32.04
C LEU C 703 -38.34 -53.97 32.90
N MET C 704 -39.33 -54.66 32.33
CA MET C 704 -40.59 -55.00 33.00
C MET C 704 -40.30 -55.97 34.16
N SER C 705 -39.05 -56.42 34.25
CA SER C 705 -38.61 -57.42 35.22
C SER C 705 -38.14 -56.77 36.52
N LYS C 706 -37.44 -55.64 36.45
CA LYS C 706 -36.87 -55.06 37.66
C LYS C 706 -37.97 -54.40 38.48
N MET C 707 -38.86 -53.68 37.78
CA MET C 707 -39.96 -52.96 38.40
C MET C 707 -41.31 -53.64 38.07
N SER C 711 -41.45 -47.29 43.97
CA SER C 711 -40.23 -47.20 43.14
C SER C 711 -39.40 -45.97 43.52
N GLY C 712 -40.07 -44.98 44.14
CA GLY C 712 -39.55 -43.64 44.35
C GLY C 712 -38.69 -43.50 45.62
N ASP C 713 -37.96 -44.56 45.99
CA ASP C 713 -37.08 -44.54 47.14
C ASP C 713 -35.61 -44.49 46.71
N PRO C 714 -34.74 -43.79 47.51
CA PRO C 714 -33.30 -43.72 47.20
C PRO C 714 -32.64 -45.06 46.91
N ILE C 715 -31.64 -45.05 46.01
CA ILE C 715 -30.97 -46.25 45.53
C ILE C 715 -29.48 -45.92 45.35
N SER C 716 -28.62 -46.63 46.11
CA SER C 716 -27.18 -46.47 45.99
C SER C 716 -26.73 -46.81 44.58
N VAL C 717 -25.79 -46.03 44.05
CA VAL C 717 -25.35 -46.20 42.67
C VAL C 717 -23.82 -46.32 42.68
N VAL C 718 -23.17 -45.34 43.33
CA VAL C 718 -21.74 -45.37 43.57
C VAL C 718 -21.57 -45.01 45.04
N LYS C 719 -20.72 -45.79 45.72
CA LYS C 719 -20.31 -45.50 47.08
C LYS C 719 -18.85 -45.92 47.24
N GLY C 720 -18.03 -45.08 47.88
CA GLY C 720 -16.60 -45.38 47.96
C GLY C 720 -15.77 -44.26 48.56
N LEU C 721 -14.59 -44.65 49.05
CA LEU C 721 -13.61 -43.71 49.57
C LEU C 721 -12.45 -43.63 48.58
N ILE C 722 -11.94 -42.44 48.33
CA ILE C 722 -10.86 -42.26 47.37
C ILE C 722 -9.73 -41.44 48.00
N LEU C 723 -8.49 -41.88 47.77
CA LEU C 723 -7.33 -41.09 48.13
C LEU C 723 -6.89 -40.32 46.90
N LEU C 724 -7.30 -39.05 46.82
CA LEU C 724 -7.11 -38.21 45.65
C LEU C 724 -5.78 -37.45 45.70
N ILE C 725 -5.49 -36.74 46.80
CA ILE C 725 -4.25 -35.99 46.98
C ILE C 725 -3.33 -36.76 47.93
N ASP C 726 -2.07 -36.90 47.52
CA ASP C 726 -1.12 -37.73 48.24
C ASP C 726 0.29 -37.24 47.94
N HIS C 727 0.90 -36.56 48.92
CA HIS C 727 2.23 -35.99 48.81
C HIS C 727 3.05 -36.44 50.02
N SER C 728 4.27 -36.93 49.77
CA SER C 728 5.13 -37.39 50.85
C SER C 728 6.59 -36.97 50.65
N GLN C 729 7.19 -36.41 51.70
CA GLN C 729 8.60 -36.07 51.67
C GLN C 729 9.28 -36.56 52.95
N GLU C 730 10.38 -37.26 52.76
CA GLU C 730 11.32 -37.53 53.83
C GLU C 730 12.59 -36.74 53.54
N LEU C 731 13.02 -35.98 54.54
CA LEU C 731 14.04 -34.97 54.33
C LEU C 731 15.18 -35.18 55.31
N GLN C 732 16.40 -35.12 54.74
CA GLN C 732 17.62 -35.03 55.52
C GLN C 732 17.99 -33.55 55.57
N LEU C 733 17.70 -32.90 56.71
CA LEU C 733 18.11 -31.52 56.92
C LEU C 733 19.63 -31.48 57.07
N GLN C 734 20.28 -30.44 56.55
CA GLN C 734 21.72 -30.20 56.69
C GLN C 734 22.19 -30.21 58.15
N SER C 735 21.31 -29.91 59.10
CA SER C 735 21.67 -29.91 60.50
C SER C 735 21.82 -31.36 60.99
N GLY C 736 21.30 -32.33 60.24
CA GLY C 736 21.31 -33.72 60.65
C GLY C 736 19.92 -34.23 61.07
N LEU C 737 19.04 -33.31 61.47
CA LEU C 737 17.69 -33.68 61.81
C LEU C 737 16.91 -34.29 60.63
N LYS C 738 15.88 -35.05 61.00
CA LYS C 738 14.96 -35.76 60.14
C LYS C 738 13.66 -34.96 60.04
N ALA C 739 13.20 -34.72 58.81
CA ALA C 739 11.96 -33.99 58.63
C ALA C 739 11.04 -34.72 57.64
N ASN C 740 9.73 -34.68 57.93
CA ASN C 740 8.69 -35.30 57.13
C ASN C 740 7.57 -34.32 56.82
N ILE C 741 7.20 -34.23 55.53
CA ILE C 741 6.03 -33.50 55.06
C ILE C 741 5.06 -34.49 54.43
N GLU C 742 3.79 -34.44 54.87
CA GLU C 742 2.74 -35.32 54.37
C GLU C 742 1.47 -34.50 54.13
N VAL C 743 0.93 -34.59 52.91
CA VAL C 743 -0.31 -33.94 52.55
C VAL C 743 -1.23 -34.97 51.92
N GLN C 744 -2.38 -35.24 52.55
CA GLN C 744 -3.33 -36.21 52.01
C GLN C 744 -4.70 -35.58 51.80
N GLY C 745 -5.28 -35.86 50.63
CA GLY C 745 -6.63 -35.46 50.30
C GLY C 745 -7.54 -36.66 50.02
N GLY C 746 -8.46 -36.92 50.93
CA GLY C 746 -9.38 -38.01 50.76
C GLY C 746 -10.81 -37.53 50.55
N LEU C 747 -11.62 -38.34 49.84
CA LEU C 747 -13.03 -38.01 49.80
C LEU C 747 -13.91 -39.26 49.72
N ALA C 748 -15.15 -39.07 50.16
CA ALA C 748 -16.17 -40.10 50.16
C ALA C 748 -17.28 -39.66 49.21
N ILE C 749 -17.61 -40.51 48.22
CA ILE C 749 -18.71 -40.27 47.30
C ILE C 749 -19.91 -41.11 47.70
N ASP C 750 -21.12 -40.56 47.57
CA ASP C 750 -22.34 -41.29 47.90
C ASP C 750 -23.51 -40.86 46.99
N ILE C 751 -23.53 -41.38 45.76
CA ILE C 751 -24.55 -41.03 44.80
C ILE C 751 -25.80 -41.93 44.97
N SER C 752 -26.98 -41.31 44.97
CA SER C 752 -28.23 -42.05 45.10
C SER C 752 -29.32 -41.43 44.21
N GLY C 753 -30.05 -42.30 43.50
CA GLY C 753 -31.11 -41.91 42.57
C GLY C 753 -32.51 -42.34 43.01
N ALA C 754 -33.52 -41.54 42.66
CA ALA C 754 -34.93 -41.87 42.84
C ALA C 754 -35.75 -41.38 41.64
N MET C 755 -36.78 -42.14 41.25
CA MET C 755 -37.69 -41.76 40.18
C MET C 755 -39.13 -42.00 40.58
N GLU C 756 -40.01 -41.01 40.35
CA GLU C 756 -41.46 -41.20 40.37
C GLU C 756 -41.95 -41.09 38.93
N PHE C 757 -42.79 -42.04 38.51
CA PHE C 757 -43.34 -42.10 37.15
C PHE C 757 -44.83 -42.45 37.23
N SER C 758 -45.68 -41.66 36.60
CA SER C 758 -47.09 -41.99 36.46
C SER C 758 -47.51 -41.80 35.01
N LEU C 759 -47.85 -42.90 34.32
CA LEU C 759 -48.34 -42.79 32.95
C LEU C 759 -49.68 -42.04 32.89
N TRP C 760 -50.60 -42.39 33.79
CA TRP C 760 -51.94 -41.83 33.82
C TRP C 760 -51.86 -40.32 34.05
N TYR C 761 -50.92 -39.90 34.94
CA TYR C 761 -50.74 -38.50 35.29
C TYR C 761 -49.79 -37.77 34.34
N ARG C 762 -49.13 -38.52 33.45
CA ARG C 762 -48.19 -37.93 32.51
C ARG C 762 -47.17 -37.05 33.23
N GLU C 763 -46.55 -37.62 34.27
CA GLU C 763 -45.58 -36.93 35.11
C GLU C 763 -44.42 -37.85 35.46
N SER C 764 -43.28 -37.22 35.67
CA SER C 764 -42.02 -37.87 35.99
C SER C 764 -41.19 -36.91 36.82
N LYS C 765 -40.51 -37.45 37.85
CA LYS C 765 -39.57 -36.67 38.64
C LYS C 765 -38.37 -37.56 38.93
N THR C 766 -37.17 -37.08 38.57
CA THR C 766 -35.94 -37.82 38.83
C THR C 766 -35.03 -36.97 39.71
N ARG C 767 -34.48 -37.56 40.78
CA ARG C 767 -33.57 -36.88 41.71
C ARG C 767 -32.29 -37.71 41.83
N VAL C 768 -31.14 -37.11 41.50
CA VAL C 768 -29.87 -37.77 41.71
C VAL C 768 -29.07 -36.94 42.71
N LYS C 769 -28.77 -37.53 43.87
CA LYS C 769 -28.07 -36.84 44.95
C LYS C 769 -26.62 -37.34 45.03
N ASN C 770 -25.69 -36.41 44.82
CA ASN C 770 -24.27 -36.70 44.93
C ASN C 770 -23.76 -36.12 46.25
N ARG C 771 -23.44 -36.99 47.21
CA ARG C 771 -22.98 -36.56 48.52
C ARG C 771 -21.45 -36.63 48.52
N VAL C 772 -20.74 -35.51 48.72
CA VAL C 772 -19.28 -35.52 48.62
C VAL C 772 -18.65 -34.97 49.90
N THR C 773 -17.79 -35.78 50.54
CA THR C 773 -17.13 -35.32 51.75
C THR C 773 -15.62 -35.32 51.54
N VAL C 774 -15.00 -34.16 51.79
CA VAL C 774 -13.59 -33.98 51.53
C VAL C 774 -12.86 -33.69 52.84
N VAL C 775 -11.71 -34.35 53.03
CA VAL C 775 -10.85 -34.05 54.15
C VAL C 775 -9.42 -33.95 53.65
N ILE C 776 -8.76 -32.82 53.94
CA ILE C 776 -7.38 -32.61 53.51
C ILE C 776 -6.54 -32.39 54.74
N THR C 777 -5.51 -33.24 54.92
CA THR C 777 -4.68 -33.21 56.13
C THR C 777 -3.27 -32.80 55.78
N THR C 778 -2.62 -32.05 56.68
CA THR C 778 -1.19 -31.80 56.55
C THR C 778 -0.47 -32.15 57.84
N ASP C 779 0.80 -32.54 57.71
CA ASP C 779 1.59 -32.97 58.83
C ASP C 779 3.02 -32.58 58.52
N ILE C 780 3.61 -31.74 59.40
CA ILE C 780 5.04 -31.48 59.35
C ILE C 780 5.69 -31.95 60.66
N THR C 781 6.86 -32.57 60.55
CA THR C 781 7.57 -33.04 61.71
C THR C 781 9.08 -32.94 61.53
N VAL C 782 9.73 -32.49 62.62
CA VAL C 782 11.17 -32.61 62.77
C VAL C 782 11.49 -33.39 64.05
N ASP C 783 12.35 -34.41 63.84
CA ASP C 783 12.70 -35.40 64.85
C ASP C 783 14.21 -35.46 64.99
N SER C 784 14.66 -35.59 66.26
CA SER C 784 16.07 -35.71 66.60
C SER C 784 16.27 -36.91 67.53
N SER C 785 15.16 -37.64 67.76
CA SER C 785 15.00 -38.84 68.57
C SER C 785 14.80 -38.54 70.05
N PHE C 786 15.49 -37.54 70.60
CA PHE C 786 15.21 -37.13 71.97
C PHE C 786 14.16 -36.02 72.02
N VAL C 787 14.01 -35.24 70.94
CA VAL C 787 12.92 -34.27 70.87
C VAL C 787 12.25 -34.26 69.48
N LYS C 788 10.94 -33.94 69.46
CA LYS C 788 10.17 -33.91 68.24
C LYS C 788 9.15 -32.76 68.27
N ALA C 789 9.15 -32.00 67.16
CA ALA C 789 8.16 -30.97 66.93
C ALA C 789 7.30 -31.32 65.71
N GLY C 790 5.99 -31.08 65.82
CA GLY C 790 5.08 -31.33 64.73
C GLY C 790 4.08 -30.19 64.57
N LEU C 791 3.65 -29.99 63.32
CA LEU C 791 2.52 -29.14 62.99
C LEU C 791 1.57 -29.87 62.03
N GLU C 792 0.34 -30.12 62.51
CA GLU C 792 -0.68 -30.78 61.69
C GLU C 792 -1.97 -29.96 61.56
N THR C 793 -2.59 -30.03 60.37
CA THR C 793 -3.87 -29.40 60.11
C THR C 793 -4.84 -30.34 59.38
N SER C 794 -6.13 -30.12 59.65
CA SER C 794 -7.21 -30.86 59.04
C SER C 794 -8.27 -29.87 58.53
N THR C 795 -8.62 -29.96 57.25
CA THR C 795 -9.67 -29.14 56.69
C THR C 795 -10.75 -30.05 56.11
N GLU C 796 -12.01 -29.80 56.48
CA GLU C 796 -13.06 -30.71 56.06
C GLU C 796 -14.35 -29.99 55.67
N THR C 797 -15.00 -30.51 54.62
CA THR C 797 -16.29 -30.03 54.18
C THR C 797 -17.19 -31.22 53.81
N GLU C 798 -18.47 -31.11 54.18
CA GLU C 798 -19.49 -32.08 53.86
C GLU C 798 -20.42 -31.47 52.81
N ALA C 799 -20.05 -31.62 51.54
CA ALA C 799 -20.75 -31.04 50.41
C ALA C 799 -21.87 -31.95 49.89
N GLY C 800 -22.71 -31.37 49.00
CA GLY C 800 -23.88 -32.02 48.44
C GLY C 800 -24.34 -31.31 47.16
N LEU C 801 -24.46 -32.08 46.09
CA LEU C 801 -24.98 -31.60 44.82
C LEU C 801 -26.16 -32.47 44.39
N GLU C 802 -27.29 -31.84 44.05
CA GLU C 802 -28.47 -32.55 43.62
C GLU C 802 -28.88 -32.10 42.22
N PHE C 803 -29.22 -33.06 41.35
CA PHE C 803 -29.81 -32.78 40.05
C PHE C 803 -31.25 -33.31 40.02
N ILE C 804 -32.20 -32.43 39.75
CA ILE C 804 -33.61 -32.80 39.71
C ILE C 804 -34.16 -32.52 38.32
N SER C 805 -34.99 -33.45 37.84
CA SER C 805 -35.63 -33.38 36.53
C SER C 805 -37.14 -33.61 36.67
N THR C 806 -37.94 -32.59 36.38
CA THR C 806 -39.40 -32.66 36.44
C THR C 806 -40.00 -32.64 35.03
N VAL C 807 -40.75 -33.69 34.67
CA VAL C 807 -41.30 -33.86 33.33
C VAL C 807 -42.84 -33.93 33.36
N GLN C 808 -43.49 -33.06 32.57
CA GLN C 808 -44.94 -33.11 32.36
C GLN C 808 -45.19 -33.43 30.90
N PHE C 809 -45.53 -34.70 30.61
CA PHE C 809 -45.47 -35.17 29.24
C PHE C 809 -46.86 -35.39 28.60
N SER C 810 -47.87 -34.61 29.03
CA SER C 810 -49.23 -34.73 28.48
C SER C 810 -49.32 -34.37 26.99
N GLN C 811 -48.64 -33.31 26.56
CA GLN C 811 -48.64 -32.83 25.17
C GLN C 811 -47.20 -32.64 24.72
N TYR C 812 -46.86 -33.20 23.56
N TYR C 812 -46.83 -33.23 23.58
CA TYR C 812 -45.59 -32.90 22.91
CA TYR C 812 -45.50 -33.04 23.02
C TYR C 812 -45.64 -31.48 22.37
C TYR C 812 -45.37 -31.59 22.55
N PRO C 813 -44.57 -30.65 22.49
N PRO C 813 -44.28 -30.84 22.89
CA PRO C 813 -43.36 -30.99 23.25
CA PRO C 813 -42.96 -31.42 23.19
C PRO C 813 -43.59 -30.84 24.76
C PRO C 813 -42.54 -31.78 24.63
N PHE C 814 -42.98 -31.75 25.52
N PHE C 814 -43.48 -31.70 25.59
CA PHE C 814 -43.20 -31.94 26.95
CA PHE C 814 -43.30 -31.98 27.01
C PHE C 814 -42.59 -30.77 27.73
C PHE C 814 -42.60 -30.83 27.73
N LEU C 815 -43.13 -30.49 28.91
CA LEU C 815 -42.48 -29.54 29.83
C LEU C 815 -41.38 -30.26 30.62
N VAL C 816 -40.14 -29.77 30.51
CA VAL C 816 -39.02 -30.33 31.26
C VAL C 816 -38.35 -29.21 32.06
N CYS C 817 -38.23 -29.41 33.37
CA CYS C 817 -37.55 -28.47 34.23
C CYS C 817 -36.41 -29.20 34.94
N MET C 818 -35.18 -28.78 34.64
CA MET C 818 -33.97 -29.32 35.24
C MET C 818 -33.42 -28.34 36.27
N GLN C 819 -32.83 -28.85 37.35
CA GLN C 819 -32.26 -28.07 38.45
C GLN C 819 -30.95 -28.70 38.92
N MET C 820 -29.92 -27.87 39.10
CA MET C 820 -28.63 -28.20 39.68
C MET C 820 -28.53 -27.40 40.98
N ASP C 821 -28.47 -28.10 42.12
CA ASP C 821 -28.61 -27.48 43.43
C ASP C 821 -27.44 -27.92 44.33
N LYS C 822 -26.64 -26.95 44.78
CA LYS C 822 -25.55 -27.22 45.71
C LYS C 822 -25.99 -26.90 47.12
N ASP C 823 -25.88 -27.88 48.03
CA ASP C 823 -26.36 -27.72 49.39
C ASP C 823 -25.46 -26.81 50.20
N GLU C 824 -26.01 -26.22 51.27
CA GLU C 824 -25.20 -25.51 52.25
C GLU C 824 -24.23 -26.51 52.85
N ALA C 825 -22.95 -26.16 52.95
CA ALA C 825 -21.93 -27.12 53.36
C ALA C 825 -21.21 -26.64 54.62
N PRO C 826 -21.01 -27.51 55.65
CA PRO C 826 -20.19 -27.16 56.80
C PRO C 826 -18.70 -27.22 56.43
N PHE C 827 -17.94 -26.25 56.96
CA PHE C 827 -16.51 -26.11 56.69
C PHE C 827 -15.77 -25.97 58.02
N ARG C 828 -14.85 -26.91 58.32
CA ARG C 828 -14.23 -27.04 59.64
C ARG C 828 -12.72 -27.17 59.50
N GLN C 829 -11.97 -26.29 60.18
CA GLN C 829 -10.50 -26.31 60.15
C GLN C 829 -9.93 -26.58 61.55
N PHE C 830 -8.89 -27.43 61.57
CA PHE C 830 -8.24 -27.87 62.80
CA PHE C 830 -8.24 -27.85 62.80
C PHE C 830 -6.73 -27.67 62.68
N GLU C 831 -6.08 -27.30 63.80
CA GLU C 831 -4.63 -27.15 63.86
C GLU C 831 -4.15 -27.70 65.19
N LYS C 832 -3.05 -28.46 65.15
CA LYS C 832 -2.39 -28.97 66.33
C LYS C 832 -0.88 -28.81 66.19
N LYS C 833 -0.26 -28.04 67.09
CA LYS C 833 1.19 -27.97 67.14
C LYS C 833 1.69 -28.64 68.43
N TYR C 834 2.86 -29.27 68.36
CA TYR C 834 3.44 -29.91 69.54
C TYR C 834 4.98 -29.93 69.53
N GLU C 835 5.54 -29.95 70.75
CA GLU C 835 6.93 -30.21 71.10
C GLU C 835 6.91 -31.35 72.13
N ARG C 836 7.71 -32.40 71.92
CA ARG C 836 7.58 -33.65 72.67
C ARG C 836 8.97 -34.23 72.94
N LEU C 837 9.09 -35.12 73.93
CA LEU C 837 10.40 -35.37 74.51
C LEU C 837 10.75 -36.85 74.52
N SER C 838 10.03 -37.66 73.76
CA SER C 838 10.38 -39.08 73.75
C SER C 838 9.73 -39.81 74.92
N THR C 839 9.38 -39.09 75.99
CA THR C 839 8.44 -39.55 76.99
C THR C 839 7.70 -38.33 77.48
N GLY C 840 6.44 -38.49 77.89
CA GLY C 840 5.60 -37.39 78.35
C GLY C 840 4.70 -36.86 77.23
N ARG C 841 3.66 -36.10 77.63
CA ARG C 841 2.72 -35.56 76.66
C ARG C 841 3.37 -34.42 75.87
N GLY C 842 4.23 -33.65 76.55
CA GLY C 842 4.94 -32.51 75.98
C GLY C 842 4.02 -31.30 75.92
N TYR C 843 4.33 -30.34 75.04
CA TYR C 843 3.51 -29.16 74.80
C TYR C 843 2.56 -29.40 73.64
N VAL C 844 1.24 -29.22 73.86
CA VAL C 844 0.24 -29.28 72.80
C VAL C 844 -0.63 -28.03 72.81
N SER C 845 -0.81 -27.44 71.64
CA SER C 845 -1.78 -26.36 71.40
C SER C 845 -2.66 -26.68 70.20
N GLN C 846 -3.98 -26.62 70.37
CA GLN C 846 -4.97 -26.92 69.34
C GLN C 846 -5.93 -25.76 69.09
N LYS C 847 -6.25 -25.44 67.83
CA LYS C 847 -7.34 -24.53 67.50
C LYS C 847 -8.40 -25.16 66.60
N ARG C 848 -9.62 -24.57 66.59
CA ARG C 848 -10.76 -25.05 65.83
C ARG C 848 -11.52 -23.87 65.24
N LYS C 849 -11.77 -23.89 63.94
CA LYS C 849 -12.65 -22.92 63.29
C LYS C 849 -13.76 -23.71 62.59
N GLU C 850 -14.96 -23.13 62.58
CA GLU C 850 -16.11 -23.78 62.00
C GLU C 850 -17.00 -22.72 61.36
N SER C 851 -16.94 -22.60 60.03
CA SER C 851 -17.82 -21.75 59.23
C SER C 851 -18.87 -22.59 58.48
N VAL C 852 -19.67 -21.94 57.63
CA VAL C 852 -20.69 -22.55 56.78
C VAL C 852 -20.63 -21.92 55.38
N LEU C 853 -20.41 -22.73 54.33
CA LEU C 853 -20.44 -22.27 52.95
C LEU C 853 -21.89 -22.29 52.45
N ALA C 854 -22.30 -21.21 51.77
CA ALA C 854 -23.69 -21.03 51.40
C ALA C 854 -24.04 -21.84 50.14
N GLY C 855 -25.32 -22.25 50.05
CA GLY C 855 -25.82 -23.03 48.93
C GLY C 855 -26.24 -22.14 47.77
N CYS C 856 -26.51 -22.76 46.62
CA CYS C 856 -27.01 -22.01 45.49
C CYS C 856 -27.68 -22.95 44.47
N GLU C 857 -28.35 -22.38 43.46
CA GLU C 857 -28.72 -23.10 42.25
C GLU C 857 -27.86 -22.57 41.11
N PHE C 858 -27.49 -23.46 40.19
CA PHE C 858 -26.80 -23.09 38.98
C PHE C 858 -27.82 -22.97 37.87
N PRO C 859 -27.84 -21.86 37.10
CA PRO C 859 -28.78 -21.75 35.99
C PRO C 859 -28.32 -22.70 34.87
N LEU C 860 -29.28 -23.15 34.08
CA LEU C 860 -28.99 -23.78 32.80
C LEU C 860 -29.42 -22.82 31.70
N HIS C 861 -29.65 -23.32 30.48
CA HIS C 861 -30.09 -22.47 29.37
C HIS C 861 -31.39 -21.75 29.72
N GLN C 862 -31.61 -20.58 29.09
CA GLN C 862 -32.77 -19.74 29.38
C GLN C 862 -34.07 -20.47 29.10
N GLU C 863 -34.11 -21.35 28.08
CA GLU C 863 -35.35 -22.07 27.80
C GLU C 863 -35.74 -22.95 28.97
N ASN C 864 -34.74 -23.48 29.70
CA ASN C 864 -34.98 -24.28 30.87
C ASN C 864 -35.60 -23.41 31.97
N SER C 865 -35.05 -22.22 32.19
CA SER C 865 -35.64 -21.30 33.15
C SER C 865 -37.10 -21.01 32.85
N GLU C 866 -37.46 -20.83 31.57
CA GLU C 866 -38.82 -20.59 31.13
C GLU C 866 -39.74 -21.75 31.53
N MET C 867 -39.26 -22.97 31.34
CA MET C 867 -40.04 -24.16 31.61
C MET C 867 -40.15 -24.38 33.13
N CYS C 868 -39.16 -23.92 33.89
CA CYS C 868 -39.21 -24.00 35.33
C CYS C 868 -40.22 -23.00 35.91
N LYS C 869 -40.39 -21.84 35.25
CA LYS C 869 -41.37 -20.83 35.64
C LYS C 869 -42.75 -21.47 35.62
N VAL C 870 -43.02 -22.26 34.58
CA VAL C 870 -44.32 -22.85 34.36
C VAL C 870 -44.53 -23.97 35.36
N VAL C 871 -43.52 -24.83 35.52
CA VAL C 871 -43.61 -25.99 36.39
C VAL C 871 -43.87 -25.53 37.83
N PHE C 872 -43.25 -24.43 38.24
CA PHE C 872 -43.35 -23.98 39.61
C PHE C 872 -44.28 -22.77 39.68
N ALA C 873 -45.18 -22.62 38.71
CA ALA C 873 -46.09 -21.47 38.70
C ALA C 873 -46.89 -21.45 39.99
N PRO C 874 -47.33 -20.25 40.50
CA PRO C 874 -48.04 -20.14 41.78
C PRO C 874 -49.23 -21.07 42.00
N GLN C 875 -49.96 -21.41 40.92
CA GLN C 875 -50.96 -22.49 40.95
C GLN C 875 -50.60 -23.53 39.87
N GLY D 11 24.40 30.77 -85.28
CA GLY D 11 24.85 30.57 -86.68
C GLY D 11 24.19 29.38 -87.40
N HIS D 12 23.18 28.74 -86.77
CA HIS D 12 22.37 27.71 -87.43
C HIS D 12 20.88 27.85 -87.11
N THR D 13 20.50 28.56 -86.03
CA THR D 13 19.09 28.83 -85.72
C THR D 13 18.56 29.92 -86.65
N THR D 14 17.22 30.02 -86.76
CA THR D 14 16.52 31.06 -87.51
C THR D 14 15.28 31.51 -86.75
N GLY D 15 14.84 32.75 -86.99
CA GLY D 15 13.72 33.29 -86.24
C GLY D 15 12.61 33.77 -87.17
N LEU D 16 12.26 35.04 -87.04
CA LEU D 16 11.30 35.70 -87.90
C LEU D 16 11.87 35.79 -89.31
N SER D 17 11.00 35.60 -90.30
CA SER D 17 11.36 35.83 -91.70
C SER D 17 10.25 36.67 -92.33
N LEU D 18 10.64 37.68 -93.13
CA LEU D 18 9.67 38.52 -93.82
C LEU D 18 9.87 38.33 -95.33
N ASN D 19 8.84 38.71 -96.10
CA ASN D 19 8.92 38.72 -97.56
C ASN D 19 9.31 40.11 -98.04
N ASN D 20 10.06 40.14 -99.16
CA ASN D 20 10.48 41.38 -99.81
C ASN D 20 9.24 42.20 -100.17
N ASP D 21 9.36 43.52 -100.12
CA ASP D 21 8.37 44.47 -100.63
C ASP D 21 7.00 44.23 -99.99
N ARG D 22 6.97 43.64 -98.79
CA ARG D 22 5.69 43.50 -98.08
C ARG D 22 5.71 44.29 -96.77
N LEU D 23 4.58 44.96 -96.48
CA LEU D 23 4.37 45.67 -95.23
C LEU D 23 3.46 44.84 -94.31
N TYR D 24 3.93 44.51 -93.10
CA TYR D 24 3.12 43.79 -92.13
C TYR D 24 2.36 44.76 -91.23
N LYS D 25 1.08 44.50 -91.04
CA LYS D 25 0.23 45.34 -90.21
C LYS D 25 -0.13 44.52 -88.98
N LEU D 26 0.34 44.96 -87.81
CA LEU D 26 0.16 44.25 -86.56
C LEU D 26 -0.56 45.18 -85.59
N THR D 27 -1.19 44.60 -84.57
CA THR D 27 -1.66 45.36 -83.43
C THR D 27 -0.78 45.03 -82.22
N TYR D 28 -0.59 46.04 -81.35
CA TYR D 28 0.29 45.89 -80.20
C TYR D 28 -0.38 46.47 -78.97
N SER D 29 -0.39 45.64 -77.93
CA SER D 29 -0.95 46.04 -76.66
C SER D 29 -0.04 45.55 -75.53
N THR D 30 0.12 46.41 -74.53
CA THR D 30 0.81 46.09 -73.30
C THR D 30 0.02 46.64 -72.11
N GLU D 31 -0.19 45.78 -71.11
CA GLU D 31 -0.80 46.24 -69.88
C GLU D 31 -0.08 45.70 -68.63
N VAL D 32 -0.29 46.42 -67.53
CA VAL D 32 0.31 46.09 -66.26
C VAL D 32 -0.75 46.19 -65.15
N LEU D 33 -0.75 45.19 -64.24
CA LEU D 33 -1.66 45.09 -63.11
C LEU D 33 -0.88 44.95 -61.80
N LEU D 34 -1.25 45.78 -60.81
CA LEU D 34 -0.76 45.68 -59.44
C LEU D 34 -1.85 45.10 -58.54
N ASP D 35 -1.51 44.07 -57.77
CA ASP D 35 -2.53 43.37 -57.00
C ASP D 35 -2.01 43.03 -55.60
N ARG D 36 -2.95 42.93 -54.65
CA ARG D 36 -2.67 42.50 -53.29
C ARG D 36 -2.28 41.03 -53.24
N GLY D 37 -2.39 40.36 -54.39
CA GLY D 37 -1.84 39.03 -54.59
C GLY D 37 -2.98 38.03 -54.76
N LYS D 38 -3.47 37.51 -53.64
CA LYS D 38 -4.58 36.57 -53.63
C LYS D 38 -5.87 37.31 -53.25
N GLY D 39 -6.81 37.34 -54.21
CA GLY D 39 -8.09 38.01 -54.04
C GLY D 39 -8.79 38.22 -55.37
N LYS D 40 -9.67 39.23 -55.40
CA LYS D 40 -10.52 39.54 -56.54
C LYS D 40 -9.73 40.35 -57.55
N LEU D 41 -9.58 39.79 -58.76
CA LEU D 41 -8.69 40.28 -59.81
C LEU D 41 -9.30 41.53 -60.47
N GLN D 42 -10.33 42.09 -59.83
CA GLN D 42 -11.09 43.21 -60.36
C GLN D 42 -10.80 44.50 -59.59
N ASP D 43 -10.02 44.41 -58.49
CA ASP D 43 -9.82 45.55 -57.59
C ASP D 43 -8.40 46.09 -57.72
N SER D 44 -7.83 46.04 -58.92
CA SER D 44 -6.44 46.38 -59.08
C SER D 44 -6.31 47.72 -59.81
N VAL D 45 -5.05 48.14 -59.97
CA VAL D 45 -4.68 49.40 -60.60
C VAL D 45 -3.65 49.07 -61.68
N GLY D 46 -3.54 49.99 -62.65
CA GLY D 46 -2.64 49.83 -63.78
C GLY D 46 -3.16 50.58 -65.00
N TYR D 47 -2.65 50.19 -66.16
CA TYR D 47 -2.94 50.88 -67.40
C TYR D 47 -2.49 50.02 -68.57
N ARG D 48 -3.08 50.29 -69.75
CA ARG D 48 -2.87 49.62 -71.03
C ARG D 48 -2.33 50.66 -72.04
N ILE D 49 -1.28 50.28 -72.76
CA ILE D 49 -0.75 51.08 -73.86
C ILE D 49 -0.93 50.26 -75.12
N SER D 50 -1.68 50.80 -76.11
CA SER D 50 -1.93 50.10 -77.35
C SER D 50 -1.58 50.95 -78.57
N SER D 51 -1.30 50.28 -79.67
CA SER D 51 -0.93 50.94 -80.91
C SER D 51 -1.11 49.96 -82.08
N ASN D 52 -1.00 50.52 -83.29
CA ASN D 52 -0.86 49.71 -84.50
C ASN D 52 0.63 49.64 -84.76
N VAL D 53 1.08 48.64 -85.50
CA VAL D 53 2.50 48.44 -85.76
C VAL D 53 2.73 48.00 -87.21
N ASP D 54 3.53 48.81 -87.92
CA ASP D 54 3.96 48.52 -89.28
C ASP D 54 5.37 47.96 -89.23
N VAL D 55 5.61 46.90 -90.01
CA VAL D 55 6.91 46.27 -90.07
C VAL D 55 7.25 46.00 -91.54
N ALA D 56 8.43 46.45 -91.96
CA ALA D 56 8.89 46.39 -93.33
C ALA D 56 10.34 45.96 -93.36
N LEU D 57 10.68 45.06 -94.28
CA LEU D 57 12.04 44.64 -94.51
C LEU D 57 12.72 45.66 -95.44
N LEU D 58 13.85 46.23 -95.00
CA LEU D 58 14.55 47.27 -95.74
C LEU D 58 15.74 46.69 -96.51
N TRP D 59 16.33 45.60 -96.00
CA TRP D 59 17.59 45.11 -96.55
C TRP D 59 17.80 43.65 -96.16
N ARG D 60 18.56 42.94 -96.97
CA ARG D 60 18.85 41.52 -96.82
C ARG D 60 20.26 41.32 -97.35
N ASN D 61 21.05 40.47 -96.69
CA ASN D 61 22.44 40.32 -97.07
C ASN D 61 22.48 39.58 -98.40
N PRO D 62 23.17 40.14 -99.41
CA PRO D 62 23.29 39.52 -100.72
C PRO D 62 24.03 38.18 -100.72
N ASP D 63 24.73 37.85 -99.62
CA ASP D 63 25.47 36.60 -99.53
C ASP D 63 24.56 35.42 -99.20
N GLY D 64 23.28 35.70 -98.88
CA GLY D 64 22.29 34.67 -98.61
C GLY D 64 22.33 34.11 -97.19
N ASP D 65 23.21 34.67 -96.34
CA ASP D 65 23.18 34.45 -94.91
C ASP D 65 21.89 35.05 -94.35
N ASP D 66 21.33 34.38 -93.34
CA ASP D 66 20.12 34.83 -92.65
C ASP D 66 20.41 36.16 -91.95
N ASP D 67 20.34 37.26 -92.71
CA ASP D 67 20.84 38.55 -92.24
C ASP D 67 19.93 39.62 -92.83
N GLN D 68 19.15 40.27 -91.97
CA GLN D 68 18.09 41.14 -92.44
C GLN D 68 17.99 42.39 -91.57
N LEU D 69 17.41 43.46 -92.13
CA LEU D 69 17.27 44.73 -91.45
C LEU D 69 15.83 45.17 -91.57
N ILE D 70 15.14 45.28 -90.45
CA ILE D 70 13.71 45.55 -90.51
C ILE D 70 13.41 46.91 -89.91
N GLN D 71 12.27 47.49 -90.27
CA GLN D 71 11.81 48.76 -89.77
C GLN D 71 10.47 48.58 -89.05
N ILE D 72 10.36 49.17 -87.85
CA ILE D 72 9.23 48.95 -86.96
C ILE D 72 8.69 50.32 -86.57
N THR D 73 7.39 50.52 -86.73
CA THR D 73 6.79 51.84 -86.46
C THR D 73 5.51 51.62 -85.67
N MET D 74 5.39 52.38 -84.60
CA MET D 74 4.14 52.41 -83.85
C MET D 74 3.33 53.60 -84.34
N LYS D 75 2.03 53.40 -84.52
CA LYS D 75 1.09 54.44 -84.92
C LYS D 75 -0.16 54.33 -84.06
N ASP D 76 -0.89 55.45 -83.91
CA ASP D 76 -2.19 55.44 -83.28
C ASP D 76 -2.07 54.97 -81.82
N VAL D 77 -1.06 55.49 -81.13
CA VAL D 77 -0.78 55.09 -79.76
C VAL D 77 -1.83 55.68 -78.81
N ASN D 78 -2.35 54.83 -77.93
CA ASN D 78 -3.37 55.23 -76.98
C ASN D 78 -3.08 54.64 -75.59
N VAL D 79 -3.53 55.31 -74.53
CA VAL D 79 -3.33 54.84 -73.17
C VAL D 79 -4.68 54.75 -72.47
N GLU D 80 -5.01 53.57 -71.90
CA GLU D 80 -6.32 53.34 -71.31
C GLU D 80 -6.21 52.65 -69.95
N ASN D 81 -7.31 52.68 -69.22
CA ASN D 81 -7.51 51.95 -67.97
C ASN D 81 -7.43 50.44 -68.22
N VAL D 82 -7.01 49.72 -67.17
CA VAL D 82 -7.17 48.28 -67.11
C VAL D 82 -8.46 47.95 -66.38
N ASN D 83 -8.78 48.80 -65.40
CA ASN D 83 -9.99 48.68 -64.60
C ASN D 83 -11.18 49.24 -65.36
N GLN D 84 -12.24 48.45 -65.46
CA GLN D 84 -13.39 48.82 -66.28
C GLN D 84 -14.42 49.67 -65.54
N GLN D 85 -14.28 49.79 -64.21
CA GLN D 85 -15.25 50.52 -63.39
C GLN D 85 -14.72 51.88 -62.92
N ARG D 86 -13.69 52.41 -63.58
CA ARG D 86 -13.16 53.71 -63.21
C ARG D 86 -14.19 54.82 -63.45
N GLY D 87 -15.04 54.65 -64.48
CA GLY D 87 -16.05 55.61 -64.86
C GLY D 87 -15.55 57.06 -64.82
N GLU D 88 -16.23 57.88 -64.02
CA GLU D 88 -15.99 59.30 -63.93
C GLU D 88 -14.71 59.59 -63.15
N LYS D 89 -14.11 58.55 -62.56
CA LYS D 89 -12.90 58.77 -61.80
C LYS D 89 -11.67 58.48 -62.64
N SER D 90 -11.88 58.10 -63.90
CA SER D 90 -10.77 57.74 -64.78
C SER D 90 -9.85 58.93 -65.02
N ILE D 91 -8.53 58.69 -64.96
CA ILE D 91 -7.55 59.73 -65.18
C ILE D 91 -7.48 60.11 -66.66
N PHE D 92 -8.00 59.27 -67.56
CA PHE D 92 -7.91 59.47 -69.00
C PHE D 92 -9.11 60.23 -69.60
N LYS D 93 -10.08 60.64 -68.77
CA LYS D 93 -11.32 61.28 -69.21
C LYS D 93 -11.04 62.54 -70.04
N GLY D 94 -11.45 62.49 -71.31
CA GLY D 94 -11.39 63.60 -72.24
C GLY D 94 -9.98 64.08 -72.59
N LYS D 95 -8.98 63.19 -72.47
CA LYS D 95 -7.61 63.58 -72.77
C LYS D 95 -7.11 62.83 -74.00
N SER D 96 -6.43 63.57 -74.88
CA SER D 96 -5.92 63.00 -76.10
C SER D 96 -4.62 62.25 -75.77
N PRO D 97 -4.19 61.27 -76.59
CA PRO D 97 -2.86 60.66 -76.45
C PRO D 97 -1.74 61.68 -76.22
N SER D 98 -1.80 62.78 -76.97
CA SER D 98 -0.85 63.87 -76.85
C SER D 98 -0.92 64.49 -75.44
N LYS D 99 -2.14 64.74 -74.94
CA LYS D 99 -2.27 65.35 -73.63
C LYS D 99 -1.86 64.38 -72.52
N ILE D 100 -1.98 63.07 -72.75
CA ILE D 100 -1.63 62.07 -71.76
C ILE D 100 -0.11 61.98 -71.67
N MET D 101 0.57 61.88 -72.81
CA MET D 101 1.99 61.62 -72.73
C MET D 101 2.83 62.89 -72.85
N GLY D 102 2.28 63.94 -73.49
CA GLY D 102 3.11 65.06 -73.93
C GLY D 102 3.42 64.95 -75.43
N LYS D 103 3.39 66.09 -76.12
CA LYS D 103 3.61 66.16 -77.56
C LYS D 103 4.93 65.48 -77.93
N GLU D 104 6.02 65.82 -77.22
CA GLU D 104 7.35 65.34 -77.57
C GLU D 104 7.46 63.81 -77.39
N ASN D 105 6.83 63.29 -76.32
CA ASN D 105 6.79 61.85 -76.04
C ASN D 105 6.08 61.08 -77.16
N LEU D 106 4.85 61.52 -77.50
CA LEU D 106 4.04 60.87 -78.52
C LEU D 106 4.80 60.82 -79.86
N GLU D 107 5.44 61.94 -80.23
CA GLU D 107 6.22 61.98 -81.46
C GLU D 107 7.34 60.93 -81.40
N ALA D 108 8.00 60.86 -80.24
CA ALA D 108 9.14 59.98 -80.06
C ALA D 108 8.69 58.51 -80.17
N LEU D 109 7.54 58.21 -79.56
CA LEU D 109 6.94 56.90 -79.56
C LEU D 109 6.62 56.47 -80.98
N GLN D 110 6.18 57.43 -81.82
CA GLN D 110 5.69 57.12 -83.16
C GLN D 110 6.79 57.21 -84.22
N ARG D 111 8.01 57.60 -83.81
CA ARG D 111 9.14 57.61 -84.73
C ARG D 111 9.57 56.17 -84.99
N PRO D 112 10.01 55.81 -86.22
CA PRO D 112 10.36 54.41 -86.50
C PRO D 112 11.67 53.96 -85.84
N THR D 113 11.99 52.69 -86.04
CA THR D 113 13.02 51.98 -85.30
C THR D 113 13.59 50.94 -86.26
N LEU D 114 14.89 50.72 -86.21
CA LEU D 114 15.45 49.73 -87.11
C LEU D 114 16.01 48.59 -86.28
N LEU D 115 15.87 47.36 -86.79
CA LEU D 115 16.44 46.24 -86.08
C LEU D 115 17.21 45.37 -87.06
N HIS D 116 18.51 45.24 -86.85
CA HIS D 116 19.35 44.37 -87.67
C HIS D 116 19.47 43.00 -87.00
N LEU D 117 18.89 41.97 -87.66
CA LEU D 117 18.79 40.62 -87.12
C LEU D 117 19.71 39.67 -87.90
N ILE D 118 20.49 38.86 -87.18
CA ILE D 118 21.30 37.83 -87.80
C ILE D 118 20.99 36.49 -87.14
N HIS D 119 20.61 35.50 -87.96
CA HIS D 119 20.12 34.21 -87.52
C HIS D 119 18.95 34.38 -86.53
N GLY D 120 18.15 35.43 -86.76
CA GLY D 120 16.96 35.67 -85.97
C GLY D 120 17.24 36.33 -84.63
N LYS D 121 18.51 36.68 -84.37
CA LYS D 121 18.90 37.33 -83.12
C LYS D 121 19.38 38.76 -83.38
N VAL D 122 19.19 39.61 -82.38
CA VAL D 122 19.47 41.03 -82.48
C VAL D 122 20.97 41.24 -82.60
N LYS D 123 21.40 41.87 -83.69
CA LYS D 123 22.81 42.25 -83.82
C LYS D 123 22.95 43.74 -83.50
N GLU D 124 21.96 44.57 -83.87
CA GLU D 124 22.01 46.01 -83.60
C GLU D 124 20.60 46.61 -83.63
N PHE D 125 20.37 47.62 -82.77
CA PHE D 125 19.12 48.35 -82.70
C PHE D 125 19.41 49.83 -83.03
N TYR D 126 18.53 50.47 -83.83
CA TYR D 126 18.72 51.87 -84.23
C TYR D 126 17.53 52.74 -83.88
N SER D 127 17.83 53.94 -83.37
CA SER D 127 16.82 54.91 -83.01
C SER D 127 17.42 56.32 -82.95
N TYR D 128 16.57 57.31 -82.63
CA TYR D 128 16.97 58.69 -82.54
C TYR D 128 17.51 58.96 -81.15
N GLN D 129 18.66 59.62 -81.10
CA GLN D 129 19.45 59.81 -79.90
C GLN D 129 18.68 60.57 -78.82
N ASN D 130 18.02 61.68 -79.16
CA ASN D 130 17.59 62.57 -78.09
C ASN D 130 16.14 62.31 -77.71
N GLU D 131 15.86 61.17 -77.07
CA GLU D 131 14.49 60.82 -76.69
C GLU D 131 14.41 60.49 -75.20
N ALA D 132 13.25 60.71 -74.57
CA ALA D 132 13.08 60.32 -73.18
C ALA D 132 13.34 58.81 -73.01
N VAL D 133 13.99 58.45 -71.88
CA VAL D 133 14.46 57.10 -71.63
C VAL D 133 13.26 56.16 -71.47
N ALA D 134 12.23 56.62 -70.74
CA ALA D 134 10.99 55.85 -70.60
C ALA D 134 10.47 55.37 -71.96
N ILE D 135 10.52 56.27 -72.95
CA ILE D 135 9.94 56.06 -74.27
C ILE D 135 10.86 55.18 -75.10
N GLU D 136 12.18 55.36 -74.98
CA GLU D 136 13.10 54.50 -75.69
C GLU D 136 12.94 53.05 -75.19
N ASN D 137 12.60 52.92 -73.90
CA ASN D 137 12.39 51.62 -73.29
C ASN D 137 11.15 50.93 -73.88
N ILE D 138 10.03 51.67 -74.03
CA ILE D 138 8.85 51.12 -74.66
C ILE D 138 9.20 50.60 -76.05
N LYS D 139 10.01 51.38 -76.80
CA LYS D 139 10.39 50.98 -78.14
C LYS D 139 11.25 49.73 -78.10
N ARG D 140 12.17 49.68 -77.14
CA ARG D 140 13.05 48.53 -76.98
C ARG D 140 12.21 47.30 -76.61
N GLY D 141 11.16 47.53 -75.81
CA GLY D 141 10.24 46.49 -75.39
C GLY D 141 9.61 45.79 -76.59
N LEU D 142 9.02 46.61 -77.48
CA LEU D 142 8.37 46.11 -78.67
C LEU D 142 9.39 45.41 -79.58
N ALA D 143 10.56 46.05 -79.81
CA ALA D 143 11.56 45.47 -80.70
C ALA D 143 12.06 44.11 -80.20
N SER D 144 12.09 43.92 -78.88
CA SER D 144 12.64 42.71 -78.29
C SER D 144 11.85 41.45 -78.64
N LEU D 145 10.54 41.62 -78.94
CA LEU D 145 9.66 40.50 -79.26
C LEU D 145 10.05 39.84 -80.58
N PHE D 146 10.68 40.60 -81.49
CA PHE D 146 11.00 40.10 -82.81
C PHE D 146 12.18 39.13 -82.79
N GLN D 147 12.85 39.04 -81.63
CA GLN D 147 13.98 38.15 -81.49
C GLN D 147 13.48 36.79 -81.00
N THR D 148 13.77 35.73 -81.75
CA THR D 148 13.23 34.41 -81.47
C THR D 148 13.98 33.33 -82.23
N GLN D 149 13.49 32.10 -82.05
CA GLN D 149 14.09 30.86 -82.50
C GLN D 149 12.94 29.89 -82.77
N LEU D 150 12.96 29.18 -83.91
CA LEU D 150 11.88 28.27 -84.24
C LEU D 150 12.10 26.85 -83.69
N SER D 151 13.30 26.54 -83.19
CA SER D 151 13.64 25.22 -82.69
C SER D 151 13.98 25.24 -81.19
N SER D 152 14.06 24.06 -80.57
CA SER D 152 14.26 23.94 -79.12
C SER D 152 15.74 24.08 -78.76
N GLY D 153 15.99 24.61 -77.54
CA GLY D 153 17.33 24.72 -76.99
C GLY D 153 17.45 25.87 -75.99
N THR D 154 18.64 25.97 -75.41
CA THR D 154 18.95 26.96 -74.39
C THR D 154 20.08 27.82 -74.90
N THR D 155 20.05 29.12 -74.60
CA THR D 155 21.06 30.03 -75.10
C THR D 155 21.06 31.33 -74.29
N ASN D 156 22.03 32.20 -74.61
CA ASN D 156 22.12 33.50 -73.98
C ASN D 156 21.74 34.58 -75.00
N GLU D 157 20.82 35.48 -74.63
CA GLU D 157 20.37 36.51 -75.54
C GLU D 157 20.39 37.88 -74.85
N VAL D 158 20.62 38.93 -75.63
CA VAL D 158 20.48 40.28 -75.13
C VAL D 158 19.16 40.85 -75.64
N ASP D 159 18.39 41.49 -74.74
CA ASP D 159 17.22 42.26 -75.13
C ASP D 159 16.96 43.30 -74.04
N ILE D 160 15.75 43.90 -74.03
CA ILE D 160 15.38 44.93 -73.07
C ILE D 160 15.83 44.52 -71.67
N SER D 161 15.74 43.21 -71.36
CA SER D 161 15.90 42.67 -70.02
C SER D 161 17.38 42.46 -69.67
N GLY D 162 18.28 42.88 -70.56
CA GLY D 162 19.70 42.63 -70.43
C GLY D 162 20.12 41.32 -71.10
N ASN D 163 21.24 40.77 -70.63
CA ASN D 163 21.79 39.49 -71.04
C ASN D 163 21.22 38.43 -70.12
N CYS D 164 20.37 37.52 -70.66
CA CYS D 164 19.67 36.49 -69.90
C CYS D 164 19.88 35.14 -70.57
N LYS D 165 19.76 34.10 -69.75
CA LYS D 165 19.69 32.73 -70.23
C LYS D 165 18.23 32.49 -70.59
N VAL D 166 18.03 31.90 -71.78
CA VAL D 166 16.72 31.74 -72.37
C VAL D 166 16.56 30.30 -72.87
N THR D 167 15.35 29.74 -72.68
CA THR D 167 15.03 28.37 -73.06
C THR D 167 13.86 28.38 -74.03
N TYR D 168 14.03 27.67 -75.17
CA TYR D 168 13.00 27.56 -76.18
C TYR D 168 12.42 26.14 -76.26
N GLN D 169 11.09 26.04 -76.22
CA GLN D 169 10.41 24.78 -76.46
C GLN D 169 9.61 24.88 -77.75
N ALA D 170 10.14 24.24 -78.81
CA ALA D 170 9.45 24.22 -80.10
C ALA D 170 8.37 23.14 -80.08
N HIS D 171 7.11 23.54 -80.21
CA HIS D 171 5.99 22.61 -80.33
C HIS D 171 5.39 22.68 -81.73
N GLN D 172 4.16 22.16 -81.86
CA GLN D 172 3.48 22.04 -83.15
C GLN D 172 3.01 23.42 -83.62
N ASP D 173 2.20 24.10 -82.80
CA ASP D 173 1.57 25.35 -83.22
C ASP D 173 2.16 26.53 -82.45
N LYS D 174 3.31 26.33 -81.80
CA LYS D 174 3.86 27.36 -80.94
C LYS D 174 5.31 27.07 -80.57
N VAL D 175 6.06 28.16 -80.31
CA VAL D 175 7.34 28.08 -79.63
C VAL D 175 7.20 28.84 -78.32
N ILE D 176 7.79 28.25 -77.26
CA ILE D 176 7.75 28.86 -75.94
C ILE D 176 9.15 29.37 -75.56
N LYS D 177 9.24 30.69 -75.31
CA LYS D 177 10.45 31.37 -74.88
C LYS D 177 10.33 31.63 -73.39
N ILE D 178 11.11 30.88 -72.59
CA ILE D 178 11.15 31.05 -71.15
C ILE D 178 12.46 31.76 -70.80
N LYS D 179 12.32 32.91 -70.13
CA LYS D 179 13.46 33.72 -69.73
C LYS D 179 13.75 33.48 -68.25
N ALA D 180 15.03 33.20 -67.92
CA ALA D 180 15.51 33.00 -66.56
C ALA D 180 15.85 34.35 -65.91
N LEU D 181 14.86 34.98 -65.26
CA LEU D 181 14.99 36.34 -64.82
C LEU D 181 16.12 36.54 -63.80
N ASP D 182 16.51 35.45 -63.11
CA ASP D 182 17.56 35.51 -62.09
C ASP D 182 18.94 35.68 -62.73
N SER D 183 19.05 35.34 -64.02
CA SER D 183 20.33 35.28 -64.70
C SER D 183 20.60 36.58 -65.47
N CYS D 184 19.62 37.47 -65.53
CA CYS D 184 19.73 38.67 -66.35
C CYS D 184 20.84 39.56 -65.80
N LYS D 185 21.72 40.00 -66.69
CA LYS D 185 22.77 40.92 -66.32
C LYS D 185 22.31 42.37 -66.54
N ILE D 186 21.47 42.88 -65.63
CA ILE D 186 20.86 44.20 -65.67
C ILE D 186 20.04 44.41 -64.40
N ALA D 187 19.89 45.66 -63.94
CA ALA D 187 18.97 46.12 -62.90
C ALA D 187 19.05 45.23 -61.66
N ARG D 188 20.27 44.86 -61.27
CA ARG D 188 20.45 43.98 -60.13
C ARG D 188 20.44 44.79 -58.83
N SER D 189 20.06 46.08 -58.89
CA SER D 189 19.95 46.88 -57.69
C SER D 189 18.90 46.33 -56.75
N GLY D 190 19.19 46.44 -55.45
CA GLY D 190 18.30 45.97 -54.39
C GLY D 190 19.02 45.05 -53.43
N PHE D 191 18.26 44.47 -52.51
CA PHE D 191 18.86 43.65 -51.46
C PHE D 191 17.73 42.89 -50.78
N THR D 192 18.13 41.82 -50.09
CA THR D 192 17.22 41.00 -49.31
C THR D 192 18.04 40.11 -48.38
N THR D 193 17.68 40.10 -47.10
CA THR D 193 18.36 39.34 -46.06
C THR D 193 18.29 37.83 -46.35
N PRO D 194 19.37 37.03 -46.12
CA PRO D 194 19.30 35.58 -46.32
C PRO D 194 18.66 34.85 -45.13
N ASN D 195 18.34 35.60 -44.05
CA ASN D 195 17.64 35.09 -42.88
C ASN D 195 16.17 34.80 -43.20
N GLN D 196 15.83 33.50 -43.23
CA GLN D 196 14.50 33.05 -43.60
C GLN D 196 13.41 33.70 -42.72
N VAL D 197 13.69 33.94 -41.44
CA VAL D 197 12.64 34.39 -40.53
C VAL D 197 12.28 35.85 -40.82
N LEU D 198 13.28 36.66 -41.20
CA LEU D 198 13.06 38.08 -41.38
C LEU D 198 12.96 38.43 -42.86
N GLY D 199 12.94 37.42 -43.74
CA GLY D 199 13.05 37.64 -45.16
C GLY D 199 11.72 37.73 -45.92
N VAL D 200 11.83 37.98 -47.23
CA VAL D 200 10.69 38.14 -48.10
C VAL D 200 10.90 37.20 -49.26
N SER D 201 9.93 36.31 -49.55
CA SER D 201 10.06 35.42 -50.70
C SER D 201 9.62 36.08 -52.00
N SER D 202 10.31 35.73 -53.11
CA SER D 202 10.06 36.33 -54.42
C SER D 202 10.03 35.28 -55.52
N LYS D 203 9.08 35.43 -56.45
CA LYS D 203 9.11 34.65 -57.68
C LYS D 203 8.94 35.57 -58.89
N ALA D 204 9.81 35.35 -59.89
CA ALA D 204 9.77 36.10 -61.13
C ALA D 204 9.70 35.16 -62.32
N THR D 205 8.65 35.28 -63.13
CA THR D 205 8.53 34.44 -64.31
C THR D 205 8.43 35.33 -65.56
N SER D 206 9.06 34.85 -66.65
CA SER D 206 8.93 35.51 -67.94
C SER D 206 8.78 34.45 -69.02
N VAL D 207 7.60 34.49 -69.68
CA VAL D 207 7.20 33.51 -70.67
C VAL D 207 6.64 34.24 -71.89
N THR D 208 7.22 33.95 -73.06
CA THR D 208 6.72 34.50 -74.30
C THR D 208 6.32 33.33 -75.18
N THR D 209 5.09 33.38 -75.70
CA THR D 209 4.60 32.33 -76.59
C THR D 209 4.48 32.85 -78.01
N TYR D 210 5.05 32.11 -78.97
CA TYR D 210 4.97 32.47 -80.38
C TYR D 210 3.99 31.54 -81.09
N LYS D 211 2.81 32.05 -81.50
CA LYS D 211 1.82 31.24 -82.22
C LYS D 211 2.21 31.06 -83.69
N ILE D 212 2.31 29.80 -84.11
CA ILE D 212 2.80 29.39 -85.43
C ILE D 212 1.66 28.85 -86.30
N GLU D 213 1.52 29.40 -87.51
CA GLU D 213 0.48 29.04 -88.46
C GLU D 213 1.11 29.02 -89.85
N ASP D 214 0.93 27.89 -90.56
CA ASP D 214 1.60 27.63 -91.82
C ASP D 214 3.11 27.77 -91.63
N SER D 215 3.60 27.45 -90.42
CA SER D 215 5.04 27.47 -90.14
C SER D 215 5.61 28.88 -89.92
N PHE D 216 4.77 29.93 -89.98
CA PHE D 216 5.19 31.30 -89.75
C PHE D 216 4.53 31.84 -88.47
N VAL D 217 5.21 32.78 -87.80
CA VAL D 217 4.72 33.42 -86.58
C VAL D 217 3.61 34.39 -86.95
N ILE D 218 2.46 34.33 -86.26
CA ILE D 218 1.34 35.20 -86.56
C ILE D 218 0.91 35.97 -85.31
N ALA D 219 1.42 35.56 -84.15
CA ALA D 219 1.12 36.23 -82.89
C ALA D 219 2.17 35.92 -81.83
N VAL D 220 2.34 36.88 -80.93
CA VAL D 220 3.29 36.77 -79.84
C VAL D 220 2.57 37.17 -78.54
N LEU D 221 2.51 36.25 -77.57
CA LEU D 221 1.94 36.55 -76.27
C LEU D 221 3.00 36.34 -75.18
N ALA D 222 3.29 37.43 -74.45
CA ALA D 222 4.25 37.39 -73.35
C ALA D 222 3.59 37.87 -72.07
N GLU D 223 3.85 37.10 -70.99
CA GLU D 223 3.40 37.40 -69.64
C GLU D 223 4.57 37.32 -68.64
N GLU D 224 4.70 38.36 -67.82
CA GLU D 224 5.74 38.52 -66.80
C GLU D 224 5.04 38.74 -65.47
N THR D 225 5.42 37.93 -64.47
CA THR D 225 4.81 38.01 -63.16
C THR D 225 5.89 38.21 -62.12
N HIS D 226 5.58 39.04 -61.11
CA HIS D 226 6.43 39.19 -59.93
C HIS D 226 5.58 39.06 -58.68
N ASN D 227 5.91 38.05 -57.85
CA ASN D 227 5.19 37.79 -56.62
C ASN D 227 6.15 37.96 -55.44
N PHE D 228 5.72 38.72 -54.45
CA PHE D 228 6.43 38.78 -53.19
C PHE D 228 5.51 38.45 -52.01
N GLY D 229 6.12 37.88 -50.96
CA GLY D 229 5.45 37.66 -49.68
C GLY D 229 6.41 37.65 -48.49
N LEU D 230 6.02 38.36 -47.43
CA LEU D 230 6.72 38.37 -46.16
C LEU D 230 6.67 36.96 -45.58
N ASN D 231 7.83 36.39 -45.24
CA ASN D 231 7.92 35.03 -44.72
C ASN D 231 7.20 34.93 -43.38
N PHE D 232 7.48 35.87 -42.49
CA PHE D 232 6.97 35.85 -41.12
C PHE D 232 5.45 35.89 -41.11
N LEU D 233 4.83 36.61 -42.04
CA LEU D 233 3.40 36.86 -41.98
C LEU D 233 2.85 36.92 -43.41
N GLN D 234 2.08 35.91 -43.77
CA GLN D 234 1.86 35.63 -45.18
C GLN D 234 0.67 36.42 -45.75
N THR D 235 -0.04 37.18 -44.90
CA THR D 235 -1.08 38.08 -45.39
C THR D 235 -0.47 39.34 -46.00
N ILE D 236 0.86 39.48 -45.92
CA ILE D 236 1.52 40.64 -46.47
C ILE D 236 2.26 40.19 -47.73
N LYS D 237 1.63 40.43 -48.89
CA LYS D 237 2.12 40.00 -50.19
C LYS D 237 1.65 40.97 -51.28
N GLY D 238 2.23 40.82 -52.47
CA GLY D 238 1.84 41.61 -53.63
C GLY D 238 2.22 40.91 -54.94
N LYS D 239 1.61 41.40 -56.04
CA LYS D 239 1.79 40.83 -57.37
C LYS D 239 1.90 41.95 -58.41
N ILE D 240 2.81 41.76 -59.37
CA ILE D 240 2.83 42.56 -60.57
C ILE D 240 2.62 41.62 -61.75
N VAL D 241 1.64 41.97 -62.59
CA VAL D 241 1.40 41.25 -63.84
C VAL D 241 1.56 42.21 -65.01
N SER D 242 2.47 41.85 -65.93
CA SER D 242 2.69 42.63 -67.12
C SER D 242 2.58 41.73 -68.35
N LYS D 243 1.74 42.15 -69.32
CA LYS D 243 1.37 41.32 -70.46
C LYS D 243 1.65 42.07 -71.76
N GLN D 244 2.01 41.32 -72.80
CA GLN D 244 2.18 41.89 -74.13
C GLN D 244 1.47 41.03 -75.18
N LYS D 245 0.80 41.70 -76.12
CA LYS D 245 0.12 41.01 -77.20
C LYS D 245 0.47 41.67 -78.54
N LEU D 246 1.02 40.87 -79.43
CA LEU D 246 1.37 41.34 -80.77
C LEU D 246 0.71 40.42 -81.80
N GLU D 247 -0.25 40.92 -82.59
CA GLU D 247 -0.99 40.07 -83.53
C GLU D 247 -0.84 40.60 -84.95
N LEU D 248 -0.49 39.70 -85.88
CA LEU D 248 -0.49 40.04 -87.31
C LEU D 248 -1.92 40.14 -87.84
N LYS D 249 -2.30 41.31 -88.37
CA LYS D 249 -3.64 41.53 -88.88
C LYS D 249 -3.69 41.19 -90.37
N THR D 250 -2.77 41.77 -91.16
CA THR D 250 -2.80 41.67 -92.61
C THR D 250 -1.48 42.14 -93.22
N THR D 251 -1.25 41.78 -94.49
CA THR D 251 -0.08 42.28 -95.19
C THR D 251 -0.54 43.09 -96.41
N GLU D 252 0.28 44.05 -96.84
CA GLU D 252 0.01 44.92 -97.97
C GLU D 252 1.28 44.99 -98.81
N ALA D 253 1.16 45.55 -100.03
CA ALA D 253 2.33 45.82 -100.87
C ALA D 253 3.16 46.91 -100.20
N GLY D 254 4.46 46.63 -99.97
CA GLY D 254 5.29 47.51 -99.17
C GLY D 254 6.34 48.26 -99.99
N PRO D 255 7.09 49.22 -99.38
CA PRO D 255 8.17 49.92 -100.08
C PRO D 255 9.14 48.92 -100.72
N ARG D 256 9.68 49.28 -101.90
CA ARG D 256 10.53 48.37 -102.64
C ARG D 256 11.88 48.23 -101.93
N LEU D 257 12.34 46.99 -101.76
CA LEU D 257 13.58 46.70 -101.05
C LEU D 257 14.74 47.35 -101.82
N MET D 258 15.68 47.99 -101.11
CA MET D 258 16.78 48.69 -101.76
C MET D 258 18.08 47.89 -101.64
N SER D 259 18.92 47.95 -102.68
CA SER D 259 20.19 47.24 -102.73
C SER D 259 21.33 48.24 -102.48
N GLY D 260 22.26 47.87 -101.58
CA GLY D 260 23.25 48.82 -101.09
C GLY D 260 24.52 48.17 -100.53
N LYS D 261 24.54 46.83 -100.50
CA LYS D 261 25.72 45.98 -100.32
C LYS D 261 26.12 45.81 -98.86
N GLN D 262 25.70 46.72 -97.96
CA GLN D 262 26.03 46.59 -96.54
C GLN D 262 24.99 47.31 -95.68
N ALA D 263 24.87 46.82 -94.43
CA ALA D 263 23.91 47.25 -93.43
C ALA D 263 24.02 48.75 -93.15
N ALA D 264 25.26 49.24 -92.97
CA ALA D 264 25.50 50.58 -92.45
C ALA D 264 25.03 51.67 -93.42
N ALA D 265 25.21 51.42 -94.73
CA ALA D 265 25.05 52.44 -95.77
C ALA D 265 23.58 52.75 -95.98
N ILE D 266 22.76 51.70 -95.93
CA ILE D 266 21.35 51.86 -96.19
C ILE D 266 20.71 52.61 -95.02
N ILE D 267 21.25 52.44 -93.81
CA ILE D 267 20.74 53.13 -92.63
C ILE D 267 20.98 54.62 -92.76
N LYS D 268 22.20 54.99 -93.15
CA LYS D 268 22.59 56.37 -93.35
C LYS D 268 21.71 57.00 -94.43
N ALA D 269 21.34 56.19 -95.44
CA ALA D 269 20.48 56.64 -96.53
C ALA D 269 19.02 56.78 -96.09
N VAL D 270 18.55 55.93 -95.15
CA VAL D 270 17.18 56.03 -94.66
C VAL D 270 17.03 57.35 -93.89
N ASP D 271 17.97 57.59 -92.97
CA ASP D 271 18.07 58.82 -92.18
C ASP D 271 19.39 58.81 -91.41
N SER D 272 20.11 59.94 -91.45
CA SER D 272 21.40 60.04 -90.81
C SER D 272 21.29 60.40 -89.33
N LYS D 273 20.07 60.73 -88.85
CA LYS D 273 19.79 60.96 -87.44
C LYS D 273 19.69 59.62 -86.68
N TYR D 274 19.52 58.53 -87.44
CA TYR D 274 19.50 57.19 -86.89
C TYR D 274 20.86 56.87 -86.28
N THR D 275 20.84 56.48 -85.00
CA THR D 275 22.07 56.12 -84.32
C THR D 275 21.87 54.73 -83.69
N ALA D 276 22.94 53.92 -83.69
CA ALA D 276 22.92 52.65 -83.01
C ALA D 276 22.86 52.91 -81.51
N ILE D 277 21.79 52.43 -80.87
CA ILE D 277 21.66 52.52 -79.42
C ILE D 277 21.45 51.11 -78.82
N PRO D 278 21.74 50.91 -77.53
CA PRO D 278 21.58 49.59 -76.91
C PRO D 278 20.11 49.17 -76.76
N ILE D 279 19.87 47.87 -77.07
CA ILE D 279 18.57 47.22 -76.97
C ILE D 279 18.16 47.07 -75.50
N VAL D 280 19.15 47.09 -74.60
CA VAL D 280 18.98 46.87 -73.17
C VAL D 280 18.34 48.09 -72.51
N GLY D 281 17.42 47.86 -71.59
CA GLY D 281 16.64 48.92 -70.98
C GLY D 281 17.50 49.75 -70.04
N GLN D 282 17.07 50.98 -69.81
CA GLN D 282 17.83 51.93 -69.01
C GLN D 282 16.93 52.51 -67.93
N VAL D 283 17.49 52.75 -66.76
CA VAL D 283 16.67 53.25 -65.68
C VAL D 283 16.35 54.71 -65.94
N PHE D 284 15.24 55.19 -65.36
CA PHE D 284 14.92 56.60 -65.39
C PHE D 284 14.40 57.05 -64.03
N GLN D 285 14.72 58.28 -63.63
CA GLN D 285 14.32 58.80 -62.33
C GLN D 285 13.01 59.58 -62.48
N SER D 286 12.14 59.51 -61.46
CA SER D 286 10.82 60.13 -61.48
C SER D 286 10.87 61.60 -61.87
N HIS D 287 12.00 62.27 -61.54
CA HIS D 287 12.24 63.71 -61.69
C HIS D 287 11.21 64.51 -60.88
N CYS D 288 11.45 64.60 -59.57
CA CYS D 288 10.54 65.26 -58.64
C CYS D 288 10.52 66.76 -58.92
N LYS D 289 9.31 67.33 -59.03
CA LYS D 289 9.13 68.73 -59.37
C LYS D 289 8.44 69.44 -58.20
N GLY D 290 9.23 70.25 -57.45
CA GLY D 290 8.76 70.95 -56.27
C GLY D 290 8.68 70.02 -55.05
N CYS D 291 9.59 69.04 -54.98
CA CYS D 291 9.65 68.10 -53.86
C CYS D 291 10.68 68.61 -52.85
N PRO D 292 10.38 68.54 -51.53
CA PRO D 292 11.21 69.19 -50.51
C PRO D 292 12.54 68.49 -50.30
N SER D 293 13.52 69.21 -49.73
CA SER D 293 14.85 68.66 -49.54
C SER D 293 14.90 67.83 -48.26
N LEU D 294 16.04 67.20 -48.00
CA LEU D 294 16.19 66.38 -46.81
C LEU D 294 15.85 67.18 -45.55
N SER D 295 16.29 68.44 -45.49
CA SER D 295 16.13 69.23 -44.28
C SER D 295 14.65 69.57 -44.06
N GLU D 296 13.91 69.71 -45.15
CA GLU D 296 12.50 70.06 -45.08
C GLU D 296 11.74 68.85 -44.53
N LEU D 297 12.09 67.67 -45.06
CA LEU D 297 11.49 66.41 -44.65
C LEU D 297 11.75 66.18 -43.16
N TRP D 298 13.04 66.25 -42.77
CA TRP D 298 13.47 66.07 -41.40
C TRP D 298 12.75 67.05 -40.47
N ARG D 299 12.30 68.18 -41.02
CA ARG D 299 11.69 69.20 -40.19
C ARG D 299 10.33 68.70 -39.73
N SER D 300 9.68 67.89 -40.57
CA SER D 300 8.37 67.33 -40.26
C SER D 300 8.53 66.06 -39.44
N THR D 301 9.44 65.19 -39.92
CA THR D 301 9.73 63.89 -39.32
C THR D 301 10.05 64.03 -37.83
N ARG D 302 10.91 65.01 -37.51
CA ARG D 302 11.46 65.14 -36.17
C ARG D 302 10.36 65.41 -35.13
N LYS D 303 9.19 65.86 -35.60
CA LYS D 303 8.07 66.14 -34.71
C LYS D 303 7.56 64.84 -34.11
N TYR D 304 7.75 63.72 -34.82
CA TYR D 304 7.24 62.43 -34.41
C TYR D 304 8.29 61.59 -33.68
N LEU D 305 9.58 61.95 -33.79
CA LEU D 305 10.62 61.11 -33.22
C LEU D 305 11.10 61.65 -31.89
N GLN D 306 10.17 62.23 -31.11
CA GLN D 306 10.46 62.70 -29.76
C GLN D 306 10.71 61.49 -28.86
N PRO D 307 11.64 61.56 -27.88
CA PRO D 307 11.87 60.46 -26.94
C PRO D 307 10.61 60.05 -26.18
N ASP D 308 9.65 60.97 -26.08
CA ASP D 308 8.45 60.77 -25.26
C ASP D 308 7.48 59.81 -25.96
N ASN D 309 7.46 59.78 -27.30
CA ASN D 309 6.37 59.07 -27.96
C ASN D 309 6.88 58.10 -29.04
N LEU D 310 8.04 57.45 -28.78
CA LEU D 310 8.57 56.42 -29.67
C LEU D 310 7.63 55.22 -29.78
N SER D 311 6.72 55.07 -28.82
CA SER D 311 5.85 53.91 -28.75
C SER D 311 4.66 54.02 -29.70
N LYS D 312 4.32 55.24 -30.12
CA LYS D 312 3.20 55.45 -31.03
C LYS D 312 3.56 55.01 -32.45
N ALA D 313 2.61 54.38 -33.14
CA ALA D 313 2.86 53.84 -34.47
C ALA D 313 3.34 54.92 -35.45
N GLU D 314 2.84 56.17 -35.29
CA GLU D 314 3.28 57.28 -36.13
C GLU D 314 4.80 57.44 -36.09
N ALA D 315 5.41 57.29 -34.90
CA ALA D 315 6.84 57.44 -34.77
C ALA D 315 7.55 56.47 -35.70
N VAL D 316 7.13 55.21 -35.68
CA VAL D 316 7.76 54.17 -36.46
C VAL D 316 7.52 54.43 -37.95
N ARG D 317 6.33 54.95 -38.28
CA ARG D 317 5.96 55.24 -39.65
C ARG D 317 6.91 56.30 -40.21
N ASN D 318 7.15 57.33 -39.42
CA ASN D 318 8.01 58.43 -39.82
C ASN D 318 9.44 57.94 -39.99
N PHE D 319 9.88 57.09 -39.05
CA PHE D 319 11.21 56.53 -39.05
C PHE D 319 11.44 55.79 -40.36
N LEU D 320 10.46 54.98 -40.76
CA LEU D 320 10.63 54.14 -41.93
C LEU D 320 10.67 55.01 -43.18
N ALA D 321 9.78 56.02 -43.23
CA ALA D 321 9.62 56.88 -44.39
C ALA D 321 10.91 57.68 -44.59
N PHE D 322 11.43 58.21 -43.48
CA PHE D 322 12.66 58.99 -43.51
C PHE D 322 13.84 58.15 -44.00
N ILE D 323 13.85 56.86 -43.68
CA ILE D 323 14.98 56.04 -44.11
C ILE D 323 15.02 55.95 -45.63
N GLN D 324 13.84 56.02 -46.28
CA GLN D 324 13.79 55.96 -47.73
C GLN D 324 14.43 57.21 -48.31
N HIS D 325 14.15 58.37 -47.71
CA HIS D 325 14.73 59.63 -48.18
C HIS D 325 16.24 59.63 -48.02
N LEU D 326 16.74 59.14 -46.88
CA LEU D 326 18.17 59.12 -46.61
C LEU D 326 18.88 58.27 -47.65
N ARG D 327 18.17 57.27 -48.17
CA ARG D 327 18.77 56.32 -49.10
C ARG D 327 19.02 56.96 -50.47
N THR D 328 18.55 58.20 -50.68
CA THR D 328 18.81 58.90 -51.92
C THR D 328 19.61 60.17 -51.65
N ALA D 329 19.83 60.54 -50.38
CA ALA D 329 20.56 61.74 -50.03
C ALA D 329 22.09 61.55 -50.11
N LYS D 330 22.82 62.67 -50.05
CA LYS D 330 24.27 62.69 -50.19
C LYS D 330 24.90 63.06 -48.85
N LYS D 331 26.18 62.66 -48.67
CA LYS D 331 26.89 62.79 -47.40
C LYS D 331 26.66 64.13 -46.71
N GLU D 332 26.78 65.23 -47.48
CA GLU D 332 26.75 66.59 -46.96
C GLU D 332 25.39 66.92 -46.35
N GLU D 333 24.28 66.61 -47.04
CA GLU D 333 22.96 67.01 -46.52
C GLU D 333 22.64 66.20 -45.26
N ILE D 334 23.15 64.96 -45.22
CA ILE D 334 22.96 64.09 -44.07
C ILE D 334 23.76 64.65 -42.90
N LEU D 335 25.04 64.95 -43.15
CA LEU D 335 25.95 65.49 -42.14
C LEU D 335 25.40 66.80 -41.57
N GLN D 336 24.72 67.58 -42.42
CA GLN D 336 24.19 68.87 -42.01
C GLN D 336 23.09 68.66 -40.97
N ILE D 337 22.17 67.74 -41.27
CA ILE D 337 21.00 67.50 -40.43
C ILE D 337 21.46 67.02 -39.05
N LEU D 338 22.46 66.14 -39.04
CA LEU D 338 23.06 65.61 -37.84
C LEU D 338 23.62 66.74 -36.99
N LYS D 339 24.35 67.65 -37.67
CA LYS D 339 25.11 68.72 -37.04
C LYS D 339 24.21 69.75 -36.36
N MET D 340 22.96 69.90 -36.80
CA MET D 340 22.14 70.97 -36.26
C MET D 340 21.03 70.45 -35.33
N GLU D 341 21.07 69.16 -34.99
CA GLU D 341 20.03 68.55 -34.18
C GLU D 341 20.42 68.56 -32.70
N ASN D 342 19.41 68.59 -31.81
CA ASN D 342 19.58 68.62 -30.36
C ASN D 342 19.80 67.21 -29.77
N LYS D 343 20.16 67.14 -28.48
CA LYS D 343 20.60 65.91 -27.83
C LYS D 343 19.45 64.92 -27.60
N GLU D 344 18.22 65.39 -27.41
CA GLU D 344 17.08 64.51 -27.14
C GLU D 344 16.62 63.74 -28.39
N VAL D 345 16.51 64.40 -29.54
CA VAL D 345 15.99 63.73 -30.72
C VAL D 345 17.12 62.97 -31.44
N LEU D 346 18.35 63.46 -31.27
CA LEU D 346 19.53 63.02 -32.00
C LEU D 346 19.70 61.50 -32.00
N PRO D 347 19.47 60.75 -30.87
CA PRO D 347 19.54 59.29 -30.89
C PRO D 347 18.66 58.62 -31.95
N GLN D 348 17.43 59.12 -32.12
CA GLN D 348 16.50 58.62 -33.12
C GLN D 348 17.05 58.84 -34.53
N LEU D 349 17.70 59.99 -34.76
CA LEU D 349 18.22 60.33 -36.07
C LEU D 349 19.46 59.48 -36.37
N VAL D 350 20.20 59.15 -35.32
CA VAL D 350 21.35 58.28 -35.47
C VAL D 350 20.85 56.89 -35.87
N ASP D 351 19.71 56.47 -35.30
CA ASP D 351 19.07 55.20 -35.63
C ASP D 351 18.74 55.17 -37.13
N ALA D 352 18.02 56.22 -37.57
CA ALA D 352 17.62 56.37 -38.97
C ALA D 352 18.85 56.38 -39.88
N VAL D 353 19.85 57.22 -39.55
CA VAL D 353 20.99 57.37 -40.45
C VAL D 353 21.75 56.05 -40.54
N THR D 354 21.86 55.31 -39.44
CA THR D 354 22.65 54.09 -39.50
C THR D 354 21.89 53.00 -40.26
N SER D 355 20.55 53.05 -40.21
CA SER D 355 19.70 52.07 -40.87
C SER D 355 19.75 52.18 -42.39
N ALA D 356 19.97 53.42 -42.89
CA ALA D 356 20.00 53.74 -44.30
C ALA D 356 21.00 52.85 -45.07
N GLN D 357 22.17 52.60 -44.48
CA GLN D 357 23.13 51.59 -44.91
C GLN D 357 23.62 51.86 -46.33
N THR D 358 23.80 53.14 -46.71
CA THR D 358 24.43 53.51 -47.98
C THR D 358 25.84 54.04 -47.71
N SER D 359 26.67 54.11 -48.78
CA SER D 359 28.00 54.68 -48.67
C SER D 359 27.96 56.06 -48.04
N ASP D 360 27.01 56.88 -48.53
CA ASP D 360 26.88 58.25 -48.10
C ASP D 360 26.44 58.35 -46.64
N SER D 361 25.50 57.49 -46.20
CA SER D 361 24.98 57.61 -44.84
C SER D 361 26.01 57.14 -43.82
N LEU D 362 26.79 56.11 -44.19
CA LEU D 362 27.84 55.58 -43.33
C LEU D 362 28.92 56.63 -43.09
N GLU D 363 29.40 57.25 -44.18
CA GLU D 363 30.43 58.28 -44.13
C GLU D 363 29.97 59.50 -43.34
N ALA D 364 28.70 59.86 -43.47
CA ALA D 364 28.15 61.00 -42.76
C ALA D 364 28.17 60.74 -41.24
N ILE D 365 27.89 59.50 -40.82
CA ILE D 365 27.74 59.23 -39.40
C ILE D 365 29.13 59.01 -38.79
N LEU D 366 30.02 58.33 -39.54
CA LEU D 366 31.39 58.13 -39.11
C LEU D 366 32.06 59.50 -38.90
N ASP D 367 31.81 60.44 -39.82
CA ASP D 367 32.30 61.80 -39.73
C ASP D 367 31.71 62.51 -38.53
N PHE D 368 30.41 62.37 -38.33
CA PHE D 368 29.73 63.10 -37.26
C PHE D 368 30.16 62.61 -35.87
N LEU D 369 30.57 61.36 -35.74
CA LEU D 369 30.78 60.80 -34.41
C LEU D 369 32.28 60.71 -34.09
N ASP D 370 32.66 61.38 -33.00
CA ASP D 370 34.02 61.38 -32.49
C ASP D 370 34.11 60.36 -31.34
N PHE D 371 34.88 59.31 -31.58
CA PHE D 371 34.97 58.23 -30.61
C PHE D 371 35.82 58.60 -29.40
N LYS D 372 36.50 59.75 -29.46
CA LYS D 372 37.28 60.24 -28.33
C LYS D 372 36.40 61.13 -27.45
N SER D 373 35.25 61.55 -27.98
CA SER D 373 34.35 62.40 -27.22
C SER D 373 33.70 61.59 -26.12
N ASP D 374 33.42 62.26 -25.00
CA ASP D 374 32.73 61.65 -23.89
C ASP D 374 31.31 62.20 -23.85
N SER D 375 31.03 63.16 -24.73
CA SER D 375 29.78 63.90 -24.75
C SER D 375 28.78 63.22 -25.67
N SER D 376 29.27 62.29 -26.50
CA SER D 376 28.46 61.60 -27.48
C SER D 376 28.56 60.09 -27.29
N ILE D 377 28.62 59.65 -26.02
CA ILE D 377 28.75 58.25 -25.65
C ILE D 377 27.47 57.53 -26.04
N ILE D 378 26.32 58.14 -25.71
CA ILE D 378 25.00 57.58 -25.95
C ILE D 378 24.82 57.32 -27.44
N LEU D 379 25.19 58.30 -28.29
CA LEU D 379 25.06 58.16 -29.73
C LEU D 379 26.06 57.14 -30.28
N GLN D 380 27.27 57.03 -29.69
CA GLN D 380 28.24 56.03 -30.11
C GLN D 380 27.62 54.64 -30.01
N GLU D 381 26.94 54.39 -28.89
CA GLU D 381 26.26 53.15 -28.59
C GLU D 381 25.18 52.89 -29.65
N ARG D 382 24.24 53.84 -29.80
CA ARG D 382 23.14 53.72 -30.74
C ARG D 382 23.67 53.39 -32.14
N PHE D 383 24.76 54.05 -32.53
CA PHE D 383 25.33 53.81 -33.84
C PHE D 383 25.71 52.35 -33.93
N LEU D 384 26.44 51.87 -32.92
CA LEU D 384 27.05 50.55 -32.99
C LEU D 384 25.99 49.45 -32.89
N TYR D 385 24.96 49.65 -32.05
CA TYR D 385 23.89 48.67 -31.97
C TYR D 385 23.10 48.61 -33.29
N ALA D 386 22.83 49.77 -33.89
CA ALA D 386 22.16 49.83 -35.18
C ALA D 386 22.92 49.03 -36.24
N CYS D 387 24.26 49.03 -36.17
CA CYS D 387 25.08 48.26 -37.09
C CYS D 387 24.85 46.77 -36.85
N GLY D 388 24.70 46.41 -35.56
CA GLY D 388 24.41 45.04 -35.17
C GLY D 388 23.16 44.52 -35.87
N PHE D 389 22.10 45.36 -35.90
CA PHE D 389 20.83 44.96 -36.47
C PHE D 389 20.73 45.26 -37.96
N ALA D 390 21.78 45.79 -38.58
CA ALA D 390 21.73 46.16 -39.99
C ALA D 390 21.26 44.96 -40.83
N SER D 391 20.27 45.25 -41.67
CA SER D 391 19.54 44.27 -42.46
C SER D 391 20.39 43.67 -43.58
N HIS D 392 21.33 44.44 -44.15
CA HIS D 392 22.14 43.90 -45.24
C HIS D 392 23.59 44.36 -45.12
N PRO D 393 24.32 43.89 -44.08
CA PRO D 393 25.70 44.37 -43.84
C PRO D 393 26.65 43.91 -44.95
N ASN D 394 27.75 44.64 -45.12
CA ASN D 394 28.76 44.28 -46.12
C ASN D 394 30.15 44.60 -45.58
N GLU D 395 31.14 44.31 -46.42
CA GLU D 395 32.54 44.45 -46.06
C GLU D 395 32.87 45.90 -45.72
N GLU D 396 32.15 46.85 -46.32
CA GLU D 396 32.41 48.26 -46.06
C GLU D 396 32.07 48.59 -44.61
N LEU D 397 30.97 48.00 -44.10
CA LEU D 397 30.49 48.28 -42.75
C LEU D 397 31.46 47.65 -41.74
N LEU D 398 31.94 46.43 -42.06
CA LEU D 398 32.92 45.74 -41.23
C LEU D 398 34.20 46.57 -41.14
N ARG D 399 34.71 47.01 -42.30
CA ARG D 399 35.93 47.82 -42.42
C ARG D 399 35.83 49.07 -41.55
N ALA D 400 34.67 49.72 -41.55
CA ALA D 400 34.47 50.92 -40.75
C ALA D 400 34.63 50.61 -39.27
N LEU D 401 34.14 49.43 -38.88
CA LEU D 401 34.13 49.05 -37.47
C LEU D 401 35.53 48.65 -37.03
N ILE D 402 36.19 47.82 -37.84
CA ILE D 402 37.57 47.42 -37.61
C ILE D 402 38.42 48.68 -37.39
N SER D 403 38.26 49.68 -38.24
CA SER D 403 39.13 50.83 -38.11
C SER D 403 38.77 51.65 -36.86
N LYS D 404 37.49 51.71 -36.49
CA LYS D 404 37.12 52.46 -35.29
C LYS D 404 37.85 51.87 -34.08
N PHE D 405 38.03 50.54 -34.11
CA PHE D 405 38.63 49.76 -33.04
C PHE D 405 40.14 50.00 -33.00
N LYS D 406 40.76 49.98 -34.18
CA LYS D 406 42.17 50.27 -34.37
C LYS D 406 42.49 51.73 -34.08
N GLY D 407 41.47 52.60 -34.09
CA GLY D 407 41.67 54.01 -33.81
C GLY D 407 41.66 54.27 -32.32
N SER D 408 41.32 55.51 -31.92
CA SER D 408 41.32 55.84 -30.51
C SER D 408 39.90 56.00 -29.99
N ILE D 409 39.63 55.37 -28.85
CA ILE D 409 38.28 55.39 -28.28
C ILE D 409 38.38 55.90 -26.84
N GLY D 410 37.50 56.85 -26.50
CA GLY D 410 37.48 57.55 -25.22
C GLY D 410 37.01 56.65 -24.08
N SER D 411 35.97 55.84 -24.34
CA SER D 411 35.35 55.00 -23.33
C SER D 411 35.62 53.52 -23.60
N SER D 412 36.06 52.78 -22.56
CA SER D 412 36.46 51.38 -22.74
C SER D 412 35.23 50.48 -22.89
N ASP D 413 34.09 50.90 -22.32
CA ASP D 413 32.79 50.29 -22.51
C ASP D 413 32.40 50.33 -23.99
N ILE D 414 32.68 51.46 -24.63
CA ILE D 414 32.42 51.59 -26.05
C ILE D 414 33.44 50.77 -26.86
N ARG D 415 34.67 50.66 -26.39
CA ARG D 415 35.66 49.86 -27.09
C ARG D 415 35.22 48.39 -27.09
N GLU D 416 34.65 47.95 -25.97
CA GLU D 416 34.09 46.62 -25.80
C GLU D 416 32.93 46.43 -26.80
N THR D 417 32.02 47.42 -26.81
CA THR D 417 30.84 47.40 -27.68
C THR D 417 31.23 47.19 -29.15
N VAL D 418 32.29 47.89 -29.60
CA VAL D 418 32.77 47.81 -30.97
C VAL D 418 33.18 46.38 -31.29
N MET D 419 33.86 45.73 -30.36
CA MET D 419 34.38 44.41 -30.61
C MET D 419 33.22 43.42 -30.65
N ILE D 420 32.25 43.63 -29.74
CA ILE D 420 31.05 42.81 -29.64
C ILE D 420 30.26 42.87 -30.95
N ILE D 421 30.10 44.08 -31.54
CA ILE D 421 29.34 44.19 -32.76
C ILE D 421 30.13 43.64 -33.96
N THR D 422 31.45 43.75 -33.90
CA THR D 422 32.31 43.17 -34.93
C THR D 422 32.01 41.68 -35.02
N GLY D 423 31.76 41.06 -33.85
CA GLY D 423 31.38 39.67 -33.73
C GLY D 423 30.17 39.32 -34.59
N THR D 424 29.09 40.13 -34.46
CA THR D 424 27.86 39.84 -35.19
C THR D 424 28.09 40.01 -36.68
N LEU D 425 28.85 41.06 -37.06
CA LEU D 425 29.06 41.33 -38.47
C LEU D 425 29.85 40.18 -39.09
N VAL D 426 30.76 39.58 -38.32
CA VAL D 426 31.50 38.43 -38.81
C VAL D 426 30.52 37.27 -39.03
N ARG D 427 29.63 37.07 -38.07
CA ARG D 427 28.64 36.01 -38.15
C ARG D 427 27.81 36.20 -39.43
N LYS D 428 27.26 37.41 -39.62
CA LYS D 428 26.37 37.68 -40.72
C LYS D 428 27.06 37.49 -42.06
N LEU D 429 28.30 38.00 -42.20
CA LEU D 429 28.94 37.89 -43.50
C LEU D 429 29.42 36.47 -43.71
N CYS D 430 29.52 35.67 -42.64
CA CYS D 430 29.98 34.30 -42.80
C CYS D 430 28.85 33.41 -43.32
N GLN D 431 27.62 33.76 -42.97
CA GLN D 431 26.40 33.04 -43.35
C GLN D 431 25.93 33.50 -44.74
N ASN D 432 26.58 34.54 -45.29
CA ASN D 432 26.25 35.08 -46.60
C ASN D 432 27.46 34.88 -47.53
N GLU D 433 28.03 33.66 -47.50
CA GLU D 433 29.09 33.18 -48.38
C GLU D 433 30.32 34.10 -48.38
N GLY D 434 30.44 35.00 -47.41
CA GLY D 434 31.60 35.88 -47.36
C GLY D 434 32.55 35.56 -46.20
N CYS D 435 32.65 34.28 -45.82
CA CYS D 435 33.51 33.90 -44.70
C CYS D 435 34.98 34.10 -45.07
N LYS D 436 35.29 34.13 -46.37
CA LYS D 436 36.67 34.28 -46.80
C LYS D 436 36.98 35.68 -47.31
N LEU D 437 36.09 36.66 -47.05
CA LEU D 437 36.34 38.04 -47.43
C LEU D 437 37.45 38.62 -46.56
N LYS D 438 38.22 39.56 -47.11
CA LYS D 438 39.44 40.08 -46.49
C LYS D 438 39.18 40.65 -45.10
N ALA D 439 38.18 41.51 -44.95
CA ALA D 439 37.94 42.17 -43.67
C ALA D 439 37.43 41.17 -42.63
N VAL D 440 36.77 40.11 -43.10
CA VAL D 440 36.28 39.05 -42.24
C VAL D 440 37.47 38.29 -41.66
N VAL D 441 38.47 37.98 -42.51
CA VAL D 441 39.64 37.23 -42.07
C VAL D 441 40.46 38.09 -41.10
N GLU D 442 40.47 39.41 -41.33
CA GLU D 442 41.13 40.34 -40.43
C GLU D 442 40.44 40.38 -39.07
N ALA D 443 39.10 40.40 -39.06
CA ALA D 443 38.34 40.43 -37.82
C ALA D 443 38.37 39.07 -37.10
N LYS D 444 38.50 37.98 -37.85
CA LYS D 444 38.60 36.67 -37.24
C LYS D 444 39.91 36.55 -36.46
N LYS D 445 41.02 36.90 -37.12
CA LYS D 445 42.34 36.90 -36.50
C LYS D 445 42.30 37.78 -35.25
N LEU D 446 41.55 38.88 -35.34
CA LEU D 446 41.51 39.88 -34.29
C LEU D 446 40.80 39.33 -33.04
N ILE D 447 39.78 38.48 -33.23
CA ILE D 447 39.01 37.91 -32.14
C ILE D 447 39.73 36.67 -31.60
N LEU D 448 39.98 35.71 -32.48
CA LEU D 448 40.65 34.47 -32.11
C LEU D 448 42.02 34.76 -31.49
N GLY D 449 42.78 35.67 -32.12
CA GLY D 449 44.09 36.08 -31.63
C GLY D 449 44.00 36.88 -30.33
N GLY D 450 43.08 37.86 -30.29
CA GLY D 450 42.85 38.65 -29.10
C GLY D 450 42.42 37.79 -27.90
N LEU D 451 42.09 36.51 -28.14
CA LEU D 451 41.57 35.68 -27.07
C LEU D 451 42.62 34.66 -26.65
N GLU D 452 43.56 34.36 -27.56
CA GLU D 452 44.59 33.40 -27.22
C GLU D 452 45.92 34.11 -26.95
N LYS D 453 45.92 35.25 -26.23
CA LYS D 453 47.11 36.10 -26.21
C LYS D 453 47.50 36.81 -24.90
N ALA D 454 46.70 37.76 -24.41
CA ALA D 454 47.04 38.56 -23.23
C ALA D 454 46.07 38.14 -22.13
N GLU D 455 46.45 38.33 -20.86
CA GLU D 455 45.67 37.86 -19.73
C GLU D 455 44.98 39.03 -19.03
N LYS D 456 44.60 40.06 -19.79
CA LYS D 456 43.87 41.18 -19.22
C LYS D 456 42.42 40.77 -19.10
N LYS D 457 42.05 40.25 -17.93
CA LYS D 457 40.73 39.70 -17.61
C LYS D 457 39.56 40.54 -18.13
N GLU D 458 39.66 41.88 -18.11
CA GLU D 458 38.58 42.67 -18.66
C GLU D 458 38.66 42.68 -20.19
N ASP D 459 39.83 42.29 -20.71
CA ASP D 459 40.06 42.13 -22.13
C ASP D 459 39.60 40.76 -22.59
N THR D 460 39.71 39.73 -21.75
CA THR D 460 39.26 38.39 -22.10
C THR D 460 37.74 38.40 -22.25
N ARG D 461 37.05 39.09 -21.35
CA ARG D 461 35.60 39.20 -21.35
C ARG D 461 35.13 39.80 -22.66
N MET D 462 35.80 40.88 -23.09
CA MET D 462 35.49 41.55 -24.35
C MET D 462 35.53 40.53 -25.48
N TYR D 463 36.66 39.81 -25.62
CA TYR D 463 36.81 38.86 -26.70
C TYR D 463 35.79 37.73 -26.62
N LEU D 464 35.44 37.27 -25.40
CA LEU D 464 34.52 36.15 -25.23
C LEU D 464 33.15 36.57 -25.76
N LEU D 465 32.71 37.79 -25.43
CA LEU D 465 31.46 38.34 -25.90
C LEU D 465 31.48 38.47 -27.43
N ALA D 466 32.63 38.85 -27.99
CA ALA D 466 32.71 38.97 -29.44
C ALA D 466 32.57 37.58 -30.08
N LEU D 467 33.18 36.58 -29.43
CA LEU D 467 33.15 35.23 -29.96
C LEU D 467 31.76 34.63 -29.74
N LYS D 468 31.09 35.05 -28.67
CA LYS D 468 29.72 34.64 -28.39
C LYS D 468 28.83 35.04 -29.58
N ASN D 469 29.15 36.19 -30.22
CA ASN D 469 28.45 36.64 -31.43
C ASN D 469 28.99 35.95 -32.69
N ALA D 470 30.32 35.87 -32.86
CA ALA D 470 30.91 35.41 -34.11
C ALA D 470 30.76 33.91 -34.31
N LEU D 471 30.77 33.15 -33.21
CA LEU D 471 30.60 31.69 -33.23
C LEU D 471 31.53 31.01 -34.24
N LEU D 472 32.82 31.32 -34.19
CA LEU D 472 33.80 30.66 -35.03
C LEU D 472 34.17 29.33 -34.40
N PRO D 473 34.00 28.20 -35.11
CA PRO D 473 34.31 26.88 -34.56
C PRO D 473 35.75 26.69 -34.09
N GLU D 474 36.68 27.39 -34.72
CA GLU D 474 38.08 27.26 -34.35
C GLU D 474 38.36 28.00 -33.04
N GLY D 475 37.32 28.58 -32.44
CA GLY D 475 37.41 29.27 -31.15
C GLY D 475 37.06 28.37 -29.97
N ILE D 476 36.51 27.20 -30.32
CA ILE D 476 36.00 26.28 -29.31
C ILE D 476 37.11 25.82 -28.32
N PRO D 477 38.34 25.43 -28.75
CA PRO D 477 39.37 25.03 -27.79
C PRO D 477 39.66 26.08 -26.71
N SER D 478 39.59 27.37 -27.07
CA SER D 478 39.77 28.42 -26.09
C SER D 478 38.59 28.42 -25.12
N LEU D 479 37.38 28.24 -25.65
CA LEU D 479 36.16 28.31 -24.87
C LEU D 479 36.18 27.24 -23.77
N LEU D 480 36.56 26.02 -24.17
CA LEU D 480 36.76 24.88 -23.28
C LEU D 480 37.78 25.20 -22.18
N LYS D 481 38.88 25.88 -22.55
CA LYS D 481 39.91 26.22 -21.58
C LYS D 481 39.30 27.16 -20.53
N TYR D 482 38.55 28.16 -21.00
CA TYR D 482 38.01 29.15 -20.08
C TYR D 482 36.83 28.61 -19.30
N ALA D 483 36.06 27.69 -19.90
CA ALA D 483 34.88 27.18 -19.21
C ALA D 483 35.32 26.36 -18.01
N GLU D 484 36.47 25.69 -18.15
CA GLU D 484 37.00 24.79 -17.14
C GLU D 484 37.87 25.54 -16.13
N ALA D 485 38.30 26.76 -16.47
CA ALA D 485 39.30 27.51 -15.71
C ALA D 485 38.91 27.72 -14.24
N GLY D 486 37.62 27.64 -13.92
CA GLY D 486 37.18 27.92 -12.57
C GLY D 486 37.33 29.40 -12.20
N GLU D 487 37.15 30.26 -13.21
CA GLU D 487 37.45 31.68 -13.08
C GLU D 487 36.15 32.47 -12.92
N GLY D 488 35.09 31.80 -12.46
CA GLY D 488 33.85 32.48 -12.09
C GLY D 488 33.15 33.14 -13.28
N PRO D 489 33.10 34.50 -13.33
CA PRO D 489 32.35 35.22 -14.37
C PRO D 489 32.76 34.76 -15.77
N ILE D 490 34.09 34.63 -15.96
CA ILE D 490 34.68 34.29 -17.25
C ILE D 490 34.26 32.87 -17.64
N SER D 491 34.18 31.95 -16.65
CA SER D 491 33.86 30.55 -16.90
C SER D 491 32.41 30.34 -17.35
N HIS D 492 31.47 31.05 -16.72
CA HIS D 492 30.08 31.01 -17.12
C HIS D 492 29.92 31.55 -18.54
N LEU D 493 30.52 32.73 -18.82
CA LEU D 493 30.51 33.36 -20.13
C LEU D 493 30.93 32.35 -21.20
N ALA D 494 32.08 31.69 -21.02
CA ALA D 494 32.58 30.73 -22.00
C ALA D 494 31.54 29.63 -22.19
N THR D 495 30.93 29.20 -21.09
CA THR D 495 29.95 28.12 -21.16
C THR D 495 28.74 28.55 -21.97
N THR D 496 28.22 29.74 -21.69
CA THR D 496 27.05 30.23 -22.39
C THR D 496 27.36 30.48 -23.87
N ALA D 497 28.62 30.78 -24.22
CA ALA D 497 29.01 30.97 -25.60
C ALA D 497 28.97 29.64 -26.34
N LEU D 498 29.53 28.59 -25.73
CA LEU D 498 29.46 27.25 -26.28
C LEU D 498 28.01 26.88 -26.60
N GLN D 499 27.10 27.38 -25.76
CA GLN D 499 25.69 27.06 -25.81
C GLN D 499 25.02 27.60 -27.08
N ARG D 500 25.64 28.57 -27.75
CA ARG D 500 25.08 29.15 -28.97
C ARG D 500 25.47 28.38 -30.24
N TYR D 501 26.49 27.49 -30.19
CA TYR D 501 26.94 26.81 -31.40
C TYR D 501 25.95 25.76 -31.89
N ASP D 502 26.07 25.36 -33.17
CA ASP D 502 25.25 24.31 -33.76
C ASP D 502 25.74 22.92 -33.32
N LEU D 503 24.85 21.94 -33.47
CA LEU D 503 25.02 20.59 -32.95
C LEU D 503 26.30 19.94 -33.47
N PRO D 504 26.65 20.04 -34.78
CA PRO D 504 27.86 19.39 -35.30
C PRO D 504 29.18 19.89 -34.70
N PHE D 505 29.14 21.03 -33.99
CA PHE D 505 30.34 21.57 -33.38
C PHE D 505 30.47 21.14 -31.93
N ILE D 506 29.37 20.73 -31.29
CA ILE D 506 29.44 20.21 -29.94
C ILE D 506 29.82 18.74 -30.06
N THR D 507 31.13 18.47 -30.12
CA THR D 507 31.62 17.13 -30.38
C THR D 507 31.80 16.38 -29.06
N ASP D 508 32.43 15.21 -29.17
CA ASP D 508 32.74 14.38 -28.02
C ASP D 508 33.70 15.12 -27.08
N GLU D 509 34.74 15.74 -27.65
CA GLU D 509 35.75 16.41 -26.85
C GLU D 509 35.10 17.50 -26.02
N VAL D 510 34.11 18.16 -26.61
CA VAL D 510 33.44 19.26 -25.95
C VAL D 510 32.67 18.70 -24.77
N LYS D 511 31.99 17.56 -25.00
CA LYS D 511 31.12 16.95 -24.01
C LYS D 511 31.94 16.27 -22.90
N LYS D 512 33.14 15.78 -23.24
CA LYS D 512 34.08 15.23 -22.28
C LYS D 512 34.45 16.31 -21.25
N THR D 513 34.75 17.53 -21.74
CA THR D 513 35.07 18.63 -20.86
C THR D 513 33.87 18.97 -19.97
N LEU D 514 32.71 19.15 -20.63
CA LEU D 514 31.48 19.51 -19.93
C LEU D 514 31.11 18.47 -18.87
N ASN D 515 31.42 17.19 -19.11
CA ASN D 515 31.17 16.16 -18.10
C ASN D 515 32.01 16.39 -16.83
N ARG D 516 33.31 16.72 -17.01
CA ARG D 516 34.22 16.97 -15.90
C ARG D 516 33.73 18.18 -15.12
N ILE D 517 33.13 19.13 -15.83
CA ILE D 517 32.64 20.31 -15.15
C ILE D 517 31.41 19.92 -14.33
N TYR D 518 30.49 19.13 -14.92
CA TYR D 518 29.27 18.77 -14.20
C TYR D 518 29.57 17.87 -13.01
N HIS D 519 30.36 16.82 -13.26
CA HIS D 519 30.66 15.77 -12.31
C HIS D 519 31.77 16.13 -11.32
N GLN D 520 32.56 17.20 -11.58
CA GLN D 520 33.62 17.63 -10.68
C GLN D 520 34.64 16.51 -10.47
N ASN D 521 35.14 15.91 -11.56
CA ASN D 521 36.08 14.80 -11.45
C ASN D 521 37.45 15.32 -11.03
N ARG D 522 37.83 16.52 -11.47
CA ARG D 522 39.13 17.08 -11.13
C ARG D 522 38.99 18.19 -10.07
N LYS D 523 38.05 19.13 -10.22
CA LYS D 523 37.93 20.19 -9.23
C LYS D 523 36.49 20.70 -9.09
N VAL D 524 36.25 21.50 -8.06
CA VAL D 524 34.96 22.13 -7.78
C VAL D 524 34.71 23.23 -8.82
N HIS D 525 33.48 23.32 -9.33
CA HIS D 525 33.05 24.37 -10.25
C HIS D 525 31.78 24.99 -9.72
N GLU D 526 31.46 26.22 -10.15
CA GLU D 526 30.28 26.90 -9.63
C GLU D 526 29.02 26.20 -10.16
N LYS D 527 27.91 26.26 -9.40
CA LYS D 527 26.65 25.61 -9.73
C LYS D 527 26.07 26.11 -11.06
N THR D 528 26.19 27.41 -11.32
CA THR D 528 25.72 28.02 -12.55
C THR D 528 26.46 27.44 -13.74
N VAL D 529 27.78 27.24 -13.61
CA VAL D 529 28.60 26.69 -14.69
C VAL D 529 28.19 25.24 -14.95
N ARG D 530 27.99 24.48 -13.86
CA ARG D 530 27.69 23.07 -13.92
C ARG D 530 26.35 22.78 -14.61
N THR D 531 25.33 23.54 -14.22
CA THR D 531 24.00 23.43 -14.79
C THR D 531 24.02 23.77 -16.28
N ALA D 532 24.69 24.87 -16.65
CA ALA D 532 24.80 25.28 -18.04
C ALA D 532 25.52 24.19 -18.87
N ALA D 533 26.58 23.60 -18.30
CA ALA D 533 27.35 22.54 -18.94
C ALA D 533 26.44 21.35 -19.23
N ALA D 534 25.59 21.00 -18.26
CA ALA D 534 24.74 19.84 -18.44
C ALA D 534 23.65 20.15 -19.48
N ALA D 535 23.14 21.39 -19.47
CA ALA D 535 22.19 21.81 -20.47
C ALA D 535 22.77 21.61 -21.87
N ILE D 536 24.04 22.01 -22.08
CA ILE D 536 24.61 21.86 -23.39
C ILE D 536 24.72 20.38 -23.75
N ILE D 537 25.12 19.54 -22.78
CA ILE D 537 25.25 18.12 -23.02
C ILE D 537 23.91 17.53 -23.46
N LEU D 538 22.87 17.69 -22.63
CA LEU D 538 21.58 17.07 -22.88
C LEU D 538 20.98 17.57 -24.20
N ASN D 539 21.38 18.77 -24.63
CA ASN D 539 20.82 19.37 -25.84
C ASN D 539 21.59 18.97 -27.10
N ASN D 540 22.70 18.22 -26.98
CA ASN D 540 23.57 18.03 -28.13
C ASN D 540 23.97 16.57 -28.30
N ASN D 541 23.00 15.74 -28.69
CA ASN D 541 23.27 14.37 -29.08
C ASN D 541 23.98 13.67 -27.92
N PRO D 542 23.39 13.64 -26.71
CA PRO D 542 24.05 13.01 -25.57
C PRO D 542 24.05 11.51 -25.78
N SER D 543 25.14 10.87 -25.36
CA SER D 543 25.26 9.42 -25.37
C SER D 543 24.40 8.83 -24.25
N TYR D 544 24.26 7.49 -24.27
CA TYR D 544 23.49 6.77 -23.26
C TYR D 544 24.01 7.09 -21.85
N MET D 545 25.34 7.04 -21.67
CA MET D 545 25.93 7.22 -20.35
C MET D 545 25.92 8.70 -19.97
N ASP D 546 26.02 9.59 -20.97
CA ASP D 546 25.88 11.03 -20.75
C ASP D 546 24.56 11.31 -20.00
N VAL D 547 23.47 10.70 -20.47
CA VAL D 547 22.14 10.90 -19.93
C VAL D 547 22.03 10.16 -18.61
N LYS D 548 22.51 8.91 -18.63
CA LYS D 548 22.44 8.05 -17.47
C LYS D 548 23.08 8.73 -16.23
N ASN D 549 24.29 9.29 -16.41
CA ASN D 549 25.04 9.85 -15.30
C ASN D 549 24.32 11.07 -14.75
N ILE D 550 23.69 11.84 -15.65
CA ILE D 550 23.04 13.06 -15.20
C ILE D 550 21.78 12.66 -14.43
N LEU D 551 21.05 11.66 -14.94
CA LEU D 551 19.84 11.20 -14.27
C LEU D 551 20.20 10.65 -12.89
N LEU D 552 21.29 9.86 -12.79
CA LEU D 552 21.63 9.23 -11.53
C LEU D 552 22.05 10.28 -10.48
N SER D 553 22.55 11.43 -10.94
CA SER D 553 22.96 12.47 -10.03
C SER D 553 21.75 13.12 -9.38
N ILE D 554 20.56 12.90 -9.94
CA ILE D 554 19.44 13.62 -9.36
C ILE D 554 19.14 12.98 -8.02
N GLY D 555 19.14 13.81 -6.97
CA GLY D 555 18.91 13.36 -5.62
C GLY D 555 20.19 13.38 -4.79
N GLU D 556 21.33 13.66 -5.42
CA GLU D 556 22.66 13.45 -4.83
C GLU D 556 23.47 14.75 -4.73
N LEU D 557 22.94 15.86 -5.26
CA LEU D 557 23.64 17.13 -5.20
C LEU D 557 22.91 17.97 -4.16
N PRO D 558 23.24 19.27 -3.93
CA PRO D 558 22.40 20.09 -3.05
C PRO D 558 20.96 20.27 -3.59
N GLN D 559 20.02 20.61 -2.69
CA GLN D 559 18.58 20.55 -2.89
C GLN D 559 18.11 21.26 -4.18
N GLU D 560 18.56 22.50 -4.40
CA GLU D 560 18.14 23.29 -5.54
C GLU D 560 18.78 22.82 -6.85
N MET D 561 19.99 22.24 -6.80
CA MET D 561 20.57 21.71 -8.01
C MET D 561 19.84 20.43 -8.47
N ASN D 562 19.33 19.62 -7.53
CA ASN D 562 18.53 18.46 -7.88
C ASN D 562 17.25 18.89 -8.59
N LYS D 563 16.60 19.89 -8.01
CA LYS D 563 15.33 20.37 -8.50
C LYS D 563 15.52 20.92 -9.92
N TYR D 564 16.63 21.65 -10.13
CA TYR D 564 16.86 22.31 -11.39
C TYR D 564 17.12 21.24 -12.47
N MET D 565 17.97 20.26 -12.15
CA MET D 565 18.33 19.27 -13.14
C MET D 565 17.10 18.44 -13.48
N LEU D 566 16.26 18.17 -12.49
CA LEU D 566 15.08 17.38 -12.74
C LEU D 566 14.18 18.19 -13.65
N ALA D 567 14.09 19.51 -13.41
CA ALA D 567 13.20 20.33 -14.21
C ALA D 567 13.70 20.36 -15.65
N ILE D 568 15.04 20.43 -15.86
CA ILE D 568 15.62 20.41 -17.20
C ILE D 568 15.16 19.15 -17.94
N VAL D 569 15.16 18.02 -17.26
CA VAL D 569 14.93 16.74 -17.90
C VAL D 569 13.43 16.63 -18.18
N GLN D 570 12.61 17.02 -17.20
CA GLN D 570 11.17 16.96 -17.37
C GLN D 570 10.75 17.84 -18.54
N ASP D 571 11.46 18.96 -18.74
CA ASP D 571 11.11 19.87 -19.81
C ASP D 571 11.48 19.28 -21.16
N ILE D 572 12.56 18.47 -21.22
CA ILE D 572 12.91 17.81 -22.46
C ILE D 572 11.79 16.82 -22.80
N LEU D 573 11.29 16.11 -21.80
CA LEU D 573 10.25 15.13 -22.05
C LEU D 573 8.95 15.85 -22.40
N ARG D 574 8.51 16.80 -21.55
CA ARG D 574 7.28 17.56 -21.75
C ARG D 574 7.25 18.24 -23.12
N PHE D 575 8.36 18.77 -23.63
CA PHE D 575 8.29 19.54 -24.86
C PHE D 575 8.89 18.82 -26.06
N GLU D 576 9.24 17.53 -25.90
CA GLU D 576 9.76 16.72 -27.00
C GLU D 576 10.96 17.36 -27.67
N MET D 577 12.00 17.69 -26.90
CA MET D 577 13.24 18.24 -27.44
C MET D 577 14.05 17.12 -28.09
N PRO D 578 15.15 17.41 -28.82
CA PRO D 578 15.82 16.40 -29.63
C PRO D 578 16.23 15.14 -28.88
N ALA D 579 16.73 15.30 -27.64
CA ALA D 579 17.28 14.19 -26.85
C ALA D 579 16.19 13.41 -26.13
N SER D 580 14.93 13.80 -26.38
CA SER D 580 13.77 13.12 -25.84
C SER D 580 13.85 11.58 -25.99
N LYS D 581 14.12 11.09 -27.21
CA LYS D 581 14.17 9.66 -27.48
C LYS D 581 15.27 8.93 -26.69
N ILE D 582 16.48 9.50 -26.60
CA ILE D 582 17.58 8.86 -25.87
C ILE D 582 17.31 8.89 -24.35
N VAL D 583 16.64 9.96 -23.87
CA VAL D 583 16.30 10.05 -22.45
C VAL D 583 15.30 8.95 -22.11
N ARG D 584 14.33 8.75 -23.01
CA ARG D 584 13.26 7.76 -22.82
CA ARG D 584 13.28 7.77 -22.73
C ARG D 584 13.87 6.36 -22.77
N ARG D 585 14.96 6.16 -23.52
CA ARG D 585 15.66 4.89 -23.51
C ARG D 585 16.22 4.64 -22.11
N VAL D 586 16.80 5.68 -21.51
CA VAL D 586 17.41 5.51 -20.20
C VAL D 586 16.33 5.30 -19.15
N LEU D 587 15.16 5.94 -19.35
CA LEU D 587 14.05 5.89 -18.41
C LEU D 587 13.37 4.51 -18.32
N LYS D 588 13.71 3.59 -19.23
CA LYS D 588 13.24 2.22 -19.16
C LYS D 588 13.65 1.58 -17.84
N GLU D 589 14.83 1.92 -17.30
CA GLU D 589 15.36 1.37 -16.08
C GLU D 589 14.79 2.07 -14.84
N MET D 590 14.23 1.26 -13.93
CA MET D 590 13.57 1.71 -12.72
C MET D 590 14.56 2.45 -11.79
N VAL D 591 15.82 2.04 -11.80
CA VAL D 591 16.81 2.67 -10.96
C VAL D 591 16.92 4.16 -11.33
N ALA D 592 16.86 4.48 -12.62
CA ALA D 592 17.05 5.88 -13.02
C ALA D 592 15.71 6.61 -13.02
N HIS D 593 14.61 5.91 -13.29
CA HIS D 593 13.34 6.57 -13.47
C HIS D 593 12.35 6.01 -12.47
N ASN D 594 11.99 6.77 -11.43
CA ASN D 594 11.00 6.27 -10.49
C ASN D 594 10.42 7.42 -9.66
N TYR D 595 9.27 7.14 -9.03
CA TYR D 595 8.54 8.07 -8.20
C TYR D 595 9.31 8.50 -6.96
N ASP D 596 10.48 7.94 -6.68
CA ASP D 596 11.26 8.49 -5.58
C ASP D 596 12.21 9.58 -6.08
N ARG D 597 13.00 9.25 -7.11
CA ARG D 597 13.95 10.18 -7.75
C ARG D 597 13.23 11.39 -8.33
N PHE D 598 12.04 11.19 -8.89
CA PHE D 598 11.33 12.24 -9.61
C PHE D 598 10.41 13.03 -8.69
N SER D 599 10.45 12.76 -7.38
CA SER D 599 9.74 13.58 -6.39
C SER D 599 10.77 14.40 -5.63
N ARG D 600 11.06 15.63 -6.10
CA ARG D 600 12.10 16.44 -5.51
C ARG D 600 11.50 17.78 -5.05
N SER D 601 11.97 18.30 -3.92
CA SER D 601 11.48 19.58 -3.46
C SER D 601 12.54 20.65 -3.75
N GLY D 602 12.12 21.90 -3.72
CA GLY D 602 12.98 23.02 -4.11
C GLY D 602 12.19 23.93 -5.03
N SER D 603 12.74 25.11 -5.31
CA SER D 603 12.00 26.18 -5.96
C SER D 603 12.36 26.27 -7.44
N SER D 604 13.58 25.80 -7.78
CA SER D 604 14.11 25.84 -9.12
C SER D 604 13.13 25.21 -10.11
N SER D 605 13.13 25.73 -11.36
CA SER D 605 12.17 25.29 -12.36
C SER D 605 12.74 25.47 -13.77
N ALA D 606 11.95 25.04 -14.76
CA ALA D 606 12.28 25.02 -16.18
C ALA D 606 10.99 24.71 -16.95
N TYR D 607 10.59 25.61 -17.86
CA TYR D 607 9.34 25.43 -18.59
C TYR D 607 9.41 26.03 -19.99
N THR D 608 9.04 25.21 -21.00
CA THR D 608 8.94 25.71 -22.35
C THR D 608 7.48 25.65 -22.81
N GLY D 609 7.02 26.77 -23.37
CA GLY D 609 5.68 26.91 -23.93
C GLY D 609 5.67 27.47 -25.35
N TYR D 610 4.46 27.52 -25.93
CA TYR D 610 4.28 28.11 -27.25
C TYR D 610 3.68 29.50 -27.09
N ILE D 611 4.22 30.46 -27.84
CA ILE D 611 3.55 31.74 -27.99
C ILE D 611 2.53 31.60 -29.11
N GLU D 612 2.96 31.01 -30.24
CA GLU D 612 2.09 30.67 -31.33
C GLU D 612 2.64 29.43 -32.01
N ARG D 613 1.73 28.63 -32.57
CA ARG D 613 2.12 27.47 -33.36
C ARG D 613 1.17 27.35 -34.55
N SER D 614 1.76 27.04 -35.71
CA SER D 614 1.07 26.79 -36.97
C SER D 614 1.80 25.62 -37.62
N PRO D 615 1.26 25.00 -38.69
CA PRO D 615 1.99 23.92 -39.38
C PRO D 615 3.38 24.34 -39.87
N ARG D 616 3.57 25.64 -40.18
CA ARG D 616 4.84 26.08 -40.77
C ARG D 616 5.69 26.90 -39.78
N SER D 617 5.06 27.73 -38.96
CA SER D 617 5.81 28.60 -38.08
C SER D 617 5.46 28.38 -36.61
N ALA D 618 6.44 28.64 -35.74
CA ALA D 618 6.23 28.49 -34.31
C ALA D 618 7.07 29.51 -33.53
N SER D 619 6.51 29.91 -32.40
CA SER D 619 7.13 30.85 -31.51
C SER D 619 7.13 30.29 -30.07
N THR D 620 8.31 30.20 -29.43
CA THR D 620 8.42 29.56 -28.12
C THR D 620 8.90 30.54 -27.04
N TYR D 621 8.44 30.31 -25.80
CA TYR D 621 9.05 30.95 -24.66
C TYR D 621 9.61 29.92 -23.68
N SER D 622 10.75 30.24 -23.08
CA SER D 622 11.43 29.36 -22.15
C SER D 622 11.89 30.10 -20.90
N LEU D 623 11.45 29.60 -19.73
CA LEU D 623 11.85 30.17 -18.47
C LEU D 623 12.44 29.07 -17.59
N ASP D 624 13.71 29.24 -17.21
CA ASP D 624 14.35 28.32 -16.27
C ASP D 624 15.05 29.13 -15.16
N ILE D 625 14.78 28.76 -13.90
CA ILE D 625 15.28 29.53 -12.76
C ILE D 625 16.05 28.62 -11.81
N LEU D 626 17.31 28.98 -11.53
CA LEU D 626 18.11 28.31 -10.49
C LEU D 626 18.09 29.18 -9.23
N TYR D 627 17.63 28.59 -8.11
CA TYR D 627 17.73 29.24 -6.80
C TYR D 627 18.91 28.74 -5.98
N SER D 628 19.35 29.58 -5.03
CA SER D 628 20.26 29.22 -3.94
C SER D 628 19.45 28.47 -2.89
N GLY D 629 20.15 27.70 -2.04
CA GLY D 629 19.57 27.07 -0.87
C GLY D 629 18.80 28.06 0.01
N SER D 630 19.30 29.29 0.10
CA SER D 630 18.74 30.38 0.87
C SER D 630 17.34 30.75 0.38
N GLY D 631 17.08 30.46 -0.89
CA GLY D 631 15.79 30.82 -1.46
C GLY D 631 15.91 32.05 -2.36
N ILE D 632 17.12 32.62 -2.47
CA ILE D 632 17.32 33.80 -3.29
C ILE D 632 17.77 33.36 -4.68
N LEU D 633 17.35 34.12 -5.70
CA LEU D 633 17.65 33.83 -7.08
C LEU D 633 19.16 33.80 -7.29
N ARG D 634 19.62 32.80 -8.06
CA ARG D 634 21.00 32.73 -8.49
C ARG D 634 21.13 33.07 -9.98
N ARG D 635 20.30 32.45 -10.83
CA ARG D 635 20.29 32.72 -12.26
C ARG D 635 18.94 32.35 -12.86
N SER D 636 18.35 33.32 -13.57
CA SER D 636 17.15 33.10 -14.35
C SER D 636 17.44 33.36 -15.84
N ASN D 637 16.94 32.47 -16.70
CA ASN D 637 17.07 32.59 -18.13
C ASN D 637 15.67 32.65 -18.77
N LEU D 638 15.35 33.75 -19.43
CA LEU D 638 14.18 33.81 -20.27
C LEU D 638 14.61 33.85 -21.73
N ASN D 639 14.10 32.92 -22.54
CA ASN D 639 14.42 32.89 -23.96
C ASN D 639 13.15 32.80 -24.81
N ILE D 640 13.08 33.67 -25.84
CA ILE D 640 12.03 33.64 -26.85
C ILE D 640 12.63 33.36 -28.23
N PHE D 641 12.20 32.29 -28.88
CA PHE D 641 12.65 31.95 -30.23
C PHE D 641 11.49 32.03 -31.22
N GLN D 642 11.83 32.32 -32.49
CA GLN D 642 10.90 32.38 -33.60
C GLN D 642 11.37 31.47 -34.73
N TYR D 643 10.44 30.69 -35.28
CA TYR D 643 10.77 29.69 -36.27
C TYR D 643 9.83 29.78 -37.47
N ILE D 644 10.41 29.50 -38.63
CA ILE D 644 9.72 29.30 -39.89
C ILE D 644 10.39 28.13 -40.58
N GLY D 645 9.73 26.97 -40.49
CA GLY D 645 10.29 25.72 -40.98
C GLY D 645 11.52 25.38 -40.16
N LYS D 646 12.65 25.15 -40.86
CA LYS D 646 13.90 24.79 -40.23
C LYS D 646 14.56 26.04 -39.65
N ALA D 647 14.21 27.22 -40.20
CA ALA D 647 14.88 28.46 -39.88
C ALA D 647 14.42 29.03 -38.52
N GLY D 648 15.38 29.57 -37.78
CA GLY D 648 15.12 30.07 -36.44
C GLY D 648 15.69 31.46 -36.21
N LEU D 649 15.21 32.11 -35.17
CA LEU D 649 15.72 33.42 -34.80
C LEU D 649 15.60 33.56 -33.29
N HIS D 650 16.74 33.87 -32.68
CA HIS D 650 16.78 34.09 -31.25
C HIS D 650 16.29 35.50 -30.99
N GLY D 651 14.97 35.66 -30.89
CA GLY D 651 14.38 36.97 -30.76
C GLY D 651 14.85 37.68 -29.49
N SER D 652 14.94 36.94 -28.39
CA SER D 652 15.22 37.57 -27.12
C SER D 652 15.82 36.59 -26.12
N GLN D 653 16.79 37.10 -25.36
CA GLN D 653 17.23 36.47 -24.13
C GLN D 653 17.44 37.55 -23.08
N VAL D 654 17.09 37.21 -21.85
CA VAL D 654 17.36 38.06 -20.70
C VAL D 654 17.81 37.11 -19.60
N VAL D 655 19.04 37.29 -19.10
CA VAL D 655 19.62 36.55 -17.98
C VAL D 655 19.82 37.50 -16.79
N ILE D 656 19.40 37.09 -15.59
CA ILE D 656 19.61 37.87 -14.38
C ILE D 656 20.44 37.02 -13.41
N GLU D 657 21.55 37.56 -12.89
CA GLU D 657 22.35 36.82 -11.91
C GLU D 657 22.35 37.57 -10.60
N ALA D 658 22.59 36.86 -9.50
CA ALA D 658 22.68 37.48 -8.19
C ALA D 658 23.54 36.61 -7.30
N GLN D 659 24.20 37.24 -6.31
CA GLN D 659 24.96 36.59 -5.25
C GLN D 659 24.93 37.45 -3.99
N GLY D 660 25.29 36.81 -2.87
CA GLY D 660 25.58 37.48 -1.60
C GLY D 660 24.50 38.46 -1.14
N LEU D 661 23.25 38.23 -1.55
CA LEU D 661 22.18 39.09 -1.07
C LEU D 661 21.59 38.51 0.21
N GLU D 662 22.22 37.48 0.78
CA GLU D 662 21.64 36.75 1.89
C GLU D 662 21.44 37.66 3.11
N ALA D 663 22.26 38.71 3.24
CA ALA D 663 22.19 39.60 4.39
C ALA D 663 20.93 40.46 4.40
N LEU D 664 20.33 40.70 3.23
CA LEU D 664 19.17 41.59 3.13
C LEU D 664 17.94 41.02 3.81
N ILE D 665 17.92 39.68 4.02
CA ILE D 665 17.12 39.04 5.04
C ILE D 665 18.12 38.52 6.06
N ALA D 666 17.63 37.93 7.15
CA ALA D 666 18.54 37.31 8.10
C ALA D 666 18.75 35.85 7.69
N ALA D 667 19.14 35.65 6.43
CA ALA D 667 19.26 34.32 5.85
C ALA D 667 20.74 33.92 5.78
N THR D 668 20.99 32.62 5.60
CA THR D 668 22.33 32.03 5.62
C THR D 668 22.81 31.74 4.21
N PRO D 669 24.07 32.11 3.84
CA PRO D 669 24.65 31.74 2.54
C PRO D 669 24.87 30.23 2.49
N ASP D 670 24.85 29.66 1.28
CA ASP D 670 25.06 28.23 1.09
C ASP D 670 26.52 27.95 1.42
N GLU D 671 26.87 26.67 1.61
CA GLU D 671 28.23 26.31 2.00
C GLU D 671 29.21 26.75 0.93
N GLY D 672 30.10 27.69 1.28
CA GLY D 672 31.09 28.21 0.34
C GLY D 672 30.81 29.66 0.01
N GLU D 673 29.53 30.03 0.01
CA GLU D 673 29.12 31.37 -0.42
C GLU D 673 29.25 32.37 0.73
N GLU D 674 29.89 31.97 1.84
CA GLU D 674 30.00 32.79 3.04
C GLU D 674 30.95 33.96 2.83
N ASN D 675 31.87 33.83 1.86
CA ASN D 675 32.85 34.88 1.61
C ASN D 675 32.49 35.69 0.36
N LEU D 676 31.34 35.39 -0.26
CA LEU D 676 30.95 35.95 -1.55
C LEU D 676 30.37 37.36 -1.40
N ASP D 677 30.90 38.31 -2.18
CA ASP D 677 30.43 39.69 -2.14
C ASP D 677 29.14 39.81 -2.97
N SER D 678 28.22 40.66 -2.49
CA SER D 678 26.88 40.77 -3.04
C SER D 678 26.86 41.51 -4.37
N TYR D 679 26.17 40.92 -5.36
CA TYR D 679 26.24 41.36 -6.75
C TYR D 679 24.94 41.02 -7.49
N ALA D 680 24.56 41.86 -8.46
CA ALA D 680 23.45 41.52 -9.34
C ALA D 680 23.72 42.11 -10.72
N GLY D 681 23.49 41.31 -11.76
CA GLY D 681 23.74 41.73 -13.13
C GLY D 681 22.70 41.24 -14.12
N MET D 682 22.94 41.47 -15.41
CA MET D 682 22.02 41.13 -16.48
C MET D 682 22.79 41.00 -17.79
N SER D 683 22.44 40.01 -18.58
CA SER D 683 22.98 39.84 -19.92
C SER D 683 21.80 39.61 -20.86
N ALA D 684 21.86 40.12 -22.09
CA ALA D 684 20.71 40.07 -23.00
C ALA D 684 21.14 39.74 -24.43
N ILE D 685 20.28 38.99 -25.14
CA ILE D 685 20.37 38.86 -26.58
C ILE D 685 19.11 39.47 -27.21
N LEU D 686 19.29 40.28 -28.26
CA LEU D 686 18.18 40.80 -29.06
C LEU D 686 18.43 40.47 -30.53
N PHE D 687 17.46 39.81 -31.16
CA PHE D 687 17.55 39.42 -32.56
C PHE D 687 18.95 38.90 -32.90
N ASP D 688 19.34 37.81 -32.23
CA ASP D 688 20.58 37.08 -32.46
C ASP D 688 21.81 37.85 -31.98
N VAL D 689 21.63 39.05 -31.40
CA VAL D 689 22.80 39.83 -31.03
C VAL D 689 23.00 39.84 -29.51
N GLN D 690 24.12 39.24 -29.08
CA GLN D 690 24.52 39.33 -27.69
C GLN D 690 24.96 40.77 -27.42
N LEU D 691 24.27 41.43 -26.47
CA LEU D 691 24.59 42.79 -26.10
C LEU D 691 25.65 42.78 -25.00
N ARG D 692 26.15 43.98 -24.65
CA ARG D 692 27.12 44.14 -23.58
C ARG D 692 26.40 43.96 -22.24
N PRO D 693 26.89 43.07 -21.34
CA PRO D 693 26.26 42.85 -20.03
C PRO D 693 26.35 44.06 -19.10
N VAL D 694 25.39 44.20 -18.19
CA VAL D 694 25.23 45.36 -17.34
C VAL D 694 25.20 44.95 -15.85
N THR D 695 26.02 45.59 -14.99
CA THR D 695 25.99 45.34 -13.55
C THR D 695 24.96 46.25 -12.89
N PHE D 696 24.12 45.71 -12.01
CA PHE D 696 23.15 46.51 -11.29
C PHE D 696 23.82 47.12 -10.08
N PHE D 697 24.76 46.37 -9.47
CA PHE D 697 25.52 46.82 -8.32
C PHE D 697 26.54 45.78 -7.92
N ASN D 698 27.66 46.25 -7.39
CA ASN D 698 28.74 45.40 -6.92
C ASN D 698 29.16 45.85 -5.53
N GLY D 699 29.22 44.91 -4.59
CA GLY D 699 29.55 45.19 -3.20
C GLY D 699 28.33 45.71 -2.43
N TYR D 700 28.40 45.59 -1.10
CA TYR D 700 27.30 45.91 -0.20
C TYR D 700 27.10 47.42 -0.14
N SER D 701 28.21 48.15 -0.06
CA SER D 701 28.20 49.61 0.09
C SER D 701 27.59 50.28 -1.15
N ASP D 702 27.88 49.74 -2.34
CA ASP D 702 27.36 50.27 -3.59
C ASP D 702 25.86 49.96 -3.70
N LEU D 703 25.47 48.78 -3.17
CA LEU D 703 24.08 48.36 -3.18
C LEU D 703 23.27 49.30 -2.27
N MET D 704 23.71 49.38 -1.02
CA MET D 704 23.02 50.18 0.00
C MET D 704 23.20 51.65 -0.35
N SER D 705 24.08 51.93 -1.33
CA SER D 705 24.39 53.28 -1.80
C SER D 705 23.32 53.82 -2.73
N LYS D 706 22.75 52.95 -3.57
CA LYS D 706 21.58 53.33 -4.35
C LYS D 706 20.38 53.50 -3.43
N MET D 707 19.59 52.44 -3.26
CA MET D 707 18.47 52.43 -2.33
C MET D 707 18.80 51.44 -1.21
N GLY D 712 8.86 52.28 -6.63
CA GLY D 712 7.54 52.22 -7.27
C GLY D 712 7.56 52.64 -8.74
N ASP D 713 8.54 53.49 -9.14
CA ASP D 713 8.46 54.22 -10.39
C ASP D 713 9.36 53.63 -11.50
N PRO D 714 8.90 53.65 -12.78
CA PRO D 714 9.65 53.05 -13.90
C PRO D 714 11.08 53.53 -14.11
N ILE D 715 11.86 52.75 -14.87
CA ILE D 715 13.26 53.04 -15.20
C ILE D 715 13.51 52.55 -16.63
N SER D 716 13.83 53.47 -17.57
CA SER D 716 14.23 53.10 -18.92
C SER D 716 15.48 52.23 -18.87
N VAL D 717 15.53 51.21 -19.73
CA VAL D 717 16.63 50.26 -19.73
C VAL D 717 17.15 50.16 -21.16
N VAL D 718 16.21 49.96 -22.11
CA VAL D 718 16.48 49.96 -23.53
C VAL D 718 15.39 50.84 -24.15
N LYS D 719 15.80 51.72 -25.06
CA LYS D 719 14.88 52.52 -25.85
C LYS D 719 15.52 52.74 -27.22
N GLY D 720 14.76 52.55 -28.30
CA GLY D 720 15.38 52.54 -29.62
C GLY D 720 14.47 52.15 -30.77
N LEU D 721 14.86 52.57 -31.98
CA LEU D 721 14.17 52.21 -33.20
C LEU D 721 15.06 51.26 -33.98
N ILE D 722 14.47 50.21 -34.58
CA ILE D 722 15.26 49.22 -35.32
C ILE D 722 14.63 48.96 -36.68
N LEU D 723 15.48 48.90 -37.71
CA LEU D 723 15.02 48.46 -39.02
C LEU D 723 15.33 46.97 -39.15
N LEU D 724 14.32 46.15 -38.92
CA LEU D 724 14.44 44.71 -38.89
C LEU D 724 14.25 44.06 -40.26
N ILE D 725 13.14 44.38 -40.96
CA ILE D 725 12.84 43.81 -42.26
C ILE D 725 13.10 44.86 -43.36
N ASP D 726 13.80 44.43 -44.42
CA ASP D 726 14.28 45.36 -45.41
C ASP D 726 14.51 44.63 -46.74
N HIS D 727 13.60 44.84 -47.69
CA HIS D 727 13.64 44.18 -48.99
C HIS D 727 13.47 45.22 -50.10
N SER D 728 14.34 45.18 -51.10
CA SER D 728 14.27 46.12 -52.21
C SER D 728 14.48 45.47 -53.58
N GLN D 729 13.60 45.83 -54.54
CA GLN D 729 13.71 45.37 -55.91
C GLN D 729 13.47 46.52 -56.88
N GLU D 730 14.36 46.59 -57.88
CA GLU D 730 14.25 47.50 -59.01
C GLU D 730 14.17 46.61 -60.24
N LEU D 731 13.11 46.81 -61.03
CA LEU D 731 12.77 45.88 -62.09
C LEU D 731 12.65 46.61 -63.42
N GLN D 732 13.36 46.06 -64.43
CA GLN D 732 13.14 46.39 -65.82
C GLN D 732 12.17 45.34 -66.38
N LEU D 733 10.90 45.73 -66.51
CA LEU D 733 9.88 44.87 -67.12
C LEU D 733 10.17 44.73 -68.62
N GLN D 734 9.88 43.55 -69.18
CA GLN D 734 10.04 43.27 -70.61
C GLN D 734 9.26 44.24 -71.50
N SER D 735 8.20 44.88 -70.95
CA SER D 735 7.45 45.85 -71.71
C SER D 735 8.23 47.14 -71.85
N GLY D 736 9.24 47.35 -71.02
CA GLY D 736 10.01 48.60 -71.01
C GLY D 736 9.73 49.44 -69.75
N LEU D 737 8.56 49.22 -69.15
CA LEU D 737 8.21 49.91 -67.92
C LEU D 737 9.16 49.57 -66.77
N LYS D 738 9.12 50.45 -65.76
CA LYS D 738 9.95 50.46 -64.58
C LYS D 738 9.10 50.05 -63.38
N ALA D 739 9.58 49.06 -62.60
CA ALA D 739 8.83 48.62 -61.43
C ALA D 739 9.71 48.53 -60.19
N ASN D 740 9.15 48.96 -59.05
CA ASN D 740 9.80 48.92 -57.74
C ASN D 740 8.95 48.18 -56.70
N ILE D 741 9.59 47.24 -55.98
CA ILE D 741 9.02 46.58 -54.81
C ILE D 741 9.87 46.90 -53.57
N GLU D 742 9.20 47.41 -52.51
CA GLU D 742 9.85 47.73 -51.25
C GLU D 742 9.02 47.20 -50.08
N VAL D 743 9.69 46.43 -49.21
CA VAL D 743 9.06 45.92 -47.99
C VAL D 743 9.95 46.28 -46.80
N GLN D 744 9.43 47.12 -45.89
CA GLN D 744 10.21 47.49 -44.72
C GLN D 744 9.48 47.15 -43.43
N GLY D 745 10.24 46.60 -42.48
CA GLY D 745 9.74 46.29 -41.15
C GLY D 745 10.54 47.01 -40.07
N GLY D 746 9.89 47.99 -39.42
CA GLY D 746 10.53 48.67 -38.31
C GLY D 746 9.86 48.37 -36.97
N LEU D 747 10.61 48.53 -35.88
CA LEU D 747 9.98 48.49 -34.58
C LEU D 747 10.69 49.40 -33.59
N ALA D 748 9.92 49.78 -32.57
CA ALA D 748 10.35 50.62 -31.47
C ALA D 748 10.27 49.80 -30.19
N ILE D 749 11.41 49.63 -29.49
CA ILE D 749 11.48 48.91 -28.23
C ILE D 749 11.51 49.90 -27.07
N ASP D 750 10.81 49.58 -25.97
CA ASP D 750 10.78 50.47 -24.80
C ASP D 750 10.66 49.65 -23.51
N ILE D 751 11.78 49.08 -23.06
CA ILE D 751 11.79 48.25 -21.86
C ILE D 751 11.95 49.12 -20.60
N SER D 752 11.15 48.86 -19.58
CA SER D 752 11.20 49.62 -18.34
C SER D 752 10.94 48.74 -17.12
N GLY D 753 11.78 48.86 -16.07
CA GLY D 753 11.70 48.05 -14.86
C GLY D 753 11.34 48.84 -13.60
N ALA D 754 10.62 48.19 -12.66
CA ALA D 754 10.16 48.80 -11.42
C ALA D 754 10.13 47.76 -10.30
N MET D 755 10.51 48.16 -9.08
CA MET D 755 10.55 47.24 -7.94
C MET D 755 9.96 47.92 -6.70
N GLU D 756 9.04 47.23 -6.01
CA GLU D 756 8.66 47.57 -4.65
C GLU D 756 9.23 46.49 -3.72
N PHE D 757 9.88 46.93 -2.63
CA PHE D 757 10.54 46.03 -1.69
C PHE D 757 10.26 46.53 -0.28
N SER D 758 9.73 45.67 0.58
CA SER D 758 9.59 46.01 2.00
C SER D 758 10.21 44.91 2.85
N LEU D 759 11.31 45.25 3.54
CA LEU D 759 11.89 44.31 4.49
C LEU D 759 10.93 44.07 5.65
N TRP D 760 10.31 45.15 6.16
CA TRP D 760 9.36 45.09 7.26
C TRP D 760 8.21 44.15 6.92
N TYR D 761 7.70 44.23 5.68
CA TYR D 761 6.58 43.42 5.23
C TYR D 761 7.00 42.05 4.68
N ARG D 762 8.30 41.82 4.46
CA ARG D 762 8.76 40.60 3.79
C ARG D 762 7.96 40.35 2.51
N GLU D 763 7.93 41.38 1.64
CA GLU D 763 7.19 41.37 0.37
C GLU D 763 8.01 42.10 -0.69
N SER D 764 7.74 41.74 -1.97
CA SER D 764 8.51 42.19 -3.11
C SER D 764 7.64 42.06 -4.36
N LYS D 765 7.70 43.08 -5.23
CA LYS D 765 6.99 43.04 -6.50
C LYS D 765 7.88 43.66 -7.58
N THR D 766 8.15 42.91 -8.65
CA THR D 766 8.98 43.39 -9.74
C THR D 766 8.17 43.34 -11.04
N ARG D 767 8.22 44.44 -11.80
CA ARG D 767 7.52 44.59 -13.05
C ARG D 767 8.54 44.96 -14.12
N VAL D 768 8.65 44.15 -15.17
CA VAL D 768 9.44 44.56 -16.32
C VAL D 768 8.50 44.68 -17.52
N LYS D 769 8.40 45.88 -18.08
CA LYS D 769 7.48 46.14 -19.19
C LYS D 769 8.26 46.31 -20.49
N ASN D 770 7.98 45.43 -21.45
CA ASN D 770 8.56 45.54 -22.77
C ASN D 770 7.48 46.08 -23.72
N ARG D 771 7.64 47.33 -24.16
CA ARG D 771 6.70 47.95 -25.08
C ARG D 771 7.23 47.78 -26.50
N VAL D 772 6.51 47.06 -27.37
CA VAL D 772 7.01 46.81 -28.72
C VAL D 772 6.01 47.32 -29.76
N THR D 773 6.46 48.23 -30.64
CA THR D 773 5.60 48.73 -31.69
C THR D 773 6.18 48.39 -33.05
N VAL D 774 5.37 47.71 -33.86
CA VAL D 774 5.82 47.17 -35.14
C VAL D 774 5.04 47.85 -36.26
N VAL D 775 5.76 48.24 -37.32
CA VAL D 775 5.11 48.73 -38.52
C VAL D 775 5.77 48.08 -39.74
N ILE D 776 4.95 47.42 -40.56
CA ILE D 776 5.44 46.80 -41.78
C ILE D 776 4.77 47.44 -42.98
N THR D 777 5.57 47.99 -43.90
CA THR D 777 5.06 48.74 -45.04
C THR D 777 5.42 47.99 -46.32
N THR D 778 4.49 48.02 -47.29
CA THR D 778 4.81 47.56 -48.63
C THR D 778 4.46 48.65 -49.65
N ASP D 779 5.19 48.63 -50.76
CA ASP D 779 5.05 49.63 -51.79
C ASP D 779 5.37 48.95 -53.11
N ILE D 780 4.39 48.97 -54.03
CA ILE D 780 4.60 48.52 -55.39
C ILE D 780 4.34 49.68 -56.35
N THR D 781 5.15 49.76 -57.41
CA THR D 781 5.11 50.91 -58.29
C THR D 781 5.49 50.50 -59.71
N VAL D 782 4.63 50.86 -60.68
CA VAL D 782 5.00 50.80 -62.09
C VAL D 782 4.87 52.18 -62.73
N ASP D 783 5.97 52.60 -63.38
CA ASP D 783 6.16 53.94 -63.92
C ASP D 783 6.51 53.83 -65.40
N SER D 784 5.95 54.76 -66.20
CA SER D 784 6.23 54.88 -67.63
C SER D 784 6.59 56.33 -67.97
N SER D 785 6.70 57.14 -66.91
CA SER D 785 7.05 58.56 -66.86
C SER D 785 5.84 59.47 -67.08
N PHE D 786 4.94 59.10 -68.00
CA PHE D 786 3.72 59.90 -68.15
C PHE D 786 2.59 59.34 -67.29
N VAL D 787 2.63 58.04 -66.94
CA VAL D 787 1.67 57.50 -66.00
C VAL D 787 2.35 56.56 -64.98
N LYS D 788 1.79 56.54 -63.76
CA LYS D 788 2.31 55.73 -62.67
C LYS D 788 1.18 55.14 -61.83
N ALA D 789 1.28 53.83 -61.60
CA ALA D 789 0.38 53.12 -60.72
C ALA D 789 1.15 52.58 -59.50
N GLY D 790 0.56 52.74 -58.32
CA GLY D 790 1.16 52.27 -57.10
C GLY D 790 0.15 51.54 -56.22
N LEU D 791 0.69 50.62 -55.40
CA LEU D 791 -0.06 49.96 -54.35
C LEU D 791 0.80 49.93 -53.09
N GLU D 792 0.33 50.61 -52.05
CA GLU D 792 1.06 50.62 -50.79
C GLU D 792 0.17 50.17 -49.61
N THR D 793 0.78 49.44 -48.66
CA THR D 793 0.09 49.00 -47.45
C THR D 793 0.94 49.23 -46.20
N SER D 794 0.24 49.42 -45.07
CA SER D 794 0.85 49.63 -43.78
C SER D 794 0.13 48.76 -42.76
N THR D 795 0.89 47.94 -42.04
CA THR D 795 0.33 47.11 -40.97
C THR D 795 1.02 47.47 -39.67
N GLU D 796 0.24 47.80 -38.63
CA GLU D 796 0.85 48.28 -37.41
C GLU D 796 0.16 47.74 -36.16
N THR D 797 0.99 47.37 -35.18
CA THR D 797 0.51 46.94 -33.88
C THR D 797 1.36 47.56 -32.78
N GLU D 798 0.67 47.98 -31.71
CA GLU D 798 1.30 48.53 -30.52
C GLU D 798 1.19 47.48 -29.40
N ALA D 799 2.13 46.54 -29.39
CA ALA D 799 2.16 45.39 -28.50
C ALA D 799 2.83 45.73 -27.16
N GLY D 800 2.64 44.83 -26.20
CA GLY D 800 3.10 45.01 -24.84
C GLY D 800 3.22 43.66 -24.15
N LEU D 801 4.41 43.41 -23.60
CA LEU D 801 4.64 42.21 -22.83
C LEU D 801 5.18 42.61 -21.45
N GLU D 802 4.56 42.07 -20.40
CA GLU D 802 4.95 42.37 -19.03
C GLU D 802 5.32 41.10 -18.30
N PHE D 803 6.39 41.14 -17.52
CA PHE D 803 6.72 40.08 -16.59
C PHE D 803 6.60 40.62 -15.16
N ILE D 804 5.76 39.95 -14.36
CA ILE D 804 5.54 40.34 -12.97
C ILE D 804 6.01 39.23 -12.05
N SER D 805 6.67 39.64 -10.97
CA SER D 805 7.19 38.73 -9.96
C SER D 805 6.75 39.20 -8.58
N THR D 806 5.87 38.42 -7.93
CA THR D 806 5.39 38.72 -6.59
C THR D 806 5.99 37.73 -5.57
N VAL D 807 6.69 38.27 -4.55
CA VAL D 807 7.37 37.45 -3.57
C VAL D 807 6.86 37.76 -2.16
N GLN D 808 6.46 36.72 -1.41
CA GLN D 808 6.17 36.81 0.02
C GLN D 808 7.20 35.97 0.75
N PHE D 809 8.21 36.62 1.36
CA PHE D 809 9.36 35.89 1.87
C PHE D 809 9.39 35.82 3.40
N SER D 810 8.21 35.75 4.04
CA SER D 810 8.10 35.64 5.49
C SER D 810 8.64 34.30 6.01
N GLN D 811 8.30 33.19 5.34
CA GLN D 811 8.67 31.85 5.78
C GLN D 811 9.26 31.08 4.60
N TYR D 812 10.44 30.47 4.82
CA TYR D 812 11.04 29.60 3.82
C TYR D 812 10.24 28.30 3.77
N PRO D 813 9.95 27.70 2.57
CA PRO D 813 10.26 28.30 1.28
C PRO D 813 9.26 29.40 0.93
N PHE D 814 9.77 30.46 0.29
CA PHE D 814 9.06 31.70 0.02
C PHE D 814 7.99 31.46 -1.05
N LEU D 815 6.91 32.24 -1.01
CA LEU D 815 5.86 32.19 -2.02
C LEU D 815 6.26 33.11 -3.18
N VAL D 816 6.35 32.53 -4.37
CA VAL D 816 6.74 33.27 -5.56
C VAL D 816 5.69 33.05 -6.64
N CYS D 817 5.19 34.15 -7.20
CA CYS D 817 4.22 34.07 -8.28
C CYS D 817 4.76 34.89 -9.45
N MET D 818 5.07 34.18 -10.54
CA MET D 818 5.56 34.78 -11.76
C MET D 818 4.46 34.79 -12.80
N GLN D 819 4.42 35.88 -13.59
CA GLN D 819 3.35 36.12 -14.54
C GLN D 819 3.95 36.72 -15.80
N MET D 820 3.58 36.12 -16.94
CA MET D 820 3.93 36.56 -18.27
C MET D 820 2.63 37.00 -18.93
N ASP D 821 2.52 38.29 -19.21
CA ASP D 821 1.28 38.92 -19.60
C ASP D 821 1.49 39.69 -20.91
N LYS D 822 0.76 39.29 -21.95
CA LYS D 822 0.73 40.04 -23.20
C LYS D 822 -0.49 40.96 -23.18
N ASP D 823 -0.25 42.28 -23.37
CA ASP D 823 -1.31 43.26 -23.24
C ASP D 823 -2.23 43.21 -24.45
N GLU D 824 -3.44 43.75 -24.30
CA GLU D 824 -4.32 44.00 -25.42
C GLU D 824 -3.59 44.92 -26.38
N ALA D 825 -3.58 44.59 -27.68
CA ALA D 825 -2.83 45.37 -28.65
C ALA D 825 -3.75 45.89 -29.75
N PRO D 826 -3.63 47.19 -30.15
CA PRO D 826 -4.33 47.70 -31.33
C PRO D 826 -3.64 47.20 -32.59
N PHE D 827 -4.46 46.83 -33.59
CA PHE D 827 -3.97 46.31 -34.86
C PHE D 827 -4.67 47.07 -35.99
N ARG D 828 -3.86 47.76 -36.83
CA ARG D 828 -4.37 48.65 -37.86
C ARG D 828 -3.76 48.30 -39.20
N GLN D 829 -4.62 48.12 -40.22
CA GLN D 829 -4.16 47.94 -41.61
C GLN D 829 -4.64 49.08 -42.51
N PHE D 830 -3.71 49.52 -43.37
CA PHE D 830 -3.95 50.59 -44.32
CA PHE D 830 -3.96 50.58 -44.33
C PHE D 830 -3.60 50.11 -45.73
N GLU D 831 -4.38 50.57 -46.71
CA GLU D 831 -4.11 50.31 -48.12
C GLU D 831 -4.36 51.59 -48.92
N LYS D 832 -3.48 51.87 -49.88
CA LYS D 832 -3.60 53.03 -50.76
C LYS D 832 -3.18 52.62 -52.17
N LYS D 833 -4.16 52.62 -53.10
CA LYS D 833 -3.85 52.34 -54.49
C LYS D 833 -4.07 53.60 -55.32
N TYR D 834 -3.25 53.78 -56.36
CA TYR D 834 -3.36 54.98 -57.18
C TYR D 834 -2.91 54.75 -58.64
N GLU D 835 -3.51 55.54 -59.54
CA GLU D 835 -3.10 55.77 -60.93
C GLU D 835 -2.92 57.29 -61.09
N ARG D 836 -1.74 57.74 -61.55
CA ARG D 836 -1.43 59.17 -61.57
C ARG D 836 -0.77 59.55 -62.89
N LEU D 837 -1.09 60.76 -63.36
CA LEU D 837 -0.81 61.12 -64.73
C LEU D 837 0.44 61.99 -64.83
N SER D 838 1.00 62.42 -63.70
CA SER D 838 2.21 63.23 -63.78
C SER D 838 1.86 64.70 -64.05
N THR D 839 0.65 64.96 -64.54
CA THR D 839 0.05 66.29 -64.57
C THR D 839 -0.47 66.59 -63.17
N GLY D 840 -0.63 65.54 -62.38
CA GLY D 840 -1.15 65.66 -61.02
C GLY D 840 -2.62 65.25 -60.96
N ARG D 841 -3.21 64.97 -62.14
CA ARG D 841 -4.47 64.26 -62.20
C ARG D 841 -4.21 62.83 -61.70
N GLY D 842 -5.11 62.34 -60.83
CA GLY D 842 -4.87 61.07 -60.17
C GLY D 842 -6.10 60.46 -59.51
N TYR D 843 -6.22 59.13 -59.65
CA TYR D 843 -7.18 58.31 -58.93
C TYR D 843 -6.54 57.73 -57.68
N VAL D 844 -7.12 58.01 -56.51
CA VAL D 844 -6.59 57.55 -55.23
C VAL D 844 -7.73 56.91 -54.43
N SER D 845 -7.46 55.70 -53.94
CA SER D 845 -8.42 54.88 -53.21
C SER D 845 -7.75 54.30 -51.97
N GLN D 846 -8.38 54.50 -50.81
CA GLN D 846 -7.82 54.11 -49.52
C GLN D 846 -8.78 53.22 -48.73
N LYS D 847 -8.23 52.22 -48.00
CA LYS D 847 -8.98 51.46 -47.02
C LYS D 847 -8.31 51.52 -45.65
N ARG D 848 -9.10 51.29 -44.60
CA ARG D 848 -8.64 51.20 -43.23
C ARG D 848 -9.37 50.04 -42.55
N LYS D 849 -8.61 49.14 -41.90
CA LYS D 849 -9.19 48.18 -40.97
C LYS D 849 -8.53 48.42 -39.61
N GLU D 850 -9.34 48.29 -38.57
CA GLU D 850 -8.84 48.54 -37.23
C GLU D 850 -9.49 47.55 -36.27
N SER D 851 -8.74 46.49 -35.93
CA SER D 851 -9.14 45.49 -34.95
C SER D 851 -8.38 45.68 -33.63
N VAL D 852 -8.68 44.79 -32.67
CA VAL D 852 -7.99 44.74 -31.38
C VAL D 852 -7.63 43.29 -31.09
N LEU D 853 -6.33 43.01 -30.90
CA LEU D 853 -5.86 41.69 -30.50
C LEU D 853 -5.97 41.58 -28.98
N ALA D 854 -6.51 40.45 -28.51
CA ALA D 854 -6.85 40.24 -27.12
C ALA D 854 -5.59 39.88 -26.32
N GLY D 855 -5.59 40.25 -25.05
CA GLY D 855 -4.49 39.93 -24.15
C GLY D 855 -4.62 38.51 -23.56
N CYS D 856 -3.53 38.03 -22.98
CA CYS D 856 -3.56 36.72 -22.36
C CYS D 856 -2.39 36.60 -21.37
N GLU D 857 -2.46 35.57 -20.52
CA GLU D 857 -1.32 35.14 -19.72
C GLU D 857 -0.81 33.83 -20.28
N PHE D 858 0.51 33.64 -20.17
CA PHE D 858 1.16 32.42 -20.57
C PHE D 858 1.40 31.60 -19.32
N PRO D 859 1.04 30.30 -19.28
CA PRO D 859 1.31 29.47 -18.11
C PRO D 859 2.81 29.24 -18.04
N LEU D 860 3.30 29.06 -16.81
CA LEU D 860 4.65 28.55 -16.58
C LEU D 860 4.51 27.15 -15.98
N HIS D 861 5.51 26.67 -15.24
CA HIS D 861 5.43 25.37 -14.59
C HIS D 861 4.23 25.31 -13.62
N GLN D 862 3.72 24.10 -13.38
CA GLN D 862 2.51 23.86 -12.60
C GLN D 862 2.69 24.38 -11.18
N GLU D 863 3.90 24.24 -10.63
CA GLU D 863 4.16 24.66 -9.27
C GLU D 863 3.91 26.15 -9.12
N ASN D 864 4.21 26.90 -10.19
CA ASN D 864 4.05 28.34 -10.19
C ASN D 864 2.55 28.66 -10.16
N SER D 865 1.76 27.96 -10.99
CA SER D 865 0.31 28.12 -10.98
C SER D 865 -0.28 27.96 -9.57
N GLU D 866 0.19 26.94 -8.84
CA GLU D 866 -0.24 26.64 -7.49
C GLU D 866 0.02 27.84 -6.57
N MET D 867 1.23 28.42 -6.69
CA MET D 867 1.68 29.48 -5.80
C MET D 867 0.95 30.78 -6.16
N CYS D 868 0.52 30.94 -7.41
CA CYS D 868 -0.22 32.14 -7.79
C CYS D 868 -1.64 32.10 -7.21
N LYS D 869 -2.21 30.89 -7.10
CA LYS D 869 -3.52 30.68 -6.50
C LYS D 869 -3.49 31.21 -5.07
N VAL D 870 -2.42 30.89 -4.34
CA VAL D 870 -2.28 31.24 -2.93
C VAL D 870 -2.05 32.75 -2.82
N VAL D 871 -1.15 33.29 -3.63
CA VAL D 871 -0.77 34.69 -3.54
C VAL D 871 -1.98 35.59 -3.84
N PHE D 872 -2.89 35.15 -4.71
CA PHE D 872 -4.06 35.95 -5.05
C PHE D 872 -5.29 35.64 -4.17
N ALA D 873 -5.13 34.86 -3.10
CA ALA D 873 -6.22 34.51 -2.19
C ALA D 873 -6.32 35.56 -1.07
N PRO D 874 -7.44 35.64 -0.31
CA PRO D 874 -7.71 36.74 0.63
C PRO D 874 -6.64 37.14 1.65
N GLN D 875 -6.76 38.38 2.16
CA GLN D 875 -5.83 39.00 3.08
C GLN D 875 -6.55 39.31 4.40
N PRO D 876 -6.26 38.60 5.51
CA PRO D 876 -6.85 38.92 6.82
C PRO D 876 -6.24 40.19 7.44
#